data_9NWP
#
_entry.id   9NWP
#
_cell.length_a   1.00
_cell.length_b   1.00
_cell.length_c   1.00
_cell.angle_alpha   90.00
_cell.angle_beta   90.00
_cell.angle_gamma   90.00
#
_symmetry.space_group_name_H-M   'P 1'
#
loop_
_entity.id
_entity.type
_entity.pdbx_description
1 polymer 'Glutamate receptor ionotropic, delta-2'
2 non-polymer D-SERINE
#
_entity_poly.entity_id   1
_entity_poly.type   'polypeptide(L)'
_entity_poly.pdbx_seq_one_letter_code
;IHIGAIFDESAKKDDEVFRTAVGDLNQNEEILQTEKITFSVTFVDGNNPFQAVQEACELMNQGILALVSSIGCTSAGSLQ
SLADAMHIPHLFIQRSTAGTPRSGCGLTRSNRNDDYTLSVRPPVYLHDVILRVVTEYAWQKFIIFYDSEYDIRGIQEFLD
KVSQQGMDVALQKVENNINKMITTLFDTMRIEELNRYRDTLRRAILVMNPATAKSFITEVVETNLVAFDCHWIIINEEIN
DVDVQELVRRSIGRLTIIRQTFPVPQNISQRCFRGNHRISSTLCDPKDPFAQNMEISNLYIYDTVLLLANAFHKKLEDRK
WHSMASLSCIRKNSKPWQGGRSMLETIKKGGVSGLTGELEFGENGGNPNVHFEILGTNYGEELGRGVRKLGCWNPVTGLN
GSLTDKKLENNMRGVVLRVVTVLEEPFVMVSENVLGKPKKYQGFSIDVLDALSNYLGFNYEIYVAPDHKYGSPQEDGTWN
GLVGELVFKRADIGISALTITPDRENVVDFTTRYMDYSVGVLLRRAEKTVDMFACLAPFDLSLWACIAGTVLLVGLLVYL
LNWLNPPRLQMGSMTSTTLYNSMWFVYGSFVQQGGEVPYTTLATRMMMGAWWLFALIVISSYTANLAAFLTITRIESSIQ
SLQDLSKQTEIPYGTVLDSAVYEHVRMKGLNPFERDSMYSQMWRMINRSNGSENNVLESQAGIQKVKYGNYAFVWDAAVL
EYVAINDPDCSFYTIGNTVADRGYGIALQHGSPYRDVFSQRILELQQNGDMDILKHKWWPKNGQCDLYSSVDTKQKGGAL
DIKSFAGVFCILAAGIVLSCFIAMLETWWNKRKGSR
;
_entity_poly.pdbx_strand_id   A,B,C,D
#
# COMPACT_ATOMS: atom_id res chain seq x y z
N ILE A 1 54.69 -10.67 3.32
CA ILE A 1 53.58 -11.25 4.07
C ILE A 1 52.30 -11.13 3.24
N HIS A 2 51.64 -12.27 3.00
CA HIS A 2 50.42 -12.30 2.22
C HIS A 2 49.37 -13.14 2.94
N ILE A 3 48.16 -12.60 3.08
CA ILE A 3 47.10 -13.24 3.84
C ILE A 3 45.84 -13.30 2.98
N GLY A 4 45.14 -14.42 3.04
CA GLY A 4 43.88 -14.61 2.32
C GLY A 4 42.68 -14.33 3.20
N ALA A 5 41.63 -13.76 2.60
CA ALA A 5 40.38 -13.52 3.31
C ALA A 5 39.20 -13.89 2.42
N ILE A 6 38.16 -14.46 3.02
CA ILE A 6 36.92 -14.78 2.34
C ILE A 6 35.75 -14.32 3.22
N PHE A 7 34.81 -13.59 2.63
CA PHE A 7 33.67 -13.06 3.37
C PHE A 7 32.38 -13.31 2.60
N ASP A 8 31.27 -13.27 3.33
CA ASP A 8 29.95 -13.39 2.74
C ASP A 8 29.54 -12.07 2.10
N GLU A 9 28.69 -12.16 1.07
CA GLU A 9 28.19 -10.98 0.37
C GLU A 9 27.70 -9.87 1.30
N SER A 10 27.21 -10.21 2.49
CA SER A 10 26.67 -9.21 3.40
C SER A 10 27.69 -8.65 4.37
N ALA A 11 28.91 -9.20 4.42
CA ALA A 11 29.87 -8.92 5.47
C ALA A 11 30.60 -7.59 5.29
N LYS A 12 30.05 -6.64 4.54
CA LYS A 12 30.85 -5.56 3.97
C LYS A 12 31.53 -4.72 5.05
N LYS A 13 30.87 -4.55 6.20
CA LYS A 13 31.51 -3.83 7.29
C LYS A 13 32.71 -4.59 7.83
N ASP A 14 32.66 -5.92 7.82
CA ASP A 14 33.82 -6.71 8.20
C ASP A 14 34.99 -6.42 7.26
N ASP A 15 34.70 -6.31 5.96
CA ASP A 15 35.73 -5.96 4.99
C ASP A 15 36.34 -4.60 5.29
N GLU A 16 35.48 -3.58 5.50
CA GLU A 16 35.99 -2.25 5.82
C GLU A 16 36.84 -2.24 7.08
N VAL A 17 36.43 -2.99 8.11
CA VAL A 17 37.22 -3.03 9.33
C VAL A 17 38.52 -3.79 9.13
N PHE A 18 38.51 -4.85 8.33
CA PHE A 18 39.73 -5.59 8.04
C PHE A 18 40.76 -4.69 7.35
N ARG A 19 40.33 -3.98 6.31
CA ARG A 19 41.25 -3.09 5.61
C ARG A 19 41.70 -1.93 6.50
N THR A 20 40.81 -1.41 7.33
CA THR A 20 41.21 -0.38 8.29
C THR A 20 42.27 -0.90 9.26
N ALA A 21 42.11 -2.14 9.72
CA ALA A 21 43.09 -2.73 10.64
C ALA A 21 44.45 -2.88 9.97
N VAL A 22 44.47 -3.32 8.71
CA VAL A 22 45.74 -3.41 8.00
C VAL A 22 46.36 -2.02 7.81
N GLY A 23 45.54 -1.03 7.50
CA GLY A 23 46.04 0.34 7.39
C GLY A 23 46.62 0.87 8.68
N ASP A 24 45.97 0.59 9.81
CA ASP A 24 46.52 0.95 11.11
C ASP A 24 47.81 0.19 11.42
N LEU A 25 47.93 -1.04 10.94
CA LEU A 25 49.13 -1.81 11.23
C LEU A 25 50.33 -1.31 10.43
N ASN A 26 50.11 -0.94 9.17
CA ASN A 26 51.25 -0.46 8.37
C ASN A 26 51.87 0.81 8.92
N GLN A 27 51.15 1.56 9.76
CA GLN A 27 51.70 2.74 10.42
C GLN A 27 52.40 2.44 11.74
N ASN A 28 52.29 1.22 12.25
CA ASN A 28 52.99 0.85 13.48
C ASN A 28 54.46 0.59 13.19
N GLU A 29 55.32 1.04 14.10
CA GLU A 29 56.76 0.79 13.97
C GLU A 29 57.35 0.20 15.24
N GLU A 30 56.52 -0.35 16.12
CA GLU A 30 57.02 -1.28 17.13
C GLU A 30 57.11 -2.70 16.59
N ILE A 31 56.26 -3.04 15.63
CA ILE A 31 56.13 -4.40 15.13
C ILE A 31 56.26 -4.39 13.61
N LEU A 32 57.01 -5.37 13.09
CA LEU A 32 57.16 -5.59 11.64
C LEU A 32 57.58 -4.32 10.90
N GLN A 33 58.57 -3.61 11.47
CA GLN A 33 59.02 -2.36 10.86
C GLN A 33 59.56 -2.57 9.45
N THR A 34 60.15 -3.73 9.19
CA THR A 34 60.78 -4.03 7.90
C THR A 34 59.82 -4.49 6.82
N GLU A 35 58.52 -4.60 7.10
CA GLU A 35 57.61 -5.23 6.16
C GLU A 35 56.28 -4.49 6.13
N LYS A 36 55.54 -4.69 5.04
CA LYS A 36 54.21 -4.12 4.86
C LYS A 36 53.24 -5.20 4.43
N ILE A 37 52.13 -5.32 5.16
CA ILE A 37 51.21 -6.45 5.02
C ILE A 37 50.34 -6.26 3.80
N THR A 38 50.05 -7.37 3.11
CA THR A 38 49.16 -7.37 1.95
C THR A 38 48.09 -8.43 2.11
N PHE A 39 46.94 -8.21 1.47
CA PHE A 39 45.78 -9.07 1.62
C PHE A 39 45.08 -9.23 0.29
N SER A 40 44.24 -10.27 0.20
CA SER A 40 43.28 -10.42 -0.87
C SER A 40 41.90 -10.72 -0.29
N VAL A 41 40.88 -10.02 -0.77
CA VAL A 41 39.51 -10.14 -0.28
C VAL A 41 38.65 -10.75 -1.39
N THR A 42 37.90 -11.79 -1.04
CA THR A 42 36.99 -12.43 -1.98
C THR A 42 35.61 -12.61 -1.35
N PHE A 43 34.57 -12.31 -2.12
CA PHE A 43 33.18 -12.44 -1.67
C PHE A 43 32.56 -13.67 -2.30
N VAL A 44 31.78 -14.42 -1.51
CA VAL A 44 31.06 -15.59 -1.99
C VAL A 44 29.67 -15.63 -1.39
N ASP A 45 28.76 -16.30 -2.10
CA ASP A 45 27.47 -16.67 -1.52
C ASP A 45 27.70 -17.79 -0.50
N GLY A 46 27.53 -17.46 0.78
CA GLY A 46 27.77 -18.43 1.84
C GLY A 46 26.83 -19.61 1.87
N ASN A 47 25.78 -19.61 1.04
CA ASN A 47 24.92 -20.76 0.88
C ASN A 47 25.42 -21.78 -0.13
N ASN A 48 26.55 -21.53 -0.79
CA ASN A 48 27.07 -22.42 -1.82
C ASN A 48 28.40 -23.01 -1.36
N PRO A 49 28.40 -24.20 -0.77
CA PRO A 49 29.67 -24.79 -0.28
C PRO A 49 30.72 -24.96 -1.36
N PHE A 50 30.32 -25.48 -2.54
CA PHE A 50 31.28 -25.74 -3.59
C PHE A 50 31.98 -24.46 -4.03
N GLN A 51 31.23 -23.36 -4.11
CA GLN A 51 31.83 -22.09 -4.49
C GLN A 51 32.84 -21.61 -3.45
N ALA A 52 32.58 -21.88 -2.17
CA ALA A 52 33.55 -21.57 -1.13
C ALA A 52 34.80 -22.43 -1.24
N VAL A 53 34.66 -23.69 -1.65
CA VAL A 53 35.84 -24.52 -1.87
C VAL A 53 36.65 -24.00 -3.04
N GLN A 54 35.96 -23.68 -4.14
CA GLN A 54 36.60 -23.16 -5.33
C GLN A 54 37.38 -21.89 -5.03
N GLU A 55 36.76 -20.95 -4.32
CA GLU A 55 37.42 -19.68 -4.03
C GLU A 55 38.53 -19.82 -2.99
N ALA A 56 38.42 -20.78 -2.06
CA ALA A 56 39.55 -21.05 -1.19
C ALA A 56 40.72 -21.61 -1.97
N CYS A 57 40.46 -22.54 -2.89
CA CYS A 57 41.52 -23.06 -3.75
C CYS A 57 42.16 -21.96 -4.58
N GLU A 58 41.37 -20.99 -5.04
CA GLU A 58 41.92 -19.89 -5.81
C GLU A 58 43.00 -19.13 -5.04
N LEU A 59 42.81 -18.97 -3.73
CA LEU A 59 43.84 -18.32 -2.91
C LEU A 59 44.98 -19.27 -2.59
N MET A 60 44.69 -20.54 -2.34
CA MET A 60 45.76 -21.51 -2.10
C MET A 60 46.68 -21.68 -3.30
N ASN A 61 46.16 -21.45 -4.51
CA ASN A 61 47.01 -21.52 -5.70
C ASN A 61 48.11 -20.46 -5.70
N GLN A 62 47.85 -19.29 -5.13
CA GLN A 62 48.92 -18.31 -4.95
C GLN A 62 49.85 -18.72 -3.81
N GLY A 63 49.31 -19.35 -2.78
CA GLY A 63 50.01 -19.54 -1.53
C GLY A 63 49.78 -18.40 -0.56
N ILE A 64 49.42 -18.74 0.68
CA ILE A 64 49.12 -17.76 1.71
C ILE A 64 49.65 -18.26 3.06
N LEU A 65 50.00 -17.32 3.92
CA LEU A 65 50.49 -17.67 5.25
C LEU A 65 49.35 -18.16 6.14
N ALA A 66 48.19 -17.51 6.05
CA ALA A 66 47.06 -17.84 6.92
C ALA A 66 45.78 -17.42 6.22
N LEU A 67 44.68 -17.98 6.68
CA LEU A 67 43.37 -17.78 6.07
C LEU A 67 42.37 -17.31 7.10
N VAL A 68 41.61 -16.28 6.76
CA VAL A 68 40.54 -15.76 7.61
C VAL A 68 39.23 -15.86 6.83
N SER A 69 38.13 -16.10 7.54
CA SER A 69 36.83 -16.07 6.91
C SER A 69 35.76 -15.68 7.91
N SER A 70 34.62 -15.23 7.39
CA SER A 70 33.46 -14.82 8.18
C SER A 70 32.21 -15.34 7.47
N ILE A 71 31.80 -16.57 7.79
CA ILE A 71 30.85 -17.30 6.97
C ILE A 71 29.99 -18.17 7.87
N GLY A 72 28.74 -18.39 7.44
CA GLY A 72 27.80 -19.14 8.24
C GLY A 72 28.16 -20.61 8.37
N CYS A 73 27.51 -21.26 9.35
CA CYS A 73 27.83 -22.64 9.69
C CYS A 73 27.66 -23.57 8.49
N THR A 74 26.77 -23.22 7.55
CA THR A 74 26.45 -24.11 6.44
C THR A 74 27.68 -24.44 5.60
N SER A 75 28.58 -23.47 5.41
CA SER A 75 29.76 -23.66 4.59
C SER A 75 30.99 -24.08 5.38
N ALA A 76 30.99 -23.88 6.70
CA ALA A 76 32.24 -23.93 7.46
C ALA A 76 32.86 -25.32 7.51
N GLY A 77 32.06 -26.38 7.39
CA GLY A 77 32.62 -27.73 7.38
C GLY A 77 33.53 -27.98 6.19
N SER A 78 33.16 -27.46 5.02
CA SER A 78 34.00 -27.61 3.83
C SER A 78 35.34 -26.92 4.03
N LEU A 79 35.32 -25.65 4.43
CA LEU A 79 36.56 -24.91 4.60
C LEU A 79 37.42 -25.51 5.71
N GLN A 80 36.79 -25.96 6.80
CA GLN A 80 37.55 -26.56 7.88
C GLN A 80 38.25 -27.85 7.44
N SER A 81 37.52 -28.71 6.72
CA SER A 81 38.15 -29.96 6.26
C SER A 81 39.20 -29.72 5.19
N LEU A 82 39.01 -28.70 4.34
CA LEU A 82 40.03 -28.32 3.38
C LEU A 82 41.30 -27.84 4.09
N ALA A 83 41.14 -26.92 5.04
CA ALA A 83 42.30 -26.40 5.76
C ALA A 83 43.02 -27.51 6.53
N ASP A 84 42.26 -28.45 7.10
CA ASP A 84 42.88 -29.60 7.74
C ASP A 84 43.58 -30.51 6.75
N ALA A 85 43.18 -30.50 5.48
CA ALA A 85 43.87 -31.29 4.47
C ALA A 85 45.18 -30.62 4.03
N MET A 86 45.12 -29.33 3.71
CA MET A 86 46.29 -28.60 3.22
C MET A 86 47.24 -28.16 4.33
N HIS A 87 46.84 -28.26 5.60
CA HIS A 87 47.59 -27.78 6.75
C HIS A 87 47.74 -26.27 6.78
N ILE A 88 46.89 -25.53 6.07
CA ILE A 88 46.82 -24.07 6.17
C ILE A 88 46.15 -23.68 7.48
N PRO A 89 46.79 -22.89 8.33
CA PRO A 89 46.09 -22.37 9.52
C PRO A 89 44.89 -21.52 9.13
N HIS A 90 43.76 -21.79 9.79
CA HIS A 90 42.49 -21.18 9.42
C HIS A 90 41.82 -20.63 10.68
N LEU A 91 41.40 -19.38 10.63
CA LEU A 91 40.64 -18.75 11.70
C LEU A 91 39.20 -18.53 11.23
N PHE A 92 38.24 -18.92 12.07
CA PHE A 92 36.84 -18.94 11.70
C PHE A 92 36.05 -18.06 12.66
N ILE A 93 35.26 -17.14 12.10
CA ILE A 93 34.39 -16.25 12.87
C ILE A 93 32.98 -16.39 12.32
N GLN A 94 32.20 -17.30 12.88
CA GLN A 94 30.85 -17.55 12.37
C GLN A 94 29.97 -16.31 12.51
N ARG A 95 29.00 -16.18 11.60
CA ARG A 95 28.06 -15.08 11.60
C ARG A 95 26.65 -15.59 11.87
N SER A 96 25.92 -14.87 12.70
CA SER A 96 24.48 -15.08 12.80
C SER A 96 23.77 -14.56 11.55
N THR A 97 22.84 -15.35 11.04
CA THR A 97 21.92 -14.87 10.02
C THR A 97 20.92 -13.87 10.63
N ALA A 98 20.82 -12.69 10.02
CA ALA A 98 19.81 -11.68 10.35
C ALA A 98 19.80 -11.29 11.82
N GLY A 99 20.90 -11.49 12.53
CA GLY A 99 20.99 -11.15 13.94
C GLY A 99 20.32 -12.11 14.90
N THR A 100 19.71 -13.18 14.43
CA THR A 100 19.09 -14.17 15.31
C THR A 100 20.16 -14.82 16.18
N PRO A 101 19.84 -15.18 17.43
CA PRO A 101 20.89 -15.61 18.35
C PRO A 101 21.61 -16.84 17.85
N ARG A 102 22.87 -16.97 18.28
CA ARG A 102 23.84 -17.85 17.66
C ARG A 102 23.76 -19.27 18.24
N SER A 103 23.05 -20.16 17.54
CA SER A 103 23.13 -21.57 17.84
C SER A 103 24.49 -22.13 17.42
N GLY A 104 24.92 -23.19 18.11
CA GLY A 104 26.14 -23.86 17.73
C GLY A 104 26.01 -24.57 16.40
N CYS A 105 27.12 -24.59 15.64
CA CYS A 105 27.10 -25.27 14.34
C CYS A 105 26.94 -26.78 14.49
N GLY A 106 27.42 -27.35 15.59
CA GLY A 106 27.20 -28.76 15.85
C GLY A 106 28.02 -29.70 14.99
N LEU A 107 29.23 -29.27 14.58
CA LEU A 107 30.06 -30.08 13.69
C LEU A 107 30.48 -31.40 14.33
N THR A 108 29.98 -32.51 13.78
CA THR A 108 30.37 -33.85 14.22
C THR A 108 31.73 -34.25 13.63
N ARG A 109 32.74 -33.44 13.95
CA ARG A 109 34.03 -33.50 13.26
C ARG A 109 34.61 -34.91 13.25
N SER A 110 35.10 -35.33 12.08
CA SER A 110 35.83 -36.60 11.93
C SER A 110 37.17 -36.49 12.65
N ASN A 111 37.26 -37.07 13.83
CA ASN A 111 38.43 -36.95 14.71
C ASN A 111 39.64 -37.77 14.25
N ARG A 112 39.64 -38.32 13.04
CA ARG A 112 40.77 -39.11 12.58
C ARG A 112 42.00 -38.27 12.25
N ASN A 113 41.83 -36.96 12.06
CA ASN A 113 42.89 -36.09 11.61
C ASN A 113 43.00 -34.89 12.54
N ASP A 114 44.22 -34.36 12.66
CA ASP A 114 44.45 -33.21 13.51
C ASP A 114 43.77 -31.97 12.94
N ASP A 115 43.59 -30.98 13.81
CA ASP A 115 42.67 -29.86 13.57
C ASP A 115 43.49 -28.60 13.34
N TYR A 116 43.27 -27.96 12.19
CA TYR A 116 43.92 -26.71 11.85
C TYR A 116 42.98 -25.52 11.90
N THR A 117 41.74 -25.71 12.33
CA THR A 117 40.76 -24.65 12.44
C THR A 117 40.64 -24.20 13.89
N LEU A 118 40.73 -22.89 14.11
CA LEU A 118 40.54 -22.31 15.43
C LEU A 118 39.28 -21.46 15.44
N SER A 119 38.60 -21.44 16.59
CA SER A 119 37.41 -20.63 16.76
C SER A 119 37.74 -19.39 17.59
N VAL A 120 37.42 -18.22 17.05
CA VAL A 120 37.70 -16.98 17.74
C VAL A 120 36.58 -16.57 18.70
N ARG A 121 35.32 -16.71 18.27
CA ARG A 121 34.21 -16.37 19.15
C ARG A 121 33.98 -17.46 20.19
N PRO A 122 33.65 -17.08 21.43
CA PRO A 122 33.50 -18.07 22.50
C PRO A 122 32.26 -18.93 22.34
N PRO A 123 32.22 -20.10 23.02
CA PRO A 123 31.03 -20.97 22.97
C PRO A 123 29.70 -20.31 23.34
N VAL A 124 28.60 -20.92 22.89
CA VAL A 124 27.26 -20.50 23.29
C VAL A 124 27.02 -20.80 24.77
N TYR A 125 26.24 -19.92 25.44
CA TYR A 125 25.84 -20.16 26.82
C TYR A 125 24.38 -19.81 27.15
N LEU A 126 23.54 -19.52 26.16
CA LEU A 126 22.16 -19.12 26.46
C LEU A 126 21.41 -20.16 27.27
N HIS A 127 21.65 -21.45 27.00
CA HIS A 127 20.94 -22.52 27.68
C HIS A 127 21.39 -22.75 29.12
N ASP A 128 22.41 -22.04 29.58
CA ASP A 128 22.73 -21.99 31.00
C ASP A 128 22.18 -20.73 31.65
N VAL A 129 22.33 -19.58 30.99
CA VAL A 129 21.93 -18.31 31.58
C VAL A 129 20.43 -18.27 31.81
N ILE A 130 19.64 -18.72 30.83
CA ILE A 130 18.19 -18.66 31.06
C ILE A 130 17.76 -19.65 32.13
N LEU A 131 18.41 -20.81 32.23
CA LEU A 131 18.05 -21.75 33.29
C LEU A 131 18.40 -21.18 34.66
N ARG A 132 19.51 -20.45 34.77
CA ARG A 132 19.86 -19.83 36.04
C ARG A 132 18.88 -18.73 36.42
N VAL A 133 18.58 -17.82 35.48
CA VAL A 133 17.66 -16.74 35.80
C VAL A 133 16.26 -17.27 36.11
N VAL A 134 15.82 -18.32 35.40
CA VAL A 134 14.52 -18.91 35.71
C VAL A 134 14.53 -19.59 37.07
N THR A 135 15.67 -20.18 37.47
CA THR A 135 15.74 -20.77 38.80
C THR A 135 15.67 -19.71 39.88
N GLU A 136 16.28 -18.53 39.66
CA GLU A 136 16.25 -17.49 40.67
C GLU A 136 14.84 -16.96 40.91
N TYR A 137 14.04 -16.80 39.85
CA TYR A 137 12.67 -16.34 40.01
C TYR A 137 11.68 -17.45 40.36
N ALA A 138 12.09 -18.71 40.28
CA ALA A 138 11.26 -19.85 40.65
C ALA A 138 9.93 -19.88 39.88
N TRP A 139 9.97 -19.55 38.59
CA TRP A 139 8.81 -19.73 37.74
C TRP A 139 8.38 -21.19 37.71
N GLN A 140 7.13 -21.43 37.29
CA GLN A 140 6.67 -22.80 37.14
C GLN A 140 5.75 -23.00 35.93
N LYS A 141 5.29 -21.91 35.32
CA LYS A 141 4.44 -22.04 34.13
C LYS A 141 4.72 -20.86 33.19
N PHE A 142 5.39 -21.13 32.07
CA PHE A 142 5.88 -20.09 31.18
C PHE A 142 6.02 -20.62 29.77
N ILE A 143 6.04 -19.70 28.79
CA ILE A 143 5.97 -20.04 27.37
C ILE A 143 7.17 -19.44 26.65
N ILE A 144 7.75 -20.20 25.71
CA ILE A 144 8.97 -19.82 25.00
C ILE A 144 8.61 -19.45 23.56
N PHE A 145 8.80 -18.18 23.18
CA PHE A 145 8.68 -17.78 21.79
C PHE A 145 10.05 -17.82 21.11
N TYR A 146 10.05 -18.05 19.80
CA TYR A 146 11.29 -17.95 19.03
C TYR A 146 10.98 -17.51 17.61
N ASP A 147 11.98 -16.92 16.95
CA ASP A 147 11.87 -16.41 15.59
C ASP A 147 12.24 -17.47 14.56
N SER A 148 11.74 -17.26 13.34
CA SER A 148 11.70 -18.31 12.32
C SER A 148 13.08 -18.80 11.90
N GLU A 149 14.15 -18.06 12.17
CA GLU A 149 15.49 -18.49 11.81
C GLU A 149 16.27 -19.15 12.94
N TYR A 150 15.66 -19.32 14.11
CA TYR A 150 16.33 -19.99 15.21
C TYR A 150 16.31 -21.50 15.01
N ASP A 151 17.35 -22.15 15.53
CA ASP A 151 17.63 -23.57 15.30
C ASP A 151 17.49 -24.25 16.66
N ILE A 152 16.29 -24.75 16.95
CA ILE A 152 15.87 -25.06 18.31
C ILE A 152 16.67 -26.20 18.95
N ARG A 153 17.59 -26.81 18.20
CA ARG A 153 18.59 -27.65 18.82
C ARG A 153 19.43 -26.90 19.86
N GLY A 154 19.52 -25.57 19.75
CA GLY A 154 20.23 -24.76 20.72
C GLY A 154 19.59 -24.70 22.10
N ILE A 155 18.37 -25.20 22.26
CA ILE A 155 17.75 -25.29 23.57
C ILE A 155 17.33 -26.73 23.84
N GLN A 156 17.96 -27.67 23.15
CA GLN A 156 17.78 -29.10 23.43
C GLN A 156 18.14 -29.46 24.86
N GLU A 157 18.83 -28.58 25.60
CA GLU A 157 19.24 -28.85 26.96
C GLU A 157 18.30 -28.29 28.03
N PHE A 158 17.20 -27.62 27.66
CA PHE A 158 16.17 -27.40 28.67
C PHE A 158 15.47 -28.69 29.06
N LEU A 159 15.35 -29.64 28.13
CA LEU A 159 14.44 -30.76 28.23
C LEU A 159 14.67 -31.56 29.50
N ASP A 160 15.83 -32.19 29.61
CA ASP A 160 16.18 -32.98 30.79
C ASP A 160 16.49 -32.10 32.00
N LYS A 161 16.24 -30.80 31.97
CA LYS A 161 16.43 -29.96 33.15
C LYS A 161 15.22 -29.09 33.47
N VAL A 162 14.09 -29.30 32.79
CA VAL A 162 12.83 -28.72 33.26
C VAL A 162 11.69 -29.72 33.25
N SER A 163 11.75 -30.81 32.49
CA SER A 163 10.85 -31.93 32.71
C SER A 163 11.04 -32.56 34.08
N GLN A 164 12.21 -32.39 34.69
CA GLN A 164 12.46 -32.95 36.01
C GLN A 164 11.72 -32.16 37.08
N GLN A 165 12.01 -30.86 37.19
CA GLN A 165 11.28 -29.99 38.10
C GLN A 165 9.80 -29.90 37.75
N GLY A 166 9.40 -30.34 36.56
CA GLY A 166 7.99 -30.48 36.25
C GLY A 166 7.28 -29.19 35.91
N MET A 167 8.00 -28.20 35.37
CA MET A 167 7.35 -26.99 34.92
C MET A 167 6.62 -27.25 33.59
N ASP A 168 5.82 -26.27 33.18
CA ASP A 168 4.96 -26.41 32.01
C ASP A 168 5.51 -25.67 30.79
N VAL A 169 6.70 -26.03 30.33
CA VAL A 169 7.31 -25.33 29.20
C VAL A 169 6.54 -25.60 27.93
N ALA A 170 6.29 -24.54 27.16
CA ALA A 170 5.69 -24.64 25.84
C ALA A 170 6.55 -23.90 24.83
N LEU A 171 6.55 -24.39 23.59
CA LEU A 171 7.16 -23.64 22.50
C LEU A 171 6.07 -22.99 21.65
N GLN A 172 6.49 -22.00 20.85
CA GLN A 172 5.67 -21.52 19.74
C GLN A 172 6.46 -20.62 18.78
N LYS A 173 6.57 -21.02 17.52
CA LYS A 173 7.26 -20.20 16.54
C LYS A 173 6.48 -18.91 16.30
N VAL A 174 7.20 -17.81 16.09
CA VAL A 174 6.61 -16.53 15.72
C VAL A 174 6.82 -16.29 14.23
N GLU A 175 5.73 -16.04 13.51
CA GLU A 175 5.76 -15.97 12.06
C GLU A 175 6.45 -14.70 11.59
N ASN A 176 6.54 -14.56 10.27
CA ASN A 176 6.74 -13.24 9.65
C ASN A 176 5.44 -12.43 9.60
N ASN A 177 4.33 -13.09 9.30
CA ASN A 177 3.02 -12.41 9.23
C ASN A 177 2.36 -12.51 10.60
N ILE A 178 2.72 -11.57 11.47
CA ILE A 178 2.23 -11.57 12.85
C ILE A 178 0.72 -11.46 12.88
N ASN A 179 0.14 -10.56 12.08
CA ASN A 179 -1.29 -10.29 12.18
C ASN A 179 -2.14 -11.47 11.75
N LYS A 180 -1.69 -12.23 10.74
CA LYS A 180 -2.34 -13.49 10.41
C LYS A 180 -2.32 -14.45 11.60
N MET A 181 -1.16 -14.56 12.26
CA MET A 181 -1.04 -15.46 13.40
C MET A 181 -2.03 -15.08 14.49
N ILE A 182 -2.02 -13.82 14.90
CA ILE A 182 -2.89 -13.38 15.98
C ILE A 182 -4.36 -13.57 15.60
N THR A 183 -4.76 -13.09 14.42
CA THR A 183 -6.17 -13.18 14.04
C THR A 183 -6.66 -14.61 13.89
N THR A 184 -5.78 -15.56 13.53
CA THR A 184 -6.23 -16.94 13.43
C THR A 184 -6.64 -17.50 14.80
N LEU A 185 -6.02 -17.04 15.87
CA LEU A 185 -6.42 -17.47 17.21
C LEU A 185 -7.84 -17.01 17.51
N PHE A 186 -8.10 -15.71 17.34
CA PHE A 186 -9.44 -15.19 17.59
C PHE A 186 -10.45 -15.83 16.64
N ASP A 187 -10.01 -16.26 15.47
CA ASP A 187 -10.89 -16.89 14.50
C ASP A 187 -11.18 -18.36 14.81
N THR A 188 -10.37 -19.02 15.64
CA THR A 188 -10.49 -20.48 15.70
C THR A 188 -10.75 -21.04 17.10
N MET A 189 -10.21 -20.40 18.14
CA MET A 189 -10.39 -20.95 19.48
C MET A 189 -11.72 -20.52 20.09
N ARG A 190 -12.25 -21.39 20.96
CA ARG A 190 -13.40 -21.03 21.79
C ARG A 190 -13.02 -19.95 22.80
N ILE A 191 -14.02 -19.16 23.19
CA ILE A 191 -13.85 -18.15 24.23
C ILE A 191 -13.58 -18.74 25.61
N GLU A 192 -13.87 -20.03 25.81
CA GLU A 192 -13.39 -20.71 27.01
C GLU A 192 -11.90 -21.00 26.92
N GLU A 193 -11.48 -21.67 25.84
CA GLU A 193 -10.07 -22.04 25.68
C GLU A 193 -9.17 -20.80 25.69
N LEU A 194 -9.58 -19.75 24.99
CA LEU A 194 -8.76 -18.56 24.85
C LEU A 194 -8.49 -17.89 26.19
N ASN A 195 -9.38 -18.05 27.17
CA ASN A 195 -9.12 -17.52 28.51
C ASN A 195 -8.11 -18.33 29.29
N ARG A 196 -7.88 -19.60 28.91
CA ARG A 196 -6.73 -20.35 29.41
C ARG A 196 -5.43 -19.99 28.70
N TYR A 197 -5.48 -19.17 27.65
CA TYR A 197 -4.28 -18.74 26.95
C TYR A 197 -3.66 -17.49 27.58
N ARG A 198 -4.47 -16.46 27.84
CA ARG A 198 -3.99 -15.30 28.59
C ARG A 198 -3.44 -15.67 29.96
N ASP A 199 -3.84 -16.81 30.51
CA ASP A 199 -3.28 -17.27 31.78
C ASP A 199 -1.82 -17.67 31.65
N THR A 200 -1.35 -18.00 30.44
CA THR A 200 0.04 -18.39 30.27
C THR A 200 0.95 -17.20 29.99
N LEU A 201 0.53 -16.28 29.12
CA LEU A 201 1.38 -15.16 28.72
C LEU A 201 1.80 -14.25 29.86
N ARG A 202 1.27 -14.45 31.07
CA ARG A 202 1.77 -13.71 32.23
C ARG A 202 3.25 -13.99 32.50
N ARG A 203 3.79 -15.08 31.99
CA ARG A 203 5.23 -15.27 31.91
C ARG A 203 5.59 -15.65 30.49
N ALA A 204 6.83 -15.34 30.10
CA ALA A 204 7.30 -15.69 28.75
C ALA A 204 8.82 -15.65 28.73
N ILE A 205 9.39 -16.17 27.66
CA ILE A 205 10.74 -15.87 27.23
C ILE A 205 10.70 -15.58 25.73
N LEU A 206 11.36 -14.50 25.32
CA LEU A 206 11.58 -14.26 23.90
C LEU A 206 13.03 -14.55 23.52
N VAL A 207 13.22 -15.24 22.39
CA VAL A 207 14.55 -15.55 21.90
C VAL A 207 14.59 -15.21 20.41
N MET A 208 14.85 -13.94 20.08
CA MET A 208 14.59 -13.52 18.70
C MET A 208 15.36 -12.25 18.38
N ASN A 209 15.44 -11.97 17.07
CA ASN A 209 15.87 -10.75 16.40
C ASN A 209 15.14 -9.53 16.94
N PRO A 210 15.84 -8.56 17.55
CA PRO A 210 15.16 -7.42 18.18
C PRO A 210 14.19 -6.66 17.27
N ALA A 211 14.49 -6.56 15.97
CA ALA A 211 13.58 -5.86 15.07
C ALA A 211 12.25 -6.60 14.89
N THR A 212 12.21 -7.89 15.17
CA THR A 212 10.93 -8.59 15.26
C THR A 212 10.30 -8.41 16.64
N ALA A 213 11.12 -8.49 17.68
CA ALA A 213 10.64 -8.36 19.05
C ALA A 213 9.88 -7.06 19.28
N LYS A 214 10.38 -5.94 18.76
CA LYS A 214 9.67 -4.67 18.87
C LYS A 214 8.25 -4.77 18.35
N SER A 215 8.08 -5.33 17.14
CA SER A 215 6.75 -5.40 16.54
C SER A 215 5.88 -6.40 17.26
N PHE A 216 6.47 -7.45 17.81
CA PHE A 216 5.67 -8.46 18.49
C PHE A 216 5.18 -7.93 19.83
N ILE A 217 6.04 -7.25 20.58
CA ILE A 217 5.61 -6.62 21.83
C ILE A 217 4.52 -5.59 21.54
N THR A 218 4.67 -4.83 20.45
CA THR A 218 3.67 -3.81 20.15
C THR A 218 2.32 -4.42 19.79
N GLU A 219 2.31 -5.49 19.01
CA GLU A 219 1.05 -6.15 18.67
C GLU A 219 0.42 -6.83 19.88
N VAL A 220 1.23 -7.47 20.72
CA VAL A 220 0.66 -8.17 21.88
C VAL A 220 0.06 -7.17 22.85
N VAL A 221 0.79 -6.11 23.18
CA VAL A 221 0.27 -5.08 24.10
C VAL A 221 -0.96 -4.41 23.51
N GLU A 222 -0.92 -4.09 22.21
CA GLU A 222 -2.00 -3.32 21.62
C GLU A 222 -3.30 -4.10 21.50
N THR A 223 -3.22 -5.42 21.29
CA THR A 223 -4.43 -6.24 21.29
C THR A 223 -4.91 -6.61 22.70
N ASN A 224 -4.27 -6.10 23.74
CA ASN A 224 -4.74 -6.22 25.12
C ASN A 224 -4.71 -7.66 25.63
N LEU A 225 -3.79 -8.48 25.10
CA LEU A 225 -3.58 -9.83 25.61
C LEU A 225 -2.73 -9.88 26.87
N VAL A 226 -2.20 -8.75 27.34
CA VAL A 226 -1.41 -8.71 28.58
C VAL A 226 -1.76 -7.48 29.38
N ALA A 227 -1.39 -7.51 30.66
CA ALA A 227 -1.69 -6.45 31.60
C ALA A 227 -0.48 -6.23 32.51
N PHE A 228 -0.64 -5.32 33.46
CA PHE A 228 0.45 -4.73 34.24
C PHE A 228 1.23 -5.71 35.11
N ASP A 229 0.91 -7.00 35.06
CA ASP A 229 1.58 -7.99 35.88
C ASP A 229 2.55 -8.91 35.14
N CYS A 230 2.63 -8.85 33.81
CA CYS A 230 3.51 -9.76 33.09
C CYS A 230 4.99 -9.42 33.33
N HIS A 231 5.85 -10.36 32.96
CA HIS A 231 7.28 -10.29 33.29
C HIS A 231 8.14 -10.90 32.17
N TRP A 232 7.99 -10.41 30.94
CA TRP A 232 8.65 -11.02 29.78
C TRP A 232 10.16 -10.83 29.85
N ILE A 233 10.90 -11.92 30.03
CA ILE A 233 12.35 -11.88 29.84
C ILE A 233 12.66 -11.79 28.34
N ILE A 234 13.80 -11.18 28.02
CA ILE A 234 14.35 -11.19 26.66
C ILE A 234 15.83 -11.54 26.74
N ILE A 235 16.31 -12.36 25.81
CA ILE A 235 17.71 -12.74 25.77
C ILE A 235 18.24 -12.64 24.35
N ASN A 236 19.49 -12.21 24.22
CA ASN A 236 20.21 -12.20 22.95
C ASN A 236 21.68 -12.00 23.28
N GLU A 237 22.54 -12.28 22.30
CA GLU A 237 23.95 -11.89 22.45
C GLU A 237 24.19 -10.43 22.11
N GLU A 238 23.53 -9.91 21.09
CA GLU A 238 23.75 -8.54 20.64
C GLU A 238 22.44 -7.75 20.68
N ILE A 239 22.44 -6.67 21.46
CA ILE A 239 21.40 -5.65 21.44
C ILE A 239 22.07 -4.32 21.75
N ASN A 240 22.00 -3.37 20.81
CA ASN A 240 22.67 -2.11 21.00
C ASN A 240 21.72 -1.09 21.64
N ASP A 241 22.30 0.01 22.13
CA ASP A 241 21.59 0.90 23.04
C ASP A 241 20.48 1.69 22.36
N VAL A 242 20.38 1.63 21.03
CA VAL A 242 19.19 2.15 20.37
C VAL A 242 17.98 1.28 20.67
N ASP A 243 18.16 -0.04 20.70
CA ASP A 243 17.04 -0.96 20.81
C ASP A 243 16.63 -1.25 22.25
N VAL A 244 17.54 -1.12 23.21
CA VAL A 244 17.14 -1.20 24.62
C VAL A 244 16.14 -0.10 24.93
N GLN A 245 16.37 1.09 24.37
CA GLN A 245 15.45 2.20 24.62
C GLN A 245 14.08 1.90 24.05
N GLU A 246 14.00 1.52 22.77
CA GLU A 246 12.70 1.28 22.14
C GLU A 246 11.94 0.14 22.82
N LEU A 247 12.65 -0.93 23.20
CA LEU A 247 11.98 -2.02 23.90
C LEU A 247 11.45 -1.58 25.25
N VAL A 248 12.22 -0.77 25.99
CA VAL A 248 11.73 -0.23 27.25
C VAL A 248 10.57 0.74 27.03
N ARG A 249 10.56 1.46 25.91
CA ARG A 249 9.46 2.37 25.61
C ARG A 249 8.17 1.63 25.32
N ARG A 250 8.23 0.52 24.58
CA ARG A 250 7.01 -0.11 24.09
C ARG A 250 6.32 -0.98 25.13
N SER A 251 7.09 -1.66 25.97
CA SER A 251 6.55 -2.70 26.84
C SER A 251 6.00 -2.12 28.14
N ILE A 252 5.14 -2.92 28.80
CA ILE A 252 4.55 -2.56 30.08
C ILE A 252 4.72 -3.76 31.00
N GLY A 253 4.64 -3.49 32.30
CA GLY A 253 5.03 -4.48 33.28
C GLY A 253 6.53 -4.69 33.30
N ARG A 254 7.03 -5.45 34.26
CA ARG A 254 8.46 -5.67 34.39
C ARG A 254 9.04 -6.35 33.16
N LEU A 255 10.31 -6.06 32.88
CA LEU A 255 11.04 -6.62 31.75
C LEU A 255 12.52 -6.62 32.09
N THR A 256 13.27 -7.64 31.59
CA THR A 256 14.69 -7.78 31.99
C THR A 256 15.55 -8.22 30.80
N ILE A 257 16.01 -7.25 30.02
CA ILE A 257 16.90 -7.53 28.89
C ILE A 257 18.19 -8.18 29.38
N ILE A 258 18.68 -9.15 28.61
CA ILE A 258 20.03 -9.70 28.80
C ILE A 258 20.85 -9.38 27.55
N ARG A 259 22.15 -9.13 27.73
CA ARG A 259 23.03 -8.98 26.58
C ARG A 259 24.48 -9.13 27.01
N GLN A 260 25.34 -9.39 26.04
CA GLN A 260 26.78 -9.38 26.23
C GLN A 260 27.30 -7.95 26.27
N THR A 261 28.40 -7.74 26.98
CA THR A 261 29.07 -6.44 26.97
C THR A 261 30.55 -6.64 27.30
N PHE A 262 31.33 -5.59 27.05
CA PHE A 262 32.77 -5.63 26.99
C PHE A 262 33.40 -4.64 27.97
N PRO A 263 34.63 -4.89 28.40
CA PRO A 263 35.31 -3.95 29.31
C PRO A 263 35.78 -2.69 28.60
N VAL A 264 36.00 -1.65 29.40
CA VAL A 264 36.45 -0.34 28.90
C VAL A 264 37.56 0.18 29.80
N PRO A 265 38.43 1.04 29.24
CA PRO A 265 39.49 1.63 30.06
C PRO A 265 38.96 2.49 31.20
N GLN A 266 39.84 2.72 32.18
CA GLN A 266 39.48 3.55 33.32
C GLN A 266 39.56 5.04 33.01
N ASN A 267 40.48 5.45 32.15
CA ASN A 267 40.64 6.84 31.77
C ASN A 267 40.17 7.07 30.34
N ILE A 268 39.43 8.15 30.13
CA ILE A 268 38.95 8.49 28.79
C ILE A 268 40.11 8.66 27.82
N SER A 269 41.22 9.24 28.29
CA SER A 269 42.41 9.38 27.46
C SER A 269 42.96 8.05 26.98
N GLN A 270 42.71 6.96 27.70
CA GLN A 270 43.21 5.65 27.30
C GLN A 270 42.31 4.94 26.30
N ARG A 271 41.11 5.48 26.04
CA ARG A 271 40.12 4.77 25.25
C ARG A 271 40.65 4.36 23.88
N CYS A 272 41.39 5.24 23.22
CA CYS A 272 41.97 4.95 21.91
C CYS A 272 43.33 4.27 21.98
N PHE A 273 43.81 3.96 23.18
CA PHE A 273 45.23 3.64 23.38
C PHE A 273 45.34 2.29 24.07
N ARG A 274 46.43 1.58 23.79
CA ARG A 274 46.64 0.26 24.39
C ARG A 274 48.08 0.09 24.85
N GLY A 275 48.71 1.16 25.31
CA GLY A 275 50.08 1.15 25.79
C GLY A 275 51.16 1.09 24.73
N ASN A 276 51.09 0.09 23.85
CA ASN A 276 51.91 0.08 22.63
C ASN A 276 51.15 0.70 21.46
N HIS A 277 50.12 0.01 21.00
CA HIS A 277 49.37 0.35 19.79
C HIS A 277 48.41 1.50 20.05
N ARG A 278 48.03 2.17 18.96
CA ARG A 278 46.96 3.17 18.99
C ARG A 278 45.99 2.89 17.85
N ILE A 279 44.70 2.87 18.18
CA ILE A 279 43.64 2.54 17.23
C ILE A 279 43.18 3.81 16.53
N SER A 280 42.70 3.64 15.29
CA SER A 280 42.06 4.71 14.55
C SER A 280 40.92 5.35 15.35
N SER A 281 40.93 6.69 15.40
CA SER A 281 39.88 7.44 16.09
C SER A 281 38.49 7.09 15.59
N THR A 282 38.35 6.71 14.32
CA THR A 282 37.07 6.30 13.78
C THR A 282 36.46 5.09 14.49
N LEU A 283 37.26 4.32 15.21
CA LEU A 283 36.77 3.14 15.92
C LEU A 283 36.87 3.24 17.43
N CYS A 284 37.28 4.40 17.97
CA CYS A 284 37.51 4.52 19.40
C CYS A 284 37.06 5.84 20.00
N ASP A 285 36.67 6.83 19.20
CA ASP A 285 35.82 7.90 19.68
C ASP A 285 34.38 7.42 19.67
N PRO A 286 33.75 7.26 20.84
CA PRO A 286 32.38 6.73 20.89
C PRO A 286 31.34 7.68 20.32
N LYS A 287 31.71 8.93 20.02
CA LYS A 287 30.80 9.85 19.34
C LYS A 287 30.71 9.59 17.84
N ASP A 288 31.66 8.87 17.26
CA ASP A 288 31.64 8.63 15.82
C ASP A 288 30.43 7.78 15.45
N PRO A 289 29.58 8.25 14.53
CA PRO A 289 28.41 7.46 14.10
C PRO A 289 28.72 6.06 13.60
N PHE A 290 29.93 5.82 13.11
CA PHE A 290 30.32 4.47 12.73
C PHE A 290 30.54 3.59 13.95
N ALA A 291 31.28 4.09 14.94
CA ALA A 291 31.50 3.34 16.18
C ALA A 291 30.19 3.05 16.91
N GLN A 292 29.17 3.89 16.70
CA GLN A 292 27.86 3.64 17.28
C GLN A 292 27.15 2.43 16.67
N ASN A 293 27.59 1.95 15.51
CA ASN A 293 26.85 0.95 14.74
C ASN A 293 27.73 -0.23 14.36
N MET A 294 28.50 -0.73 15.33
CA MET A 294 29.41 -1.85 15.11
C MET A 294 28.81 -3.13 15.67
N GLU A 295 28.72 -4.17 14.83
CA GLU A 295 28.39 -5.50 15.29
C GLU A 295 29.59 -6.17 15.95
N ILE A 296 29.29 -7.20 16.75
CA ILE A 296 30.32 -7.93 17.49
C ILE A 296 31.29 -8.66 16.57
N SER A 297 30.82 -9.10 15.40
CA SER A 297 31.72 -9.71 14.43
C SER A 297 32.81 -8.74 13.99
N ASN A 298 32.44 -7.47 13.78
CA ASN A 298 33.45 -6.48 13.41
C ASN A 298 34.51 -6.33 14.50
N LEU A 299 34.08 -6.30 15.76
CA LEU A 299 35.02 -6.16 16.87
C LEU A 299 35.95 -7.35 16.98
N TYR A 300 35.47 -8.55 16.64
CA TYR A 300 36.38 -9.71 16.62
C TYR A 300 37.28 -9.75 15.40
N ILE A 301 36.85 -9.19 14.27
CA ILE A 301 37.71 -9.12 13.09
C ILE A 301 38.97 -8.32 13.38
N TYR A 302 38.82 -7.14 14.00
CA TYR A 302 39.97 -6.28 14.25
C TYR A 302 41.01 -6.96 15.13
N ASP A 303 40.60 -7.50 16.27
CA ASP A 303 41.55 -8.17 17.16
C ASP A 303 42.12 -9.46 16.60
N THR A 304 41.59 -9.97 15.48
CA THR A 304 42.20 -11.11 14.83
C THR A 304 43.57 -10.75 14.26
N VAL A 305 43.63 -9.68 13.47
CA VAL A 305 44.81 -9.40 12.65
C VAL A 305 46.01 -9.07 13.53
N LEU A 306 45.80 -8.33 14.62
CA LEU A 306 46.89 -8.00 15.53
C LEU A 306 47.60 -9.25 16.04
N LEU A 307 46.85 -10.32 16.33
CA LEU A 307 47.45 -11.55 16.81
C LEU A 307 48.37 -12.17 15.76
N LEU A 308 47.90 -12.22 14.51
CA LEU A 308 48.73 -12.74 13.43
C LEU A 308 49.97 -11.89 13.24
N ALA A 309 49.83 -10.57 13.34
CA ALA A 309 50.98 -9.69 13.25
C ALA A 309 52.01 -10.00 14.33
N ASN A 310 51.55 -10.20 15.57
CA ASN A 310 52.46 -10.58 16.65
C ASN A 310 53.14 -11.92 16.38
N ALA A 311 52.39 -12.88 15.85
CA ALA A 311 52.96 -14.20 15.57
C ALA A 311 54.04 -14.12 14.49
N PHE A 312 53.76 -13.42 13.39
CA PHE A 312 54.76 -13.24 12.35
C PHE A 312 55.97 -12.46 12.86
N HIS A 313 55.74 -11.44 13.68
CA HIS A 313 56.85 -10.68 14.25
C HIS A 313 57.77 -11.59 15.07
N LYS A 314 57.19 -12.42 15.95
CA LYS A 314 58.01 -13.35 16.71
C LYS A 314 58.73 -14.35 15.80
N LYS A 315 58.06 -14.81 14.74
CA LYS A 315 58.72 -15.73 13.81
C LYS A 315 59.86 -15.07 13.04
N LEU A 316 59.81 -13.75 12.85
CA LEU A 316 60.97 -13.07 12.31
C LEU A 316 62.07 -12.90 13.36
N GLU A 317 61.69 -12.59 14.60
CA GLU A 317 62.67 -12.57 15.69
C GLU A 317 63.29 -13.94 15.92
N ASP A 318 62.54 -15.02 15.69
CA ASP A 318 63.10 -16.36 15.78
C ASP A 318 64.09 -16.64 14.64
N ARG A 319 63.95 -15.94 13.51
CA ARG A 319 64.62 -16.25 12.25
C ARG A 319 64.27 -17.63 11.69
N LYS A 320 63.40 -18.38 12.36
CA LYS A 320 63.00 -19.70 11.90
C LYS A 320 61.91 -19.65 10.84
N TRP A 321 61.61 -18.45 10.33
CA TRP A 321 60.64 -18.22 9.27
C TRP A 321 60.78 -19.22 8.13
N HIS A 322 59.65 -19.78 7.71
CA HIS A 322 59.54 -20.59 6.51
C HIS A 322 58.76 -19.82 5.46
N SER A 323 59.33 -19.69 4.27
CA SER A 323 58.66 -18.97 3.19
C SER A 323 57.45 -19.74 2.69
N MET A 324 56.58 -19.02 1.98
CA MET A 324 55.36 -19.59 1.43
C MET A 324 55.68 -20.64 0.36
N ALA A 325 54.68 -21.45 0.04
CA ALA A 325 54.75 -22.36 -1.09
C ALA A 325 53.42 -22.37 -1.83
N SER A 326 53.50 -22.59 -3.13
CA SER A 326 52.30 -22.83 -3.94
C SER A 326 51.75 -24.23 -3.66
N LEU A 327 50.42 -24.32 -3.57
CA LEU A 327 49.74 -25.57 -3.32
C LEU A 327 48.63 -25.77 -4.35
N SER A 328 48.40 -27.02 -4.72
CA SER A 328 47.39 -27.40 -5.70
C SER A 328 46.23 -28.14 -5.03
N CYS A 329 45.01 -27.79 -5.41
CA CYS A 329 43.82 -28.58 -5.10
C CYS A 329 43.62 -29.66 -6.16
N ILE A 330 42.41 -30.23 -6.20
CA ILE A 330 42.00 -31.26 -7.16
C ILE A 330 42.72 -32.58 -6.94
N ARG A 331 44.05 -32.54 -6.94
CA ARG A 331 44.83 -33.78 -6.84
C ARG A 331 44.66 -34.42 -5.46
N LYS A 332 44.68 -35.76 -5.47
CA LYS A 332 44.88 -36.50 -4.23
C LYS A 332 46.33 -36.42 -3.76
N ASN A 333 47.24 -36.02 -4.64
CA ASN A 333 48.67 -36.05 -4.41
C ASN A 333 49.18 -34.85 -3.62
N SER A 334 48.36 -33.81 -3.45
CA SER A 334 48.83 -32.51 -3.00
C SER A 334 49.57 -32.62 -1.67
N LYS A 335 50.85 -32.29 -1.70
CA LYS A 335 51.66 -32.28 -0.50
C LYS A 335 51.26 -31.09 0.38
N PRO A 336 51.12 -31.30 1.69
CA PRO A 336 50.90 -30.15 2.58
C PRO A 336 52.12 -29.26 2.68
N TRP A 337 51.87 -28.00 3.02
CA TRP A 337 52.92 -27.01 3.25
C TRP A 337 53.37 -27.10 4.70
N GLN A 338 54.56 -27.68 4.92
CA GLN A 338 55.00 -28.03 6.26
C GLN A 338 55.18 -26.81 7.16
N GLY A 339 55.41 -25.63 6.59
CA GLY A 339 55.50 -24.42 7.40
C GLY A 339 54.29 -24.17 8.26
N GLY A 340 53.12 -24.64 7.85
CA GLY A 340 51.93 -24.50 8.66
C GLY A 340 52.03 -25.13 10.04
N ARG A 341 52.72 -26.27 10.14
CA ARG A 341 52.77 -26.98 11.42
C ARG A 341 53.47 -26.17 12.49
N SER A 342 54.56 -25.48 12.14
CA SER A 342 55.20 -24.59 13.11
C SER A 342 54.37 -23.33 13.33
N MET A 343 53.80 -22.78 12.26
CA MET A 343 53.00 -21.57 12.37
C MET A 343 51.79 -21.80 13.27
N LEU A 344 51.11 -22.94 13.09
CA LEU A 344 49.94 -23.24 13.89
C LEU A 344 50.26 -23.19 15.38
N GLU A 345 51.31 -23.90 15.80
CA GLU A 345 51.67 -23.92 17.22
C GLU A 345 52.20 -22.57 17.69
N THR A 346 52.83 -21.79 16.80
CA THR A 346 53.24 -20.44 17.18
C THR A 346 52.04 -19.55 17.47
N ILE A 347 50.99 -19.64 16.65
CA ILE A 347 49.76 -18.88 16.90
C ILE A 347 49.07 -19.38 18.16
N LYS A 348 48.93 -20.70 18.28
CA LYS A 348 48.09 -21.28 19.33
C LYS A 348 48.57 -20.89 20.73
N LYS A 349 49.88 -20.82 20.95
CA LYS A 349 50.40 -20.43 22.25
C LYS A 349 50.31 -18.93 22.52
N GLY A 350 50.08 -18.11 21.49
CA GLY A 350 50.09 -16.67 21.65
C GLY A 350 48.74 -16.11 22.07
N GLY A 351 48.74 -14.79 22.28
CA GLY A 351 47.54 -14.07 22.65
C GLY A 351 47.81 -12.60 22.93
N VAL A 352 46.86 -11.72 22.62
CA VAL A 352 47.08 -10.29 22.66
C VAL A 352 45.84 -9.58 23.17
N SER A 353 46.05 -8.41 23.76
CA SER A 353 44.96 -7.51 24.13
C SER A 353 44.33 -6.91 22.88
N GLY A 354 43.12 -6.39 23.05
CA GLY A 354 42.42 -5.80 21.92
C GLY A 354 41.17 -5.07 22.35
N LEU A 355 40.35 -4.72 21.35
CA LEU A 355 39.06 -4.08 21.61
C LEU A 355 38.15 -4.94 22.47
N THR A 356 38.27 -6.27 22.36
CA THR A 356 37.43 -7.19 23.10
C THR A 356 38.03 -7.59 24.44
N GLY A 357 38.96 -6.80 24.97
CA GLY A 357 39.61 -7.16 26.21
C GLY A 357 40.87 -7.98 26.00
N GLU A 358 40.79 -9.29 26.23
CA GLU A 358 41.92 -10.17 26.02
C GLU A 358 41.49 -11.35 25.17
N LEU A 359 42.38 -11.76 24.27
CA LEU A 359 42.12 -12.86 23.36
C LEU A 359 43.28 -13.86 23.45
N GLU A 360 42.95 -15.12 23.72
CA GLU A 360 43.93 -16.18 23.72
C GLU A 360 43.22 -17.51 23.53
N PHE A 361 43.98 -18.53 23.17
CA PHE A 361 43.42 -19.85 22.93
C PHE A 361 43.81 -20.80 24.05
N GLY A 362 42.82 -21.52 24.57
CA GLY A 362 43.06 -22.68 25.40
C GLY A 362 43.42 -23.89 24.56
N GLU A 363 43.71 -24.99 25.27
CA GLU A 363 44.18 -26.19 24.60
C GLU A 363 43.14 -26.74 23.63
N ASN A 364 41.86 -26.49 23.89
CA ASN A 364 40.79 -26.92 22.99
C ASN A 364 40.66 -26.02 21.76
N GLY A 365 41.42 -24.94 21.67
CA GLY A 365 41.32 -24.04 20.54
C GLY A 365 40.11 -23.15 20.49
N GLY A 366 39.41 -22.96 21.62
CA GLY A 366 38.36 -21.97 21.69
C GLY A 366 38.61 -20.88 22.69
N ASN A 367 38.46 -19.62 22.28
CA ASN A 367 38.58 -18.50 23.21
C ASN A 367 37.55 -18.67 24.33
N PRO A 368 37.98 -18.74 25.58
CA PRO A 368 37.05 -19.05 26.69
C PRO A 368 36.37 -17.86 27.34
N ASN A 369 36.57 -16.63 26.89
CA ASN A 369 36.20 -15.44 27.65
C ASN A 369 34.86 -14.88 27.17
N VAL A 370 33.97 -14.59 28.11
CA VAL A 370 32.69 -13.97 27.82
C VAL A 370 32.20 -13.30 29.10
N HIS A 371 31.36 -12.27 28.95
CA HIS A 371 30.73 -11.62 30.09
C HIS A 371 29.33 -11.16 29.70
N PHE A 372 28.31 -11.65 30.41
CA PHE A 372 26.93 -11.28 30.15
C PHE A 372 26.44 -10.24 31.16
N GLU A 373 25.68 -9.27 30.66
CA GLU A 373 25.10 -8.20 31.46
C GLU A 373 23.59 -8.38 31.57
N ILE A 374 23.05 -8.12 32.76
CA ILE A 374 21.62 -8.26 33.03
C ILE A 374 21.06 -6.89 33.43
N LEU A 375 20.08 -6.40 32.67
CA LEU A 375 19.39 -5.15 32.97
C LEU A 375 18.04 -5.42 33.63
N GLY A 376 17.32 -4.35 33.94
CA GLY A 376 15.97 -4.45 34.49
C GLY A 376 15.15 -3.22 34.19
N THR A 377 14.09 -2.96 34.96
CA THR A 377 13.34 -1.72 34.83
C THR A 377 13.03 -1.15 36.21
N ASN A 378 12.79 0.16 36.23
CA ASN A 378 12.22 0.88 37.37
C ASN A 378 10.70 0.66 37.42
N TYR A 379 10.03 1.45 38.27
CA TYR A 379 8.59 1.46 38.37
C TYR A 379 8.06 2.85 38.04
N GLY A 380 6.86 2.89 37.47
CA GLY A 380 6.19 4.13 37.14
C GLY A 380 6.58 4.66 35.77
N GLU A 381 5.67 5.46 35.22
CA GLU A 381 5.71 5.92 33.84
C GLU A 381 6.67 7.08 33.59
N GLU A 382 7.91 6.99 34.08
CA GLU A 382 8.78 8.15 34.21
C GLU A 382 8.83 8.95 32.91
N LEU A 383 9.04 8.25 31.80
CA LEU A 383 8.59 8.66 30.47
C LEU A 383 7.92 7.48 29.79
N GLY A 384 7.19 6.71 30.58
CA GLY A 384 6.88 5.32 30.33
C GLY A 384 7.57 4.37 31.28
N ARG A 385 8.89 4.53 31.47
CA ARG A 385 9.67 3.80 32.48
C ARG A 385 11.15 4.16 32.43
N GLY A 386 11.97 3.50 33.27
CA GLY A 386 13.40 3.68 33.24
C GLY A 386 14.12 2.36 33.48
N VAL A 387 15.45 2.41 33.35
CA VAL A 387 16.27 1.21 33.25
C VAL A 387 17.39 1.27 34.28
N ARG A 388 17.80 0.09 34.76
CA ARG A 388 18.90 -0.02 35.71
C ARG A 388 19.59 -1.36 35.53
N LYS A 389 20.88 -1.40 35.87
CA LYS A 389 21.64 -2.64 35.88
C LYS A 389 21.36 -3.43 37.15
N LEU A 390 21.47 -4.76 37.06
CA LEU A 390 21.13 -5.63 38.19
C LEU A 390 22.21 -6.64 38.52
N GLY A 391 23.04 -7.03 37.55
CA GLY A 391 24.02 -8.07 37.84
C GLY A 391 24.79 -8.45 36.60
N CYS A 392 25.72 -9.39 36.80
CA CYS A 392 26.60 -9.88 35.75
C CYS A 392 26.74 -11.39 35.92
N TRP A 393 27.08 -12.06 34.82
CA TRP A 393 27.27 -13.50 34.84
C TRP A 393 28.50 -13.84 34.02
N ASN A 394 29.30 -14.77 34.51
CA ASN A 394 30.39 -15.34 33.74
C ASN A 394 30.60 -16.79 34.17
N PRO A 395 31.20 -17.62 33.31
CA PRO A 395 31.16 -19.07 33.55
C PRO A 395 32.03 -19.54 34.69
N VAL A 396 33.04 -18.78 35.10
CA VAL A 396 33.86 -19.20 36.23
C VAL A 396 33.11 -19.04 37.54
N THR A 397 32.31 -17.98 37.67
CA THR A 397 31.75 -17.58 38.95
C THR A 397 30.23 -17.58 39.01
N GLY A 398 29.55 -17.75 37.88
CA GLY A 398 28.10 -17.70 37.89
C GLY A 398 27.52 -16.32 38.20
N LEU A 399 26.28 -16.35 38.69
CA LEU A 399 25.52 -15.13 38.89
C LEU A 399 26.13 -14.29 40.02
N ASN A 400 26.15 -12.98 39.80
CA ASN A 400 26.60 -12.02 40.79
C ASN A 400 25.62 -10.86 40.83
N GLY A 401 25.56 -10.19 41.98
CA GLY A 401 24.39 -9.40 42.34
C GLY A 401 23.31 -10.25 42.98
N SER A 402 22.12 -9.65 43.06
CA SER A 402 20.98 -10.32 43.69
C SER A 402 19.70 -9.84 43.03
N LEU A 403 19.02 -10.76 42.33
CA LEU A 403 17.90 -10.44 41.47
C LEU A 403 16.57 -10.40 42.22
N THR A 404 16.46 -11.14 43.32
CA THR A 404 15.19 -11.29 44.01
C THR A 404 14.69 -9.94 44.51
N ASP A 405 13.44 -9.62 44.18
CA ASP A 405 12.94 -8.25 44.22
C ASP A 405 12.79 -7.77 45.66
N LYS A 406 13.68 -6.87 46.08
CA LYS A 406 13.47 -6.01 47.24
C LYS A 406 13.42 -6.75 48.57
N LYS A 407 13.25 -8.07 48.55
CA LYS A 407 13.20 -8.95 49.73
C LYS A 407 12.26 -8.36 50.78
N LEU A 408 12.51 -8.61 52.05
CA LEU A 408 11.80 -7.91 53.12
C LEU A 408 12.26 -6.45 53.18
N GLU A 409 11.30 -5.54 53.31
CA GLU A 409 11.58 -4.11 53.22
C GLU A 409 12.48 -3.64 54.37
N ASN A 410 13.27 -2.60 54.08
CA ASN A 410 13.89 -1.77 55.10
C ASN A 410 12.84 -0.91 55.79
N ASN A 411 12.23 -1.45 56.86
CA ASN A 411 11.01 -0.88 57.40
C ASN A 411 11.23 0.54 57.91
N MET A 412 10.17 1.35 57.81
CA MET A 412 10.16 2.74 58.23
C MET A 412 9.75 2.93 59.68
N ARG A 413 10.03 1.95 60.53
CA ARG A 413 9.54 1.92 61.91
C ARG A 413 10.03 3.13 62.71
N GLY A 414 9.10 3.98 63.13
CA GLY A 414 9.40 5.18 63.89
C GLY A 414 9.64 6.44 63.08
N VAL A 415 9.62 6.36 61.75
CA VAL A 415 9.76 7.56 60.93
C VAL A 415 8.55 8.46 61.12
N VAL A 416 8.78 9.77 61.16
CA VAL A 416 7.73 10.76 61.39
C VAL A 416 7.48 11.53 60.10
N LEU A 417 6.21 11.63 59.71
CA LEU A 417 5.81 12.25 58.45
C LEU A 417 4.68 13.23 58.71
N ARG A 418 4.63 14.29 57.89
CA ARG A 418 3.54 15.26 57.92
C ARG A 418 2.77 15.18 56.61
N VAL A 419 1.46 14.92 56.71
CA VAL A 419 0.60 14.66 55.55
C VAL A 419 -0.37 15.83 55.39
N VAL A 420 -0.41 16.39 54.18
CA VAL A 420 -1.41 17.37 53.79
C VAL A 420 -2.53 16.63 53.08
N THR A 421 -3.75 17.13 53.22
CA THR A 421 -4.90 16.46 52.62
C THR A 421 -5.92 17.48 52.16
N VAL A 422 -6.83 17.02 51.31
CA VAL A 422 -7.98 17.79 50.84
C VAL A 422 -9.22 16.93 50.99
N LEU A 423 -10.29 17.52 51.52
CA LEU A 423 -11.50 16.78 51.86
C LEU A 423 -12.25 16.44 50.58
N GLU A 424 -12.58 15.16 50.40
CA GLU A 424 -13.40 14.77 49.26
C GLU A 424 -14.15 13.48 49.57
N GLU A 425 -15.31 13.35 48.93
CA GLU A 425 -16.27 12.29 49.15
C GLU A 425 -15.64 10.90 48.90
N PRO A 426 -16.22 9.83 49.48
CA PRO A 426 -15.45 8.60 49.82
C PRO A 426 -13.96 8.73 50.12
N PHE A 427 -13.22 9.66 49.53
CA PHE A 427 -11.77 9.64 49.70
C PHE A 427 -11.36 10.13 51.08
N VAL A 428 -11.94 11.24 51.55
CA VAL A 428 -11.62 11.77 52.88
C VAL A 428 -12.86 12.41 53.48
N MET A 429 -13.32 11.88 54.62
CA MET A 429 -14.43 12.47 55.36
C MET A 429 -14.14 12.39 56.85
N VAL A 430 -14.81 13.25 57.62
CA VAL A 430 -14.66 13.23 59.07
C VAL A 430 -15.35 12.00 59.65
N SER A 431 -14.81 11.49 60.76
CA SER A 431 -15.36 10.28 61.38
C SER A 431 -15.43 10.31 62.89
N GLU A 432 -14.61 11.10 63.59
CA GLU A 432 -14.74 11.25 65.03
C GLU A 432 -14.30 12.64 65.44
N ASN A 433 -14.99 13.20 66.45
CA ASN A 433 -14.70 14.53 66.95
C ASN A 433 -14.51 14.45 68.47
N VAL A 434 -13.46 15.09 68.97
CA VAL A 434 -13.18 15.15 70.40
C VAL A 434 -12.72 16.56 70.74
N LEU A 435 -13.33 17.15 71.78
CA LEU A 435 -13.04 18.51 72.22
C LEU A 435 -13.07 19.51 71.06
N GLY A 436 -13.94 19.27 70.08
CA GLY A 436 -14.02 20.09 68.90
C GLY A 436 -12.96 19.84 67.86
N LYS A 437 -11.98 18.99 68.15
CA LYS A 437 -11.00 18.60 67.14
C LYS A 437 -11.61 17.63 66.14
N PRO A 438 -11.33 17.79 64.85
CA PRO A 438 -11.57 16.69 63.91
C PRO A 438 -10.55 15.57 64.12
N LYS A 439 -10.69 14.86 65.24
CA LYS A 439 -9.66 13.94 65.70
C LYS A 439 -9.39 12.85 64.66
N LYS A 440 -10.44 12.25 64.11
CA LYS A 440 -10.28 11.16 63.16
C LYS A 440 -10.96 11.48 61.83
N TYR A 441 -10.41 10.90 60.77
CA TYR A 441 -10.99 10.89 59.44
C TYR A 441 -11.29 9.46 59.01
N GLN A 442 -12.06 9.33 57.93
CA GLN A 442 -12.34 8.03 57.35
C GLN A 442 -12.35 8.15 55.84
N GLY A 443 -12.19 7.02 55.17
CA GLY A 443 -12.25 7.00 53.72
C GLY A 443 -11.21 6.13 53.04
N PHE A 444 -11.44 5.88 51.75
CA PHE A 444 -10.64 4.91 51.01
C PHE A 444 -9.15 5.27 51.01
N SER A 445 -8.83 6.56 50.88
CA SER A 445 -7.43 6.98 50.91
C SER A 445 -6.81 6.78 52.29
N ILE A 446 -7.59 7.03 53.34
CA ILE A 446 -7.09 6.78 54.69
C ILE A 446 -6.95 5.28 54.94
N ASP A 447 -7.90 4.49 54.45
CA ASP A 447 -7.77 3.03 54.56
C ASP A 447 -6.51 2.52 53.88
N VAL A 448 -6.16 3.10 52.73
CA VAL A 448 -4.90 2.74 52.08
C VAL A 448 -3.71 3.18 52.92
N LEU A 449 -3.71 4.44 53.36
CA LEU A 449 -2.55 4.97 54.07
C LEU A 449 -2.30 4.19 55.36
N ASP A 450 -3.36 3.88 56.11
CA ASP A 450 -3.22 3.06 57.31
C ASP A 450 -2.83 1.62 56.99
N ALA A 451 -3.35 1.04 55.90
CA ALA A 451 -2.91 -0.29 55.50
C ALA A 451 -1.44 -0.32 55.08
N LEU A 452 -0.89 0.84 54.73
CA LEU A 452 0.56 0.96 54.56
C LEU A 452 1.27 1.11 55.90
N SER A 453 0.81 2.07 56.72
CA SER A 453 1.47 2.38 57.99
C SER A 453 1.55 1.16 58.91
N ASN A 454 0.47 0.38 59.01
CA ASN A 454 0.46 -0.77 59.89
C ASN A 454 1.51 -1.82 59.51
N TYR A 455 2.00 -1.79 58.27
CA TYR A 455 3.07 -2.68 57.84
C TYR A 455 4.44 -2.02 57.89
N LEU A 456 4.56 -0.82 57.33
CA LEU A 456 5.87 -0.17 57.22
C LEU A 456 6.30 0.52 58.51
N GLY A 457 5.37 0.84 59.40
CA GLY A 457 5.70 1.31 60.72
C GLY A 457 5.91 2.80 60.88
N PHE A 458 5.73 3.58 59.83
CA PHE A 458 5.80 5.03 59.96
C PHE A 458 4.60 5.58 60.72
N ASN A 459 4.79 6.76 61.30
CA ASN A 459 3.73 7.51 61.97
C ASN A 459 3.57 8.86 61.30
N TYR A 460 2.35 9.39 61.32
CA TYR A 460 2.02 10.50 60.43
C TYR A 460 1.01 11.44 61.07
N GLU A 461 0.99 12.66 60.56
CA GLU A 461 0.10 13.73 61.00
C GLU A 461 -0.76 14.20 59.83
N ILE A 462 -2.02 14.50 60.11
CA ILE A 462 -2.96 14.99 59.09
C ILE A 462 -3.27 16.46 59.39
N TYR A 463 -3.29 17.28 58.35
CA TYR A 463 -3.93 18.59 58.41
C TYR A 463 -4.58 18.90 57.07
N VAL A 464 -5.70 19.63 57.13
CA VAL A 464 -6.45 20.02 55.95
C VAL A 464 -5.82 21.25 55.29
N ALA A 465 -5.73 21.22 53.97
CA ALA A 465 -5.15 22.31 53.21
C ALA A 465 -5.98 23.57 53.38
N PRO A 466 -5.43 24.65 53.95
CA PRO A 466 -6.28 25.78 54.37
C PRO A 466 -6.81 26.64 53.24
N ASP A 467 -6.30 26.50 52.01
CA ASP A 467 -6.93 27.15 50.86
C ASP A 467 -7.98 26.28 50.17
N HIS A 468 -8.11 25.02 50.57
CA HIS A 468 -9.18 24.14 50.11
C HIS A 468 -9.26 24.09 48.58
N LYS A 469 -8.09 23.96 47.95
CA LYS A 469 -7.99 23.79 46.52
C LYS A 469 -6.99 22.68 46.22
N TYR A 470 -7.17 22.02 45.07
CA TYR A 470 -6.15 21.09 44.58
C TYR A 470 -4.91 21.84 44.12
N GLY A 471 -5.09 22.85 43.28
CA GLY A 471 -4.01 23.76 42.93
C GLY A 471 -4.26 24.48 41.63
N SER A 472 -4.17 25.81 41.66
CA SER A 472 -4.62 26.61 40.54
C SER A 472 -3.54 26.72 39.45
N PRO A 473 -3.95 26.81 38.19
CA PRO A 473 -2.99 27.10 37.12
C PRO A 473 -2.55 28.56 37.18
N GLN A 474 -1.62 28.85 38.08
CA GLN A 474 -1.21 30.22 38.33
C GLN A 474 -0.74 30.92 37.06
N GLU A 475 -1.10 32.20 36.95
CA GLU A 475 -0.63 33.04 35.85
C GLU A 475 0.84 33.42 36.04
N ASP A 476 1.28 33.57 37.29
CA ASP A 476 2.66 33.95 37.60
C ASP A 476 3.61 32.76 37.66
N GLY A 477 3.14 31.55 37.38
CA GLY A 477 3.97 30.37 37.40
C GLY A 477 4.27 29.79 38.76
N THR A 478 3.70 30.36 39.82
CA THR A 478 3.79 29.76 41.15
C THR A 478 2.84 28.57 41.22
N TRP A 479 2.71 27.97 42.41
CA TRP A 479 1.68 26.98 42.65
C TRP A 479 1.03 27.21 44.00
N ASN A 480 -0.18 26.70 44.13
CA ASN A 480 -0.97 26.78 45.36
C ASN A 480 -1.80 25.50 45.44
N GLY A 481 -2.75 25.47 46.37
CA GLY A 481 -3.41 24.20 46.62
C GLY A 481 -2.41 23.19 47.16
N LEU A 482 -2.86 21.93 47.19
CA LEU A 482 -2.04 20.84 47.70
C LEU A 482 -0.69 20.75 46.97
N VAL A 483 -0.71 21.00 45.66
CA VAL A 483 0.54 21.05 44.90
C VAL A 483 1.47 22.12 45.44
N GLY A 484 0.97 23.35 45.60
CA GLY A 484 1.79 24.41 46.17
C GLY A 484 2.28 24.09 47.57
N GLU A 485 1.43 23.47 48.39
CA GLU A 485 1.81 23.05 49.72
C GLU A 485 2.97 22.06 49.70
N LEU A 486 3.03 21.22 48.67
CA LEU A 486 4.19 20.35 48.50
C LEU A 486 5.39 21.09 47.95
N VAL A 487 5.17 22.05 47.04
CA VAL A 487 6.26 22.83 46.46
C VAL A 487 7.04 23.58 47.54
N PHE A 488 6.34 24.10 48.54
CA PHE A 488 6.99 24.80 49.65
C PHE A 488 7.39 23.89 50.80
N LYS A 489 7.34 22.57 50.58
CA LYS A 489 7.73 21.59 51.60
C LYS A 489 6.93 21.75 52.89
N ARG A 490 5.67 22.18 52.77
CA ARG A 490 4.83 22.28 53.95
C ARG A 490 4.37 20.92 54.44
N ALA A 491 4.54 19.87 53.64
CA ALA A 491 4.23 18.51 54.02
C ALA A 491 5.11 17.58 53.22
N ASP A 492 5.28 16.35 53.72
CA ASP A 492 6.07 15.36 53.00
C ASP A 492 5.25 14.65 51.94
N ILE A 493 3.94 14.51 52.14
CA ILE A 493 3.08 13.73 51.27
C ILE A 493 1.77 14.49 51.09
N GLY A 494 1.23 14.45 49.87
CA GLY A 494 -0.13 14.85 49.61
C GLY A 494 -0.96 13.67 49.14
N ILE A 495 -2.14 13.51 49.74
CA ILE A 495 -3.03 12.41 49.39
C ILE A 495 -4.45 12.95 49.28
N SER A 496 -5.13 12.57 48.19
CA SER A 496 -6.52 12.93 47.93
C SER A 496 -7.00 12.16 46.71
N ALA A 497 -8.13 12.58 46.14
CA ALA A 497 -8.48 12.15 44.79
C ALA A 497 -7.67 12.90 43.73
N LEU A 498 -6.36 13.02 43.95
CA LEU A 498 -5.53 13.82 43.06
C LEU A 498 -5.34 13.10 41.73
N THR A 499 -5.43 13.86 40.64
CA THR A 499 -5.27 13.32 39.30
C THR A 499 -3.84 13.51 38.81
N ILE A 500 -3.23 12.43 38.32
CA ILE A 500 -1.91 12.52 37.72
C ILE A 500 -2.02 13.26 36.38
N THR A 501 -1.18 14.27 36.20
CA THR A 501 -1.09 15.01 34.94
C THR A 501 0.36 15.40 34.73
N PRO A 502 0.81 15.49 33.47
CA PRO A 502 2.21 15.88 33.20
C PRO A 502 2.62 17.22 33.81
N ASP A 503 1.75 18.23 33.76
CA ASP A 503 2.11 19.53 34.31
C ASP A 503 2.25 19.51 35.83
N ARG A 504 1.56 18.59 36.51
CA ARG A 504 1.79 18.41 37.93
C ARG A 504 3.11 17.70 38.21
N GLU A 505 3.40 16.63 37.48
CA GLU A 505 4.61 15.88 37.74
C GLU A 505 5.89 16.61 37.34
N ASN A 506 5.77 17.80 36.73
CA ASN A 506 6.89 18.73 36.63
C ASN A 506 7.38 19.22 37.99
N VAL A 507 6.58 19.11 39.05
CA VAL A 507 6.97 19.69 40.34
C VAL A 507 6.78 18.68 41.47
N VAL A 508 6.17 17.54 41.17
CA VAL A 508 6.06 16.45 42.14
C VAL A 508 6.35 15.12 41.46
N ASP A 509 6.68 14.13 42.27
CA ASP A 509 6.69 12.72 41.86
C ASP A 509 5.38 12.06 42.25
N PHE A 510 5.10 10.93 41.61
CA PHE A 510 3.93 10.13 41.96
C PHE A 510 4.34 8.68 42.20
N THR A 511 3.53 7.99 43.01
CA THR A 511 3.51 6.54 43.01
C THR A 511 2.90 6.02 41.72
N THR A 512 2.96 4.70 41.55
CA THR A 512 2.06 4.04 40.61
C THR A 512 0.61 4.35 40.96
N ARG A 513 -0.24 4.40 39.94
CA ARG A 513 -1.66 4.61 40.17
C ARG A 513 -2.23 3.55 41.10
N TYR A 514 -3.23 3.94 41.90
CA TYR A 514 -3.97 3.00 42.72
C TYR A 514 -5.46 2.99 42.42
N MET A 515 -5.97 3.93 41.63
CA MET A 515 -7.36 3.91 41.19
C MET A 515 -7.43 4.56 39.81
N ASP A 516 -8.39 4.09 39.00
CA ASP A 516 -8.56 4.59 37.65
C ASP A 516 -9.44 5.85 37.62
N TYR A 517 -8.99 6.85 36.86
CA TYR A 517 -9.70 8.10 36.69
C TYR A 517 -10.85 7.92 35.70
N SER A 518 -11.83 8.80 35.78
CA SER A 518 -12.80 8.96 34.70
C SER A 518 -13.56 10.26 34.90
N VAL A 519 -14.10 10.78 33.79
CA VAL A 519 -14.93 11.99 33.78
C VAL A 519 -16.37 11.58 33.52
N GLY A 520 -17.30 12.13 34.31
CA GLY A 520 -18.71 11.85 34.14
C GLY A 520 -19.54 13.08 34.43
N VAL A 521 -20.86 12.90 34.31
CA VAL A 521 -21.83 13.99 34.45
C VAL A 521 -22.98 13.52 35.33
N LEU A 522 -23.39 14.37 36.26
CA LEU A 522 -24.54 14.11 37.12
C LEU A 522 -25.72 14.96 36.66
N LEU A 523 -26.89 14.33 36.52
CA LEU A 523 -28.11 15.00 36.13
C LEU A 523 -29.26 14.58 37.03
N ARG A 524 -30.10 15.55 37.40
CA ARG A 524 -31.40 15.22 37.98
C ARG A 524 -32.26 14.47 36.99
N ARG A 525 -33.08 13.56 37.51
CA ARG A 525 -33.89 12.68 36.66
C ARG A 525 -34.80 13.51 35.76
N ALA A 526 -35.17 12.91 34.63
CA ALA A 526 -36.04 13.56 33.65
C ALA A 526 -37.27 14.16 34.31
N GLU A 527 -37.47 15.45 34.12
CA GLU A 527 -38.61 16.15 34.71
C GLU A 527 -39.84 16.07 33.79
N LYS A 528 -40.99 16.44 34.35
CA LYS A 528 -42.25 16.40 33.59
C LYS A 528 -42.30 17.52 32.55
N THR A 529 -41.88 17.21 31.32
CA THR A 529 -41.89 18.22 30.25
C THR A 529 -43.32 18.38 29.74
N VAL A 530 -44.05 19.31 30.34
CA VAL A 530 -45.43 19.58 29.95
C VAL A 530 -45.77 21.06 30.13
N ASP A 531 -45.22 21.91 29.25
CA ASP A 531 -45.53 23.34 29.29
C ASP A 531 -47.03 23.57 29.33
N MET A 532 -47.50 24.31 30.35
CA MET A 532 -48.93 24.56 30.44
C MET A 532 -49.46 25.53 29.39
N PHE A 533 -48.61 26.04 28.50
CA PHE A 533 -49.02 27.00 27.48
C PHE A 533 -48.92 26.42 26.07
N ALA A 534 -49.08 25.10 25.95
CA ALA A 534 -48.83 24.41 24.68
C ALA A 534 -49.57 25.05 23.50
N CYS A 535 -50.85 25.41 23.70
CA CYS A 535 -51.64 25.94 22.59
C CYS A 535 -51.17 27.31 22.11
N LEU A 536 -50.30 27.99 22.85
CA LEU A 536 -49.70 29.23 22.39
C LEU A 536 -48.44 29.01 21.55
N ALA A 537 -47.88 27.80 21.56
CA ALA A 537 -46.56 27.52 21.00
C ALA A 537 -46.47 27.48 19.47
N PRO A 538 -47.50 27.06 18.73
CA PRO A 538 -47.31 26.89 17.27
C PRO A 538 -46.90 28.15 16.52
N PHE A 539 -47.18 29.34 17.05
CA PHE A 539 -46.73 30.57 16.43
C PHE A 539 -45.83 31.36 17.38
N ASP A 540 -44.87 32.07 16.80
CA ASP A 540 -44.13 33.08 17.53
C ASP A 540 -45.08 34.21 17.98
N LEU A 541 -44.73 34.84 19.10
CA LEU A 541 -45.57 35.90 19.65
C LEU A 541 -45.74 37.09 18.72
N SER A 542 -44.81 37.31 17.79
CA SER A 542 -44.99 38.35 16.79
C SER A 542 -46.07 37.98 15.77
N LEU A 543 -45.95 36.78 15.17
CA LEU A 543 -46.89 36.35 14.15
C LEU A 543 -48.31 36.21 14.70
N TRP A 544 -48.43 35.64 15.90
CA TRP A 544 -49.75 35.45 16.52
C TRP A 544 -50.44 36.78 16.80
N ALA A 545 -49.69 37.87 16.89
CA ALA A 545 -50.26 39.21 16.96
C ALA A 545 -50.54 39.81 15.59
N CYS A 546 -49.60 39.61 14.64
CA CYS A 546 -49.78 40.14 13.28
C CYS A 546 -51.05 39.61 12.64
N ILE A 547 -51.38 38.34 12.89
CA ILE A 547 -52.58 37.75 12.31
C ILE A 547 -53.82 38.50 12.78
N ALA A 548 -53.94 38.69 14.10
CA ALA A 548 -55.06 39.44 14.65
C ALA A 548 -55.08 40.87 14.13
N GLY A 549 -53.91 41.51 14.07
CA GLY A 549 -53.83 42.86 13.54
C GLY A 549 -54.31 43.00 12.11
N THR A 550 -54.16 41.95 11.31
CA THR A 550 -54.65 42.00 9.93
C THR A 550 -56.16 42.18 9.89
N VAL A 551 -56.87 41.53 10.82
CA VAL A 551 -58.33 41.66 10.87
C VAL A 551 -58.73 43.11 11.09
N LEU A 552 -58.01 43.82 11.96
CA LEU A 552 -58.39 45.19 12.30
C LEU A 552 -58.24 46.12 11.11
N LEU A 553 -57.46 45.72 10.11
CA LEU A 553 -57.30 46.46 8.87
C LEU A 553 -58.38 46.09 7.86
N VAL A 554 -58.54 44.78 7.60
CA VAL A 554 -59.31 44.34 6.44
C VAL A 554 -60.78 44.74 6.57
N GLY A 555 -61.32 44.76 7.79
CA GLY A 555 -62.68 45.23 7.98
C GLY A 555 -62.89 46.68 7.57
N LEU A 556 -61.95 47.55 7.93
CA LEU A 556 -62.06 48.95 7.54
C LEU A 556 -61.83 49.11 6.04
N LEU A 557 -60.95 48.31 5.47
CA LEU A 557 -60.79 48.31 4.01
C LEU A 557 -62.09 47.92 3.31
N VAL A 558 -62.77 46.90 3.81
CA VAL A 558 -64.06 46.49 3.25
C VAL A 558 -65.10 47.61 3.41
N TYR A 559 -65.10 48.27 4.56
CA TYR A 559 -65.99 49.42 4.76
C TYR A 559 -65.74 50.51 3.73
N LEU A 560 -64.48 50.88 3.54
CA LEU A 560 -64.15 51.93 2.57
C LEU A 560 -64.53 51.51 1.15
N LEU A 561 -64.26 50.26 0.79
CA LEU A 561 -64.66 49.77 -0.53
C LEU A 561 -66.17 49.83 -0.73
N ASN A 562 -66.94 49.46 0.30
CA ASN A 562 -68.39 49.58 0.21
C ASN A 562 -68.84 51.03 0.12
N TRP A 563 -68.11 51.95 0.75
CA TRP A 563 -68.45 53.36 0.66
C TRP A 563 -68.16 53.93 -0.73
N LEU A 564 -67.06 53.49 -1.36
CA LEU A 564 -66.75 53.95 -2.71
C LEU A 564 -67.72 53.40 -3.73
N ASN A 565 -68.28 52.21 -3.50
CA ASN A 565 -69.29 51.61 -4.39
C ASN A 565 -70.55 51.32 -3.58
N PRO A 566 -71.38 52.34 -3.34
CA PRO A 566 -72.62 52.12 -2.61
C PRO A 566 -73.59 51.31 -3.45
N PRO A 567 -74.45 50.51 -2.83
CA PRO A 567 -75.44 49.74 -3.59
C PRO A 567 -76.62 50.58 -4.01
N ARG A 568 -77.43 50.00 -4.90
CA ARG A 568 -78.76 50.52 -5.19
C ARG A 568 -79.78 50.19 -4.11
N LEU A 569 -79.52 49.17 -3.29
CA LEU A 569 -80.45 48.74 -2.28
C LEU A 569 -80.52 49.76 -1.14
N GLN A 570 -81.50 49.56 -0.25
CA GLN A 570 -81.72 50.45 0.88
C GLN A 570 -80.51 50.52 1.81
N MET A 571 -79.89 51.69 1.88
CA MET A 571 -78.77 51.91 2.79
C MET A 571 -79.22 51.80 4.24
N GLY A 572 -78.30 51.34 5.10
CA GLY A 572 -78.56 51.29 6.52
C GLY A 572 -79.58 50.26 6.96
N SER A 573 -80.02 49.39 6.07
CA SER A 573 -81.03 48.39 6.37
C SER A 573 -80.40 47.27 7.21
N MET A 574 -81.13 46.18 7.37
CA MET A 574 -80.57 44.99 8.01
C MET A 574 -79.37 44.46 7.25
N THR A 575 -79.30 44.75 5.94
CA THR A 575 -78.03 44.71 5.23
C THR A 575 -77.16 45.89 5.65
N SER A 576 -76.59 45.82 6.85
CA SER A 576 -76.02 46.97 7.51
C SER A 576 -74.73 47.41 6.83
N THR A 577 -74.44 48.71 6.94
CA THR A 577 -73.35 49.34 6.20
C THR A 577 -72.38 50.13 7.07
N THR A 578 -72.54 50.11 8.39
CA THR A 578 -71.65 50.85 9.27
C THR A 578 -70.37 50.05 9.55
N LEU A 579 -69.35 50.77 10.01
CA LEU A 579 -68.03 50.17 10.20
C LEU A 579 -68.08 49.03 11.22
N TYR A 580 -68.71 49.28 12.38
CA TYR A 580 -68.88 48.27 13.41
C TYR A 580 -69.32 46.94 12.80
N ASN A 581 -70.46 46.97 12.11
CA ASN A 581 -71.00 45.74 11.51
C ASN A 581 -70.01 45.14 10.53
N SER A 582 -69.44 45.97 9.66
CA SER A 582 -68.45 45.52 8.68
C SER A 582 -67.39 44.64 9.34
N MET A 583 -66.74 45.19 10.36
CA MET A 583 -65.67 44.47 11.04
C MET A 583 -66.21 43.23 11.74
N TRP A 584 -67.34 43.36 12.43
CA TRP A 584 -67.95 42.19 13.06
C TRP A 584 -68.15 41.05 12.06
N PHE A 585 -68.64 41.38 10.86
CA PHE A 585 -68.85 40.38 9.82
C PHE A 585 -67.54 39.74 9.43
N VAL A 586 -66.54 40.56 9.06
CA VAL A 586 -65.22 40.04 8.70
C VAL A 586 -64.72 39.06 9.77
N TYR A 587 -64.85 39.45 11.04
CA TYR A 587 -64.40 38.63 12.14
C TYR A 587 -65.18 37.32 12.19
N GLY A 588 -66.50 37.40 12.14
CA GLY A 588 -67.33 36.21 12.14
C GLY A 588 -66.90 35.24 11.05
N SER A 589 -66.69 35.75 9.85
CA SER A 589 -66.26 34.90 8.74
C SER A 589 -64.93 34.25 9.06
N PHE A 590 -64.00 35.01 9.65
CA PHE A 590 -62.69 34.46 10.01
C PHE A 590 -62.85 33.17 10.82
N VAL A 591 -63.56 33.24 11.94
CA VAL A 591 -63.72 32.10 12.84
C VAL A 591 -64.82 31.17 12.32
N GLN A 592 -65.13 31.29 11.02
CA GLN A 592 -65.95 30.35 10.26
C GLN A 592 -67.41 30.27 10.71
N GLN A 593 -67.88 31.12 11.62
CA GLN A 593 -69.23 30.89 12.12
C GLN A 593 -70.02 32.17 12.39
N GLY A 594 -69.64 33.30 11.78
CA GLY A 594 -70.48 34.48 11.86
C GLY A 594 -71.78 34.37 11.08
N GLY A 595 -71.82 33.53 10.06
CA GLY A 595 -73.01 33.38 9.23
C GLY A 595 -72.95 34.06 7.88
N GLU A 596 -74.09 34.63 7.45
CA GLU A 596 -74.22 35.21 6.12
C GLU A 596 -73.37 36.47 5.96
N VAL A 597 -73.28 36.94 4.72
CA VAL A 597 -72.73 38.26 4.38
C VAL A 597 -73.66 38.94 3.38
N PRO A 598 -74.10 40.17 3.64
CA PRO A 598 -75.14 40.78 2.81
C PRO A 598 -74.64 41.47 1.55
N TYR A 599 -73.34 41.76 1.46
CA TYR A 599 -72.84 42.62 0.41
C TYR A 599 -72.87 41.92 -0.95
N THR A 600 -73.01 42.74 -2.01
CA THR A 600 -73.28 42.23 -3.34
C THR A 600 -72.43 42.84 -4.44
N THR A 601 -71.53 43.77 -4.13
CA THR A 601 -70.61 44.28 -5.13
C THR A 601 -69.57 43.23 -5.50
N LEU A 602 -69.12 43.28 -6.75
CA LEU A 602 -68.08 42.36 -7.21
C LEU A 602 -66.77 42.56 -6.47
N ALA A 603 -66.37 43.81 -6.23
CA ALA A 603 -65.12 44.09 -5.52
C ALA A 603 -65.12 43.50 -4.12
N THR A 604 -66.19 43.76 -3.37
CA THR A 604 -66.28 43.23 -2.00
C THR A 604 -66.38 41.71 -1.99
N ARG A 605 -67.09 41.13 -2.95
CA ARG A 605 -67.14 39.68 -3.03
C ARG A 605 -65.77 39.08 -3.32
N MET A 606 -64.99 39.70 -4.21
CA MET A 606 -63.64 39.21 -4.47
C MET A 606 -62.77 39.32 -3.22
N MET A 607 -62.87 40.45 -2.51
CA MET A 607 -62.13 40.61 -1.26
C MET A 607 -62.52 39.55 -0.25
N MET A 608 -63.83 39.33 -0.07
CA MET A 608 -64.30 38.31 0.87
C MET A 608 -63.81 36.92 0.47
N GLY A 609 -63.80 36.62 -0.82
CA GLY A 609 -63.25 35.34 -1.28
C GLY A 609 -61.81 35.16 -0.88
N ALA A 610 -60.99 36.19 -1.08
CA ALA A 610 -59.59 36.12 -0.68
C ALA A 610 -59.46 35.98 0.83
N TRP A 611 -60.31 36.68 1.58
CA TRP A 611 -60.24 36.60 3.04
C TRP A 611 -60.61 35.20 3.54
N TRP A 612 -61.67 34.62 2.96
CA TRP A 612 -62.04 33.24 3.30
C TRP A 612 -60.89 32.29 3.03
N LEU A 613 -60.30 32.38 1.83
CA LEU A 613 -59.16 31.53 1.52
C LEU A 613 -58.07 31.67 2.58
N PHE A 614 -57.65 32.91 2.85
CA PHE A 614 -56.67 33.18 3.90
C PHE A 614 -57.00 32.44 5.18
N ALA A 615 -58.23 32.65 5.67
CA ALA A 615 -58.70 31.99 6.89
C ALA A 615 -58.42 30.50 6.84
N LEU A 616 -58.97 29.82 5.83
CA LEU A 616 -58.76 28.39 5.65
C LEU A 616 -57.30 28.02 5.82
N ILE A 617 -56.44 28.66 5.02
CA ILE A 617 -55.00 28.37 5.07
C ILE A 617 -54.49 28.44 6.49
N VAL A 618 -54.66 29.61 7.13
CA VAL A 618 -54.19 29.84 8.50
C VAL A 618 -54.60 28.71 9.43
N ILE A 619 -55.91 28.45 9.54
CA ILE A 619 -56.40 27.41 10.44
C ILE A 619 -55.73 26.07 10.15
N SER A 620 -55.84 25.61 8.91
CA SER A 620 -55.23 24.34 8.50
C SER A 620 -53.79 24.26 8.99
N SER A 621 -52.98 25.26 8.63
CA SER A 621 -51.58 25.31 9.02
C SER A 621 -51.42 25.14 10.52
N TYR A 622 -52.12 25.99 11.29
CA TYR A 622 -52.09 25.93 12.75
C TYR A 622 -52.25 24.49 13.24
N THR A 623 -53.31 23.83 12.77
CA THR A 623 -53.60 22.47 13.21
C THR A 623 -52.45 21.54 12.86
N ALA A 624 -52.13 21.45 11.56
CA ALA A 624 -51.05 20.61 11.05
C ALA A 624 -49.76 20.78 11.85
N ASN A 625 -49.50 22.00 12.33
CA ASN A 625 -48.27 22.26 13.06
C ASN A 625 -48.37 21.80 14.51
N LEU A 626 -49.50 22.09 15.15
CA LEU A 626 -49.69 21.68 16.54
C LEU A 626 -49.56 20.16 16.64
N ALA A 627 -50.09 19.46 15.62
CA ALA A 627 -49.93 18.01 15.54
C ALA A 627 -48.46 17.62 15.62
N ALA A 628 -47.66 18.16 14.68
CA ALA A 628 -46.23 17.88 14.64
C ALA A 628 -45.59 18.09 16.01
N PHE A 629 -45.82 19.27 16.59
CA PHE A 629 -45.24 19.60 17.89
C PHE A 629 -45.55 18.50 18.91
N LEU A 630 -46.84 18.22 19.13
CA LEU A 630 -47.21 17.20 20.13
C LEU A 630 -46.62 15.84 19.77
N THR A 631 -46.46 15.54 18.49
CA THR A 631 -45.93 14.25 18.09
C THR A 631 -44.48 14.13 18.51
N ILE A 632 -43.64 15.06 18.06
CA ILE A 632 -42.21 14.98 18.37
C ILE A 632 -41.99 15.09 19.86
N THR A 633 -42.88 15.79 20.58
CA THR A 633 -42.83 15.89 22.04
C THR A 633 -42.49 14.56 22.71
N ARG A 634 -43.26 13.51 22.38
CA ARG A 634 -43.07 12.20 23.01
C ARG A 634 -41.66 11.67 22.75
N ILE A 635 -41.41 11.20 21.53
CA ILE A 635 -40.10 10.62 21.22
C ILE A 635 -39.01 11.68 21.28
N GLU A 636 -38.24 11.68 22.36
CA GLU A 636 -37.16 12.65 22.57
C GLU A 636 -35.98 11.94 23.23
N SER A 637 -35.59 10.82 22.64
CA SER A 637 -34.50 9.97 23.10
C SER A 637 -34.45 9.85 24.62
N SER A 638 -33.26 9.98 25.21
CA SER A 638 -33.08 9.87 26.65
C SER A 638 -31.88 10.68 27.10
N ILE A 639 -30.93 10.88 26.16
CA ILE A 639 -29.68 11.61 26.34
C ILE A 639 -28.77 10.83 27.28
N GLN A 640 -27.60 10.43 26.75
CA GLN A 640 -26.58 9.73 27.53
C GLN A 640 -25.18 9.99 26.99
N SER A 641 -24.95 11.14 26.36
CA SER A 641 -23.64 11.41 25.80
C SER A 641 -23.23 12.86 26.06
N LEU A 642 -21.92 13.08 26.04
CA LEU A 642 -21.38 14.44 26.07
C LEU A 642 -21.78 15.23 24.83
N GLN A 643 -21.98 14.55 23.70
CA GLN A 643 -22.46 15.22 22.49
C GLN A 643 -23.85 15.82 22.71
N ASP A 644 -24.70 15.13 23.46
CA ASP A 644 -25.99 15.72 23.82
C ASP A 644 -25.80 16.96 24.67
N LEU A 645 -25.02 16.85 25.75
CA LEU A 645 -24.85 17.97 26.66
C LEU A 645 -24.25 19.16 25.94
N SER A 646 -23.38 18.92 24.95
CA SER A 646 -22.73 19.98 24.20
C SER A 646 -23.56 20.47 23.02
N LYS A 647 -24.67 19.81 22.68
CA LYS A 647 -25.55 20.38 21.67
C LYS A 647 -26.66 21.23 22.29
N GLN A 648 -27.32 20.75 23.34
CA GLN A 648 -28.27 21.57 24.05
C GLN A 648 -27.56 22.67 24.84
N THR A 649 -28.34 23.68 25.23
CA THR A 649 -27.87 24.77 26.08
C THR A 649 -28.87 25.16 27.16
N GLU A 650 -30.08 24.61 27.15
CA GLU A 650 -31.10 25.00 28.12
C GLU A 650 -30.71 24.65 29.55
N ILE A 651 -29.99 23.55 29.74
CA ILE A 651 -29.43 23.20 31.05
C ILE A 651 -27.96 23.61 31.05
N PRO A 652 -27.58 24.63 31.82
CA PRO A 652 -26.16 25.00 31.89
C PRO A 652 -25.34 23.98 32.65
N TYR A 653 -24.10 23.80 32.22
CA TYR A 653 -23.21 22.78 32.73
C TYR A 653 -21.85 23.40 33.04
N GLY A 654 -21.19 22.85 34.05
CA GLY A 654 -19.83 23.28 34.35
C GLY A 654 -19.22 22.46 35.46
N THR A 655 -18.15 23.00 36.04
CA THR A 655 -17.30 22.23 36.95
C THR A 655 -16.64 23.18 37.94
N VAL A 656 -15.88 22.62 38.86
CA VAL A 656 -15.15 23.40 39.85
C VAL A 656 -13.94 24.05 39.19
N LEU A 657 -13.76 25.34 39.44
CA LEU A 657 -12.62 26.08 38.90
C LEU A 657 -11.31 25.55 39.46
N ASP A 658 -10.22 25.87 38.76
CA ASP A 658 -8.86 25.49 39.17
C ASP A 658 -8.74 23.99 39.42
N SER A 659 -9.20 23.21 38.45
CA SER A 659 -9.30 21.77 38.59
C SER A 659 -8.79 21.11 37.33
N ALA A 660 -8.45 19.82 37.46
CA ALA A 660 -7.92 19.06 36.31
C ALA A 660 -8.91 19.02 35.16
N VAL A 661 -10.21 18.91 35.46
CA VAL A 661 -11.21 18.88 34.40
C VAL A 661 -11.26 20.23 33.67
N TYR A 662 -11.21 21.33 34.42
CA TYR A 662 -11.24 22.65 33.79
C TYR A 662 -10.02 22.88 32.91
N GLU A 663 -8.84 22.55 33.42
CA GLU A 663 -7.63 22.67 32.61
C GLU A 663 -7.68 21.76 31.39
N HIS A 664 -8.20 20.55 31.55
CA HIS A 664 -8.32 19.62 30.44
C HIS A 664 -9.20 20.19 29.33
N VAL A 665 -10.37 20.70 29.70
CA VAL A 665 -11.27 21.28 28.71
C VAL A 665 -10.71 22.55 28.09
N ARG A 666 -9.99 23.36 28.87
CA ARG A 666 -9.30 24.51 28.29
C ARG A 666 -8.28 24.08 27.25
N MET A 667 -7.41 23.13 27.62
CA MET A 667 -6.33 22.71 26.73
C MET A 667 -6.87 22.05 25.47
N LYS A 668 -7.95 21.28 25.58
CA LYS A 668 -8.45 20.58 24.40
C LYS A 668 -9.34 21.46 23.54
N GLY A 669 -10.38 22.06 24.13
CA GLY A 669 -11.31 22.89 23.40
C GLY A 669 -10.67 24.02 22.60
N LEU A 670 -9.91 24.86 23.30
CA LEU A 670 -9.30 26.02 22.66
C LEU A 670 -8.43 25.64 21.46
N ASN A 671 -7.52 24.66 21.65
CA ASN A 671 -6.61 24.16 20.63
C ASN A 671 -7.30 24.13 19.27
N PRO A 672 -6.85 24.95 18.32
CA PRO A 672 -7.56 25.06 17.04
C PRO A 672 -7.21 23.98 16.04
N PHE A 673 -6.66 22.85 16.49
CA PHE A 673 -6.26 21.80 15.57
C PHE A 673 -6.90 20.46 15.86
N GLU A 674 -7.90 20.39 16.74
CA GLU A 674 -8.54 19.12 17.02
C GLU A 674 -9.63 18.85 16.00
N ARG A 675 -9.29 18.96 14.72
CA ARG A 675 -10.20 18.72 13.59
C ARG A 675 -11.51 19.50 13.73
N ASP A 676 -11.49 20.53 14.58
CA ASP A 676 -12.59 21.43 14.91
C ASP A 676 -13.99 20.83 14.73
N SER A 677 -14.29 19.70 15.39
CA SER A 677 -15.60 19.11 15.21
C SER A 677 -16.30 19.06 16.55
N MET A 678 -15.85 18.23 17.50
CA MET A 678 -16.45 18.27 18.82
C MET A 678 -15.69 19.29 19.66
N TYR A 679 -15.93 19.33 20.97
CA TYR A 679 -15.27 20.23 21.90
C TYR A 679 -15.50 21.69 21.53
N SER A 680 -14.73 22.59 22.14
CA SER A 680 -14.88 24.04 22.04
C SER A 680 -16.28 24.52 22.40
N GLN A 681 -17.29 23.67 22.20
CA GLN A 681 -18.66 24.03 22.57
C GLN A 681 -18.83 24.01 24.08
N MET A 682 -18.21 23.03 24.74
CA MET A 682 -18.19 23.01 26.20
C MET A 682 -17.44 24.23 26.73
N TRP A 683 -16.23 24.47 26.21
CA TRP A 683 -15.43 25.62 26.66
C TRP A 683 -16.16 26.94 26.47
N ARG A 684 -16.87 27.09 25.34
CA ARG A 684 -17.65 28.30 25.07
C ARG A 684 -18.60 28.64 26.20
N MET A 685 -19.29 27.64 26.77
CA MET A 685 -20.15 27.92 27.92
C MET A 685 -19.35 28.01 29.21
N ILE A 686 -18.38 27.12 29.41
CA ILE A 686 -17.64 27.06 30.67
C ILE A 686 -16.79 28.31 30.89
N ASN A 687 -16.39 29.01 29.82
CA ASN A 687 -15.60 30.22 29.93
C ASN A 687 -16.44 31.49 29.90
N ARG A 688 -17.77 31.36 29.91
CA ARG A 688 -18.62 32.55 29.93
C ARG A 688 -18.37 33.37 31.18
N SER A 689 -18.37 34.70 31.02
CA SER A 689 -18.01 35.65 32.07
C SER A 689 -16.70 35.26 32.75
N ASN A 690 -15.69 35.00 31.92
CA ASN A 690 -14.39 34.51 32.39
C ASN A 690 -14.51 33.23 33.21
N GLY A 691 -15.53 32.43 32.92
CA GLY A 691 -15.80 31.20 33.64
C GLY A 691 -16.57 31.36 34.93
N SER A 692 -16.89 32.58 35.35
CA SER A 692 -17.59 32.79 36.61
C SER A 692 -19.09 32.49 36.54
N GLU A 693 -19.65 32.34 35.34
CA GLU A 693 -21.09 32.16 35.21
C GLU A 693 -21.53 30.78 35.67
N ASN A 694 -20.81 29.74 35.25
CA ASN A 694 -21.30 28.37 35.30
C ASN A 694 -20.51 27.48 36.25
N ASN A 695 -19.67 28.05 37.10
CA ASN A 695 -18.72 27.26 37.88
C ASN A 695 -18.81 27.62 39.36
N VAL A 696 -18.27 26.72 40.18
CA VAL A 696 -18.39 26.78 41.63
C VAL A 696 -17.02 26.47 42.23
N LEU A 697 -16.88 26.74 43.52
CA LEU A 697 -15.65 26.44 44.24
C LEU A 697 -15.74 25.22 45.14
N GLU A 698 -16.88 24.53 45.18
CA GLU A 698 -17.00 23.34 46.00
C GLU A 698 -17.93 22.34 45.32
N SER A 699 -17.66 21.06 45.57
CA SER A 699 -18.44 19.99 44.94
C SER A 699 -19.84 19.92 45.52
N GLN A 700 -19.96 20.01 46.85
CA GLN A 700 -21.27 20.01 47.47
C GLN A 700 -22.13 21.18 46.98
N ALA A 701 -21.55 22.37 46.85
CA ALA A 701 -22.30 23.50 46.32
C ALA A 701 -22.84 23.18 44.92
N GLY A 702 -22.02 22.53 44.09
CA GLY A 702 -22.51 22.05 42.81
C GLY A 702 -23.68 21.08 42.93
N ILE A 703 -23.56 20.12 43.85
CA ILE A 703 -24.60 19.10 44.00
C ILE A 703 -25.92 19.74 44.39
N GLN A 704 -25.91 20.64 45.37
CA GLN A 704 -27.14 21.36 45.73
C GLN A 704 -27.64 22.23 44.58
N LYS A 705 -26.74 22.90 43.86
CA LYS A 705 -27.15 23.70 42.71
C LYS A 705 -27.88 22.85 41.68
N VAL A 706 -27.42 21.62 41.48
CA VAL A 706 -28.12 20.68 40.60
C VAL A 706 -29.48 20.32 41.19
N LYS A 707 -29.51 19.93 42.47
CA LYS A 707 -30.73 19.36 43.03
C LYS A 707 -31.87 20.36 43.05
N TYR A 708 -31.59 21.62 43.31
CA TYR A 708 -32.61 22.64 43.48
C TYR A 708 -32.57 23.71 42.40
N GLY A 709 -31.88 23.44 41.29
CA GLY A 709 -31.82 24.40 40.21
C GLY A 709 -31.69 23.72 38.87
N ASN A 710 -31.75 24.54 37.82
CA ASN A 710 -31.48 24.10 36.44
C ASN A 710 -29.99 24.20 36.19
N TYR A 711 -29.27 23.12 36.49
CA TYR A 711 -27.83 23.11 36.32
C TYR A 711 -27.36 21.68 36.13
N ALA A 712 -26.18 21.53 35.51
CA ALA A 712 -25.52 20.25 35.37
C ALA A 712 -24.09 20.35 35.86
N PHE A 713 -23.65 19.32 36.59
CA PHE A 713 -22.35 19.33 37.27
C PHE A 713 -21.47 18.23 36.69
N VAL A 714 -20.27 18.60 36.28
CA VAL A 714 -19.33 17.70 35.61
C VAL A 714 -18.16 17.43 36.55
N TRP A 715 -17.98 16.18 36.95
CA TRP A 715 -17.05 15.85 38.01
C TRP A 715 -16.72 14.36 37.96
N ASP A 716 -15.72 13.97 38.75
CA ASP A 716 -15.19 12.61 38.72
C ASP A 716 -16.27 11.58 38.99
N ALA A 717 -16.32 10.57 38.11
CA ALA A 717 -17.46 9.65 38.09
C ALA A 717 -17.59 8.84 39.37
N ALA A 718 -16.46 8.50 40.02
CA ALA A 718 -16.53 7.72 41.24
C ALA A 718 -17.14 8.50 42.40
N VAL A 719 -17.05 9.82 42.39
CA VAL A 719 -17.78 10.63 43.37
C VAL A 719 -19.27 10.63 43.06
N LEU A 720 -19.61 10.81 41.78
CA LEU A 720 -21.00 10.94 41.39
C LEU A 720 -21.77 9.63 41.58
N GLU A 721 -21.15 8.48 41.35
CA GLU A 721 -21.82 7.22 41.65
C GLU A 721 -22.15 7.09 43.12
N TYR A 722 -21.24 7.51 44.00
CA TYR A 722 -21.49 7.45 45.43
C TYR A 722 -22.65 8.36 45.81
N VAL A 723 -22.63 9.59 45.30
CA VAL A 723 -23.73 10.53 45.56
C VAL A 723 -25.05 9.98 45.05
N ALA A 724 -25.05 9.44 43.83
CA ALA A 724 -26.27 8.88 43.25
C ALA A 724 -26.80 7.69 44.05
N ILE A 725 -25.92 6.91 44.67
CA ILE A 725 -26.41 5.83 45.53
C ILE A 725 -26.97 6.38 46.83
N ASN A 726 -26.29 7.33 47.45
CA ASN A 726 -26.67 7.75 48.80
C ASN A 726 -27.88 8.67 48.84
N ASP A 727 -28.23 9.31 47.73
CA ASP A 727 -29.38 10.19 47.71
C ASP A 727 -30.64 9.43 48.11
N PRO A 728 -31.29 9.80 49.22
CA PRO A 728 -32.52 9.09 49.62
C PRO A 728 -33.69 9.29 48.69
N ASP A 729 -33.65 10.28 47.81
CA ASP A 729 -34.69 10.46 46.80
C ASP A 729 -34.45 9.66 45.53
N CYS A 730 -33.25 9.14 45.31
CA CYS A 730 -32.87 8.56 44.02
C CYS A 730 -33.20 9.52 42.87
N SER A 731 -33.02 10.81 43.11
CA SER A 731 -33.46 11.81 42.15
C SER A 731 -32.42 12.07 41.06
N PHE A 732 -31.34 11.30 41.02
CA PHE A 732 -30.28 11.49 40.04
C PHE A 732 -30.18 10.29 39.11
N TYR A 733 -29.53 10.53 37.96
CA TYR A 733 -28.95 9.46 37.15
C TYR A 733 -27.61 9.96 36.62
N THR A 734 -26.78 9.02 36.14
CA THR A 734 -25.46 9.38 35.63
C THR A 734 -25.08 8.52 34.43
N ILE A 735 -24.35 9.15 33.50
CA ILE A 735 -23.97 8.53 32.23
C ILE A 735 -22.73 7.66 32.43
N GLY A 736 -22.65 6.57 31.68
CA GLY A 736 -21.55 5.63 31.76
C GLY A 736 -20.26 5.93 31.02
N ASN A 737 -19.88 7.21 30.90
CA ASN A 737 -18.68 7.55 30.13
C ASN A 737 -17.44 6.96 30.77
N THR A 738 -16.53 6.45 29.92
CA THR A 738 -15.40 5.64 30.37
C THR A 738 -14.12 6.06 29.64
N VAL A 739 -13.91 7.38 29.50
CA VAL A 739 -12.65 7.89 28.96
C VAL A 739 -11.61 7.98 30.07
N ALA A 740 -11.09 6.83 30.50
CA ALA A 740 -10.30 6.80 31.73
C ALA A 740 -8.86 7.26 31.52
N ASP A 741 -8.02 6.34 31.03
CA ASP A 741 -6.60 6.58 30.78
C ASP A 741 -5.83 6.95 32.04
N ARG A 742 -6.07 8.15 32.57
CA ARG A 742 -5.34 8.63 33.73
C ARG A 742 -5.72 7.86 34.99
N GLY A 743 -4.95 8.08 36.05
CA GLY A 743 -5.20 7.44 37.33
C GLY A 743 -5.01 8.40 38.48
N TYR A 744 -5.64 8.07 39.60
CA TYR A 744 -5.37 8.76 40.85
C TYR A 744 -4.08 8.26 41.47
N GLY A 745 -3.36 9.16 42.15
CA GLY A 745 -2.07 8.80 42.69
C GLY A 745 -1.73 9.50 43.99
N ILE A 746 -0.68 9.02 44.63
CA ILE A 746 -0.07 9.63 45.80
C ILE A 746 1.18 10.39 45.37
N ALA A 747 1.33 11.61 45.86
CA ALA A 747 2.33 12.53 45.34
C ALA A 747 3.36 12.84 46.42
N LEU A 748 4.60 13.07 45.99
CA LEU A 748 5.73 13.20 46.90
C LEU A 748 6.62 14.34 46.46
N GLN A 749 7.41 14.85 47.41
CA GLN A 749 8.52 15.74 47.08
C GLN A 749 9.57 15.02 46.23
N HIS A 750 10.22 15.80 45.36
CA HIS A 750 11.39 15.29 44.65
C HIS A 750 12.46 14.83 45.63
N GLY A 751 13.13 13.73 45.27
CA GLY A 751 14.18 13.17 46.10
C GLY A 751 13.70 12.40 47.30
N SER A 752 12.40 12.23 47.48
CA SER A 752 11.90 11.31 48.50
C SER A 752 12.28 9.89 48.13
N PRO A 753 12.94 9.15 49.02
CA PRO A 753 13.35 7.78 48.69
C PRO A 753 12.18 6.82 48.81
N TYR A 754 11.18 7.19 49.61
CA TYR A 754 10.08 6.30 49.94
C TYR A 754 9.17 6.02 48.75
N ARG A 755 9.22 6.85 47.70
CA ARG A 755 8.40 6.67 46.50
C ARG A 755 8.45 5.23 46.01
N ASP A 756 9.65 4.63 45.94
CA ASP A 756 9.76 3.28 45.42
C ASP A 756 9.13 2.27 46.37
N VAL A 757 9.30 2.46 47.67
CA VAL A 757 8.69 1.56 48.66
C VAL A 757 7.17 1.62 48.53
N PHE A 758 6.63 2.83 48.41
CA PHE A 758 5.19 3.00 48.21
C PHE A 758 4.71 2.29 46.96
N SER A 759 5.39 2.52 45.83
CA SER A 759 4.95 1.90 44.58
C SER A 759 5.02 0.37 44.65
N GLN A 760 6.09 -0.15 45.26
CA GLN A 760 6.21 -1.58 45.49
C GLN A 760 5.05 -2.12 46.30
N ARG A 761 4.76 -1.50 47.45
CA ARG A 761 3.69 -2.02 48.30
C ARG A 761 2.32 -1.87 47.65
N ILE A 762 2.10 -0.80 46.89
CA ILE A 762 0.85 -0.65 46.16
C ILE A 762 0.68 -1.77 45.13
N LEU A 763 1.74 -2.07 44.38
CA LEU A 763 1.66 -3.17 43.42
C LEU A 763 1.42 -4.51 44.12
N GLU A 764 2.06 -4.72 45.26
CA GLU A 764 1.81 -5.93 46.04
C GLU A 764 0.35 -6.02 46.47
N LEU A 765 -0.20 -4.93 47.01
CA LEU A 765 -1.59 -4.93 47.44
C LEU A 765 -2.53 -5.17 46.28
N GLN A 766 -2.20 -4.63 45.09
CA GLN A 766 -3.02 -4.89 43.92
C GLN A 766 -2.98 -6.37 43.53
N GLN A 767 -1.80 -6.98 43.57
CA GLN A 767 -1.73 -8.41 43.29
C GLN A 767 -2.39 -9.24 44.38
N ASN A 768 -2.21 -8.86 45.65
CA ASN A 768 -2.66 -9.69 46.76
C ASN A 768 -4.17 -9.65 46.99
N GLY A 769 -4.92 -8.87 46.21
CA GLY A 769 -6.36 -8.86 46.31
C GLY A 769 -6.93 -7.98 47.39
N ASP A 770 -6.12 -7.60 48.38
CA ASP A 770 -6.60 -6.72 49.46
C ASP A 770 -7.21 -5.44 48.90
N MET A 771 -6.60 -4.89 47.84
CA MET A 771 -7.12 -3.67 47.23
C MET A 771 -8.57 -3.84 46.76
N ASP A 772 -8.94 -5.05 46.33
CA ASP A 772 -10.30 -5.29 45.88
C ASP A 772 -11.30 -5.24 47.04
N ILE A 773 -10.87 -5.60 48.24
CA ILE A 773 -11.76 -5.54 49.41
C ILE A 773 -12.08 -4.10 49.77
N LEU A 774 -11.05 -3.27 49.92
CA LEU A 774 -11.27 -1.85 50.20
C LEU A 774 -12.08 -1.19 49.10
N LYS A 775 -11.88 -1.60 47.85
CA LYS A 775 -12.68 -1.06 46.75
C LYS A 775 -14.15 -1.41 46.91
N HIS A 776 -14.45 -2.69 47.11
CA HIS A 776 -15.85 -3.10 47.26
C HIS A 776 -16.51 -2.43 48.45
N LYS A 777 -15.75 -2.28 49.55
CA LYS A 777 -16.28 -1.72 50.79
C LYS A 777 -17.02 -0.40 50.59
N TRP A 778 -16.45 0.49 49.76
CA TRP A 778 -17.02 1.83 49.62
C TRP A 778 -17.89 2.02 48.38
N TRP A 779 -17.82 1.14 47.39
CA TRP A 779 -18.74 1.12 46.25
C TRP A 779 -19.49 -0.20 46.18
N PRO A 780 -20.32 -0.51 47.17
CA PRO A 780 -21.11 -1.75 47.13
C PRO A 780 -22.17 -1.71 46.03
N LYS A 781 -22.25 -2.82 45.28
CA LYS A 781 -23.05 -2.85 44.06
C LYS A 781 -24.54 -2.62 44.37
N ASN A 782 -25.03 -3.19 45.46
CA ASN A 782 -26.46 -3.38 45.68
C ASN A 782 -27.11 -2.12 46.27
N GLY A 783 -27.01 -1.03 45.52
CA GLY A 783 -27.53 0.24 45.97
C GLY A 783 -29.05 0.27 45.95
N GLN A 784 -29.59 1.40 46.43
CA GLN A 784 -31.04 1.56 46.55
C GLN A 784 -31.74 1.41 45.20
N CYS A 785 -31.21 2.06 44.17
CA CYS A 785 -31.89 2.13 42.89
C CYS A 785 -30.91 2.05 41.73
N ASP A 786 -31.46 1.78 40.55
CA ASP A 786 -30.67 1.76 39.31
C ASP A 786 -30.14 3.15 38.99
N LEU A 787 -28.80 3.27 38.98
CA LEU A 787 -28.13 4.54 38.74
C LEU A 787 -28.12 4.94 37.27
N TYR A 788 -28.47 4.02 36.36
CA TYR A 788 -28.18 4.18 34.95
C TYR A 788 -29.41 4.29 34.06
N SER A 789 -30.52 3.65 34.41
CA SER A 789 -31.69 3.74 33.55
C SER A 789 -32.29 5.14 33.62
N SER A 790 -32.49 5.74 32.44
CA SER A 790 -33.26 6.96 32.29
C SER A 790 -34.60 6.74 31.60
N VAL A 791 -35.03 5.47 31.45
CA VAL A 791 -36.27 5.19 30.72
C VAL A 791 -37.43 5.96 31.33
N ASP A 792 -37.51 5.98 32.67
CA ASP A 792 -37.93 7.13 33.48
C ASP A 792 -38.79 8.11 32.71
N THR A 793 -40.06 7.77 32.47
CA THR A 793 -40.95 8.61 31.69
C THR A 793 -42.18 8.96 32.51
N LYS A 794 -42.67 10.19 32.31
CA LYS A 794 -43.83 10.72 33.01
C LYS A 794 -45.11 10.60 32.18
N GLN A 795 -45.13 11.18 30.99
CA GLN A 795 -46.28 11.09 30.11
C GLN A 795 -46.21 9.79 29.32
N LYS A 796 -47.23 8.96 29.46
CA LYS A 796 -47.29 7.67 28.78
C LYS A 796 -48.59 7.56 27.99
N GLY A 797 -49.71 7.88 28.63
CA GLY A 797 -51.00 7.83 27.98
C GLY A 797 -51.23 8.90 26.93
N GLY A 798 -50.28 9.80 26.72
CA GLY A 798 -50.42 10.86 25.75
C GLY A 798 -51.63 11.76 25.93
N ALA A 799 -52.31 11.65 27.06
CA ALA A 799 -53.55 12.40 27.26
C ALA A 799 -53.26 13.84 27.65
N LEU A 800 -54.10 14.74 27.15
CA LEU A 800 -54.21 16.08 27.71
C LEU A 800 -54.96 16.06 29.02
N ASP A 801 -54.59 16.99 29.92
CA ASP A 801 -55.13 16.98 31.27
C ASP A 801 -55.29 18.41 31.77
N ILE A 802 -55.95 18.53 32.93
CA ILE A 802 -56.30 19.80 33.55
C ILE A 802 -55.08 20.62 33.97
N LYS A 803 -53.88 20.08 33.77
CA LYS A 803 -52.67 20.89 33.91
C LYS A 803 -52.14 21.41 32.58
N SER A 804 -51.94 20.51 31.60
CA SER A 804 -51.24 20.91 30.38
C SER A 804 -52.10 21.82 29.51
N PHE A 805 -53.39 21.51 29.40
CA PHE A 805 -54.30 22.32 28.57
C PHE A 805 -54.72 23.63 29.24
N ALA A 806 -54.66 23.70 30.57
CA ALA A 806 -55.51 24.63 31.33
C ALA A 806 -55.19 26.10 31.04
N GLY A 807 -54.00 26.40 30.51
CA GLY A 807 -53.68 27.78 30.16
C GLY A 807 -54.66 28.42 29.21
N VAL A 808 -55.32 27.62 28.36
CA VAL A 808 -56.32 28.14 27.44
C VAL A 808 -57.49 28.79 28.19
N PHE A 809 -57.81 28.29 29.38
CA PHE A 809 -58.95 28.83 30.13
C PHE A 809 -58.75 30.29 30.52
N CYS A 810 -57.51 30.77 30.60
CA CYS A 810 -57.28 32.19 30.83
C CYS A 810 -57.69 33.06 29.65
N ILE A 811 -57.77 32.49 28.45
CA ILE A 811 -58.30 33.25 27.31
C ILE A 811 -59.79 33.48 27.46
N LEU A 812 -60.52 32.49 27.98
CA LEU A 812 -61.92 32.68 28.32
C LEU A 812 -62.09 33.68 29.47
N ALA A 813 -61.30 33.53 30.54
CA ALA A 813 -61.44 34.39 31.70
C ALA A 813 -61.24 35.86 31.34
N ALA A 814 -60.27 36.15 30.47
CA ALA A 814 -60.07 37.53 30.04
C ALA A 814 -61.33 38.10 29.37
N GLY A 815 -61.99 37.31 28.55
CA GLY A 815 -63.23 37.75 27.94
C GLY A 815 -64.33 37.95 28.94
N ILE A 816 -64.44 37.03 29.91
CA ILE A 816 -65.46 37.16 30.95
C ILE A 816 -65.27 38.46 31.72
N VAL A 817 -64.03 38.72 32.15
CA VAL A 817 -63.74 39.91 32.94
C VAL A 817 -64.01 41.16 32.11
N LEU A 818 -63.52 41.20 30.88
CA LEU A 818 -63.68 42.40 30.05
C LEU A 818 -65.15 42.66 29.74
N SER A 819 -65.94 41.61 29.52
CA SER A 819 -67.36 41.79 29.26
C SER A 819 -68.08 42.28 30.52
N CYS A 820 -67.71 41.78 31.69
CA CYS A 820 -68.28 42.30 32.93
C CYS A 820 -67.96 43.79 33.10
N PHE A 821 -66.68 44.15 32.90
CA PHE A 821 -66.25 45.53 33.03
C PHE A 821 -67.00 46.44 32.07
N ILE A 822 -67.14 46.04 30.81
CA ILE A 822 -67.82 46.88 29.82
C ILE A 822 -69.31 47.02 30.15
N ALA A 823 -69.95 45.94 30.59
CA ALA A 823 -71.38 46.00 30.88
C ALA A 823 -71.68 46.99 32.01
N MET A 824 -70.82 47.07 33.02
CA MET A 824 -71.04 47.98 34.13
C MET A 824 -70.99 49.44 33.73
N LEU A 825 -70.45 49.77 32.56
CA LEU A 825 -70.44 51.15 32.07
C LEU A 825 -71.82 51.66 31.68
N GLU A 826 -72.87 50.82 31.73
CA GLU A 826 -74.24 51.32 31.71
C GLU A 826 -74.48 52.34 32.82
N THR A 827 -74.09 52.00 34.05
CA THR A 827 -74.32 52.89 35.19
C THR A 827 -73.50 54.17 35.10
N TRP A 828 -72.39 54.16 34.37
CA TRP A 828 -71.61 55.38 34.16
C TRP A 828 -72.26 56.29 33.12
N TRP A 829 -72.65 55.73 31.98
CA TRP A 829 -73.14 56.57 30.88
C TRP A 829 -74.60 56.98 31.06
N ASN A 830 -75.44 56.09 31.59
CA ASN A 830 -76.88 56.35 31.63
C ASN A 830 -77.27 57.45 32.61
N LYS A 831 -76.31 58.08 33.29
CA LYS A 831 -76.62 59.28 34.05
C LYS A 831 -76.96 60.46 33.14
N ARG A 832 -76.35 60.53 31.95
CA ARG A 832 -76.50 61.70 31.10
C ARG A 832 -76.44 61.32 29.61
N LYS A 833 -76.90 60.12 29.27
CA LYS A 833 -76.84 59.64 27.89
C LYS A 833 -77.86 60.34 26.99
N GLY A 834 -78.76 61.13 27.56
CA GLY A 834 -79.81 61.82 26.83
C GLY A 834 -81.07 61.00 26.63
N SER A 835 -80.92 59.71 26.35
CA SER A 835 -81.99 58.75 26.56
C SER A 835 -81.36 57.42 26.96
N ARG A 836 -82.06 56.66 27.78
CA ARG A 836 -81.55 55.39 28.27
C ARG A 836 -81.79 54.27 27.26
N ILE B 1 28.45 -46.89 -22.18
CA ILE B 1 27.78 -46.23 -21.08
C ILE B 1 28.58 -46.41 -19.80
N HIS B 2 29.00 -45.30 -19.18
CA HIS B 2 29.68 -45.32 -17.90
C HIS B 2 28.87 -44.56 -16.87
N ILE B 3 28.72 -45.16 -15.69
CA ILE B 3 27.92 -44.60 -14.60
C ILE B 3 28.77 -44.60 -13.34
N GLY B 4 28.67 -43.52 -12.56
CA GLY B 4 29.43 -43.38 -11.33
C GLY B 4 28.51 -43.46 -10.12
N ALA B 5 29.03 -43.98 -9.02
CA ALA B 5 28.30 -44.00 -7.76
C ALA B 5 29.25 -43.80 -6.59
N ILE B 6 28.72 -43.20 -5.52
CA ILE B 6 29.47 -42.91 -4.31
C ILE B 6 28.63 -43.33 -3.12
N PHE B 7 29.25 -44.02 -2.16
CA PHE B 7 28.55 -44.59 -1.02
C PHE B 7 29.28 -44.27 0.27
N ASP B 8 28.52 -44.24 1.36
CA ASP B 8 29.09 -44.20 2.70
C ASP B 8 29.83 -45.48 2.99
N GLU B 9 30.91 -45.38 3.78
CA GLU B 9 31.73 -46.53 4.15
C GLU B 9 30.90 -47.72 4.61
N SER B 10 29.77 -47.48 5.27
CA SER B 10 28.95 -48.56 5.82
C SER B 10 27.99 -49.18 4.81
N ALA B 11 27.81 -48.55 3.64
CA ALA B 11 26.66 -48.83 2.77
C ALA B 11 26.83 -50.09 1.92
N LYS B 12 27.74 -51.00 2.27
CA LYS B 12 28.21 -52.01 1.33
C LYS B 12 27.08 -52.87 0.77
N LYS B 13 25.97 -53.03 1.51
CA LYS B 13 24.82 -53.72 0.94
C LYS B 13 24.25 -52.98 -0.25
N ASP B 14 24.30 -51.64 -0.23
CA ASP B 14 23.88 -50.87 -1.40
C ASP B 14 24.75 -51.20 -2.60
N ASP B 15 26.06 -51.31 -2.39
CA ASP B 15 26.97 -51.67 -3.48
C ASP B 15 26.66 -53.06 -4.03
N GLU B 16 26.46 -54.03 -3.13
CA GLU B 16 26.13 -55.39 -3.58
C GLU B 16 24.85 -55.41 -4.40
N VAL B 17 23.81 -54.71 -3.96
CA VAL B 17 22.57 -54.65 -4.72
C VAL B 17 22.77 -53.92 -6.04
N PHE B 18 23.57 -52.86 -6.03
CA PHE B 18 23.87 -52.12 -7.25
C PHE B 18 24.53 -53.01 -8.29
N ARG B 19 25.55 -53.78 -7.88
CA ARG B 19 26.19 -54.71 -8.80
C ARG B 19 25.25 -55.84 -9.25
N THR B 20 24.37 -56.30 -8.37
CA THR B 20 23.40 -57.31 -8.79
C THR B 20 22.46 -56.78 -9.86
N ALA B 21 21.96 -55.55 -9.66
CA ALA B 21 21.10 -54.91 -10.65
C ALA B 21 21.83 -54.72 -11.98
N VAL B 22 23.08 -54.24 -11.93
CA VAL B 22 23.85 -54.08 -13.15
C VAL B 22 24.03 -55.42 -13.86
N GLY B 23 24.31 -56.48 -13.11
CA GLY B 23 24.43 -57.81 -13.71
C GLY B 23 23.17 -58.26 -14.40
N ASP B 24 22.03 -58.16 -13.70
CA ASP B 24 20.78 -58.62 -14.26
C ASP B 24 20.37 -57.79 -15.48
N LEU B 25 20.65 -56.49 -15.48
CA LEU B 25 20.38 -55.68 -16.67
C LEU B 25 21.32 -56.04 -17.81
N ASN B 26 22.57 -56.37 -17.51
CA ASN B 26 23.49 -56.88 -18.52
C ASN B 26 23.16 -58.29 -18.99
N GLN B 27 22.23 -58.98 -18.34
CA GLN B 27 21.71 -60.22 -18.93
C GLN B 27 20.47 -59.99 -19.78
N ASN B 28 19.60 -59.06 -19.37
CA ASN B 28 18.40 -58.74 -20.14
C ASN B 28 18.77 -57.85 -21.34
N GLU B 29 19.39 -58.50 -22.33
CA GLU B 29 19.87 -57.82 -23.53
C GLU B 29 18.75 -57.24 -24.39
N GLU B 30 17.49 -57.40 -23.99
CA GLU B 30 16.39 -56.74 -24.69
C GLU B 30 16.45 -55.23 -24.53
N ILE B 31 17.18 -54.73 -23.54
CA ILE B 31 17.24 -53.30 -23.22
C ILE B 31 18.71 -52.90 -23.10
N LEU B 32 19.04 -51.74 -23.67
CA LEU B 32 20.42 -51.37 -23.98
C LEU B 32 21.09 -52.43 -24.84
N GLN B 33 20.40 -52.82 -25.91
CA GLN B 33 20.84 -53.92 -26.76
C GLN B 33 22.25 -53.76 -27.30
N THR B 34 22.68 -52.53 -27.54
CA THR B 34 24.00 -52.27 -28.12
C THR B 34 25.12 -52.16 -27.09
N GLU B 35 24.79 -52.12 -25.81
CA GLU B 35 25.76 -51.75 -24.78
C GLU B 35 25.77 -52.81 -23.68
N LYS B 36 26.89 -52.86 -22.96
CA LYS B 36 26.92 -53.43 -21.62
C LYS B 36 27.49 -52.39 -20.66
N ILE B 37 26.76 -52.13 -19.58
CA ILE B 37 27.02 -50.97 -18.74
C ILE B 37 28.35 -51.14 -18.03
N THR B 38 29.07 -50.04 -17.87
CA THR B 38 30.30 -50.01 -17.08
C THR B 38 30.13 -49.01 -15.95
N PHE B 39 30.72 -49.34 -14.79
CA PHE B 39 30.47 -48.58 -13.59
C PHE B 39 31.75 -48.43 -12.79
N SER B 40 31.74 -47.42 -11.90
CA SER B 40 32.81 -47.20 -10.94
C SER B 40 32.19 -46.88 -9.59
N VAL B 41 32.81 -47.38 -8.52
CA VAL B 41 32.30 -47.22 -7.17
C VAL B 41 33.45 -46.74 -6.28
N THR B 42 33.15 -45.88 -5.32
CA THR B 42 34.13 -45.44 -4.35
C THR B 42 33.43 -45.17 -3.02
N PHE B 43 34.13 -45.47 -1.93
CA PHE B 43 33.61 -45.28 -0.58
C PHE B 43 34.32 -44.11 0.08
N VAL B 44 33.54 -43.26 0.76
CA VAL B 44 34.05 -42.05 1.39
C VAL B 44 33.46 -41.91 2.78
N ASP B 45 34.18 -41.18 3.63
CA ASP B 45 33.66 -40.81 4.95
C ASP B 45 32.65 -39.68 4.78
N GLY B 46 31.40 -39.95 5.12
CA GLY B 46 30.34 -38.95 5.05
C GLY B 46 30.53 -37.74 5.93
N ASN B 47 31.45 -37.80 6.89
CA ASN B 47 31.76 -36.65 7.75
C ASN B 47 32.88 -35.77 7.22
N ASN B 48 33.32 -35.99 5.98
CA ASN B 48 34.46 -35.28 5.40
C ASN B 48 34.05 -34.71 4.05
N PRO B 49 33.21 -33.66 4.04
CA PRO B 49 32.49 -33.30 2.82
C PRO B 49 33.39 -32.76 1.71
N PHE B 50 34.63 -32.40 2.02
CA PHE B 50 35.58 -32.06 0.96
C PHE B 50 36.00 -33.31 0.19
N GLN B 51 36.27 -34.40 0.90
CA GLN B 51 36.61 -35.66 0.25
C GLN B 51 35.49 -36.14 -0.67
N ALA B 52 34.24 -35.95 -0.26
CA ALA B 52 33.09 -36.30 -1.10
C ALA B 52 32.97 -35.48 -2.37
N VAL B 53 33.79 -34.45 -2.53
CA VAL B 53 33.97 -33.78 -3.81
C VAL B 53 35.27 -34.20 -4.49
N GLN B 54 36.33 -34.37 -3.71
CA GLN B 54 37.63 -34.75 -4.25
C GLN B 54 37.55 -36.07 -5.01
N GLU B 55 36.83 -37.05 -4.44
CA GLU B 55 36.67 -38.33 -5.14
C GLU B 55 35.69 -38.25 -6.31
N ALA B 56 34.73 -37.33 -6.26
CA ALA B 56 33.74 -37.25 -7.34
C ALA B 56 34.32 -36.57 -8.57
N CYS B 57 35.19 -35.58 -8.36
CA CYS B 57 35.83 -34.91 -9.48
C CYS B 57 36.65 -35.87 -10.33
N GLU B 58 37.25 -36.91 -9.74
CA GLU B 58 37.98 -37.87 -10.57
C GLU B 58 37.06 -38.74 -11.43
N LEU B 59 35.80 -38.91 -11.02
CA LEU B 59 34.84 -39.56 -11.89
C LEU B 59 34.35 -38.63 -12.98
N MET B 60 34.13 -37.36 -12.66
CA MET B 60 33.81 -36.40 -13.71
C MET B 60 34.97 -36.21 -14.66
N ASN B 61 36.20 -36.39 -14.18
CA ASN B 61 37.38 -36.41 -15.05
C ASN B 61 37.37 -37.60 -15.99
N GLN B 62 37.02 -38.79 -15.47
CA GLN B 62 36.91 -39.95 -16.34
C GLN B 62 35.64 -39.92 -17.18
N GLY B 63 34.62 -39.16 -16.75
CA GLY B 63 33.41 -38.99 -17.52
C GLY B 63 32.34 -40.01 -17.20
N ILE B 64 31.12 -39.53 -16.95
CA ILE B 64 30.00 -40.39 -16.58
C ILE B 64 28.73 -39.78 -17.17
N LEU B 65 27.76 -40.65 -17.45
CA LEU B 65 26.46 -40.17 -17.90
C LEU B 65 25.55 -39.77 -16.75
N ALA B 66 25.74 -40.34 -15.57
CA ALA B 66 24.96 -39.97 -14.40
C ALA B 66 25.71 -40.40 -13.14
N LEU B 67 25.33 -39.81 -12.02
CA LEU B 67 25.91 -40.13 -10.73
C LEU B 67 24.83 -40.57 -9.76
N VAL B 68 25.14 -41.57 -8.95
CA VAL B 68 24.25 -42.08 -7.91
C VAL B 68 24.96 -41.91 -6.57
N SER B 69 24.21 -41.52 -5.54
CA SER B 69 24.82 -41.28 -4.24
C SER B 69 23.94 -41.87 -3.14
N SER B 70 24.58 -42.30 -2.07
CA SER B 70 23.90 -42.77 -0.86
C SER B 70 24.70 -42.27 0.33
N ILE B 71 24.26 -41.15 0.91
CA ILE B 71 25.06 -40.43 1.89
C ILE B 71 24.12 -39.58 2.73
N GLY B 72 24.56 -39.23 3.94
CA GLY B 72 23.75 -38.41 4.83
C GLY B 72 23.78 -36.94 4.50
N CYS B 73 22.87 -36.20 5.14
CA CYS B 73 22.73 -34.77 4.88
C CYS B 73 24.02 -34.00 5.19
N THR B 74 24.90 -34.58 6.00
CA THR B 74 26.15 -33.91 6.39
C THR B 74 27.03 -33.59 5.20
N SER B 75 26.91 -34.35 4.10
CA SER B 75 27.69 -34.09 2.91
C SER B 75 26.88 -33.82 1.65
N ALA B 76 25.59 -34.16 1.63
CA ALA B 76 24.80 -34.07 0.41
C ALA B 76 24.72 -32.65 -0.12
N GLY B 77 24.86 -31.65 0.75
CA GLY B 77 24.75 -30.27 0.30
C GLY B 77 25.82 -29.86 -0.70
N SER B 78 27.03 -30.40 -0.57
CA SER B 78 28.08 -30.11 -1.54
C SER B 78 27.71 -30.62 -2.93
N LEU B 79 27.21 -31.86 -3.00
CA LEU B 79 26.97 -32.50 -4.29
C LEU B 79 25.89 -31.78 -5.09
N GLN B 80 24.82 -31.32 -4.43
CA GLN B 80 23.80 -30.55 -5.12
C GLN B 80 24.38 -29.29 -5.73
N SER B 81 25.24 -28.59 -4.99
CA SER B 81 25.86 -27.37 -5.48
C SER B 81 26.91 -27.65 -6.55
N LEU B 82 27.43 -28.87 -6.60
CA LEU B 82 28.36 -29.27 -7.66
C LEU B 82 27.63 -29.60 -8.95
N ALA B 83 26.59 -30.43 -8.88
CA ALA B 83 25.92 -30.89 -10.09
C ALA B 83 25.35 -29.71 -10.89
N ASP B 84 24.74 -28.74 -10.20
CA ASP B 84 24.21 -27.58 -10.90
C ASP B 84 25.29 -26.75 -11.58
N ALA B 85 26.56 -26.92 -11.20
CA ALA B 85 27.66 -26.25 -11.88
C ALA B 85 28.19 -27.01 -13.09
N MET B 86 27.78 -28.27 -13.26
CA MET B 86 28.34 -29.15 -14.27
C MET B 86 27.28 -29.86 -15.09
N HIS B 87 26.00 -29.71 -14.72
CA HIS B 87 24.85 -30.27 -15.42
C HIS B 87 24.81 -31.79 -15.41
N ILE B 88 25.66 -32.43 -14.61
CA ILE B 88 25.58 -33.89 -14.45
C ILE B 88 24.25 -34.24 -13.80
N PRO B 89 23.45 -35.14 -14.37
CA PRO B 89 22.28 -35.67 -13.66
C PRO B 89 22.68 -36.37 -12.37
N HIS B 90 22.10 -35.93 -11.26
CA HIS B 90 22.38 -36.47 -9.94
C HIS B 90 21.11 -37.04 -9.33
N LEU B 91 21.17 -38.29 -8.91
CA LEU B 91 20.10 -38.94 -8.15
C LEU B 91 20.58 -39.20 -6.73
N PHE B 92 19.76 -38.82 -5.75
CA PHE B 92 20.15 -38.82 -4.35
C PHE B 92 19.24 -39.78 -3.58
N ILE B 93 19.86 -40.71 -2.86
CA ILE B 93 19.17 -41.50 -1.84
C ILE B 93 19.71 -41.07 -0.47
N GLN B 94 18.83 -40.52 0.36
CA GLN B 94 19.21 -40.12 1.71
C GLN B 94 19.29 -41.34 2.63
N ARG B 95 20.46 -41.55 3.22
CA ARG B 95 20.62 -42.54 4.28
C ARG B 95 20.34 -41.87 5.63
N SER B 96 20.43 -42.64 6.71
CA SER B 96 20.28 -42.11 8.06
C SER B 96 21.15 -42.91 9.01
N THR B 97 21.56 -42.27 10.10
CA THR B 97 22.50 -42.88 11.04
C THR B 97 21.82 -43.96 11.88
N ALA B 98 22.41 -45.16 11.85
CA ALA B 98 22.05 -46.26 12.75
C ALA B 98 20.55 -46.54 12.82
N GLY B 99 19.83 -46.29 11.73
CA GLY B 99 18.41 -46.54 11.71
C GLY B 99 17.55 -45.62 12.56
N THR B 100 18.10 -44.49 13.02
CA THR B 100 17.28 -43.48 13.66
C THR B 100 16.28 -42.93 12.64
N PRO B 101 15.14 -42.41 13.09
CA PRO B 101 14.14 -41.91 12.14
C PRO B 101 14.70 -40.81 11.26
N ARG B 102 14.29 -40.82 9.99
CA ARG B 102 14.81 -39.89 8.99
C ARG B 102 14.23 -38.50 9.17
N SER B 103 15.09 -37.49 9.05
CA SER B 103 14.72 -36.09 9.18
C SER B 103 15.07 -35.34 7.90
N GLY B 104 14.27 -34.33 7.58
CA GLY B 104 14.52 -33.51 6.41
C GLY B 104 15.82 -32.74 6.56
N CYS B 105 16.66 -32.78 5.51
CA CYS B 105 17.94 -32.08 5.58
C CYS B 105 17.78 -30.57 5.67
N GLY B 106 16.67 -30.02 5.17
CA GLY B 106 16.36 -28.61 5.36
C GLY B 106 17.22 -27.65 4.58
N LEU B 107 18.02 -28.13 3.63
CA LEU B 107 18.83 -27.26 2.80
C LEU B 107 17.99 -26.45 1.83
N THR B 108 18.48 -25.25 1.50
CA THR B 108 17.82 -24.33 0.58
C THR B 108 18.84 -23.82 -0.44
N ARG B 109 19.19 -24.68 -1.40
CA ARG B 109 20.21 -24.34 -2.38
C ARG B 109 19.83 -23.08 -3.17
N SER B 110 20.80 -22.20 -3.37
CA SER B 110 20.50 -20.84 -3.83
C SER B 110 19.82 -20.87 -5.19
N ASN B 111 18.71 -20.12 -5.29
CA ASN B 111 17.78 -20.21 -6.42
C ASN B 111 18.29 -19.53 -7.69
N ARG B 112 19.58 -19.25 -7.81
CA ARG B 112 20.12 -18.59 -8.99
C ARG B 112 20.41 -19.55 -10.14
N ASN B 113 20.04 -20.82 -10.02
CA ASN B 113 20.47 -21.85 -10.96
C ASN B 113 19.32 -22.81 -11.22
N ASP B 114 19.45 -23.56 -12.31
CA ASP B 114 18.64 -24.77 -12.48
C ASP B 114 19.09 -25.87 -11.52
N ASP B 115 18.19 -26.82 -11.27
CA ASP B 115 18.37 -27.85 -10.26
C ASP B 115 18.49 -29.20 -10.95
N TYR B 116 19.60 -29.89 -10.70
CA TYR B 116 19.90 -31.16 -11.34
C TYR B 116 19.77 -32.35 -10.41
N THR B 117 19.32 -32.15 -9.17
CA THR B 117 19.20 -33.22 -8.18
C THR B 117 17.74 -33.59 -7.99
N LEU B 118 17.47 -34.89 -8.02
CA LEU B 118 16.15 -35.45 -7.70
C LEU B 118 16.30 -36.40 -6.53
N SER B 119 15.34 -36.37 -5.61
CA SER B 119 15.36 -37.23 -4.43
C SER B 119 14.40 -38.40 -4.62
N VAL B 120 14.94 -39.62 -4.52
CA VAL B 120 14.13 -40.81 -4.79
C VAL B 120 13.14 -41.07 -3.66
N ARG B 121 13.60 -40.95 -2.41
CA ARG B 121 12.73 -41.25 -1.28
C ARG B 121 11.65 -40.18 -1.11
N PRO B 122 10.47 -40.56 -0.64
CA PRO B 122 9.41 -39.58 -0.37
C PRO B 122 9.75 -38.70 0.82
N PRO B 123 9.11 -37.54 0.93
CA PRO B 123 9.28 -36.68 2.11
C PRO B 123 8.98 -37.35 3.45
N VAL B 124 9.50 -36.77 4.53
CA VAL B 124 9.22 -37.23 5.89
C VAL B 124 7.82 -36.78 6.31
N TYR B 125 7.11 -37.66 7.02
CA TYR B 125 5.77 -37.37 7.53
C TYR B 125 5.57 -37.76 8.99
N LEU B 126 6.64 -37.98 9.75
CA LEU B 126 6.53 -38.28 11.18
C LEU B 126 5.75 -37.22 11.96
N HIS B 127 5.82 -35.96 11.56
CA HIS B 127 5.10 -34.92 12.29
C HIS B 127 3.62 -34.83 11.95
N ASP B 128 3.06 -35.78 11.19
CA ASP B 128 1.66 -35.73 10.81
C ASP B 128 0.89 -36.98 11.23
N VAL B 129 1.48 -38.16 11.02
CA VAL B 129 0.83 -39.40 11.43
C VAL B 129 0.63 -39.43 12.94
N ILE B 130 1.63 -38.97 13.70
CA ILE B 130 1.49 -38.99 15.15
C ILE B 130 0.47 -37.96 15.60
N LEU B 131 0.39 -36.82 14.91
CA LEU B 131 -0.63 -35.83 15.26
C LEU B 131 -2.03 -36.37 15.04
N ARG B 132 -2.22 -37.15 13.99
CA ARG B 132 -3.52 -37.77 13.76
C ARG B 132 -3.82 -38.85 14.80
N VAL B 133 -2.89 -39.80 14.98
CA VAL B 133 -3.10 -40.88 15.94
C VAL B 133 -3.40 -40.34 17.34
N VAL B 134 -2.66 -39.31 17.77
CA VAL B 134 -2.90 -38.73 19.08
C VAL B 134 -4.08 -37.75 19.09
N THR B 135 -4.61 -37.37 17.93
CA THR B 135 -5.96 -36.81 17.90
C THR B 135 -7.01 -37.87 18.18
N GLU B 136 -6.85 -39.07 17.61
CA GLU B 136 -7.90 -40.09 17.72
C GLU B 136 -8.04 -40.62 19.15
N TYR B 137 -6.93 -40.97 19.78
CA TYR B 137 -6.98 -41.37 21.19
C TYR B 137 -7.26 -40.21 22.14
N ALA B 138 -7.20 -38.96 21.66
CA ALA B 138 -7.57 -37.78 22.44
C ALA B 138 -6.86 -37.71 23.79
N TRP B 139 -5.54 -37.88 23.77
CA TRP B 139 -4.78 -37.77 25.00
C TRP B 139 -4.71 -36.32 25.48
N GLN B 140 -4.35 -36.17 26.75
CA GLN B 140 -4.11 -34.87 27.36
C GLN B 140 -2.68 -34.65 27.81
N LYS B 141 -2.04 -35.66 28.40
CA LYS B 141 -0.71 -35.51 28.96
C LYS B 141 0.13 -36.74 28.67
N PHE B 142 1.37 -36.52 28.23
CA PHE B 142 2.27 -37.61 27.83
C PHE B 142 3.69 -37.09 27.78
N ILE B 143 4.64 -38.03 27.77
CA ILE B 143 6.06 -37.72 27.66
C ILE B 143 6.57 -38.24 26.33
N ILE B 144 7.42 -37.45 25.66
CA ILE B 144 8.03 -37.84 24.39
C ILE B 144 9.49 -38.16 24.64
N PHE B 145 9.88 -39.41 24.43
CA PHE B 145 11.28 -39.79 24.45
C PHE B 145 11.89 -39.60 23.06
N TYR B 146 13.23 -39.70 22.99
CA TYR B 146 13.90 -39.99 21.73
C TYR B 146 15.30 -40.48 22.02
N ASP B 147 15.91 -41.09 21.00
CA ASP B 147 17.30 -41.54 21.09
C ASP B 147 18.27 -40.43 20.71
N SER B 148 19.49 -40.53 21.25
CA SER B 148 20.44 -39.42 21.19
C SER B 148 20.74 -38.95 19.77
N GLU B 149 20.58 -39.80 18.76
CA GLU B 149 21.00 -39.45 17.40
C GLU B 149 19.91 -38.77 16.60
N TYR B 150 18.70 -38.63 17.14
CA TYR B 150 17.63 -37.97 16.41
C TYR B 150 17.92 -36.47 16.29
N ASP B 151 17.26 -35.83 15.32
CA ASP B 151 17.39 -34.40 15.08
C ASP B 151 16.02 -33.79 15.35
N ILE B 152 15.90 -33.08 16.48
CA ILE B 152 14.58 -32.75 17.00
C ILE B 152 13.81 -31.72 16.19
N ARG B 153 14.43 -31.14 15.15
CA ARG B 153 13.68 -30.27 14.26
C ARG B 153 12.59 -31.02 13.52
N GLY B 154 12.73 -32.33 13.36
CA GLY B 154 11.74 -33.14 12.66
C GLY B 154 10.36 -33.15 13.30
N ILE B 155 10.23 -32.68 14.53
CA ILE B 155 8.95 -32.58 15.22
C ILE B 155 8.60 -31.14 15.56
N GLN B 156 9.36 -30.16 15.07
CA GLN B 156 9.17 -28.77 15.44
C GLN B 156 7.74 -28.30 15.17
N GLU B 157 7.14 -28.76 14.08
CA GLU B 157 5.77 -28.36 13.74
C GLU B 157 4.73 -29.13 14.53
N PHE B 158 5.13 -30.20 15.22
CA PHE B 158 4.20 -30.94 16.08
C PHE B 158 3.88 -30.15 17.34
N LEU B 159 4.91 -29.63 18.00
CA LEU B 159 4.75 -28.98 19.30
C LEU B 159 3.95 -27.69 19.21
N ASP B 160 4.01 -26.98 18.08
CA ASP B 160 3.14 -25.81 17.90
C ASP B 160 1.68 -26.22 18.03
N LYS B 161 1.25 -27.22 17.27
CA LYS B 161 -0.17 -27.55 17.21
C LYS B 161 -0.62 -28.23 18.50
N VAL B 162 0.28 -28.97 19.15
CA VAL B 162 -0.05 -29.51 20.47
C VAL B 162 -0.23 -28.39 21.49
N SER B 163 0.71 -27.45 21.56
CA SER B 163 0.60 -26.41 22.57
C SER B 163 -0.49 -25.39 22.26
N GLN B 164 -0.97 -25.33 21.02
CA GLN B 164 -2.20 -24.59 20.77
C GLN B 164 -3.40 -25.30 21.40
N GLN B 165 -3.47 -26.61 21.29
CA GLN B 165 -4.60 -27.38 21.81
C GLN B 165 -4.53 -27.62 23.32
N GLY B 166 -3.61 -26.95 24.02
CA GLY B 166 -3.62 -26.97 25.47
C GLY B 166 -3.17 -28.25 26.11
N MET B 167 -2.58 -29.18 25.36
CA MET B 167 -2.00 -30.37 25.94
C MET B 167 -0.66 -30.05 26.59
N ASP B 168 -0.22 -30.93 27.49
CA ASP B 168 1.09 -30.83 28.11
C ASP B 168 2.02 -31.90 27.56
N VAL B 169 3.25 -31.50 27.22
CA VAL B 169 4.27 -32.40 26.69
C VAL B 169 5.60 -32.03 27.33
N ALA B 170 6.40 -33.05 27.65
CA ALA B 170 7.78 -32.83 28.04
C ALA B 170 8.68 -33.85 27.35
N LEU B 171 9.82 -33.39 26.84
CA LEU B 171 10.75 -34.26 26.13
C LEU B 171 11.73 -34.88 27.12
N GLN B 172 12.37 -35.97 26.69
CA GLN B 172 13.40 -36.60 27.51
C GLN B 172 14.41 -37.33 26.63
N LYS B 173 15.68 -36.93 26.72
CA LYS B 173 16.74 -37.56 25.93
C LYS B 173 17.11 -38.90 26.53
N VAL B 174 16.82 -39.98 25.81
CA VAL B 174 17.18 -41.34 26.24
C VAL B 174 18.65 -41.57 25.87
N GLU B 175 19.54 -41.48 26.85
CA GLU B 175 20.93 -41.80 26.59
C GLU B 175 21.08 -43.32 26.40
N ASN B 176 22.21 -43.72 25.82
CA ASN B 176 22.45 -45.15 25.58
C ASN B 176 22.51 -45.96 26.87
N ASN B 177 23.19 -45.44 27.91
CA ASN B 177 23.29 -46.14 29.19
C ASN B 177 22.00 -45.96 29.98
N ILE B 178 20.95 -46.63 29.49
CA ILE B 178 19.62 -46.55 30.12
C ILE B 178 19.70 -46.96 31.58
N ASN B 179 20.48 -48.01 31.87
CA ASN B 179 20.59 -48.52 33.24
C ASN B 179 21.07 -47.43 34.20
N LYS B 180 22.16 -46.74 33.85
CA LYS B 180 22.67 -45.69 34.71
C LYS B 180 21.65 -44.56 34.88
N MET B 181 20.95 -44.20 33.81
CA MET B 181 19.92 -43.17 33.88
C MET B 181 18.83 -43.55 34.88
N ILE B 182 18.24 -44.73 34.71
CA ILE B 182 17.08 -45.11 35.53
C ILE B 182 17.47 -45.26 36.99
N THR B 183 18.60 -45.93 37.26
CA THR B 183 19.02 -46.15 38.64
C THR B 183 19.25 -44.83 39.39
N THR B 184 19.64 -43.78 38.68
CA THR B 184 19.82 -42.47 39.31
C THR B 184 18.51 -41.88 39.81
N LEU B 185 17.37 -42.27 39.23
CA LEU B 185 16.08 -41.77 39.71
C LEU B 185 15.80 -42.19 41.14
N PHE B 186 16.12 -43.44 41.49
CA PHE B 186 15.89 -43.93 42.85
C PHE B 186 16.72 -43.17 43.88
N ASP B 187 17.89 -42.66 43.48
CA ASP B 187 18.72 -41.86 44.37
C ASP B 187 18.21 -40.44 44.60
N THR B 188 17.20 -39.99 43.85
CA THR B 188 16.89 -38.56 43.82
C THR B 188 15.41 -38.22 43.94
N MET B 189 14.52 -39.21 44.10
CA MET B 189 13.10 -38.95 44.23
C MET B 189 12.58 -39.45 45.57
N ARG B 190 11.74 -38.65 46.21
CA ARG B 190 10.87 -39.15 47.27
C ARG B 190 9.66 -39.87 46.65
N ILE B 191 8.91 -40.55 47.52
CA ILE B 191 7.82 -41.41 47.08
C ILE B 191 6.79 -40.63 46.27
N GLU B 192 6.48 -39.39 46.67
CA GLU B 192 5.46 -38.63 45.95
C GLU B 192 5.97 -38.16 44.59
N GLU B 193 7.22 -37.70 44.51
CA GLU B 193 7.81 -37.38 43.21
C GLU B 193 7.91 -38.61 42.32
N LEU B 194 8.30 -39.75 42.89
CA LEU B 194 8.34 -40.99 42.11
C LEU B 194 6.95 -41.35 41.58
N ASN B 195 5.92 -41.22 42.41
CA ASN B 195 4.57 -41.54 41.94
C ASN B 195 4.06 -40.52 40.92
N ARG B 196 4.46 -39.26 41.03
CA ARG B 196 4.16 -38.29 39.98
C ARG B 196 4.85 -38.64 38.68
N TYR B 197 6.09 -39.15 38.75
CA TYR B 197 6.75 -39.67 37.56
C TYR B 197 6.00 -40.86 36.98
N ARG B 198 5.56 -41.78 37.85
CA ARG B 198 4.83 -42.96 37.40
C ARG B 198 3.50 -42.57 36.77
N ASP B 199 2.88 -41.50 37.22
CA ASP B 199 1.70 -40.97 36.54
C ASP B 199 2.04 -40.45 35.14
N THR B 200 3.20 -39.81 34.99
CA THR B 200 3.59 -39.29 33.67
C THR B 200 3.81 -40.42 32.67
N LEU B 201 4.43 -41.52 33.10
CA LEU B 201 4.74 -42.62 32.21
C LEU B 201 3.50 -43.40 31.74
N ARG B 202 2.30 -43.05 32.19
CA ARG B 202 1.12 -43.82 31.79
C ARG B 202 0.85 -43.70 30.29
N ARG B 203 1.24 -42.58 29.68
CA ARG B 203 1.15 -42.43 28.23
C ARG B 203 2.44 -41.80 27.73
N ALA B 204 3.01 -42.38 26.68
CA ALA B 204 4.29 -41.92 26.18
C ALA B 204 4.44 -42.31 24.72
N ILE B 205 5.33 -41.61 24.04
CA ILE B 205 5.70 -41.92 22.65
C ILE B 205 7.19 -42.21 22.62
N LEU B 206 7.57 -43.26 21.91
CA LEU B 206 8.97 -43.52 21.61
C LEU B 206 9.26 -43.22 20.14
N VAL B 207 10.27 -42.38 19.90
CA VAL B 207 10.67 -42.04 18.54
C VAL B 207 12.17 -42.31 18.44
N MET B 208 12.54 -43.56 18.18
CA MET B 208 13.93 -43.93 18.42
C MET B 208 14.27 -45.22 17.69
N ASN B 209 15.57 -45.51 17.63
CA ASN B 209 16.11 -46.73 17.07
C ASN B 209 15.45 -47.95 17.74
N PRO B 210 14.93 -48.91 16.95
CA PRO B 210 14.29 -50.09 17.58
C PRO B 210 15.21 -50.88 18.49
N ALA B 211 16.49 -51.01 18.13
CA ALA B 211 17.41 -51.82 18.94
C ALA B 211 17.55 -51.28 20.35
N THR B 212 17.41 -49.97 20.53
CA THR B 212 17.47 -49.40 21.88
C THR B 212 16.12 -49.52 22.59
N ALA B 213 15.02 -49.49 21.83
CA ALA B 213 13.69 -49.58 22.42
C ALA B 213 13.51 -50.88 23.20
N LYS B 214 14.02 -52.00 22.67
CA LYS B 214 13.94 -53.27 23.38
C LYS B 214 14.54 -53.17 24.77
N SER B 215 15.78 -52.67 24.85
CA SER B 215 16.45 -52.55 26.15
C SER B 215 15.72 -51.59 27.06
N PHE B 216 15.23 -50.47 26.52
CA PHE B 216 14.54 -49.49 27.34
C PHE B 216 13.27 -50.07 27.93
N ILE B 217 12.43 -50.70 27.10
CA ILE B 217 11.20 -51.31 27.57
C ILE B 217 11.49 -52.39 28.60
N THR B 218 12.55 -53.18 28.37
CA THR B 218 12.87 -54.24 29.33
C THR B 218 13.27 -53.66 30.68
N GLU B 219 14.11 -52.63 30.68
CA GLU B 219 14.57 -52.04 31.93
C GLU B 219 13.41 -51.36 32.67
N VAL B 220 12.50 -50.70 31.94
CA VAL B 220 11.37 -50.06 32.59
C VAL B 220 10.38 -51.09 33.14
N VAL B 221 10.19 -52.21 32.44
CA VAL B 221 9.34 -53.28 32.95
C VAL B 221 9.94 -53.90 34.21
N GLU B 222 11.23 -54.20 34.18
CA GLU B 222 11.87 -54.84 35.33
C GLU B 222 11.81 -53.97 36.58
N THR B 223 12.03 -52.66 36.46
CA THR B 223 11.95 -51.78 37.62
C THR B 223 10.52 -51.41 37.99
N ASN B 224 9.52 -51.99 37.32
CA ASN B 224 8.13 -51.95 37.77
C ASN B 224 7.66 -50.50 37.94
N LEU B 225 8.00 -49.65 36.97
CA LEU B 225 7.52 -48.28 36.94
C LEU B 225 6.11 -48.18 36.39
N VAL B 226 5.67 -49.15 35.60
CA VAL B 226 4.39 -49.10 34.90
C VAL B 226 3.70 -50.45 35.07
N ALA B 227 2.40 -50.45 34.81
CA ALA B 227 1.60 -51.67 34.90
C ALA B 227 0.72 -51.78 33.65
N PHE B 228 -0.31 -52.61 33.74
CA PHE B 228 -1.19 -52.88 32.60
C PHE B 228 -1.89 -51.64 32.06
N ASP B 229 -1.77 -50.51 32.75
CA ASP B 229 -2.47 -49.28 32.34
C ASP B 229 -1.70 -48.45 31.34
N CYS B 230 -0.42 -48.73 31.10
CA CYS B 230 0.35 -47.90 30.20
C CYS B 230 0.05 -48.21 28.74
N HIS B 231 0.34 -47.26 27.88
CA HIS B 231 -0.12 -47.27 26.49
C HIS B 231 0.93 -46.67 25.57
N TRP B 232 2.13 -47.24 25.57
CA TRP B 232 3.24 -46.66 24.81
C TRP B 232 3.08 -46.91 23.33
N ILE B 233 3.20 -45.84 22.53
CA ILE B 233 3.36 -45.98 21.09
C ILE B 233 4.85 -46.14 20.76
N ILE B 234 5.12 -46.79 19.64
CA ILE B 234 6.42 -46.69 18.97
C ILE B 234 6.18 -46.27 17.53
N ILE B 235 7.07 -45.45 16.99
CA ILE B 235 7.05 -45.12 15.58
C ILE B 235 8.46 -45.24 15.01
N ASN B 236 8.53 -45.59 13.73
CA ASN B 236 9.77 -45.59 12.95
C ASN B 236 9.36 -45.71 11.49
N GLU B 237 10.30 -45.42 10.59
CA GLU B 237 10.09 -45.77 9.20
C GLU B 237 10.32 -47.25 8.92
N GLU B 238 11.24 -47.89 9.64
CA GLU B 238 11.79 -49.18 9.21
C GLU B 238 11.84 -50.15 10.40
N ILE B 239 10.90 -51.09 10.44
CA ILE B 239 10.90 -52.15 11.44
C ILE B 239 10.56 -53.47 10.75
N ASN B 240 11.39 -54.48 10.97
CA ASN B 240 11.11 -55.82 10.45
C ASN B 240 10.15 -56.57 11.37
N ASP B 241 9.48 -57.58 10.80
CA ASP B 241 8.46 -58.32 11.54
C ASP B 241 9.03 -59.02 12.77
N VAL B 242 10.29 -59.47 12.69
CA VAL B 242 10.91 -60.15 13.83
C VAL B 242 10.98 -59.21 15.03
N ASP B 243 11.41 -57.97 14.79
CA ASP B 243 11.45 -56.97 15.85
C ASP B 243 10.05 -56.62 16.35
N VAL B 244 9.06 -56.61 15.44
CA VAL B 244 7.68 -56.38 15.87
C VAL B 244 7.23 -57.44 16.86
N GLN B 245 7.51 -58.71 16.55
CA GLN B 245 7.19 -59.79 17.48
C GLN B 245 7.96 -59.63 18.78
N GLU B 246 9.25 -59.32 18.70
CA GLU B 246 10.07 -59.17 19.89
C GLU B 246 9.54 -58.09 20.81
N LEU B 247 9.12 -56.95 20.24
CA LEU B 247 8.59 -55.88 21.06
C LEU B 247 7.21 -56.22 21.63
N VAL B 248 6.34 -56.82 20.81
CA VAL B 248 5.01 -57.17 21.31
C VAL B 248 5.11 -58.20 22.43
N ARG B 249 6.13 -59.07 22.37
CA ARG B 249 6.35 -59.99 23.48
C ARG B 249 6.91 -59.29 24.71
N ARG B 250 7.87 -58.38 24.51
CA ARG B 250 8.49 -57.74 25.68
C ARG B 250 7.56 -56.75 26.37
N SER B 251 6.66 -56.11 25.61
CA SER B 251 5.82 -55.06 26.17
C SER B 251 4.70 -55.66 27.02
N ILE B 252 4.11 -54.80 27.86
CA ILE B 252 2.92 -55.13 28.62
C ILE B 252 1.93 -53.97 28.45
N GLY B 253 0.68 -54.23 28.81
CA GLY B 253 -0.33 -53.23 28.55
C GLY B 253 -0.59 -53.10 27.05
N ARG B 254 -1.34 -52.07 26.71
CA ARG B 254 -1.61 -51.80 25.31
C ARG B 254 -0.35 -51.28 24.62
N LEU B 255 -0.29 -51.48 23.30
CA LEU B 255 0.82 -51.01 22.50
C LEU B 255 0.29 -50.50 21.17
N THR B 256 1.15 -49.84 20.40
CA THR B 256 0.89 -49.57 19.00
C THR B 256 2.22 -49.39 18.28
N ILE B 257 2.30 -49.89 17.04
CA ILE B 257 3.52 -49.82 16.25
C ILE B 257 3.15 -49.30 14.87
N ILE B 258 3.99 -48.40 14.33
CA ILE B 258 3.78 -47.85 13.01
C ILE B 258 5.03 -48.08 12.17
N ARG B 259 4.84 -48.34 10.87
CA ARG B 259 5.96 -48.46 9.96
C ARG B 259 5.47 -48.28 8.52
N GLN B 260 6.42 -48.06 7.62
CA GLN B 260 6.16 -48.03 6.19
C GLN B 260 5.91 -49.44 5.66
N THR B 261 5.12 -49.53 4.58
CA THR B 261 4.78 -50.81 3.96
C THR B 261 4.76 -50.65 2.45
N PHE B 262 4.91 -51.78 1.75
CA PHE B 262 4.98 -51.80 0.30
C PHE B 262 3.98 -52.80 -0.29
N PRO B 263 3.36 -52.45 -1.42
CA PRO B 263 2.49 -53.40 -2.11
C PRO B 263 3.29 -54.53 -2.78
N VAL B 264 2.56 -55.58 -3.14
CA VAL B 264 3.16 -56.75 -3.80
C VAL B 264 2.22 -57.28 -4.86
N PRO B 265 2.77 -57.93 -5.88
CA PRO B 265 1.93 -58.55 -6.91
C PRO B 265 1.01 -59.63 -6.34
N GLN B 266 -0.12 -59.82 -7.02
CA GLN B 266 -1.17 -60.70 -6.50
C GLN B 266 -0.82 -62.17 -6.65
N ASN B 267 -0.02 -62.52 -7.66
CA ASN B 267 0.37 -63.90 -7.91
C ASN B 267 1.84 -64.10 -7.58
N ILE B 268 2.11 -65.07 -6.71
CA ILE B 268 3.46 -65.25 -6.16
C ILE B 268 4.47 -65.51 -7.27
N SER B 269 4.13 -66.41 -8.20
CA SER B 269 5.07 -66.77 -9.27
C SER B 269 5.30 -65.63 -10.25
N GLN B 270 4.42 -64.64 -10.29
CA GLN B 270 4.63 -63.47 -11.12
C GLN B 270 5.49 -62.40 -10.45
N ARG B 271 5.71 -62.50 -9.14
CA ARG B 271 6.37 -61.42 -8.40
C ARG B 271 7.80 -61.18 -8.86
N CYS B 272 8.41 -62.13 -9.56
CA CYS B 272 9.74 -61.89 -10.11
C CYS B 272 9.72 -61.10 -11.41
N PHE B 273 8.57 -60.96 -12.06
CA PHE B 273 8.46 -60.17 -13.28
C PHE B 273 8.01 -58.75 -12.97
N ARG B 274 8.52 -57.80 -13.79
CA ARG B 274 8.04 -56.42 -13.83
C ARG B 274 8.05 -56.01 -15.30
N GLY B 275 6.97 -56.34 -16.00
CA GLY B 275 7.02 -56.34 -17.45
C GLY B 275 7.90 -57.46 -17.96
N ASN B 276 8.60 -57.20 -19.07
CA ASN B 276 9.55 -58.17 -19.60
C ASN B 276 10.72 -58.42 -18.65
N HIS B 277 11.10 -57.40 -17.88
CA HIS B 277 12.21 -57.55 -16.94
C HIS B 277 11.89 -58.56 -15.85
N ARG B 278 12.91 -59.30 -15.43
CA ARG B 278 12.78 -60.30 -14.37
C ARG B 278 13.86 -60.05 -13.34
N ILE B 279 13.45 -60.06 -12.07
CA ILE B 279 14.35 -59.78 -10.95
C ILE B 279 15.06 -61.07 -10.55
N SER B 280 16.26 -60.92 -9.98
CA SER B 280 16.98 -62.05 -9.41
C SER B 280 16.09 -62.89 -8.50
N SER B 281 16.20 -64.21 -8.64
CA SER B 281 15.54 -65.13 -7.72
C SER B 281 15.87 -64.82 -6.26
N THR B 282 17.12 -64.46 -5.99
CA THR B 282 17.52 -64.17 -4.61
C THR B 282 16.84 -62.93 -4.05
N LEU B 283 16.33 -62.04 -4.90
CA LEU B 283 15.60 -60.86 -4.46
C LEU B 283 14.09 -61.06 -4.46
N CYS B 284 13.54 -61.68 -5.51
CA CYS B 284 12.09 -61.76 -5.64
C CYS B 284 11.48 -62.85 -4.77
N ASP B 285 12.25 -63.86 -4.40
CA ASP B 285 11.77 -64.88 -3.50
C ASP B 285 11.70 -64.34 -2.08
N PRO B 286 10.50 -64.19 -1.49
CA PRO B 286 10.41 -63.65 -0.13
C PRO B 286 10.95 -64.59 0.94
N LYS B 287 11.25 -65.85 0.60
CA LYS B 287 11.76 -66.81 1.56
C LYS B 287 13.27 -66.70 1.76
N ASP B 288 13.97 -66.04 0.86
CA ASP B 288 15.43 -66.06 0.88
C ASP B 288 15.95 -65.06 1.92
N PRO B 289 16.77 -65.51 2.88
CA PRO B 289 17.44 -64.57 3.81
C PRO B 289 18.15 -63.42 3.12
N PHE B 290 18.52 -63.60 1.85
CA PHE B 290 19.05 -62.50 1.05
C PHE B 290 18.06 -61.36 0.97
N ALA B 291 16.78 -61.67 0.72
CA ALA B 291 15.74 -60.65 0.62
C ALA B 291 15.16 -60.27 1.97
N GLN B 292 15.13 -61.19 2.93
CA GLN B 292 14.51 -60.94 4.23
C GLN B 292 15.27 -59.92 5.07
N ASN B 293 16.47 -59.50 4.66
CA ASN B 293 17.29 -58.59 5.44
C ASN B 293 17.63 -57.33 4.65
N MET B 294 16.78 -56.97 3.68
CA MET B 294 17.03 -55.78 2.88
C MET B 294 16.59 -54.51 3.60
N GLU B 295 17.38 -53.45 3.43
CA GLU B 295 17.00 -52.11 3.81
C GLU B 295 16.20 -51.43 2.70
N ILE B 296 15.42 -50.42 3.09
CA ILE B 296 14.67 -49.61 2.13
C ILE B 296 15.60 -48.87 1.16
N SER B 297 16.80 -48.52 1.63
CA SER B 297 17.81 -47.94 0.74
C SER B 297 18.14 -48.87 -0.42
N ASN B 298 18.28 -50.18 -0.15
CA ASN B 298 18.60 -51.12 -1.22
C ASN B 298 17.50 -51.15 -2.27
N LEU B 299 16.24 -51.19 -1.83
CA LEU B 299 15.13 -51.21 -2.76
C LEU B 299 15.13 -49.98 -3.66
N TYR B 300 15.29 -48.80 -3.07
CA TYR B 300 15.33 -47.61 -3.91
C TYR B 300 16.57 -47.55 -4.79
N ILE B 301 17.70 -48.12 -4.36
CA ILE B 301 18.87 -48.24 -5.23
C ILE B 301 18.51 -49.05 -6.47
N TYR B 302 17.82 -50.17 -6.27
CA TYR B 302 17.44 -51.03 -7.39
C TYR B 302 16.53 -50.29 -8.36
N ASP B 303 15.48 -49.66 -7.84
CA ASP B 303 14.57 -48.93 -8.73
C ASP B 303 15.26 -47.76 -9.43
N THR B 304 16.26 -47.16 -8.78
CA THR B 304 17.06 -46.12 -9.40
C THR B 304 17.77 -46.65 -10.64
N VAL B 305 18.49 -47.77 -10.48
CA VAL B 305 19.24 -48.34 -11.60
C VAL B 305 18.31 -48.73 -12.73
N LEU B 306 17.17 -49.35 -12.39
CA LEU B 306 16.18 -49.71 -13.41
C LEU B 306 15.68 -48.49 -14.17
N LEU B 307 15.41 -47.39 -13.47
CA LEU B 307 14.95 -46.17 -14.13
C LEU B 307 16.00 -45.61 -15.07
N LEU B 308 17.26 -45.56 -14.63
CA LEU B 308 18.31 -45.04 -15.50
C LEU B 308 18.50 -45.93 -16.73
N ALA B 309 18.42 -47.26 -16.57
CA ALA B 309 18.52 -48.15 -17.72
C ALA B 309 17.42 -47.89 -18.74
N ASN B 310 16.17 -47.72 -18.26
CA ASN B 310 15.08 -47.37 -19.17
C ASN B 310 15.33 -46.04 -19.87
N ALA B 311 15.81 -45.04 -19.12
CA ALA B 311 16.02 -43.72 -19.69
C ALA B 311 17.08 -43.74 -20.78
N PHE B 312 18.17 -44.47 -20.56
CA PHE B 312 19.21 -44.56 -21.59
C PHE B 312 18.74 -45.36 -22.79
N HIS B 313 18.03 -46.47 -22.57
CA HIS B 313 17.52 -47.24 -23.70
C HIS B 313 16.61 -46.41 -24.59
N LYS B 314 15.70 -45.63 -24.00
CA LYS B 314 14.82 -44.79 -24.81
C LYS B 314 15.61 -43.82 -25.68
N LYS B 315 16.67 -43.21 -25.13
CA LYS B 315 17.48 -42.30 -25.93
C LYS B 315 18.38 -43.00 -26.94
N LEU B 316 18.60 -44.32 -26.78
CA LEU B 316 19.22 -45.05 -27.88
C LEU B 316 18.22 -45.39 -28.98
N GLU B 317 16.95 -45.59 -28.62
CA GLU B 317 15.92 -45.72 -29.65
C GLU B 317 15.62 -44.39 -30.34
N ASP B 318 15.60 -43.29 -29.60
CA ASP B 318 15.44 -41.97 -30.19
C ASP B 318 16.68 -41.50 -30.95
N ARG B 319 17.82 -42.18 -30.78
CA ARG B 319 19.04 -41.95 -31.56
C ARG B 319 19.67 -40.58 -31.33
N LYS B 320 19.04 -39.72 -30.52
CA LYS B 320 19.58 -38.37 -30.33
C LYS B 320 20.63 -38.39 -29.21
N TRP B 321 21.59 -39.30 -29.34
CA TRP B 321 22.63 -39.48 -28.35
C TRP B 321 23.60 -38.30 -28.33
N HIS B 322 24.29 -38.15 -27.21
CA HIS B 322 25.31 -37.13 -27.05
C HIS B 322 26.53 -37.76 -26.39
N SER B 323 27.70 -37.19 -26.67
CA SER B 323 28.93 -37.75 -26.15
C SER B 323 29.09 -37.48 -24.66
N MET B 324 29.89 -38.31 -24.01
CA MET B 324 30.52 -37.96 -22.74
C MET B 324 31.51 -36.82 -22.91
N ALA B 325 32.09 -36.36 -21.80
CA ALA B 325 33.21 -35.43 -21.85
C ALA B 325 34.10 -35.67 -20.65
N SER B 326 35.35 -35.26 -20.77
CA SER B 326 36.24 -35.11 -19.62
C SER B 326 36.10 -33.70 -19.04
N LEU B 327 35.62 -33.60 -17.81
CA LEU B 327 35.27 -32.34 -17.19
C LEU B 327 36.23 -32.02 -16.06
N SER B 328 36.73 -30.79 -16.03
CA SER B 328 37.76 -30.37 -15.09
C SER B 328 37.12 -29.55 -13.97
N CYS B 329 37.48 -29.86 -12.74
CA CYS B 329 36.93 -29.13 -11.60
C CYS B 329 37.81 -27.94 -11.21
N ILE B 330 37.24 -27.08 -10.37
CA ILE B 330 37.95 -26.06 -9.59
C ILE B 330 38.71 -25.12 -10.52
N ARG B 331 38.03 -24.60 -11.55
CA ARG B 331 38.50 -23.44 -12.27
C ARG B 331 37.30 -22.64 -12.76
N LYS B 332 37.52 -21.34 -13.00
CA LYS B 332 36.61 -20.57 -13.84
C LYS B 332 36.59 -21.13 -15.26
N ASN B 333 37.70 -21.73 -15.69
CA ASN B 333 37.82 -22.27 -17.05
C ASN B 333 37.05 -23.57 -17.23
N SER B 334 36.49 -24.14 -16.16
CA SER B 334 35.60 -25.28 -16.31
C SER B 334 34.37 -24.90 -17.14
N LYS B 335 33.90 -25.85 -17.94
CA LYS B 335 32.70 -25.66 -18.73
C LYS B 335 31.77 -26.86 -18.54
N PRO B 336 30.46 -26.64 -18.50
CA PRO B 336 29.53 -27.73 -18.27
C PRO B 336 29.35 -28.61 -19.50
N TRP B 337 28.93 -29.84 -19.25
CA TRP B 337 28.54 -30.72 -20.34
C TRP B 337 27.33 -30.15 -21.08
N GLN B 338 27.40 -30.20 -22.42
CA GLN B 338 26.43 -29.53 -23.26
C GLN B 338 25.09 -30.26 -23.33
N GLY B 339 25.09 -31.58 -23.17
CA GLY B 339 23.92 -32.40 -23.44
C GLY B 339 22.91 -32.51 -22.32
N GLY B 340 23.26 -32.04 -21.12
CA GLY B 340 22.56 -32.49 -19.92
C GLY B 340 21.07 -32.21 -19.94
N ARG B 341 20.68 -31.01 -20.33
CA ARG B 341 19.34 -30.50 -20.03
C ARG B 341 18.24 -31.38 -20.63
N SER B 342 18.36 -31.73 -21.91
CA SER B 342 17.30 -32.49 -22.56
C SER B 342 17.21 -33.92 -22.06
N MET B 343 18.36 -34.58 -21.85
CA MET B 343 18.29 -35.96 -21.37
C MET B 343 17.85 -36.01 -19.91
N LEU B 344 18.17 -34.99 -19.13
CA LEU B 344 17.61 -34.86 -17.79
C LEU B 344 16.10 -34.70 -17.83
N GLU B 345 15.60 -33.85 -18.73
CA GLU B 345 14.16 -33.72 -18.88
C GLU B 345 13.50 -35.01 -19.34
N THR B 346 14.22 -35.81 -20.14
CA THR B 346 13.74 -37.14 -20.52
C THR B 346 13.67 -38.09 -19.33
N ILE B 347 14.63 -37.99 -18.42
CA ILE B 347 14.55 -38.73 -17.16
C ILE B 347 13.35 -38.29 -16.34
N LYS B 348 13.17 -36.98 -16.21
CA LYS B 348 12.12 -36.42 -15.35
C LYS B 348 10.74 -36.95 -15.69
N LYS B 349 10.44 -37.12 -16.98
CA LYS B 349 9.11 -37.56 -17.41
C LYS B 349 8.94 -39.08 -17.42
N GLY B 350 9.99 -39.85 -17.20
CA GLY B 350 9.85 -41.30 -17.30
C GLY B 350 9.46 -41.99 -16.01
N GLY B 351 8.17 -42.22 -15.82
CA GLY B 351 7.68 -43.01 -14.70
C GLY B 351 7.81 -44.51 -14.96
N VAL B 352 8.46 -45.22 -14.04
CA VAL B 352 8.70 -46.65 -14.17
C VAL B 352 8.18 -47.36 -12.92
N SER B 353 7.66 -48.57 -13.12
CA SER B 353 7.36 -49.48 -12.03
C SER B 353 8.65 -50.08 -11.45
N GLY B 354 8.48 -50.81 -10.35
CA GLY B 354 9.63 -51.37 -9.66
C GLY B 354 9.20 -52.19 -8.47
N LEU B 355 10.19 -52.54 -7.64
CA LEU B 355 9.92 -53.30 -6.43
C LEU B 355 9.05 -52.53 -5.45
N THR B 356 9.25 -51.22 -5.37
CA THR B 356 8.59 -50.38 -4.38
C THR B 356 7.25 -49.83 -4.86
N GLY B 357 6.69 -50.40 -5.92
CA GLY B 357 5.64 -49.73 -6.67
C GLY B 357 6.22 -48.64 -7.55
N GLU B 358 5.31 -47.89 -8.17
CA GLU B 358 5.71 -46.93 -9.20
C GLU B 358 6.66 -45.90 -8.64
N LEU B 359 7.77 -45.68 -9.35
CA LEU B 359 8.72 -44.61 -9.06
C LEU B 359 8.56 -43.52 -10.12
N GLU B 360 8.18 -42.32 -9.68
CA GLU B 360 7.83 -41.26 -10.60
C GLU B 360 8.02 -39.93 -9.92
N PHE B 361 8.07 -38.86 -10.71
CA PHE B 361 8.51 -37.57 -10.23
C PHE B 361 7.50 -36.50 -10.60
N GLY B 362 7.18 -35.64 -9.65
CA GLY B 362 6.47 -34.42 -9.92
C GLY B 362 7.37 -33.34 -10.45
N GLU B 363 6.75 -32.23 -10.87
CA GLU B 363 7.51 -31.12 -11.46
C GLU B 363 8.59 -30.62 -10.51
N ASN B 364 8.38 -30.77 -9.20
CA ASN B 364 9.35 -30.32 -8.21
C ASN B 364 10.50 -31.30 -8.01
N GLY B 365 10.37 -32.53 -8.49
CA GLY B 365 11.42 -33.53 -8.33
C GLY B 365 11.36 -34.39 -7.10
N GLY B 366 10.23 -34.42 -6.39
CA GLY B 366 10.03 -35.36 -5.30
C GLY B 366 9.08 -36.49 -5.67
N ASN B 367 9.39 -37.70 -5.19
CA ASN B 367 8.51 -38.85 -5.37
C ASN B 367 7.31 -38.70 -4.43
N PRO B 368 6.09 -38.67 -4.94
CA PRO B 368 4.91 -38.47 -4.09
C PRO B 368 4.27 -39.71 -3.50
N ASN B 369 4.85 -40.90 -3.66
CA ASN B 369 4.19 -42.15 -3.26
C ASN B 369 4.75 -42.66 -1.93
N VAL B 370 3.87 -42.80 -0.93
CA VAL B 370 4.23 -43.40 0.34
C VAL B 370 2.98 -44.00 0.97
N HIS B 371 3.17 -45.06 1.74
CA HIS B 371 2.10 -45.68 2.52
C HIS B 371 2.60 -46.07 3.91
N PHE B 372 1.77 -45.81 4.92
CA PHE B 372 2.04 -46.18 6.31
C PHE B 372 0.95 -47.12 6.81
N GLU B 373 1.36 -48.10 7.62
CA GLU B 373 0.43 -49.06 8.19
C GLU B 373 0.49 -49.01 9.72
N ILE B 374 -0.66 -49.25 10.35
CA ILE B 374 -0.79 -49.18 11.80
C ILE B 374 -1.01 -50.60 12.31
N LEU B 375 -0.14 -51.04 13.21
CA LEU B 375 -0.28 -52.35 13.86
C LEU B 375 -0.70 -52.16 15.30
N GLY B 376 -1.82 -52.75 15.67
CA GLY B 376 -2.31 -52.71 17.03
C GLY B 376 -1.76 -53.86 17.84
N THR B 377 -2.50 -54.25 18.88
CA THR B 377 -2.30 -55.53 19.54
C THR B 377 -3.63 -56.21 19.78
N ASN B 378 -3.66 -57.52 19.56
CA ASN B 378 -4.79 -58.36 19.95
C ASN B 378 -4.38 -59.18 21.17
N TYR B 379 -5.23 -59.15 22.20
CA TYR B 379 -4.99 -59.88 23.44
C TYR B 379 -6.20 -60.73 23.80
N GLY B 380 -5.94 -61.94 24.25
CA GLY B 380 -6.97 -62.89 24.62
C GLY B 380 -6.39 -64.25 24.95
N GLU B 381 -6.87 -64.86 26.04
CA GLU B 381 -6.22 -65.99 26.67
C GLU B 381 -6.23 -67.26 25.81
N GLU B 382 -6.85 -67.23 24.63
CA GLU B 382 -6.67 -68.34 23.69
C GLU B 382 -5.23 -68.42 23.22
N LEU B 383 -4.60 -67.26 22.99
CA LEU B 383 -3.21 -67.22 22.54
C LEU B 383 -2.37 -66.23 23.36
N GLY B 384 -2.96 -65.56 24.34
CA GLY B 384 -2.25 -64.59 25.16
C GLY B 384 -2.11 -63.24 24.49
N ARG B 385 -1.22 -63.13 23.52
CA ARG B 385 -0.84 -61.85 22.94
C ARG B 385 -0.65 -62.03 21.44
N GLY B 386 -0.97 -60.99 20.68
CA GLY B 386 -0.78 -61.07 19.25
C GLY B 386 -0.91 -59.78 18.48
N VAL B 387 -0.19 -59.70 17.36
CA VAL B 387 -0.32 -58.59 16.43
C VAL B 387 -1.63 -58.71 15.67
N ARG B 388 -2.22 -57.57 15.34
CA ARG B 388 -3.28 -57.53 14.33
C ARG B 388 -3.21 -56.18 13.64
N LYS B 389 -3.72 -56.13 12.41
CA LYS B 389 -3.58 -54.95 11.56
C LYS B 389 -4.86 -54.12 11.60
N LEU B 390 -4.68 -52.83 11.79
CA LEU B 390 -5.76 -51.85 11.88
C LEU B 390 -5.81 -51.07 10.56
N GLY B 391 -6.42 -49.90 10.52
CA GLY B 391 -6.50 -49.13 9.30
C GLY B 391 -5.15 -48.61 8.82
N CYS B 392 -5.20 -47.85 7.74
CA CYS B 392 -4.02 -47.45 6.98
C CYS B 392 -4.07 -45.95 6.71
N TRP B 393 -2.90 -45.34 6.62
CA TRP B 393 -2.78 -43.92 6.34
C TRP B 393 -1.84 -43.69 5.16
N ASN B 394 -2.25 -42.78 4.29
CA ASN B 394 -1.44 -42.25 3.21
C ASN B 394 -1.78 -40.78 3.03
N PRO B 395 -0.87 -39.98 2.46
CA PRO B 395 -1.07 -38.53 2.48
C PRO B 395 -2.21 -38.04 1.60
N VAL B 396 -2.73 -38.84 0.68
CA VAL B 396 -3.80 -38.38 -0.19
C VAL B 396 -5.15 -38.53 0.49
N THR B 397 -5.47 -39.74 0.94
CA THR B 397 -6.78 -40.03 1.52
C THR B 397 -6.87 -39.60 2.98
N GLY B 398 -5.76 -39.39 3.66
CA GLY B 398 -5.75 -39.36 5.10
C GLY B 398 -6.00 -40.74 5.70
N LEU B 399 -6.37 -40.74 6.98
CA LEU B 399 -6.61 -41.97 7.71
C LEU B 399 -7.70 -42.80 7.03
N ASN B 400 -7.41 -44.08 6.83
CA ASN B 400 -8.35 -45.04 6.25
C ASN B 400 -8.56 -46.17 7.25
N GLY B 401 -9.78 -46.69 7.27
CA GLY B 401 -10.20 -47.53 8.37
C GLY B 401 -10.63 -46.72 9.58
N SER B 402 -10.66 -47.40 10.74
CA SER B 402 -10.96 -46.73 11.99
C SER B 402 -10.32 -47.49 13.14
N LEU B 403 -10.03 -46.76 14.22
CA LEU B 403 -9.25 -47.28 15.33
C LEU B 403 -10.10 -47.85 16.46
N THR B 404 -11.32 -47.34 16.63
CA THR B 404 -12.19 -47.76 17.73
C THR B 404 -12.76 -49.11 17.35
N ASP B 405 -12.16 -50.18 17.88
CA ASP B 405 -12.20 -51.49 17.27
C ASP B 405 -13.38 -52.36 17.70
N LYS B 406 -14.05 -52.00 18.80
CA LYS B 406 -15.05 -52.87 19.43
C LYS B 406 -14.50 -54.27 19.71
N LYS B 407 -13.23 -54.34 20.08
CA LYS B 407 -12.53 -55.59 20.38
C LYS B 407 -11.87 -55.55 21.74
N LEU B 408 -11.36 -54.39 22.15
CA LEU B 408 -11.22 -54.04 23.57
C LEU B 408 -12.58 -53.59 24.07
N GLU B 409 -13.50 -54.55 24.13
CA GLU B 409 -14.93 -54.28 24.01
C GLU B 409 -15.49 -53.66 25.28
N ASN B 410 -16.56 -52.89 25.11
CA ASN B 410 -17.37 -52.34 26.20
C ASN B 410 -18.16 -53.44 26.90
N ASN B 411 -17.45 -54.37 27.55
CA ASN B 411 -18.10 -55.54 28.13
C ASN B 411 -18.88 -55.18 29.39
N MET B 412 -19.89 -54.33 29.23
CA MET B 412 -20.91 -54.05 30.23
C MET B 412 -22.29 -54.34 29.63
N ARG B 413 -22.37 -55.40 28.83
CA ARG B 413 -23.56 -55.72 28.07
C ARG B 413 -24.59 -56.48 28.91
N GLY B 414 -25.86 -56.28 28.56
CA GLY B 414 -26.94 -57.01 29.20
C GLY B 414 -27.22 -56.66 30.64
N VAL B 415 -26.70 -55.54 31.14
CA VAL B 415 -26.94 -55.13 32.51
C VAL B 415 -28.36 -54.57 32.58
N VAL B 416 -28.87 -54.31 33.77
CA VAL B 416 -30.16 -53.67 33.97
C VAL B 416 -29.96 -52.41 34.80
N LEU B 417 -30.66 -51.34 34.44
CA LEU B 417 -30.46 -50.03 35.02
C LEU B 417 -31.79 -49.38 35.37
N ARG B 418 -31.80 -48.65 36.48
CA ARG B 418 -32.91 -47.77 36.83
C ARG B 418 -32.49 -46.32 36.57
N VAL B 419 -33.40 -45.54 35.99
CA VAL B 419 -33.08 -44.22 35.47
C VAL B 419 -34.09 -43.23 36.04
N VAL B 420 -33.61 -42.01 36.32
CA VAL B 420 -34.46 -40.91 36.78
C VAL B 420 -34.47 -39.84 35.69
N THR B 421 -35.62 -39.19 35.52
CA THR B 421 -35.77 -38.19 34.48
C THR B 421 -36.61 -37.03 35.01
N VAL B 422 -36.58 -35.94 34.25
CA VAL B 422 -37.61 -34.91 34.28
C VAL B 422 -38.19 -34.81 32.87
N LEU B 423 -39.51 -34.89 32.77
CA LEU B 423 -40.16 -34.80 31.47
C LEU B 423 -39.92 -33.44 30.85
N GLU B 424 -39.47 -33.44 29.59
CA GLU B 424 -39.09 -32.21 28.91
C GLU B 424 -39.03 -32.48 27.42
N GLU B 425 -39.58 -31.56 26.63
CA GLU B 425 -39.81 -31.82 25.22
C GLU B 425 -38.86 -30.99 24.36
N PRO B 426 -38.28 -31.57 23.30
CA PRO B 426 -38.50 -32.92 22.79
C PRO B 426 -37.64 -33.97 23.49
N PHE B 427 -36.94 -33.58 24.55
CA PHE B 427 -35.94 -34.46 25.15
C PHE B 427 -36.55 -35.76 25.69
N VAL B 428 -37.58 -35.66 26.53
CA VAL B 428 -38.20 -36.82 27.15
C VAL B 428 -39.71 -36.61 27.24
N MET B 429 -40.46 -37.58 26.73
CA MET B 429 -41.92 -37.54 26.75
C MET B 429 -42.45 -38.96 26.97
N VAL B 430 -43.74 -39.05 27.26
CA VAL B 430 -44.46 -40.32 27.31
C VAL B 430 -45.70 -40.18 26.42
N SER B 431 -46.05 -41.28 25.73
CA SER B 431 -47.23 -41.27 24.86
C SER B 431 -48.17 -42.44 25.10
N GLU B 432 -47.87 -43.35 26.03
CA GLU B 432 -48.85 -44.32 26.48
C GLU B 432 -48.61 -44.64 27.95
N ASN B 433 -49.70 -44.72 28.70
CA ASN B 433 -49.65 -45.05 30.12
C ASN B 433 -50.68 -46.15 30.41
N VAL B 434 -50.27 -47.14 31.20
CA VAL B 434 -51.13 -48.27 31.53
C VAL B 434 -50.90 -48.62 33.00
N LEU B 435 -51.99 -48.68 33.77
CA LEU B 435 -51.95 -49.03 35.19
C LEU B 435 -50.96 -48.15 35.97
N GLY B 436 -50.73 -46.93 35.48
CA GLY B 436 -49.74 -46.05 36.05
C GLY B 436 -48.32 -46.29 35.60
N LYS B 437 -48.08 -47.31 34.78
CA LYS B 437 -46.77 -47.50 34.17
C LYS B 437 -46.56 -46.50 33.03
N PRO B 438 -45.45 -45.78 33.01
CA PRO B 438 -45.07 -45.05 31.79
C PRO B 438 -44.60 -46.02 30.71
N LYS B 439 -45.55 -46.64 30.03
CA LYS B 439 -45.27 -47.79 29.19
C LYS B 439 -44.42 -47.41 27.98
N LYS B 440 -44.64 -46.24 27.39
CA LYS B 440 -43.91 -45.81 26.20
C LYS B 440 -43.29 -44.43 26.42
N TYR B 441 -42.03 -44.43 26.86
CA TYR B 441 -41.23 -43.22 26.81
C TYR B 441 -40.83 -42.90 25.37
N GLN B 442 -40.60 -41.62 25.10
CA GLN B 442 -40.13 -41.19 23.80
C GLN B 442 -39.43 -39.84 23.96
N GLY B 443 -38.70 -39.44 22.93
CA GLY B 443 -37.99 -38.18 22.92
C GLY B 443 -36.54 -38.34 22.52
N PHE B 444 -35.90 -37.19 22.27
CA PHE B 444 -34.53 -37.18 21.78
C PHE B 444 -33.58 -37.88 22.75
N SER B 445 -33.68 -37.58 24.04
CA SER B 445 -32.84 -38.26 25.01
C SER B 445 -33.25 -39.72 25.17
N ILE B 446 -34.55 -40.00 25.05
CA ILE B 446 -35.01 -41.39 25.02
C ILE B 446 -34.44 -42.11 23.80
N ASP B 447 -34.40 -41.44 22.65
CA ASP B 447 -33.79 -42.04 21.47
C ASP B 447 -32.30 -42.28 21.63
N VAL B 448 -31.59 -41.38 22.32
CA VAL B 448 -30.19 -41.64 22.65
C VAL B 448 -30.04 -42.84 23.56
N LEU B 449 -30.90 -42.94 24.57
CA LEU B 449 -30.82 -44.06 25.50
C LEU B 449 -31.19 -45.38 24.81
N ASP B 450 -32.09 -45.34 23.83
CA ASP B 450 -32.32 -46.50 22.98
C ASP B 450 -31.11 -46.81 22.10
N ALA B 451 -30.46 -45.79 21.53
CA ALA B 451 -29.27 -46.02 20.74
C ALA B 451 -28.11 -46.55 21.58
N LEU B 452 -28.21 -46.46 22.90
CA LEU B 452 -27.29 -47.13 23.80
C LEU B 452 -27.75 -48.54 24.17
N SER B 453 -29.03 -48.69 24.52
CA SER B 453 -29.57 -49.98 24.94
C SER B 453 -29.51 -51.00 23.81
N ASN B 454 -29.80 -50.59 22.58
CA ASN B 454 -29.69 -51.51 21.45
C ASN B 454 -28.25 -51.92 21.19
N TYR B 455 -27.29 -51.04 21.49
CA TYR B 455 -25.90 -51.35 21.23
C TYR B 455 -25.32 -52.28 22.29
N LEU B 456 -25.52 -51.95 23.57
CA LEU B 456 -25.03 -52.81 24.65
C LEU B 456 -26.02 -53.90 25.05
N GLY B 457 -27.28 -53.82 24.61
CA GLY B 457 -28.26 -54.81 25.01
C GLY B 457 -28.78 -54.67 26.42
N PHE B 458 -28.38 -53.63 27.14
CA PHE B 458 -28.88 -53.42 28.49
C PHE B 458 -30.35 -53.00 28.48
N ASN B 459 -31.03 -53.30 29.58
CA ASN B 459 -32.41 -52.91 29.80
C ASN B 459 -32.47 -51.77 30.81
N TYR B 460 -33.36 -50.80 30.57
CA TYR B 460 -33.43 -49.60 31.39
C TYR B 460 -34.88 -49.29 31.75
N GLU B 461 -35.06 -48.72 32.95
CA GLU B 461 -36.36 -48.37 33.49
C GLU B 461 -36.29 -46.96 34.05
N ILE B 462 -37.27 -46.13 33.72
CA ILE B 462 -37.24 -44.71 34.01
C ILE B 462 -38.36 -44.35 34.97
N TYR B 463 -38.05 -43.47 35.93
CA TYR B 463 -39.04 -42.85 36.80
C TYR B 463 -38.79 -41.34 36.83
N VAL B 464 -39.76 -40.61 37.37
CA VAL B 464 -39.76 -39.14 37.32
C VAL B 464 -39.26 -38.58 38.64
N ALA B 465 -38.45 -37.53 38.55
CA ALA B 465 -37.93 -36.84 39.72
C ALA B 465 -39.07 -36.29 40.58
N PRO B 466 -38.86 -36.15 41.90
CA PRO B 466 -39.99 -36.05 42.83
C PRO B 466 -40.67 -34.68 42.83
N ASP B 467 -39.93 -33.63 42.49
CA ASP B 467 -40.42 -32.27 42.65
C ASP B 467 -40.50 -31.49 41.35
N HIS B 468 -40.34 -32.16 40.20
CA HIS B 468 -40.31 -31.52 38.88
C HIS B 468 -39.21 -30.46 38.76
N LYS B 469 -38.16 -30.56 39.56
CA LYS B 469 -37.03 -29.65 39.44
C LYS B 469 -35.74 -30.43 39.25
N TYR B 470 -34.79 -29.79 38.56
CA TYR B 470 -33.47 -30.38 38.37
C TYR B 470 -32.66 -30.36 39.67
N GLY B 471 -32.75 -29.27 40.41
CA GLY B 471 -32.09 -29.13 41.69
C GLY B 471 -30.76 -28.41 41.61
N SER B 472 -30.42 -27.73 42.69
CA SER B 472 -29.25 -26.86 42.76
C SER B 472 -28.81 -26.80 44.21
N PRO B 473 -27.58 -26.31 44.48
CA PRO B 473 -27.12 -26.28 45.87
C PRO B 473 -27.84 -25.20 46.67
N GLN B 474 -28.69 -25.64 47.60
CA GLN B 474 -29.50 -24.72 48.38
C GLN B 474 -28.63 -24.02 49.44
N GLU B 475 -29.30 -23.22 50.28
CA GLU B 475 -28.61 -22.39 51.27
C GLU B 475 -27.80 -23.21 52.26
N ASP B 476 -28.13 -24.49 52.43
CA ASP B 476 -27.38 -25.39 53.29
C ASP B 476 -26.39 -26.27 52.53
N GLY B 477 -26.26 -26.09 51.21
CA GLY B 477 -25.40 -26.90 50.40
C GLY B 477 -25.99 -28.19 49.90
N THR B 478 -27.18 -28.57 50.36
CA THR B 478 -27.81 -29.79 49.88
C THR B 478 -28.41 -29.56 48.49
N TRP B 479 -28.61 -30.67 47.77
CA TRP B 479 -29.12 -30.63 46.41
C TRP B 479 -30.53 -31.21 46.41
N ASN B 480 -31.49 -30.42 45.94
CA ASN B 480 -32.83 -30.93 45.67
C ASN B 480 -32.89 -31.57 44.29
N GLY B 481 -34.10 -31.98 43.90
CA GLY B 481 -34.41 -32.35 42.53
C GLY B 481 -33.71 -33.61 42.06
N LEU B 482 -33.62 -33.73 40.73
CA LEU B 482 -32.98 -34.89 40.11
C LEU B 482 -31.50 -35.01 40.54
N VAL B 483 -30.83 -33.88 40.69
CA VAL B 483 -29.45 -33.92 41.18
C VAL B 483 -29.40 -34.46 42.61
N GLY B 484 -30.33 -34.04 43.45
CA GLY B 484 -30.50 -34.67 44.76
C GLY B 484 -30.73 -36.16 44.67
N GLU B 485 -31.56 -36.59 43.72
CA GLU B 485 -31.85 -38.01 43.55
C GLU B 485 -30.59 -38.79 43.19
N LEU B 486 -29.74 -38.24 42.32
CA LEU B 486 -28.48 -38.89 42.00
C LEU B 486 -27.48 -38.80 43.14
N VAL B 487 -27.55 -37.75 43.95
CA VAL B 487 -26.71 -37.66 45.15
C VAL B 487 -27.02 -38.80 46.10
N PHE B 488 -28.30 -39.11 46.28
CA PHE B 488 -28.70 -40.29 47.04
C PHE B 488 -28.69 -41.56 46.20
N LYS B 489 -28.19 -41.49 44.96
CA LYS B 489 -28.05 -42.64 44.06
C LYS B 489 -29.37 -43.42 43.95
N ARG B 490 -30.49 -42.70 43.98
CA ARG B 490 -31.80 -43.34 43.87
C ARG B 490 -32.07 -43.88 42.47
N ALA B 491 -31.25 -43.52 41.49
CA ALA B 491 -31.26 -44.12 40.16
C ALA B 491 -29.82 -44.41 39.76
N ASP B 492 -29.67 -45.28 38.77
CA ASP B 492 -28.36 -45.50 38.16
C ASP B 492 -27.96 -44.35 37.24
N ILE B 493 -28.91 -43.83 36.46
CA ILE B 493 -28.62 -42.82 35.45
C ILE B 493 -29.65 -41.70 35.56
N GLY B 494 -29.20 -40.47 35.39
CA GLY B 494 -30.07 -39.32 35.28
C GLY B 494 -29.97 -38.73 33.88
N ILE B 495 -31.12 -38.52 33.25
CA ILE B 495 -31.18 -38.07 31.86
C ILE B 495 -32.31 -37.08 31.71
N SER B 496 -32.03 -36.01 30.96
CA SER B 496 -32.97 -34.93 30.64
C SER B 496 -32.27 -34.01 29.64
N ALA B 497 -32.61 -32.73 29.67
CA ALA B 497 -31.77 -31.70 29.06
C ALA B 497 -30.83 -31.09 30.10
N LEU B 498 -30.02 -31.96 30.70
CA LEU B 498 -29.12 -31.58 31.78
C LEU B 498 -28.09 -30.57 31.31
N THR B 499 -28.04 -29.42 31.97
CA THR B 499 -26.99 -28.43 31.73
C THR B 499 -25.76 -28.83 32.54
N ILE B 500 -24.70 -29.24 31.85
CA ILE B 500 -23.47 -29.62 32.51
C ILE B 500 -22.86 -28.40 33.21
N THR B 501 -22.55 -28.55 34.50
CA THR B 501 -21.68 -27.63 35.21
C THR B 501 -20.65 -28.42 36.00
N PRO B 502 -19.39 -27.99 35.96
CA PRO B 502 -18.33 -28.74 36.67
C PRO B 502 -18.55 -28.89 38.17
N ASP B 503 -19.13 -27.89 38.82
CA ASP B 503 -19.33 -27.97 40.27
C ASP B 503 -20.31 -29.05 40.67
N ARG B 504 -21.25 -29.41 39.78
CA ARG B 504 -22.12 -30.55 40.04
C ARG B 504 -21.33 -31.86 40.04
N GLU B 505 -20.28 -31.96 39.23
CA GLU B 505 -19.52 -33.20 39.08
C GLU B 505 -18.69 -33.56 40.31
N ASN B 506 -18.72 -32.73 41.36
CA ASN B 506 -18.16 -33.13 42.64
C ASN B 506 -18.89 -34.32 43.24
N VAL B 507 -20.20 -34.44 42.99
CA VAL B 507 -21.03 -35.36 43.76
C VAL B 507 -21.79 -36.31 42.84
N VAL B 508 -21.75 -36.04 41.54
CA VAL B 508 -22.23 -36.98 40.53
C VAL B 508 -21.22 -37.07 39.41
N ASP B 509 -21.28 -38.16 38.66
CA ASP B 509 -20.54 -38.29 37.42
C ASP B 509 -21.28 -37.61 36.26
N PHE B 510 -20.51 -37.19 35.26
CA PHE B 510 -21.05 -36.59 34.04
C PHE B 510 -20.30 -37.15 32.83
N THR B 511 -21.05 -37.42 31.77
CA THR B 511 -20.45 -37.77 30.50
C THR B 511 -19.79 -36.53 29.87
N THR B 512 -18.98 -36.78 28.85
CA THR B 512 -18.70 -35.73 27.89
C THR B 512 -20.00 -35.24 27.25
N ARG B 513 -20.00 -33.97 26.85
CA ARG B 513 -21.20 -33.39 26.26
C ARG B 513 -21.44 -33.92 24.85
N TYR B 514 -22.71 -33.93 24.45
CA TYR B 514 -23.09 -34.17 23.06
C TYR B 514 -23.61 -32.94 22.34
N MET B 515 -23.95 -31.89 23.06
CA MET B 515 -24.43 -30.65 22.43
C MET B 515 -24.09 -29.49 23.36
N ASP B 516 -23.97 -28.30 22.77
CA ASP B 516 -23.71 -27.09 23.54
C ASP B 516 -25.01 -26.39 23.92
N TYR B 517 -24.96 -25.69 25.05
CA TYR B 517 -26.13 -24.97 25.55
C TYR B 517 -26.43 -23.76 24.67
N SER B 518 -27.72 -23.52 24.43
CA SER B 518 -28.16 -22.34 23.70
C SER B 518 -29.17 -21.57 24.56
N VAL B 519 -28.81 -20.34 24.92
CA VAL B 519 -29.72 -19.47 25.65
C VAL B 519 -30.79 -18.96 24.70
N GLY B 520 -32.04 -18.97 25.16
CA GLY B 520 -33.13 -18.45 24.35
C GLY B 520 -34.21 -17.85 25.23
N VAL B 521 -35.15 -17.17 24.57
CA VAL B 521 -36.23 -16.45 25.24
C VAL B 521 -37.54 -16.78 24.53
N LEU B 522 -38.59 -16.99 25.31
CA LEU B 522 -39.93 -17.20 24.79
C LEU B 522 -40.74 -15.92 24.98
N LEU B 523 -41.31 -15.44 23.88
CA LEU B 523 -42.06 -14.19 23.89
C LEU B 523 -43.40 -14.39 23.20
N ARG B 524 -44.43 -13.69 23.68
CA ARG B 524 -45.76 -13.80 23.05
C ARG B 524 -45.79 -12.92 21.79
N ARG B 525 -46.24 -13.48 20.66
CA ARG B 525 -46.38 -12.67 19.42
C ARG B 525 -47.13 -11.38 19.78
N ALA B 526 -46.43 -10.23 19.82
CA ALA B 526 -47.07 -8.97 20.25
C ALA B 526 -48.15 -8.52 19.25
N GLU B 527 -49.30 -9.19 19.26
CA GLU B 527 -50.55 -8.63 19.84
C GLU B 527 -50.76 -7.19 19.31
N LYS B 528 -51.22 -7.06 18.06
CA LYS B 528 -51.50 -5.72 17.49
C LYS B 528 -52.97 -5.37 17.72
N THR B 529 -53.43 -5.42 18.98
CA THR B 529 -54.84 -5.16 19.30
C THR B 529 -55.08 -3.66 19.32
N VAL B 530 -56.34 -3.23 19.14
CA VAL B 530 -56.68 -1.78 19.11
C VAL B 530 -57.78 -1.51 20.16
N ASP B 531 -57.50 -0.64 21.14
CA ASP B 531 -58.49 -0.28 22.14
C ASP B 531 -59.71 0.32 21.45
N MET B 532 -60.89 -0.22 21.77
CA MET B 532 -62.14 0.30 21.24
C MET B 532 -62.48 1.69 21.76
N PHE B 533 -61.81 2.16 22.80
CA PHE B 533 -62.03 3.51 23.33
C PHE B 533 -60.94 4.49 22.90
N ALA B 534 -60.03 4.05 22.02
CA ALA B 534 -58.83 4.81 21.70
C ALA B 534 -59.15 6.24 21.26
N CYS B 535 -60.27 6.42 20.56
CA CYS B 535 -60.64 7.73 20.03
C CYS B 535 -61.22 8.67 21.07
N LEU B 536 -61.63 8.17 22.23
CA LEU B 536 -62.12 9.03 23.29
C LEU B 536 -61.04 9.46 24.26
N ALA B 537 -59.93 8.73 24.31
CA ALA B 537 -58.83 8.92 25.26
C ALA B 537 -58.04 10.23 25.15
N PRO B 538 -57.97 10.92 24.02
CA PRO B 538 -57.08 12.09 23.95
C PRO B 538 -57.36 13.18 24.97
N PHE B 539 -58.55 13.22 25.57
CA PHE B 539 -58.83 14.10 26.70
C PHE B 539 -58.99 13.28 27.97
N ASP B 540 -58.35 13.74 29.05
CA ASP B 540 -58.60 13.17 30.36
C ASP B 540 -60.06 13.35 30.74
N LEU B 541 -60.61 12.35 31.44
CA LEU B 541 -62.02 12.40 31.79
C LEU B 541 -62.35 13.60 32.67
N SER B 542 -61.39 14.06 33.48
CA SER B 542 -61.59 15.29 34.24
C SER B 542 -61.63 16.50 33.32
N LEU B 543 -60.92 16.46 32.20
CA LEU B 543 -60.98 17.56 31.25
C LEU B 543 -62.24 17.51 30.41
N TRP B 544 -62.71 16.29 30.09
CA TRP B 544 -64.05 16.14 29.53
C TRP B 544 -65.10 16.72 30.46
N ALA B 545 -64.91 16.56 31.78
CA ALA B 545 -65.83 17.13 32.74
C ALA B 545 -65.76 18.64 32.75
N CYS B 546 -64.54 19.20 32.83
CA CYS B 546 -64.38 20.65 32.85
C CYS B 546 -65.02 21.29 31.62
N ILE B 547 -64.75 20.73 30.44
CA ILE B 547 -65.28 21.30 29.21
C ILE B 547 -66.81 21.18 29.16
N ALA B 548 -67.35 20.03 29.56
CA ALA B 548 -68.80 19.89 29.60
C ALA B 548 -69.43 20.89 30.57
N GLY B 549 -68.82 21.07 31.74
CA GLY B 549 -69.36 22.03 32.70
C GLY B 549 -69.30 23.47 32.23
N THR B 550 -68.23 23.83 31.50
CA THR B 550 -68.05 25.23 31.12
C THR B 550 -69.20 25.75 30.26
N VAL B 551 -69.80 24.87 29.46
CA VAL B 551 -70.93 25.26 28.62
C VAL B 551 -72.07 25.82 29.46
N LEU B 552 -72.34 25.20 30.61
CA LEU B 552 -73.44 25.63 31.46
C LEU B 552 -73.18 27.02 32.04
N LEU B 553 -71.95 27.23 32.55
CA LEU B 553 -71.56 28.54 33.06
C LEU B 553 -71.71 29.61 31.99
N VAL B 554 -71.13 29.38 30.81
CA VAL B 554 -71.14 30.42 29.79
C VAL B 554 -72.53 30.62 29.19
N GLY B 555 -73.41 29.62 29.25
CA GLY B 555 -74.82 29.88 28.97
C GLY B 555 -75.47 30.78 29.98
N LEU B 556 -75.30 30.45 31.27
CA LEU B 556 -75.92 31.24 32.33
C LEU B 556 -75.44 32.69 32.31
N LEU B 557 -74.14 32.90 32.12
CA LEU B 557 -73.61 34.26 32.09
C LEU B 557 -74.19 35.09 30.96
N VAL B 558 -74.51 34.46 29.83
CA VAL B 558 -75.16 35.19 28.74
C VAL B 558 -76.61 35.47 29.08
N TYR B 559 -77.30 34.49 29.67
CA TYR B 559 -78.66 34.72 30.13
C TYR B 559 -78.72 35.92 31.07
N LEU B 560 -77.81 35.95 32.05
CA LEU B 560 -77.76 37.06 33.00
C LEU B 560 -77.45 38.38 32.31
N LEU B 561 -76.48 38.39 31.38
CA LEU B 561 -76.12 39.63 30.71
C LEU B 561 -77.29 40.18 29.91
N ASN B 562 -78.06 39.31 29.25
CA ASN B 562 -79.26 39.76 28.56
C ASN B 562 -80.35 40.22 29.52
N TRP B 563 -80.44 39.57 30.69
CA TRP B 563 -81.45 39.94 31.68
C TRP B 563 -81.18 41.34 32.24
N LEU B 564 -79.95 41.61 32.66
CA LEU B 564 -79.65 42.84 33.40
C LEU B 564 -79.60 44.06 32.48
N ASN B 565 -78.95 43.93 31.33
CA ASN B 565 -78.60 45.08 30.49
C ASN B 565 -79.07 44.87 29.06
N PRO B 566 -80.38 44.66 28.86
CA PRO B 566 -80.86 44.27 27.53
C PRO B 566 -80.76 45.43 26.55
N PRO B 567 -80.76 45.14 25.26
CA PRO B 567 -80.98 46.21 24.26
C PRO B 567 -82.42 46.69 24.30
N ARG B 568 -82.68 47.72 23.50
CA ARG B 568 -84.05 48.20 23.33
C ARG B 568 -84.92 47.06 22.82
N LEU B 569 -85.93 46.71 23.62
CA LEU B 569 -86.46 45.35 23.65
C LEU B 569 -87.05 44.93 22.30
N GLN B 570 -86.53 43.83 21.78
CA GLN B 570 -87.22 43.08 20.73
C GLN B 570 -88.36 42.31 21.36
N MET B 571 -89.38 43.04 21.82
CA MET B 571 -90.30 42.57 22.85
C MET B 571 -91.02 41.29 22.45
N GLY B 572 -91.05 40.34 23.39
CA GLY B 572 -91.71 39.06 23.19
C GLY B 572 -90.94 38.04 22.37
N SER B 573 -89.73 38.34 21.93
CA SER B 573 -89.00 37.42 21.07
C SER B 573 -88.71 36.11 21.80
N MET B 574 -88.87 35.00 21.08
CA MET B 574 -88.56 33.68 21.62
C MET B 574 -87.09 33.54 21.98
N THR B 575 -86.25 34.44 21.50
CA THR B 575 -84.80 34.42 21.73
C THR B 575 -84.37 35.39 22.81
N SER B 576 -85.31 35.92 23.58
CA SER B 576 -85.06 36.91 24.61
C SER B 576 -84.45 36.26 25.85
N THR B 577 -84.77 36.77 27.04
CA THR B 577 -84.23 36.22 28.26
C THR B 577 -84.88 34.89 28.61
N THR B 578 -84.91 33.99 27.64
CA THR B 578 -85.50 32.66 27.74
C THR B 578 -84.38 31.64 27.84
N LEU B 579 -84.39 30.82 28.88
CA LEU B 579 -83.33 29.87 29.17
C LEU B 579 -82.93 29.05 27.94
N TYR B 580 -83.85 28.19 27.49
CA TYR B 580 -83.60 27.28 26.38
C TYR B 580 -82.81 27.97 25.28
N ASN B 581 -83.39 29.00 24.65
CA ASN B 581 -82.75 29.73 23.56
C ASN B 581 -81.29 30.02 23.84
N SER B 582 -81.03 30.77 24.92
CA SER B 582 -79.68 31.11 25.35
C SER B 582 -78.75 29.89 25.30
N MET B 583 -79.14 28.82 26.00
CA MET B 583 -78.31 27.63 26.03
C MET B 583 -78.12 27.05 24.63
N TRP B 584 -79.22 26.92 23.87
CA TRP B 584 -79.14 26.41 22.51
C TRP B 584 -78.11 27.16 21.68
N PHE B 585 -78.14 28.49 21.77
CA PHE B 585 -77.14 29.31 21.09
C PHE B 585 -75.73 28.92 21.52
N VAL B 586 -75.45 29.06 22.82
CA VAL B 586 -74.14 28.71 23.38
C VAL B 586 -73.65 27.38 22.83
N TYR B 587 -74.50 26.36 22.95
CA TYR B 587 -74.16 25.01 22.49
C TYR B 587 -73.97 24.98 20.98
N GLY B 588 -74.98 25.47 20.24
CA GLY B 588 -74.91 25.47 18.79
C GLY B 588 -73.64 26.10 18.25
N SER B 589 -73.19 27.17 18.88
CA SER B 589 -71.99 27.89 18.46
C SER B 589 -70.71 27.16 18.86
N PHE B 590 -70.82 25.93 19.35
CA PHE B 590 -69.68 25.11 19.70
C PHE B 590 -69.34 24.21 18.53
N VAL B 591 -70.24 23.31 18.16
CA VAL B 591 -69.95 22.35 17.10
C VAL B 591 -70.29 22.98 15.75
N GLN B 592 -70.17 24.30 15.67
CA GLN B 592 -70.25 25.09 14.43
C GLN B 592 -71.61 25.08 13.73
N GLN B 593 -72.42 24.07 13.95
CA GLN B 593 -73.65 24.03 13.16
C GLN B 593 -74.72 25.00 13.66
N GLY B 594 -74.39 25.98 14.50
CA GLY B 594 -75.36 26.97 14.92
C GLY B 594 -75.53 28.08 13.90
N GLY B 595 -76.76 28.57 13.79
CA GLY B 595 -77.09 29.62 12.85
C GLY B 595 -76.64 31.01 13.27
N GLU B 596 -77.42 32.01 12.87
CA GLU B 596 -77.15 33.39 13.25
C GLU B 596 -77.32 33.60 14.75
N VAL B 597 -76.34 34.25 15.37
CA VAL B 597 -76.46 34.76 16.73
C VAL B 597 -77.24 36.08 16.68
N PRO B 598 -78.34 36.19 17.43
CA PRO B 598 -79.39 37.16 17.08
C PRO B 598 -79.22 38.58 17.58
N TYR B 599 -78.29 38.86 18.51
CA TYR B 599 -78.37 40.07 19.32
C TYR B 599 -77.16 40.97 19.16
N THR B 600 -77.40 42.27 19.34
CA THR B 600 -76.53 43.35 18.91
C THR B 600 -75.65 43.93 20.02
N THR B 601 -75.92 43.60 21.28
CA THR B 601 -75.27 44.30 22.38
C THR B 601 -73.77 44.04 22.41
N LEU B 602 -72.99 45.12 22.46
CA LEU B 602 -71.55 45.02 22.61
C LEU B 602 -71.15 44.23 23.86
N ALA B 603 -71.94 44.35 24.93
CA ALA B 603 -71.66 43.60 26.16
C ALA B 603 -71.60 42.09 25.91
N THR B 604 -72.48 41.59 25.05
CA THR B 604 -72.51 40.16 24.75
C THR B 604 -71.61 39.76 23.58
N ARG B 605 -71.54 40.61 22.56
CA ARG B 605 -70.85 40.24 21.32
C ARG B 605 -69.37 39.96 21.55
N MET B 606 -68.70 40.83 22.32
CA MET B 606 -67.30 40.60 22.67
C MET B 606 -67.11 39.68 23.87
N MET B 607 -68.13 38.89 24.21
CA MET B 607 -67.96 37.62 24.92
C MET B 607 -68.11 36.44 23.98
N MET B 608 -69.11 36.50 23.09
CA MET B 608 -69.27 35.46 22.08
C MET B 608 -68.02 35.36 21.20
N GLY B 609 -67.41 36.49 20.89
CA GLY B 609 -66.14 36.53 20.18
C GLY B 609 -64.98 35.88 20.89
N ALA B 610 -65.13 35.58 22.19
CA ALA B 610 -64.19 34.74 22.92
C ALA B 610 -64.64 33.28 22.92
N TRP B 611 -65.94 33.06 23.08
CA TRP B 611 -66.46 31.70 23.10
C TRP B 611 -66.18 30.96 21.79
N TRP B 612 -66.35 31.64 20.65
CA TRP B 612 -65.98 31.05 19.37
C TRP B 612 -64.51 30.66 19.32
N LEU B 613 -63.63 31.53 19.82
CA LEU B 613 -62.21 31.20 19.88
C LEU B 613 -61.98 29.94 20.69
N PHE B 614 -62.52 29.91 21.90
CA PHE B 614 -62.37 28.73 22.75
C PHE B 614 -62.77 27.47 21.97
N ALA B 615 -63.95 27.50 21.35
CA ALA B 615 -64.42 26.38 20.54
C ALA B 615 -63.37 25.96 19.51
N LEU B 616 -62.99 26.89 18.63
CA LEU B 616 -62.01 26.59 17.58
C LEU B 616 -60.76 25.93 18.15
N ILE B 617 -60.20 26.52 19.20
CA ILE B 617 -58.97 26.00 19.81
C ILE B 617 -59.17 24.56 20.27
N VAL B 618 -60.14 24.34 21.16
CA VAL B 618 -60.33 23.00 21.71
C VAL B 618 -60.52 21.96 20.60
N ILE B 619 -61.34 22.28 19.58
CA ILE B 619 -61.54 21.34 18.48
C ILE B 619 -60.21 20.99 17.82
N SER B 620 -59.49 22.02 17.33
CA SER B 620 -58.21 21.80 16.69
C SER B 620 -57.30 20.95 17.58
N SER B 621 -57.21 21.31 18.87
CA SER B 621 -56.42 20.57 19.84
C SER B 621 -56.75 19.09 19.79
N TYR B 622 -58.02 18.75 20.00
CA TYR B 622 -58.46 17.36 19.98
C TYR B 622 -58.01 16.65 18.72
N THR B 623 -58.26 17.27 17.56
CA THR B 623 -57.85 16.69 16.28
C THR B 623 -56.37 16.36 16.27
N ALA B 624 -55.54 17.40 16.45
CA ALA B 624 -54.08 17.22 16.45
C ALA B 624 -53.64 16.15 17.44
N ASN B 625 -54.33 16.06 18.59
CA ASN B 625 -53.94 15.07 19.59
C ASN B 625 -54.19 13.68 19.06
N LEU B 626 -55.36 13.46 18.45
CA LEU B 626 -55.66 12.15 17.89
C LEU B 626 -54.62 11.77 16.85
N ALA B 627 -54.32 12.71 15.94
CA ALA B 627 -53.31 12.48 14.92
C ALA B 627 -51.99 12.05 15.55
N ALA B 628 -51.51 12.82 16.53
CA ALA B 628 -50.32 12.47 17.28
C ALA B 628 -50.41 11.03 17.78
N PHE B 629 -51.46 10.73 18.54
CA PHE B 629 -51.70 9.41 19.10
C PHE B 629 -51.45 8.31 18.08
N LEU B 630 -52.11 8.42 16.93
CA LEU B 630 -52.00 7.36 15.91
C LEU B 630 -50.60 7.32 15.30
N THR B 631 -50.01 8.48 15.02
CA THR B 631 -48.66 8.51 14.46
C THR B 631 -47.62 7.93 15.43
N ILE B 632 -47.91 7.95 16.73
CA ILE B 632 -46.99 7.35 17.70
C ILE B 632 -46.99 5.83 17.54
N THR B 633 -48.13 5.25 17.18
CA THR B 633 -48.20 3.84 16.87
C THR B 633 -47.78 3.66 15.42
N ARG B 634 -47.97 2.46 14.86
CA ARG B 634 -47.69 2.19 13.45
C ARG B 634 -46.19 2.18 13.16
N ILE B 635 -45.39 2.64 14.12
CA ILE B 635 -43.95 2.75 13.95
C ILE B 635 -43.17 1.70 14.76
N GLU B 636 -43.81 1.02 15.70
CA GLU B 636 -43.08 0.14 16.60
C GLU B 636 -42.65 -1.16 15.92
N SER B 637 -41.63 -1.77 16.51
CA SER B 637 -40.97 -3.01 16.09
C SER B 637 -40.11 -3.46 17.25
N SER B 638 -38.83 -3.09 17.21
CA SER B 638 -37.88 -3.31 18.31
C SER B 638 -37.74 -4.80 18.63
N ILE B 639 -38.00 -5.22 19.87
CA ILE B 639 -37.01 -5.93 20.68
C ILE B 639 -36.70 -7.31 20.09
N GLN B 640 -35.53 -7.43 19.48
CA GLN B 640 -35.03 -8.66 18.89
C GLN B 640 -33.66 -9.04 19.45
N SER B 641 -33.21 -8.38 20.53
CA SER B 641 -31.95 -8.73 21.17
C SER B 641 -32.08 -8.68 22.68
N LEU B 642 -31.10 -9.29 23.35
CA LEU B 642 -31.06 -9.29 24.81
C LEU B 642 -30.88 -7.90 25.43
N GLN B 643 -30.11 -7.01 24.78
CA GLN B 643 -29.82 -5.69 25.37
C GLN B 643 -31.07 -4.85 25.60
N ASP B 644 -31.87 -4.62 24.56
CA ASP B 644 -33.10 -3.85 24.74
C ASP B 644 -34.06 -4.57 25.69
N LEU B 645 -34.23 -5.88 25.51
CA LEU B 645 -35.17 -6.61 26.34
C LEU B 645 -34.79 -6.51 27.82
N SER B 646 -33.48 -6.46 28.09
CA SER B 646 -32.98 -6.29 29.45
C SER B 646 -33.02 -4.84 29.89
N LYS B 647 -33.23 -3.90 28.98
CA LYS B 647 -33.19 -2.49 29.28
C LYS B 647 -34.51 -1.78 29.03
N GLN B 648 -35.48 -2.43 28.38
CA GLN B 648 -36.87 -2.01 28.44
C GLN B 648 -37.43 -2.20 29.85
N THR B 649 -38.63 -1.65 30.07
CA THR B 649 -39.28 -1.67 31.37
C THR B 649 -40.73 -2.09 31.34
N GLU B 650 -41.34 -2.28 30.17
CA GLU B 650 -42.76 -2.60 30.11
C GLU B 650 -43.04 -4.09 30.33
N ILE B 651 -42.15 -4.96 29.89
CA ILE B 651 -42.37 -6.40 29.96
C ILE B 651 -41.57 -6.96 31.14
N PRO B 652 -42.22 -7.53 32.15
CA PRO B 652 -41.48 -8.30 33.16
C PRO B 652 -41.05 -9.65 32.60
N TYR B 653 -39.92 -10.14 33.09
CA TYR B 653 -39.33 -11.35 32.56
C TYR B 653 -38.65 -12.13 33.68
N GLY B 654 -38.50 -13.43 33.45
CA GLY B 654 -37.83 -14.29 34.40
C GLY B 654 -37.73 -15.70 33.88
N THR B 655 -37.59 -16.65 34.78
CA THR B 655 -37.38 -18.05 34.40
C THR B 655 -37.91 -18.95 35.52
N VAL B 656 -37.55 -20.23 35.45
CA VAL B 656 -37.78 -21.14 36.56
C VAL B 656 -36.66 -20.98 37.58
N LEU B 657 -37.04 -20.80 38.84
CA LEU B 657 -36.07 -20.75 39.92
C LEU B 657 -35.36 -22.10 40.07
N ASP B 658 -34.18 -22.06 40.67
CA ASP B 658 -33.28 -23.20 40.85
C ASP B 658 -32.82 -23.80 39.52
N SER B 659 -33.11 -23.16 38.40
CA SER B 659 -32.58 -23.61 37.12
C SER B 659 -31.15 -23.11 36.92
N ALA B 660 -30.43 -23.76 36.01
CA ALA B 660 -29.13 -23.27 35.59
C ALA B 660 -29.20 -21.85 35.05
N VAL B 661 -30.30 -21.49 34.40
CA VAL B 661 -30.50 -20.11 33.95
C VAL B 661 -30.55 -19.17 35.14
N TYR B 662 -31.36 -19.52 36.15
CA TYR B 662 -31.46 -18.72 37.36
C TYR B 662 -30.11 -18.62 38.06
N GLU B 663 -29.42 -19.75 38.23
CA GLU B 663 -28.12 -19.73 38.91
C GLU B 663 -27.10 -18.90 38.14
N HIS B 664 -27.13 -18.97 36.81
CA HIS B 664 -26.21 -18.18 36.00
C HIS B 664 -26.48 -16.68 36.13
N VAL B 665 -27.76 -16.28 36.06
CA VAL B 665 -28.07 -14.87 36.18
C VAL B 665 -27.82 -14.37 37.60
N ARG B 666 -28.05 -15.22 38.61
CA ARG B 666 -27.70 -14.86 39.98
C ARG B 666 -26.20 -14.68 40.15
N MET B 667 -25.40 -15.57 39.56
CA MET B 667 -23.95 -15.42 39.58
C MET B 667 -23.50 -14.12 38.93
N LYS B 668 -24.11 -13.77 37.79
CA LYS B 668 -23.77 -12.50 37.15
C LYS B 668 -24.29 -11.30 37.94
N GLY B 669 -25.37 -11.47 38.71
CA GLY B 669 -25.94 -10.40 39.50
C GLY B 669 -25.17 -10.06 40.76
N LEU B 670 -24.97 -11.07 41.62
CA LEU B 670 -24.41 -10.83 42.94
C LEU B 670 -22.95 -10.40 42.88
N ASN B 671 -22.24 -10.77 41.83
CA ASN B 671 -20.80 -10.51 41.78
C ASN B 671 -20.55 -9.02 41.57
N PRO B 672 -19.81 -8.36 42.46
CA PRO B 672 -19.53 -6.93 42.26
C PRO B 672 -18.55 -6.65 41.14
N PHE B 673 -17.84 -7.67 40.66
CA PHE B 673 -16.90 -7.47 39.56
C PHE B 673 -17.60 -7.26 38.22
N GLU B 674 -18.82 -7.77 38.07
CA GLU B 674 -19.42 -7.89 36.75
C GLU B 674 -19.80 -6.51 36.20
N ARG B 675 -19.56 -6.33 34.90
CA ARG B 675 -19.34 -5.02 34.31
C ARG B 675 -20.59 -4.43 33.67
N ASP B 676 -21.11 -5.10 32.64
CA ASP B 676 -22.26 -4.59 31.90
C ASP B 676 -23.49 -4.51 32.79
N SER B 677 -24.14 -3.33 32.79
CA SER B 677 -25.39 -3.12 33.49
C SER B 677 -26.50 -4.07 33.06
N MET B 678 -26.38 -4.70 31.89
CA MET B 678 -27.25 -5.82 31.53
C MET B 678 -27.49 -6.79 32.68
N TYR B 679 -26.42 -7.28 33.30
CA TYR B 679 -26.56 -8.34 34.30
C TYR B 679 -27.20 -7.83 35.58
N SER B 680 -26.84 -6.60 35.99
CA SER B 680 -27.48 -6.00 37.17
C SER B 680 -28.95 -5.72 36.92
N GLN B 681 -29.32 -5.28 35.72
CA GLN B 681 -30.72 -5.01 35.42
C GLN B 681 -31.53 -6.30 35.35
N MET B 682 -30.96 -7.34 34.75
CA MET B 682 -31.60 -8.66 34.78
C MET B 682 -31.81 -9.16 36.20
N TRP B 683 -30.77 -9.05 37.05
CA TRP B 683 -30.93 -9.47 38.44
C TRP B 683 -31.98 -8.63 39.17
N ARG B 684 -31.99 -7.31 38.93
CA ARG B 684 -32.96 -6.46 39.60
C ARG B 684 -34.38 -6.76 39.15
N MET B 685 -34.58 -7.16 37.89
CA MET B 685 -35.87 -7.65 37.47
C MET B 685 -36.21 -8.97 38.16
N ILE B 686 -35.22 -9.84 38.32
CA ILE B 686 -35.45 -11.11 39.02
C ILE B 686 -35.61 -10.87 40.52
N ASN B 687 -34.70 -10.11 41.13
CA ASN B 687 -34.58 -10.06 42.59
C ASN B 687 -35.74 -9.36 43.28
N ARG B 688 -36.76 -8.96 42.53
CA ARG B 688 -38.01 -8.50 43.13
C ARG B 688 -38.63 -9.59 43.98
N SER B 689 -38.62 -9.40 45.30
CA SER B 689 -38.90 -10.47 46.26
C SER B 689 -38.11 -11.74 45.95
N ASN B 690 -36.82 -11.54 45.65
CA ASN B 690 -35.84 -12.62 45.52
C ASN B 690 -36.28 -13.69 44.51
N GLY B 691 -36.96 -13.26 43.45
CA GLY B 691 -37.41 -14.15 42.40
C GLY B 691 -38.90 -14.41 42.37
N SER B 692 -39.57 -14.31 43.52
CA SER B 692 -40.93 -14.80 43.63
C SER B 692 -41.95 -13.90 42.95
N GLU B 693 -41.58 -12.66 42.60
CA GLU B 693 -42.49 -11.79 41.88
C GLU B 693 -42.58 -12.16 40.39
N ASN B 694 -41.48 -12.61 39.79
CA ASN B 694 -41.38 -12.63 38.34
C ASN B 694 -40.98 -14.00 37.79
N ASN B 695 -41.09 -15.05 38.58
CA ASN B 695 -40.64 -16.37 38.15
C ASN B 695 -41.72 -17.42 38.39
N VAL B 696 -41.59 -18.54 37.69
CA VAL B 696 -42.64 -19.54 37.56
C VAL B 696 -42.13 -20.88 38.07
N LEU B 697 -43.07 -21.70 38.55
CA LEU B 697 -42.75 -23.01 39.09
C LEU B 697 -42.64 -24.10 38.02
N GLU B 698 -43.09 -23.84 36.80
CA GLU B 698 -43.04 -24.84 35.74
C GLU B 698 -42.77 -24.17 34.41
N SER B 699 -42.14 -24.91 33.50
CA SER B 699 -42.02 -24.47 32.12
C SER B 699 -43.38 -24.28 31.47
N GLN B 700 -44.30 -25.20 31.71
CA GLN B 700 -45.66 -25.04 31.19
C GLN B 700 -46.35 -23.83 31.81
N ALA B 701 -46.10 -23.56 33.09
CA ALA B 701 -46.67 -22.38 33.72
C ALA B 701 -46.08 -21.10 33.13
N GLY B 702 -44.77 -21.10 32.84
CA GLY B 702 -44.19 -20.00 32.10
C GLY B 702 -44.83 -19.80 30.74
N ILE B 703 -44.97 -20.89 29.99
CA ILE B 703 -45.60 -20.84 28.66
C ILE B 703 -46.98 -20.21 28.74
N GLN B 704 -47.81 -20.69 29.69
CA GLN B 704 -49.17 -20.16 29.80
C GLN B 704 -49.18 -18.71 30.28
N LYS B 705 -48.28 -18.35 31.19
CA LYS B 705 -48.20 -16.96 31.64
C LYS B 705 -47.83 -16.03 30.49
N VAL B 706 -46.88 -16.44 29.65
CA VAL B 706 -46.57 -15.67 28.45
C VAL B 706 -47.77 -15.62 27.51
N LYS B 707 -48.47 -16.74 27.34
CA LYS B 707 -49.59 -16.79 26.40
C LYS B 707 -50.74 -15.90 26.84
N TYR B 708 -50.95 -15.73 28.15
CA TYR B 708 -52.13 -15.05 28.66
C TYR B 708 -51.83 -13.74 29.35
N GLY B 709 -50.57 -13.47 29.69
CA GLY B 709 -50.23 -12.25 30.41
C GLY B 709 -49.00 -11.60 29.80
N ASN B 710 -48.74 -10.38 30.27
CA ASN B 710 -47.54 -9.63 29.87
C ASN B 710 -46.34 -10.25 30.58
N TYR B 711 -45.60 -11.09 29.87
CA TYR B 711 -44.45 -11.76 30.45
C TYR B 711 -43.56 -12.26 29.31
N ALA B 712 -42.31 -12.55 29.65
CA ALA B 712 -41.43 -13.32 28.79
C ALA B 712 -40.73 -14.40 29.59
N PHE B 713 -40.61 -15.59 29.00
CA PHE B 713 -40.05 -16.75 29.67
C PHE B 713 -38.72 -17.12 29.01
N VAL B 714 -37.68 -17.25 29.82
CA VAL B 714 -36.32 -17.50 29.33
C VAL B 714 -35.99 -18.97 29.56
N TRP B 715 -35.62 -19.67 28.49
CA TRP B 715 -35.43 -21.12 28.57
C TRP B 715 -34.64 -21.59 27.36
N ASP B 716 -34.28 -22.88 27.40
CA ASP B 716 -33.51 -23.54 26.36
C ASP B 716 -34.08 -23.25 24.98
N ALA B 717 -33.26 -22.60 24.13
CA ALA B 717 -33.76 -22.08 22.87
C ALA B 717 -34.30 -23.20 21.97
N ALA B 718 -33.69 -24.38 22.00
CA ALA B 718 -34.20 -25.49 21.22
C ALA B 718 -35.56 -25.96 21.73
N VAL B 719 -35.81 -25.82 23.03
CA VAL B 719 -37.13 -26.12 23.58
C VAL B 719 -38.15 -25.12 23.10
N LEU B 720 -37.80 -23.83 23.16
CA LEU B 720 -38.74 -22.80 22.77
C LEU B 720 -39.02 -22.85 21.26
N GLU B 721 -38.02 -23.26 20.47
CA GLU B 721 -38.24 -23.56 19.06
C GLU B 721 -39.19 -24.73 18.88
N TYR B 722 -39.05 -25.79 19.67
CA TYR B 722 -39.97 -26.92 19.59
C TYR B 722 -41.39 -26.52 19.99
N VAL B 723 -41.52 -25.63 20.97
CA VAL B 723 -42.83 -25.10 21.34
C VAL B 723 -43.43 -24.29 20.19
N ALA B 724 -42.63 -23.42 19.58
CA ALA B 724 -43.12 -22.64 18.44
C ALA B 724 -43.45 -23.53 17.25
N ILE B 725 -42.78 -24.67 17.13
CA ILE B 725 -43.14 -25.67 16.13
C ILE B 725 -44.48 -26.31 16.48
N ASN B 726 -44.75 -26.52 17.75
CA ASN B 726 -45.87 -27.36 18.17
C ASN B 726 -47.02 -26.59 18.80
N ASP B 727 -46.85 -25.31 19.10
CA ASP B 727 -47.96 -24.50 19.59
C ASP B 727 -49.04 -24.37 18.51
N PRO B 728 -50.23 -24.95 18.74
CA PRO B 728 -51.19 -25.07 17.63
C PRO B 728 -51.84 -23.75 17.23
N ASP B 729 -51.86 -22.76 18.13
CA ASP B 729 -52.35 -21.44 17.78
C ASP B 729 -51.30 -20.56 17.14
N CYS B 730 -50.04 -20.99 17.13
CA CYS B 730 -48.92 -20.17 16.67
C CYS B 730 -48.92 -18.80 17.36
N SER B 731 -48.95 -18.82 18.69
CA SER B 731 -49.09 -17.60 19.46
C SER B 731 -47.77 -17.04 19.94
N PHE B 732 -46.66 -17.76 19.77
CA PHE B 732 -45.36 -17.36 20.29
C PHE B 732 -44.39 -17.08 19.15
N TYR B 733 -43.39 -16.25 19.46
CA TYR B 733 -42.16 -16.15 18.70
C TYR B 733 -40.98 -16.16 19.67
N THR B 734 -39.79 -16.43 19.13
CA THR B 734 -38.66 -16.73 20.00
C THR B 734 -37.36 -16.24 19.36
N ILE B 735 -36.38 -15.99 20.23
CA ILE B 735 -35.05 -15.52 19.86
C ILE B 735 -34.06 -16.21 20.78
N GLY B 736 -32.81 -16.32 20.32
CA GLY B 736 -31.82 -17.04 21.10
C GLY B 736 -30.47 -17.05 20.42
N ASN B 737 -29.48 -17.55 21.15
CA ASN B 737 -28.09 -17.49 20.74
C ASN B 737 -27.34 -18.67 21.34
N THR B 738 -26.15 -18.93 20.78
CA THR B 738 -25.28 -20.00 21.24
C THR B 738 -24.16 -19.44 22.11
N VAL B 739 -23.94 -20.05 23.27
CA VAL B 739 -23.12 -19.46 24.32
C VAL B 739 -22.08 -20.48 24.76
N ALA B 740 -20.93 -19.98 25.21
CA ALA B 740 -19.81 -20.78 25.68
C ALA B 740 -20.14 -21.51 26.98
N ASP B 741 -19.13 -22.19 27.51
CA ASP B 741 -19.17 -22.98 28.74
C ASP B 741 -20.10 -24.18 28.67
N ARG B 742 -21.39 -23.97 28.90
CA ARG B 742 -22.26 -25.05 29.33
C ARG B 742 -22.76 -25.87 28.14
N GLY B 743 -23.04 -27.14 28.40
CA GLY B 743 -23.51 -28.07 27.39
C GLY B 743 -24.44 -29.10 27.99
N TYR B 744 -24.92 -30.00 27.13
CA TYR B 744 -25.88 -31.03 27.51
C TYR B 744 -25.20 -32.39 27.51
N GLY B 745 -25.44 -33.16 28.58
CA GLY B 745 -24.79 -34.45 28.74
C GLY B 745 -25.65 -35.46 29.47
N ILE B 746 -25.04 -36.49 30.06
CA ILE B 746 -25.73 -37.44 30.91
C ILE B 746 -25.00 -37.54 32.23
N ALA B 747 -25.76 -37.74 33.31
CA ALA B 747 -25.21 -37.90 34.64
C ALA B 747 -25.54 -39.28 35.21
N LEU B 748 -24.71 -39.73 36.15
CA LEU B 748 -24.77 -41.07 36.70
C LEU B 748 -24.40 -41.02 38.17
N GLN B 749 -24.58 -42.15 38.85
CA GLN B 749 -24.03 -42.34 40.19
C GLN B 749 -22.53 -42.07 40.19
N HIS B 750 -22.11 -41.21 41.12
CA HIS B 750 -20.69 -40.85 41.22
C HIS B 750 -19.85 -42.08 41.52
N GLY B 751 -18.75 -42.22 40.78
CA GLY B 751 -17.99 -43.46 40.78
C GLY B 751 -18.50 -44.49 39.80
N SER B 752 -19.11 -44.05 38.70
CA SER B 752 -19.77 -44.97 37.77
C SER B 752 -18.73 -45.88 37.10
N PRO B 753 -19.01 -47.18 37.00
CA PRO B 753 -18.12 -48.05 36.20
C PRO B 753 -18.25 -47.81 34.71
N TYR B 754 -19.34 -47.18 34.26
CA TYR B 754 -19.55 -46.86 32.86
C TYR B 754 -18.73 -45.66 32.38
N ARG B 755 -18.00 -45.00 33.29
CA ARG B 755 -17.22 -43.82 32.92
C ARG B 755 -16.30 -44.08 31.73
N ASP B 756 -15.82 -45.31 31.58
CA ASP B 756 -14.97 -45.66 30.45
C ASP B 756 -15.77 -45.87 29.16
N VAL B 757 -17.07 -46.12 29.25
CA VAL B 757 -17.87 -46.39 28.06
C VAL B 757 -18.13 -45.11 27.27
N PHE B 758 -18.24 -43.97 27.96
CA PHE B 758 -18.80 -42.76 27.36
C PHE B 758 -18.03 -42.33 26.12
N SER B 759 -16.71 -42.23 26.23
CA SER B 759 -15.90 -41.55 25.22
C SER B 759 -16.07 -42.18 23.84
N GLN B 760 -15.70 -43.45 23.69
CA GLN B 760 -15.74 -44.10 22.38
C GLN B 760 -17.15 -44.20 21.82
N ARG B 761 -18.16 -44.39 22.67
CA ARG B 761 -19.51 -44.54 22.13
C ARG B 761 -20.09 -43.20 21.68
N ILE B 762 -19.82 -42.14 22.44
CA ILE B 762 -20.20 -40.79 22.00
C ILE B 762 -19.50 -40.43 20.70
N LEU B 763 -18.20 -40.75 20.61
CA LEU B 763 -17.46 -40.47 19.38
C LEU B 763 -18.02 -41.29 18.20
N GLU B 764 -18.41 -42.54 18.44
CA GLU B 764 -19.12 -43.30 17.41
C GLU B 764 -20.40 -42.61 16.97
N LEU B 765 -21.23 -42.21 17.94
CA LEU B 765 -22.50 -41.56 17.62
C LEU B 765 -22.28 -40.28 16.82
N GLN B 766 -21.22 -39.54 17.10
CA GLN B 766 -20.92 -38.34 16.33
C GLN B 766 -20.36 -38.66 14.95
N GLN B 767 -19.50 -39.67 14.86
CA GLN B 767 -18.93 -40.07 13.57
C GLN B 767 -19.97 -40.72 12.67
N ASN B 768 -20.88 -41.51 13.25
CA ASN B 768 -21.91 -42.17 12.45
C ASN B 768 -22.93 -41.19 11.90
N GLY B 769 -23.04 -40.00 12.49
CA GLY B 769 -24.15 -39.12 12.20
C GLY B 769 -25.45 -39.50 12.86
N ASP B 770 -25.44 -40.50 13.74
CA ASP B 770 -26.64 -40.82 14.51
C ASP B 770 -27.12 -39.60 15.29
N MET B 771 -26.18 -38.82 15.83
CA MET B 771 -26.52 -37.56 16.48
C MET B 771 -27.31 -36.65 15.54
N ASP B 772 -26.81 -36.47 14.31
CA ASP B 772 -27.50 -35.64 13.34
C ASP B 772 -28.82 -36.26 12.88
N ILE B 773 -28.86 -37.59 12.79
CA ILE B 773 -30.11 -38.26 12.41
C ILE B 773 -31.20 -38.00 13.44
N LEU B 774 -30.87 -38.17 14.72
CA LEU B 774 -31.83 -37.88 15.79
C LEU B 774 -32.17 -36.39 15.84
N LYS B 775 -31.19 -35.52 15.63
CA LYS B 775 -31.45 -34.09 15.68
C LYS B 775 -32.42 -33.67 14.57
N HIS B 776 -32.23 -34.18 13.35
CA HIS B 776 -33.15 -33.87 12.27
C HIS B 776 -34.52 -34.51 12.52
N LYS B 777 -34.53 -35.72 13.10
CA LYS B 777 -35.80 -36.35 13.46
C LYS B 777 -36.59 -35.49 14.43
N TRP B 778 -35.94 -34.92 15.44
CA TRP B 778 -36.64 -34.16 16.46
C TRP B 778 -36.66 -32.65 16.20
N TRP B 779 -35.73 -32.12 15.42
CA TRP B 779 -35.75 -30.73 14.98
C TRP B 779 -35.71 -30.68 13.46
N PRO B 780 -36.83 -30.99 12.80
CA PRO B 780 -36.91 -30.78 11.35
C PRO B 780 -36.88 -29.31 10.99
N LYS B 781 -36.76 -29.05 9.69
CA LYS B 781 -36.54 -27.69 9.20
C LYS B 781 -37.71 -26.77 9.46
N ASN B 782 -38.92 -27.29 9.66
CA ASN B 782 -40.09 -26.44 9.82
C ASN B 782 -41.11 -27.13 10.72
N GLY B 783 -42.02 -26.32 11.25
CA GLY B 783 -43.08 -26.80 12.12
C GLY B 783 -44.46 -26.38 11.67
N GLN B 784 -45.40 -26.35 12.61
CA GLN B 784 -46.76 -25.87 12.32
C GLN B 784 -46.80 -24.35 12.14
N CYS B 785 -45.71 -23.64 12.42
CA CYS B 785 -45.71 -22.19 12.46
C CYS B 785 -44.40 -21.68 11.89
N ASP B 786 -44.42 -20.43 11.42
CA ASP B 786 -43.19 -19.67 11.24
C ASP B 786 -42.65 -19.28 12.61
N LEU B 787 -41.46 -19.78 12.95
CA LEU B 787 -40.90 -19.53 14.27
C LEU B 787 -40.47 -18.08 14.44
N TYR B 788 -40.04 -17.43 13.37
CA TYR B 788 -39.51 -16.07 13.45
C TYR B 788 -40.56 -15.00 13.24
N SER B 789 -41.73 -15.36 12.74
CA SER B 789 -42.80 -14.41 12.49
C SER B 789 -43.23 -13.76 13.80
N SER B 790 -42.80 -12.52 14.05
CA SER B 790 -43.31 -11.85 15.24
C SER B 790 -44.82 -11.66 15.13
N VAL B 791 -45.30 -10.86 14.19
CA VAL B 791 -46.74 -10.81 13.96
C VAL B 791 -47.03 -10.95 12.48
N ASP B 792 -46.92 -9.84 11.75
CA ASP B 792 -47.32 -9.68 10.35
C ASP B 792 -47.09 -8.20 10.02
N THR B 793 -47.61 -7.72 8.89
CA THR B 793 -47.39 -6.32 8.51
C THR B 793 -48.55 -5.41 8.89
N LYS B 794 -49.23 -5.66 10.02
CA LYS B 794 -50.28 -4.74 10.48
C LYS B 794 -49.71 -3.37 10.85
N GLN B 795 -48.58 -3.34 11.55
CA GLN B 795 -48.00 -2.06 11.95
C GLN B 795 -47.58 -1.21 10.75
N LYS B 796 -47.14 -1.82 9.65
CA LYS B 796 -46.75 -1.05 8.49
C LYS B 796 -47.91 -0.94 7.48
N GLY B 797 -49.08 -0.58 7.99
CA GLY B 797 -50.24 -0.40 7.14
C GLY B 797 -51.49 -1.10 7.65
N GLY B 798 -52.59 -0.36 7.77
CA GLY B 798 -53.82 -0.92 8.29
C GLY B 798 -54.85 0.13 8.67
N ALA B 799 -56.08 -0.07 8.21
CA ALA B 799 -57.20 0.83 8.49
C ALA B 799 -57.74 0.63 9.90
N LEU B 800 -58.63 1.54 10.29
CA LEU B 800 -59.58 1.32 11.36
C LEU B 800 -60.76 0.47 10.87
N ASP B 801 -61.49 -0.10 11.82
CA ASP B 801 -62.60 -0.99 11.50
C ASP B 801 -63.69 -0.91 12.57
N ILE B 802 -64.80 -1.59 12.29
CA ILE B 802 -65.96 -1.59 13.17
C ILE B 802 -65.59 -2.01 14.59
N LYS B 803 -64.73 -3.01 14.72
CA LYS B 803 -64.35 -3.53 16.03
C LYS B 803 -63.39 -2.62 16.78
N SER B 804 -62.82 -1.61 16.11
CA SER B 804 -61.97 -0.63 16.77
C SER B 804 -62.62 0.73 16.90
N PHE B 805 -63.55 1.07 16.01
CA PHE B 805 -64.35 2.28 16.11
C PHE B 805 -65.54 2.13 17.05
N ALA B 806 -65.83 0.91 17.50
CA ALA B 806 -67.11 0.58 18.11
C ALA B 806 -67.49 1.52 19.25
N GLY B 807 -66.50 1.97 20.02
CA GLY B 807 -66.76 2.84 21.16
C GLY B 807 -67.51 4.11 20.85
N VAL B 808 -67.44 4.59 19.61
CA VAL B 808 -68.17 5.81 19.26
C VAL B 808 -69.67 5.56 19.23
N PHE B 809 -70.09 4.37 18.79
CA PHE B 809 -71.50 4.12 18.57
C PHE B 809 -72.32 4.14 19.86
N CYS B 810 -71.69 3.90 21.01
CA CYS B 810 -72.38 4.08 22.28
C CYS B 810 -72.86 5.51 22.49
N ILE B 811 -72.10 6.49 21.99
CA ILE B 811 -72.50 7.89 22.17
C ILE B 811 -73.73 8.23 21.33
N LEU B 812 -73.90 7.55 20.19
CA LEU B 812 -75.14 7.69 19.43
C LEU B 812 -76.29 6.93 20.10
N ALA B 813 -76.04 5.67 20.49
CA ALA B 813 -77.11 4.85 21.04
C ALA B 813 -77.67 5.44 22.34
N ALA B 814 -76.79 5.96 23.19
CA ALA B 814 -77.26 6.60 24.42
C ALA B 814 -78.16 7.79 24.11
N GLY B 815 -77.80 8.58 23.11
CA GLY B 815 -78.65 9.70 22.72
C GLY B 815 -79.99 9.26 22.18
N ILE B 816 -80.00 8.17 21.40
CA ILE B 816 -81.26 7.64 20.89
C ILE B 816 -82.15 7.17 22.04
N VAL B 817 -81.59 6.36 22.94
CA VAL B 817 -82.37 5.81 24.05
C VAL B 817 -82.91 6.94 24.92
N LEU B 818 -82.06 7.89 25.27
CA LEU B 818 -82.47 9.01 26.11
C LEU B 818 -83.53 9.86 25.43
N SER B 819 -83.39 10.10 24.12
CA SER B 819 -84.40 10.87 23.41
C SER B 819 -85.74 10.16 23.37
N CYS B 820 -85.73 8.84 23.13
CA CYS B 820 -86.98 8.08 23.15
C CYS B 820 -87.65 8.12 24.52
N PHE B 821 -86.86 7.93 25.59
CA PHE B 821 -87.40 7.98 26.95
C PHE B 821 -87.98 9.36 27.27
N ILE B 822 -87.24 10.42 26.94
CA ILE B 822 -87.74 11.78 27.15
C ILE B 822 -89.01 12.01 26.33
N ALA B 823 -89.03 11.54 25.08
CA ALA B 823 -90.20 11.73 24.24
C ALA B 823 -91.43 11.06 24.84
N MET B 824 -91.24 9.90 25.46
CA MET B 824 -92.38 9.20 26.07
C MET B 824 -92.86 9.93 27.33
N LEU B 825 -91.93 10.36 28.18
CA LEU B 825 -92.32 11.12 29.36
C LEU B 825 -93.03 12.41 28.99
N GLU B 826 -92.48 13.15 28.02
CA GLU B 826 -93.09 14.40 27.59
C GLU B 826 -94.45 14.16 26.93
N THR B 827 -94.58 13.05 26.19
CA THR B 827 -95.88 12.71 25.61
C THR B 827 -96.93 12.53 26.71
N TRP B 828 -96.59 11.73 27.75
CA TRP B 828 -97.55 11.51 28.83
C TRP B 828 -97.84 12.81 29.59
N TRP B 829 -96.81 13.63 29.83
CA TRP B 829 -97.00 14.91 30.50
C TRP B 829 -97.90 15.84 29.70
N ASN B 830 -97.69 15.92 28.38
CA ASN B 830 -98.55 16.74 27.53
C ASN B 830 -99.98 16.22 27.51
N LYS B 831 -100.16 14.89 27.45
CA LYS B 831 -101.50 14.33 27.58
C LYS B 831 -102.13 14.70 28.91
N ARG B 832 -101.34 14.76 29.98
CA ARG B 832 -101.86 15.13 31.28
C ARG B 832 -102.25 16.61 31.33
N LYS B 833 -101.50 17.47 30.63
CA LYS B 833 -101.95 18.85 30.45
C LYS B 833 -103.22 18.92 29.62
N GLY B 834 -103.28 18.15 28.53
CA GLY B 834 -104.23 18.42 27.48
C GLY B 834 -103.78 19.48 26.50
N SER B 835 -102.49 19.84 26.52
CA SER B 835 -101.97 20.91 25.70
C SER B 835 -100.47 20.71 25.55
N ARG B 836 -99.86 21.50 24.65
CA ARG B 836 -98.43 21.40 24.40
C ARG B 836 -97.65 22.37 25.26
N ILE C 1 86.19 28.11 -36.44
CA ILE C 1 84.88 27.52 -36.16
C ILE C 1 83.82 28.21 -37.01
N HIS C 2 82.93 27.40 -37.60
CA HIS C 2 81.76 27.91 -38.31
C HIS C 2 80.53 27.16 -37.85
N ILE C 3 79.43 27.90 -37.68
CA ILE C 3 78.17 27.35 -37.17
C ILE C 3 77.05 27.83 -38.06
N GLY C 4 76.06 26.97 -38.29
CA GLY C 4 74.89 27.32 -39.07
C GLY C 4 73.63 27.15 -38.24
N ALA C 5 72.74 28.15 -38.32
CA ALA C 5 71.46 28.12 -37.62
C ALA C 5 70.35 28.54 -38.56
N ILE C 6 69.23 27.82 -38.50
CA ILE C 6 68.10 28.01 -39.39
C ILE C 6 66.89 28.35 -38.52
N PHE C 7 66.37 29.56 -38.68
CA PHE C 7 65.32 30.08 -37.81
C PHE C 7 64.08 30.45 -38.63
N ASP C 8 62.92 30.28 -38.02
CA ASP C 8 61.67 30.76 -38.60
C ASP C 8 61.73 32.27 -38.77
N GLU C 9 60.96 32.79 -39.72
CA GLU C 9 60.89 34.23 -39.95
C GLU C 9 60.39 34.99 -38.72
N SER C 10 59.62 34.35 -37.85
CA SER C 10 59.27 34.96 -36.58
C SER C 10 60.39 34.87 -35.55
N ALA C 11 61.32 33.92 -35.72
CA ALA C 11 62.40 33.69 -34.77
C ALA C 11 63.61 34.59 -35.00
N LYS C 12 63.47 35.63 -35.81
CA LYS C 12 64.59 36.51 -36.13
C LYS C 12 65.24 37.09 -34.88
N LYS C 13 64.48 37.24 -33.78
CA LYS C 13 65.06 37.64 -32.51
C LYS C 13 66.18 36.71 -32.05
N ASP C 14 66.12 35.44 -32.43
CA ASP C 14 67.17 34.49 -32.07
C ASP C 14 68.49 34.79 -32.78
N ASP C 15 68.48 35.61 -33.84
CA ASP C 15 69.73 36.09 -34.42
C ASP C 15 70.49 36.97 -33.43
N GLU C 16 69.80 37.92 -32.80
CA GLU C 16 70.44 38.72 -31.76
C GLU C 16 70.89 37.88 -30.58
N VAL C 17 70.19 36.78 -30.29
CA VAL C 17 70.63 35.86 -29.24
C VAL C 17 71.92 35.16 -29.65
N PHE C 18 72.00 34.71 -30.90
CA PHE C 18 73.22 34.09 -31.39
C PHE C 18 74.40 35.06 -31.35
N ARG C 19 74.18 36.29 -31.82
CA ARG C 19 75.22 37.31 -31.72
C ARG C 19 75.61 37.63 -30.28
N THR C 20 74.65 37.61 -29.35
CA THR C 20 74.96 37.75 -27.93
C THR C 20 75.87 36.62 -27.44
N ALA C 21 75.54 35.38 -27.82
CA ALA C 21 76.38 34.25 -27.44
C ALA C 21 77.78 34.37 -28.02
N VAL C 22 77.89 34.76 -29.29
CA VAL C 22 79.18 34.94 -29.92
C VAL C 22 79.99 36.02 -29.20
N GLY C 23 79.34 37.15 -28.89
CA GLY C 23 80.02 38.21 -28.18
C GLY C 23 80.48 37.81 -26.78
N ASP C 24 79.69 36.99 -26.11
CA ASP C 24 80.12 36.45 -24.82
C ASP C 24 81.23 35.42 -24.99
N LEU C 25 81.05 34.49 -25.94
CA LEU C 25 82.00 33.38 -26.08
C LEU C 25 83.33 33.85 -26.66
N ASN C 26 83.33 34.90 -27.48
CA ASN C 26 84.59 35.51 -27.90
C ASN C 26 85.30 36.24 -26.77
N GLN C 27 84.72 36.30 -25.58
CA GLN C 27 85.35 36.88 -24.41
C GLN C 27 85.39 35.93 -23.23
N ASN C 28 84.92 34.70 -23.39
CA ASN C 28 84.84 33.76 -22.27
C ASN C 28 86.23 33.26 -21.92
N GLU C 29 86.53 33.23 -20.63
CA GLU C 29 87.86 32.89 -20.14
C GLU C 29 88.08 31.39 -19.98
N GLU C 30 87.02 30.60 -20.08
CA GLU C 30 87.07 29.17 -19.79
C GLU C 30 86.79 28.29 -20.99
N ILE C 31 86.00 28.76 -21.97
CA ILE C 31 85.49 27.93 -23.04
C ILE C 31 85.93 28.54 -24.38
N LEU C 32 86.32 27.67 -25.31
CA LEU C 32 86.88 28.07 -26.60
C LEU C 32 88.03 29.07 -26.43
N GLN C 33 88.91 28.77 -25.47
CA GLN C 33 89.98 29.70 -25.12
C GLN C 33 90.93 29.98 -26.28
N THR C 34 90.99 29.10 -27.28
CA THR C 34 91.85 29.29 -28.44
C THR C 34 91.12 29.73 -29.70
N GLU C 35 89.80 29.88 -29.67
CA GLU C 35 89.00 29.96 -30.89
C GLU C 35 88.06 31.16 -30.83
N LYS C 36 87.51 31.50 -31.99
CA LYS C 36 86.41 32.43 -32.11
C LYS C 36 85.33 31.83 -33.01
N ILE C 37 84.08 32.14 -32.72
CA ILE C 37 82.95 31.63 -33.50
C ILE C 37 82.71 32.53 -34.71
N THR C 38 82.37 31.90 -35.84
CA THR C 38 81.83 32.58 -37.01
C THR C 38 80.49 31.95 -37.37
N PHE C 39 79.58 32.76 -37.90
CA PHE C 39 78.19 32.35 -38.00
C PHE C 39 77.56 32.91 -39.27
N SER C 40 76.52 32.23 -39.73
CA SER C 40 75.78 32.59 -40.93
C SER C 40 74.28 32.38 -40.72
N VAL C 41 73.79 32.87 -39.57
CA VAL C 41 72.39 32.68 -39.19
C VAL C 41 71.46 33.11 -40.30
N THR C 42 70.52 32.23 -40.66
CA THR C 42 69.70 32.37 -41.84
C THR C 42 68.23 32.19 -41.48
N PHE C 43 67.37 33.02 -42.04
CA PHE C 43 65.94 33.01 -41.76
C PHE C 43 65.18 32.36 -42.91
N VAL C 44 64.26 31.45 -42.58
CA VAL C 44 63.42 30.79 -43.57
C VAL C 44 61.99 30.74 -43.04
N ASP C 45 61.05 30.54 -43.97
CA ASP C 45 59.68 30.24 -43.60
C ASP C 45 59.62 28.87 -42.94
N GLY C 46 59.26 28.84 -41.66
CA GLY C 46 59.21 27.60 -40.90
C GLY C 46 58.21 26.59 -41.41
N ASN C 47 57.30 26.98 -42.29
CA ASN C 47 56.36 26.07 -42.92
C ASN C 47 56.92 25.43 -44.20
N ASN C 48 58.12 25.81 -44.61
CA ASN C 48 58.72 25.33 -45.86
C ASN C 48 59.91 24.43 -45.55
N PRO C 49 59.67 23.13 -45.31
CA PRO C 49 60.79 22.24 -44.97
C PRO C 49 61.88 22.17 -46.03
N PHE C 50 61.50 22.27 -47.30
CA PHE C 50 62.48 22.23 -48.37
C PHE C 50 63.46 23.40 -48.29
N GLN C 51 62.95 24.61 -48.10
CA GLN C 51 63.83 25.77 -48.00
C GLN C 51 64.72 25.71 -46.76
N ALA C 52 64.19 25.20 -45.65
CA ALA C 52 65.01 24.99 -44.46
C ALA C 52 66.15 24.01 -44.73
N VAL C 53 65.84 22.89 -45.37
CA VAL C 53 66.88 21.91 -45.73
C VAL C 53 67.86 22.52 -46.73
N GLN C 54 67.37 23.33 -47.66
CA GLN C 54 68.22 23.99 -48.64
C GLN C 54 69.24 24.91 -47.97
N GLU C 55 68.78 25.75 -47.03
CA GLU C 55 69.70 26.63 -46.32
C GLU C 55 70.63 25.87 -45.39
N ALA C 56 70.15 24.82 -44.73
CA ALA C 56 71.03 23.96 -43.95
C ALA C 56 72.12 23.33 -44.81
N CYS C 57 71.76 22.88 -46.02
CA CYS C 57 72.76 22.32 -46.93
C CYS C 57 73.70 23.38 -47.50
N GLU C 58 73.24 24.62 -47.65
CA GLU C 58 74.15 25.71 -48.00
C GLU C 58 75.14 25.98 -46.86
N LEU C 59 74.68 25.92 -45.62
CA LEU C 59 75.57 26.06 -44.47
C LEU C 59 76.57 24.91 -44.39
N MET C 60 76.13 23.69 -44.71
CA MET C 60 77.06 22.57 -44.83
C MET C 60 78.05 22.77 -45.98
N ASN C 61 77.60 23.39 -47.07
CA ASN C 61 78.52 23.72 -48.16
C ASN C 61 79.56 24.74 -47.70
N GLN C 62 79.16 25.68 -46.85
CA GLN C 62 80.13 26.54 -46.18
C GLN C 62 80.98 25.76 -45.19
N GLY C 63 80.50 24.60 -44.73
CA GLY C 63 81.22 23.77 -43.79
C GLY C 63 80.86 24.07 -42.35
N ILE C 64 80.20 23.10 -41.70
CA ILE C 64 79.75 23.23 -40.32
C ILE C 64 79.87 21.87 -39.64
N LEU C 65 80.05 21.89 -38.32
CA LEU C 65 80.20 20.68 -37.55
C LEU C 65 78.90 20.21 -36.89
N ALA C 66 78.00 21.14 -36.58
CA ALA C 66 76.71 20.80 -35.99
C ALA C 66 75.67 21.81 -36.45
N LEU C 67 74.40 21.40 -36.39
CA LEU C 67 73.30 22.16 -36.93
C LEU C 67 72.35 22.58 -35.83
N VAL C 68 71.80 23.79 -35.94
CA VAL C 68 70.90 24.37 -34.96
C VAL C 68 69.67 24.86 -35.69
N SER C 69 68.51 24.75 -35.03
CA SER C 69 67.29 25.32 -35.60
C SER C 69 66.35 25.76 -34.49
N SER C 70 65.49 26.72 -34.83
CA SER C 70 64.46 27.25 -33.95
C SER C 70 63.27 27.56 -34.87
N ILE C 71 62.42 26.57 -35.07
CA ILE C 71 61.61 26.48 -36.29
C ILE C 71 60.39 25.63 -36.00
N GLY C 72 59.39 25.72 -36.89
CA GLY C 72 58.24 24.85 -36.79
C GLY C 72 58.56 23.41 -37.10
N CYS C 73 57.85 22.51 -36.41
CA CYS C 73 58.03 21.07 -36.59
C CYS C 73 57.93 20.65 -38.06
N THR C 74 57.04 21.31 -38.82
CA THR C 74 56.86 20.98 -40.23
C THR C 74 58.16 21.05 -41.02
N SER C 75 59.07 21.94 -40.62
CA SER C 75 60.43 21.95 -41.17
C SER C 75 61.37 21.05 -40.37
N ALA C 76 61.17 21.01 -39.04
CA ALA C 76 62.07 20.26 -38.17
C ALA C 76 62.15 18.78 -38.54
N GLY C 77 61.04 18.20 -39.00
CA GLY C 77 61.07 16.81 -39.42
C GLY C 77 61.94 16.56 -40.65
N SER C 78 61.99 17.52 -41.57
CA SER C 78 62.87 17.35 -42.73
C SER C 78 64.30 17.73 -42.42
N LEU C 79 64.52 18.66 -41.49
CA LEU C 79 65.86 18.86 -40.95
C LEU C 79 66.37 17.62 -40.23
N GLN C 80 65.49 16.94 -39.50
CA GLN C 80 65.84 15.63 -38.91
C GLN C 80 66.15 14.59 -39.97
N SER C 81 65.40 14.57 -41.07
CA SER C 81 65.72 13.63 -42.15
C SER C 81 67.04 13.97 -42.83
N LEU C 82 67.37 15.26 -42.95
CA LEU C 82 68.68 15.67 -43.44
C LEU C 82 69.79 15.24 -42.49
N ALA C 83 69.56 15.37 -41.19
CA ALA C 83 70.51 14.89 -40.19
C ALA C 83 70.68 13.38 -40.26
N ASP C 84 69.60 12.65 -40.53
CA ASP C 84 69.69 11.20 -40.75
C ASP C 84 70.49 10.87 -42.00
N ALA C 85 70.36 11.68 -43.05
CA ALA C 85 71.11 11.43 -44.27
C ALA C 85 72.59 11.79 -44.14
N MET C 86 72.90 12.88 -43.45
CA MET C 86 74.27 13.39 -43.38
C MET C 86 74.96 13.12 -42.05
N HIS C 87 74.25 12.59 -41.06
CA HIS C 87 74.78 12.35 -39.72
C HIS C 87 75.37 13.62 -39.11
N ILE C 88 74.62 14.70 -39.21
CA ILE C 88 74.97 15.99 -38.61
C ILE C 88 74.05 16.24 -37.43
N PRO C 89 74.56 16.50 -36.23
CA PRO C 89 73.69 16.80 -35.09
C PRO C 89 72.76 17.97 -35.39
N HIS C 90 71.50 17.86 -34.93
CA HIS C 90 70.47 18.86 -35.21
C HIS C 90 69.84 19.28 -33.88
N LEU C 91 70.35 20.38 -33.32
CA LEU C 91 69.87 20.91 -32.05
C LEU C 91 68.61 21.74 -32.34
N PHE C 92 67.46 21.20 -31.97
CA PHE C 92 66.16 21.70 -32.42
C PHE C 92 65.43 22.35 -31.25
N ILE C 93 64.95 23.57 -31.47
CA ILE C 93 64.07 24.26 -30.53
C ILE C 93 62.74 24.48 -31.24
N GLN C 94 61.67 23.96 -30.65
CA GLN C 94 60.32 24.24 -31.13
C GLN C 94 59.85 25.60 -30.67
N ARG C 95 58.94 26.19 -31.44
CA ARG C 95 58.22 27.40 -31.04
C ARG C 95 56.73 27.11 -30.99
N SER C 96 56.05 27.73 -30.02
CA SER C 96 54.65 27.44 -29.77
C SER C 96 53.78 27.87 -30.96
N THR C 97 52.87 27.00 -31.37
CA THR C 97 51.96 27.29 -32.47
C THR C 97 50.86 28.23 -31.96
N ALA C 98 51.02 29.52 -32.24
CA ALA C 98 50.15 30.58 -31.73
C ALA C 98 50.01 30.55 -30.21
N GLY C 99 50.95 29.93 -29.51
CA GLY C 99 50.87 29.82 -28.07
C GLY C 99 50.15 28.61 -27.54
N THR C 100 49.73 27.69 -28.40
CA THR C 100 49.08 26.47 -27.95
C THR C 100 50.02 25.68 -27.02
N PRO C 101 49.49 25.03 -25.99
CA PRO C 101 50.31 24.15 -25.17
C PRO C 101 51.06 23.12 -26.01
N ARG C 102 52.37 23.06 -25.81
CA ARG C 102 53.27 22.44 -26.78
C ARG C 102 53.00 20.95 -26.90
N SER C 103 53.21 20.44 -28.13
CA SER C 103 53.13 19.02 -28.42
C SER C 103 54.28 18.64 -29.34
N GLY C 104 54.80 17.42 -29.16
CA GLY C 104 55.88 16.95 -30.02
C GLY C 104 55.44 16.80 -31.47
N CYS C 105 56.44 16.78 -32.36
CA CYS C 105 56.17 16.93 -33.78
C CYS C 105 55.35 15.76 -34.33
N GLY C 106 55.58 14.56 -33.81
CA GLY C 106 54.82 13.39 -34.22
C GLY C 106 55.00 13.00 -35.68
N LEU C 107 55.96 13.62 -36.36
CA LEU C 107 56.16 13.38 -37.77
C LEU C 107 56.77 12.00 -38.02
N THR C 108 56.45 11.44 -39.19
CA THR C 108 57.07 10.20 -39.63
C THR C 108 58.55 10.42 -39.91
N ARG C 109 59.39 9.52 -39.39
CA ARG C 109 60.83 9.64 -39.54
C ARG C 109 61.43 8.26 -39.65
N SER C 110 62.49 8.15 -40.45
CA SER C 110 63.08 6.85 -40.76
C SER C 110 63.72 6.23 -39.52
N ASN C 111 63.43 4.95 -39.28
CA ASN C 111 63.98 4.21 -38.16
C ASN C 111 65.33 3.59 -38.45
N ARG C 112 65.86 3.75 -39.66
CA ARG C 112 67.10 3.09 -40.06
C ARG C 112 68.35 3.86 -39.65
N ASN C 113 68.21 4.99 -38.97
CA ASN C 113 69.36 5.79 -38.56
C ASN C 113 69.17 6.23 -37.11
N ASP C 114 70.30 6.42 -36.43
CA ASP C 114 70.29 7.09 -35.12
C ASP C 114 69.70 8.49 -35.24
N ASP C 115 68.92 8.88 -34.24
CA ASP C 115 68.31 10.20 -34.23
C ASP C 115 69.35 11.24 -33.81
N TYR C 116 69.70 12.13 -34.73
CA TYR C 116 70.62 13.24 -34.47
C TYR C 116 69.91 14.47 -33.89
N THR C 117 68.59 14.43 -33.76
CA THR C 117 67.85 15.57 -33.22
C THR C 117 68.10 15.71 -31.72
N LEU C 118 68.29 16.96 -31.28
CA LEU C 118 68.57 17.30 -29.88
C LEU C 118 67.58 18.38 -29.47
N SER C 119 66.43 17.95 -28.96
CA SER C 119 65.39 18.86 -28.51
C SER C 119 65.85 19.61 -27.27
N VAL C 120 66.16 20.90 -27.43
CA VAL C 120 66.68 21.68 -26.32
C VAL C 120 65.57 22.09 -25.36
N ARG C 121 64.37 22.34 -25.87
CA ARG C 121 63.20 22.39 -25.00
C ARG C 121 62.86 20.99 -24.47
N PRO C 122 62.45 20.89 -23.22
CA PRO C 122 62.21 19.57 -22.62
C PRO C 122 61.01 18.89 -23.24
N PRO C 123 60.90 17.56 -23.10
CA PRO C 123 59.62 16.89 -23.36
C PRO C 123 58.46 17.52 -22.61
N VAL C 124 57.25 17.34 -23.16
CA VAL C 124 56.05 17.83 -22.51
C VAL C 124 55.77 16.99 -21.27
N TYR C 125 55.73 17.66 -20.11
CA TYR C 125 55.27 17.06 -18.87
C TYR C 125 53.86 17.51 -18.47
N LEU C 126 53.28 18.43 -19.25
CA LEU C 126 52.04 19.08 -18.85
C LEU C 126 50.91 18.09 -18.60
N HIS C 127 50.86 16.98 -19.34
CA HIS C 127 49.76 16.04 -19.19
C HIS C 127 49.84 15.28 -17.86
N ASP C 128 51.04 14.90 -17.44
CA ASP C 128 51.18 14.29 -16.12
C ASP C 128 50.90 15.29 -14.99
N VAL C 129 51.24 16.56 -15.19
CA VAL C 129 50.91 17.59 -14.22
C VAL C 129 49.39 17.74 -14.09
N ILE C 130 48.70 17.82 -15.23
CA ILE C 130 47.24 17.92 -15.22
C ILE C 130 46.62 16.69 -14.55
N LEU C 131 47.11 15.50 -14.90
CA LEU C 131 46.60 14.27 -14.29
C LEU C 131 46.76 14.29 -12.77
N ARG C 132 47.95 14.68 -12.29
CA ARG C 132 48.19 14.73 -10.85
C ARG C 132 47.30 15.77 -10.17
N VAL C 133 47.20 16.96 -10.74
CA VAL C 133 46.33 17.99 -10.19
C VAL C 133 44.88 17.51 -10.10
N VAL C 134 44.38 16.92 -11.18
CA VAL C 134 43.02 16.39 -11.21
C VAL C 134 42.83 15.29 -10.18
N THR C 135 43.84 14.46 -9.97
CA THR C 135 43.74 13.41 -8.96
C THR C 135 43.75 13.99 -7.55
N GLU C 136 44.53 15.06 -7.33
CA GLU C 136 44.60 15.67 -6.01
C GLU C 136 43.31 16.41 -5.68
N TYR C 137 42.71 17.06 -6.67
CA TYR C 137 41.35 17.55 -6.51
C TYR C 137 40.32 16.43 -6.55
N ALA C 138 40.70 15.25 -7.06
CA ALA C 138 39.81 14.09 -7.16
C ALA C 138 38.55 14.41 -7.97
N TRP C 139 38.72 15.13 -9.07
CA TRP C 139 37.59 15.39 -9.96
C TRP C 139 37.15 14.12 -10.69
N GLN C 140 35.93 14.16 -11.21
CA GLN C 140 35.38 13.03 -11.95
C GLN C 140 34.65 13.42 -13.23
N LYS C 141 34.01 14.58 -13.30
CA LYS C 141 33.39 15.07 -14.52
C LYS C 141 33.73 16.54 -14.73
N PHE C 142 34.29 16.86 -15.89
CA PHE C 142 34.70 18.22 -16.21
C PHE C 142 34.92 18.31 -17.72
N ILE C 143 35.07 19.53 -18.20
CA ILE C 143 35.35 19.79 -19.61
C ILE C 143 36.72 20.44 -19.74
N ILE C 144 37.49 19.97 -20.73
CA ILE C 144 38.76 20.58 -21.11
C ILE C 144 38.52 21.43 -22.35
N PHE C 145 38.84 22.72 -22.26
CA PHE C 145 38.76 23.64 -23.39
C PHE C 145 40.15 23.93 -23.90
N TYR C 146 40.33 23.83 -25.22
CA TYR C 146 41.62 24.09 -25.85
C TYR C 146 41.41 24.84 -27.16
N ASP C 147 42.48 25.49 -27.62
CA ASP C 147 42.47 26.21 -28.88
C ASP C 147 42.58 25.25 -30.07
N SER C 148 42.23 25.76 -31.25
CA SER C 148 42.19 24.94 -32.46
C SER C 148 43.56 24.42 -32.89
N GLU C 149 44.65 24.97 -32.35
CA GLU C 149 45.98 24.46 -32.62
C GLU C 149 46.40 23.34 -31.69
N TYR C 150 45.61 23.05 -30.67
CA TYR C 150 45.95 22.02 -29.69
C TYR C 150 46.00 20.65 -30.35
N ASP C 151 46.84 19.77 -29.81
CA ASP C 151 47.08 18.47 -30.44
C ASP C 151 47.45 17.48 -29.35
N ILE C 152 46.55 16.51 -29.12
CA ILE C 152 46.76 15.49 -28.09
C ILE C 152 47.81 14.44 -28.46
N ARG C 153 48.34 14.48 -29.68
CA ARG C 153 49.36 13.50 -30.07
C ARG C 153 50.57 13.57 -29.16
N GLY C 154 50.90 14.75 -28.65
CA GLY C 154 51.98 14.87 -27.69
C GLY C 154 51.69 14.24 -26.33
N ILE C 155 50.42 13.92 -26.05
CA ILE C 155 50.01 13.51 -24.72
C ILE C 155 49.12 12.28 -24.83
N GLN C 156 49.30 11.50 -25.90
CA GLN C 156 48.40 10.38 -26.21
C GLN C 156 48.13 9.52 -24.98
N GLU C 157 49.15 9.28 -24.15
CA GLU C 157 48.99 8.45 -22.95
C GLU C 157 48.07 9.08 -21.91
N PHE C 158 47.87 10.41 -21.96
CA PHE C 158 46.98 11.07 -21.01
C PHE C 158 45.57 10.51 -21.08
N LEU C 159 45.12 10.13 -22.27
CA LEU C 159 43.76 9.63 -22.45
C LEU C 159 43.50 8.40 -21.61
N ASP C 160 44.42 7.43 -21.64
CA ASP C 160 44.26 6.21 -20.85
C ASP C 160 44.44 6.47 -19.36
N LYS C 161 45.36 7.37 -19.01
CA LYS C 161 45.56 7.71 -17.59
C LYS C 161 44.30 8.31 -16.97
N VAL C 162 43.59 9.16 -17.71
CA VAL C 162 42.30 9.65 -17.24
C VAL C 162 41.23 8.57 -17.30
N SER C 163 41.16 7.85 -18.43
CA SER C 163 40.10 6.87 -18.63
C SER C 163 40.13 5.77 -17.58
N GLN C 164 41.31 5.37 -17.12
CA GLN C 164 41.39 4.35 -16.08
C GLN C 164 40.83 4.82 -14.74
N GLN C 165 40.64 6.12 -14.54
CA GLN C 165 39.91 6.61 -13.39
C GLN C 165 38.41 6.76 -13.65
N GLY C 166 37.94 6.41 -14.84
CA GLY C 166 36.51 6.40 -15.12
C GLY C 166 35.90 7.74 -15.47
N MET C 167 36.73 8.76 -15.71
CA MET C 167 36.22 10.13 -15.83
C MET C 167 35.49 10.35 -17.15
N ASP C 168 34.40 11.13 -17.08
CA ASP C 168 33.56 11.46 -18.23
C ASP C 168 34.00 12.73 -18.95
N VAL C 169 35.31 13.00 -18.98
CA VAL C 169 35.80 14.32 -19.39
C VAL C 169 35.36 14.65 -20.81
N ALA C 170 34.79 15.85 -20.97
CA ALA C 170 34.46 16.37 -22.28
C ALA C 170 35.63 17.17 -22.86
N LEU C 171 35.87 16.98 -24.16
CA LEU C 171 36.88 17.72 -24.90
C LEU C 171 36.20 18.53 -25.98
N GLN C 172 36.54 19.82 -26.07
CA GLN C 172 35.91 20.67 -27.07
C GLN C 172 36.89 21.73 -27.56
N LYS C 173 37.06 21.80 -28.87
CA LYS C 173 37.62 22.97 -29.54
C LYS C 173 36.82 24.22 -29.19
N VAL C 174 37.47 25.18 -28.54
CA VAL C 174 36.98 26.55 -28.53
C VAL C 174 37.30 27.18 -29.87
N GLU C 175 36.26 27.66 -30.56
CA GLU C 175 36.45 28.33 -31.84
C GLU C 175 37.26 29.61 -31.66
N ASN C 176 37.98 29.99 -32.71
CA ASN C 176 38.73 31.24 -32.69
C ASN C 176 37.79 32.45 -32.55
N ASN C 177 36.62 32.38 -33.17
CA ASN C 177 35.51 33.26 -32.85
C ASN C 177 34.82 32.72 -31.59
N ILE C 178 35.41 33.04 -30.44
CA ILE C 178 34.98 32.45 -29.17
C ILE C 178 33.52 32.77 -28.90
N ASN C 179 33.08 33.97 -29.29
CA ASN C 179 31.68 34.36 -29.14
C ASN C 179 30.71 33.38 -29.81
N LYS C 180 31.14 32.71 -30.89
CA LYS C 180 30.27 31.73 -31.54
C LYS C 180 29.86 30.61 -30.59
N MET C 181 30.81 30.07 -29.82
CA MET C 181 30.49 29.01 -28.87
C MET C 181 29.63 29.53 -27.73
N ILE C 182 30.04 30.64 -27.11
CA ILE C 182 29.34 31.16 -25.93
C ILE C 182 27.92 31.58 -26.28
N THR C 183 27.73 32.27 -27.40
CA THR C 183 26.37 32.62 -27.82
C THR C 183 25.56 31.38 -28.20
N THR C 184 26.20 30.34 -28.71
CA THR C 184 25.51 29.08 -28.94
C THR C 184 25.00 28.48 -27.64
N LEU C 185 25.83 28.47 -26.60
CA LEU C 185 25.40 28.02 -25.29
C LEU C 185 24.29 28.89 -24.72
N PHE C 186 24.38 30.20 -24.93
CA PHE C 186 23.46 31.15 -24.31
C PHE C 186 22.08 31.15 -24.96
N ASP C 187 22.02 31.17 -26.30
CA ASP C 187 20.75 31.32 -26.97
C ASP C 187 20.00 30.00 -27.20
N THR C 188 20.70 28.95 -27.61
CA THR C 188 20.00 27.78 -28.18
C THR C 188 19.59 26.76 -27.14
N MET C 189 20.22 26.75 -25.96
CA MET C 189 20.03 25.66 -25.02
C MET C 189 18.68 25.73 -24.33
N ARG C 190 18.01 24.58 -24.23
CA ARG C 190 16.91 24.39 -23.30
C ARG C 190 17.41 24.41 -21.86
N ILE C 191 16.45 24.43 -20.94
CA ILE C 191 16.75 24.45 -19.50
C ILE C 191 17.60 23.24 -19.11
N GLU C 192 17.28 22.07 -19.66
CA GLU C 192 18.04 20.86 -19.32
C GLU C 192 19.48 20.94 -19.82
N GLU C 193 19.69 21.36 -21.06
CA GLU C 193 21.05 21.50 -21.57
C GLU C 193 21.85 22.54 -20.78
N LEU C 194 21.20 23.65 -20.44
CA LEU C 194 21.86 24.70 -19.64
C LEU C 194 22.26 24.17 -18.27
N ASN C 195 21.38 23.44 -17.60
CA ASN C 195 21.74 22.84 -16.31
C ASN C 195 22.83 21.78 -16.46
N ARG C 196 22.77 20.99 -17.54
CA ARG C 196 23.79 19.99 -17.81
C ARG C 196 25.18 20.60 -17.90
N TYR C 197 25.31 21.69 -18.68
CA TYR C 197 26.62 22.32 -18.79
C TYR C 197 26.99 23.13 -17.56
N ARG C 198 26.04 23.83 -16.92
CA ARG C 198 26.37 24.59 -15.72
C ARG C 198 26.87 23.68 -14.61
N ASP C 199 26.29 22.48 -14.50
CA ASP C 199 26.86 21.50 -13.59
C ASP C 199 28.23 21.02 -14.06
N THR C 200 28.39 20.85 -15.38
CA THR C 200 29.71 20.52 -15.94
C THR C 200 30.70 21.66 -15.72
N LEU C 201 30.31 22.89 -16.07
CA LEU C 201 31.16 24.06 -15.93
C LEU C 201 31.50 24.40 -14.48
N ARG C 202 30.99 23.61 -13.53
CA ARG C 202 31.55 23.65 -12.18
C ARG C 202 33.03 23.32 -12.17
N ARG C 203 33.50 22.53 -13.14
CA ARG C 203 34.91 22.19 -13.24
C ARG C 203 35.33 22.27 -14.69
N ALA C 204 36.38 23.05 -14.96
CA ALA C 204 36.88 23.22 -16.32
C ALA C 204 38.37 23.47 -16.30
N ILE C 205 39.04 23.08 -17.38
CA ILE C 205 40.47 23.33 -17.56
C ILE C 205 40.65 24.04 -18.90
N LEU C 206 41.12 25.28 -18.87
CA LEU C 206 41.47 26.03 -20.09
C LEU C 206 42.90 25.71 -20.48
N VAL C 207 43.06 24.73 -21.37
CA VAL C 207 44.38 24.35 -21.89
C VAL C 207 44.60 25.09 -23.21
N MET C 208 44.89 26.39 -23.13
CA MET C 208 44.89 27.24 -24.31
C MET C 208 45.87 28.38 -24.13
N ASN C 209 46.12 29.09 -25.23
CA ASN C 209 46.89 30.33 -25.18
C ASN C 209 46.22 31.33 -24.24
N PRO C 210 47.01 32.05 -23.42
CA PRO C 210 46.40 32.94 -22.42
C PRO C 210 45.46 34.00 -22.97
N ALA C 211 45.72 34.56 -24.16
CA ALA C 211 44.81 35.57 -24.71
C ALA C 211 43.42 34.99 -25.00
N THR C 212 43.37 33.77 -25.53
CA THR C 212 42.08 33.11 -25.73
C THR C 212 41.39 32.82 -24.40
N ALA C 213 42.15 32.40 -23.39
CA ALA C 213 41.58 32.20 -22.06
C ALA C 213 41.01 33.48 -21.49
N LYS C 214 41.75 34.58 -21.60
CA LYS C 214 41.25 35.89 -21.18
C LYS C 214 39.94 36.24 -21.87
N SER C 215 39.88 36.07 -23.19
CA SER C 215 38.68 36.45 -23.93
C SER C 215 37.49 35.56 -23.58
N PHE C 216 37.73 34.25 -23.50
CA PHE C 216 36.68 33.31 -23.10
C PHE C 216 36.15 33.62 -21.71
N ILE C 217 37.06 33.80 -20.75
CA ILE C 217 36.65 34.11 -19.38
C ILE C 217 35.88 35.42 -19.32
N THR C 218 36.33 36.43 -20.06
CA THR C 218 35.64 37.71 -20.07
C THR C 218 34.21 37.58 -20.58
N GLU C 219 34.04 36.98 -21.76
CA GLU C 219 32.70 36.84 -22.32
C GLU C 219 31.82 35.89 -21.50
N VAL C 220 32.41 34.86 -20.89
CA VAL C 220 31.65 33.99 -19.99
C VAL C 220 31.17 34.74 -18.74
N VAL C 221 31.99 35.65 -18.23
CA VAL C 221 31.57 36.44 -17.07
C VAL C 221 30.50 37.45 -17.48
N GLU C 222 30.65 38.04 -18.68
CA GLU C 222 29.60 38.93 -19.17
C GLU C 222 28.29 38.18 -19.42
N THR C 223 28.37 36.91 -19.83
CA THR C 223 27.20 36.06 -19.96
C THR C 223 26.88 35.26 -18.70
N ASN C 224 27.68 35.41 -17.64
CA ASN C 224 27.42 34.76 -16.34
C ASN C 224 27.23 33.25 -16.48
N LEU C 225 28.12 32.61 -17.23
CA LEU C 225 28.04 31.16 -17.45
C LEU C 225 28.85 30.35 -16.44
N VAL C 226 29.70 31.00 -15.64
CA VAL C 226 30.35 30.31 -14.53
C VAL C 226 29.35 30.06 -13.41
N ALA C 227 29.22 28.80 -13.01
CA ALA C 227 28.36 28.43 -11.89
C ALA C 227 28.92 28.98 -10.58
N PHE C 228 28.02 29.22 -9.62
CA PHE C 228 28.38 29.94 -8.40
C PHE C 228 29.38 29.17 -7.55
N ASP C 229 29.51 27.86 -7.74
CA ASP C 229 30.47 27.04 -7.00
C ASP C 229 31.54 26.43 -7.89
N CYS C 230 31.76 27.02 -9.07
CA CYS C 230 32.73 26.47 -10.02
C CYS C 230 34.16 26.69 -9.54
N HIS C 231 35.05 25.83 -10.03
CA HIS C 231 36.48 25.93 -9.78
C HIS C 231 37.21 25.52 -11.06
N TRP C 232 37.78 26.48 -11.76
CA TRP C 232 38.43 26.22 -13.04
C TRP C 232 39.95 26.10 -12.86
N ILE C 233 40.60 25.56 -13.89
CA ILE C 233 42.05 25.47 -13.97
C ILE C 233 42.50 26.05 -15.30
N ILE C 234 43.69 26.66 -15.30
CA ILE C 234 44.38 27.08 -16.52
C ILE C 234 45.81 26.56 -16.45
N ILE C 235 46.33 26.10 -17.59
CA ILE C 235 47.71 25.64 -17.67
C ILE C 235 48.30 26.03 -19.01
N ASN C 236 49.53 26.55 -18.97
CA ASN C 236 50.33 26.78 -20.17
C ASN C 236 51.78 26.90 -19.74
N GLU C 237 52.68 26.75 -20.71
CA GLU C 237 54.06 27.20 -20.51
C GLU C 237 54.17 28.72 -20.60
N GLU C 238 53.41 29.34 -21.49
CA GLU C 238 53.57 30.75 -21.83
C GLU C 238 52.70 31.64 -20.93
N ILE C 239 52.92 31.52 -19.62
CA ILE C 239 52.17 32.28 -18.64
C ILE C 239 53.15 32.97 -17.70
N ASN C 240 52.77 34.16 -17.22
CA ASN C 240 53.58 34.93 -16.30
C ASN C 240 52.69 35.52 -15.21
N ASP C 241 53.30 36.30 -14.32
CA ASP C 241 52.56 36.96 -13.24
C ASP C 241 51.44 37.85 -13.79
N VAL C 242 51.75 38.62 -14.83
CA VAL C 242 50.75 39.52 -15.41
C VAL C 242 49.58 38.74 -15.98
N ASP C 243 49.87 37.63 -16.68
CA ASP C 243 48.80 36.78 -17.21
C ASP C 243 47.96 36.17 -16.10
N VAL C 244 48.61 35.63 -15.06
CA VAL C 244 47.89 35.07 -13.92
C VAL C 244 46.95 36.11 -13.31
N GLN C 245 47.49 37.30 -13.02
CA GLN C 245 46.70 38.34 -12.36
C GLN C 245 45.57 38.85 -13.24
N GLU C 246 45.80 38.97 -14.55
CA GLU C 246 44.72 39.39 -15.44
C GLU C 246 43.63 38.33 -15.56
N LEU C 247 44.02 37.06 -15.67
CA LEU C 247 43.03 35.98 -15.73
C LEU C 247 42.20 35.90 -14.45
N VAL C 248 42.84 36.06 -13.29
CA VAL C 248 42.10 36.10 -12.03
C VAL C 248 41.16 37.31 -11.98
N ARG C 249 41.69 38.50 -12.30
CA ARG C 249 40.87 39.71 -12.28
C ARG C 249 39.64 39.59 -13.18
N ARG C 250 39.82 39.04 -14.38
CA ARG C 250 38.69 38.91 -15.29
C ARG C 250 37.71 37.83 -14.85
N SER C 251 38.20 36.81 -14.14
CA SER C 251 37.35 35.71 -13.74
C SER C 251 36.49 36.09 -12.53
N ILE C 252 35.44 35.29 -12.32
CA ILE C 252 34.78 35.15 -11.04
C ILE C 252 34.61 33.67 -10.77
N GLY C 253 34.35 33.33 -9.52
CA GLY C 253 34.48 31.96 -9.07
C GLY C 253 35.92 31.64 -8.76
N ARG C 254 36.16 30.38 -8.39
CA ARG C 254 37.51 29.95 -8.05
C ARG C 254 38.29 29.61 -9.32
N LEU C 255 39.55 30.03 -9.34
CA LEU C 255 40.41 29.83 -10.51
C LEU C 255 41.77 29.29 -10.09
N THR C 256 42.31 28.38 -10.89
CA THR C 256 43.65 27.84 -10.72
C THR C 256 44.43 28.08 -12.00
N ILE C 257 45.71 28.44 -11.87
CA ILE C 257 46.58 28.64 -13.02
C ILE C 257 47.92 27.94 -12.79
N ILE C 258 48.39 27.24 -13.81
CA ILE C 258 49.61 26.45 -13.77
C ILE C 258 50.59 27.04 -14.78
N ARG C 259 51.83 27.23 -14.37
CA ARG C 259 52.81 27.91 -15.22
C ARG C 259 54.19 27.27 -15.04
N GLN C 260 55.04 27.48 -16.04
CA GLN C 260 56.38 26.93 -16.09
C GLN C 260 57.41 27.99 -15.71
N THR C 261 58.54 27.52 -15.19
CA THR C 261 59.73 28.35 -15.03
C THR C 261 60.95 27.42 -14.99
N PHE C 262 62.10 27.94 -14.55
CA PHE C 262 63.27 27.11 -14.37
C PHE C 262 63.68 27.03 -12.89
N PRO C 263 64.22 25.89 -12.46
CA PRO C 263 64.66 25.73 -11.05
C PRO C 263 66.01 26.41 -10.80
N VAL C 264 65.98 27.73 -10.72
CA VAL C 264 67.23 28.51 -10.67
C VAL C 264 67.09 29.55 -9.55
N PRO C 265 68.23 30.01 -9.01
CA PRO C 265 68.20 31.17 -8.13
C PRO C 265 67.61 32.39 -8.83
N GLN C 266 66.87 33.20 -8.05
CA GLN C 266 66.09 34.28 -8.62
C GLN C 266 66.88 35.57 -8.79
N ASN C 267 68.00 35.73 -8.09
CA ASN C 267 68.76 36.97 -8.16
C ASN C 267 69.42 37.13 -9.52
N ILE C 268 69.40 38.37 -10.03
CA ILE C 268 69.83 38.63 -11.40
C ILE C 268 71.31 38.26 -11.59
N SER C 269 72.14 38.52 -10.57
CA SER C 269 73.54 38.12 -10.66
C SER C 269 73.67 36.60 -10.76
N GLN C 270 72.84 35.87 -10.03
CA GLN C 270 72.87 34.41 -10.11
C GLN C 270 72.16 33.89 -11.35
N ARG C 271 71.32 34.71 -11.99
CA ARG C 271 70.87 34.42 -13.35
C ARG C 271 72.00 34.56 -14.36
N CYS C 272 72.88 35.52 -14.15
CA CYS C 272 73.88 35.90 -15.16
C CYS C 272 75.22 35.19 -14.98
N PHE C 273 75.70 35.07 -13.74
CA PHE C 273 77.00 34.44 -13.53
C PHE C 273 76.95 32.94 -13.79
N ARG C 274 77.96 32.45 -14.51
CA ARG C 274 78.11 31.02 -14.80
C ARG C 274 79.60 30.69 -14.72
N GLY C 275 80.03 30.16 -13.59
CA GLY C 275 81.45 30.07 -13.32
C GLY C 275 82.07 31.45 -13.19
N ASN C 276 83.27 31.60 -13.77
CA ASN C 276 83.88 32.92 -13.87
C ASN C 276 83.27 33.77 -14.98
N HIS C 277 82.56 33.15 -15.91
CA HIS C 277 81.91 33.87 -17.00
C HIS C 277 80.59 34.46 -16.52
N ARG C 278 80.11 35.47 -17.25
CA ARG C 278 78.81 36.08 -16.98
C ARG C 278 78.05 36.24 -18.29
N ILE C 279 76.78 35.85 -18.27
CA ILE C 279 75.90 36.03 -19.42
C ILE C 279 75.60 37.51 -19.59
N SER C 280 75.51 37.95 -20.84
CA SER C 280 75.13 39.33 -21.14
C SER C 280 73.77 39.66 -20.54
N SER C 281 73.65 40.90 -20.03
CA SER C 281 72.39 41.40 -19.51
C SER C 281 71.26 41.35 -20.54
N THR C 282 71.60 41.36 -21.83
CA THR C 282 70.59 41.32 -22.89
C THR C 282 69.62 40.16 -22.74
N LEU C 283 70.03 39.07 -22.08
CA LEU C 283 69.17 37.91 -21.94
C LEU C 283 68.95 37.52 -20.48
N CYS C 284 69.96 37.72 -19.64
CA CYS C 284 69.89 37.27 -18.25
C CYS C 284 69.32 38.32 -17.31
N ASP C 285 69.28 39.59 -17.72
CA ASP C 285 68.86 40.67 -16.83
C ASP C 285 67.52 41.20 -17.32
N PRO C 286 66.46 41.14 -16.51
CA PRO C 286 65.14 41.59 -16.98
C PRO C 286 65.05 43.10 -17.21
N LYS C 287 66.02 43.87 -16.75
CA LYS C 287 66.02 45.32 -16.97
C LYS C 287 66.37 45.70 -18.40
N ASP C 288 66.96 44.78 -19.17
CA ASP C 288 67.45 45.13 -20.49
C ASP C 288 66.28 45.30 -21.46
N PRO C 289 66.31 46.36 -22.28
CA PRO C 289 65.26 46.53 -23.30
C PRO C 289 65.03 45.31 -24.19
N PHE C 290 66.09 44.53 -24.47
CA PHE C 290 65.90 43.32 -25.25
C PHE C 290 65.21 42.22 -24.44
N ALA C 291 65.51 42.15 -23.14
CA ALA C 291 64.87 41.15 -22.29
C ALA C 291 63.36 41.34 -22.25
N GLN C 292 62.90 42.60 -22.24
CA GLN C 292 61.47 42.88 -22.34
C GLN C 292 60.89 42.53 -23.71
N ASN C 293 61.74 42.31 -24.71
CA ASN C 293 61.31 41.91 -26.03
C ASN C 293 61.51 40.43 -26.31
N MET C 294 62.15 39.70 -25.39
CA MET C 294 62.49 38.30 -25.62
C MET C 294 61.24 37.45 -25.82
N GLU C 295 61.44 36.31 -26.49
CA GLU C 295 60.47 35.24 -26.57
C GLU C 295 61.16 33.94 -26.15
N ILE C 296 60.34 32.92 -25.85
CA ILE C 296 60.81 31.75 -25.12
C ILE C 296 62.03 31.14 -25.80
N SER C 297 62.02 31.07 -27.14
CA SER C 297 63.16 30.49 -27.85
C SER C 297 64.45 31.25 -27.59
N ASN C 298 64.37 32.54 -27.28
CA ASN C 298 65.56 33.34 -26.99
C ASN C 298 66.29 32.88 -25.73
N LEU C 299 65.60 32.18 -24.83
CA LEU C 299 66.26 31.59 -23.67
C LEU C 299 67.13 30.40 -24.08
N TYR C 300 66.70 29.64 -25.08
CA TYR C 300 67.32 28.36 -25.40
C TYR C 300 68.45 28.47 -26.42
N ILE C 301 68.35 29.39 -27.39
CA ILE C 301 69.37 29.51 -28.43
C ILE C 301 70.73 29.86 -27.83
N TYR C 302 70.74 30.71 -26.81
CA TYR C 302 72.00 31.07 -26.15
C TYR C 302 72.64 29.83 -25.52
N ASP C 303 71.86 29.06 -24.76
CA ASP C 303 72.39 27.83 -24.18
C ASP C 303 72.77 26.81 -25.25
N THR C 304 72.16 26.88 -26.43
CA THR C 304 72.51 25.98 -27.52
C THR C 304 73.87 26.32 -28.09
N VAL C 305 74.13 27.61 -28.33
CA VAL C 305 75.44 28.03 -28.80
C VAL C 305 76.50 27.79 -27.73
N LEU C 306 76.16 27.99 -26.46
CA LEU C 306 77.08 27.65 -25.37
C LEU C 306 77.38 26.15 -25.34
N LEU C 307 76.37 25.31 -25.57
CA LEU C 307 76.59 23.87 -25.65
C LEU C 307 77.53 23.51 -26.80
N LEU C 308 77.30 24.08 -27.98
CA LEU C 308 78.20 23.85 -29.10
C LEU C 308 79.63 24.33 -28.79
N ALA C 309 79.76 25.47 -28.13
CA ALA C 309 81.08 25.95 -27.72
C ALA C 309 81.77 25.00 -26.75
N ASN C 310 81.02 24.47 -25.79
CA ASN C 310 81.59 23.49 -24.86
C ASN C 310 81.98 22.20 -25.57
N ALA C 311 81.17 21.76 -26.53
CA ALA C 311 81.48 20.55 -27.27
C ALA C 311 82.74 20.74 -28.11
N PHE C 312 82.87 21.88 -28.79
CA PHE C 312 84.09 22.19 -29.52
C PHE C 312 85.31 22.28 -28.60
N HIS C 313 85.15 22.89 -27.42
CA HIS C 313 86.24 22.94 -26.46
C HIS C 313 86.67 21.55 -25.99
N LYS C 314 85.69 20.68 -25.73
CA LYS C 314 86.01 19.29 -25.38
C LYS C 314 86.72 18.56 -26.52
N LYS C 315 86.24 18.76 -27.75
CA LYS C 315 86.89 18.15 -28.91
C LYS C 315 88.31 18.65 -29.11
N LEU C 316 88.56 19.91 -28.79
CA LEU C 316 89.92 20.44 -28.82
C LEU C 316 90.78 19.85 -27.71
N GLU C 317 90.23 19.75 -26.50
CA GLU C 317 90.98 19.17 -25.39
C GLU C 317 91.34 17.70 -25.67
N ASP C 318 90.41 16.95 -26.26
CA ASP C 318 90.72 15.59 -26.67
C ASP C 318 91.60 15.53 -27.91
N ARG C 319 91.88 16.68 -28.53
CA ARG C 319 92.61 16.78 -29.80
C ARG C 319 91.91 16.01 -30.93
N LYS C 320 90.61 15.80 -30.81
CA LYS C 320 89.80 15.20 -31.86
C LYS C 320 89.39 16.21 -32.93
N TRP C 321 89.86 17.45 -32.84
CA TRP C 321 89.42 18.52 -33.72
C TRP C 321 89.72 18.19 -35.18
N HIS C 322 88.87 18.71 -36.07
CA HIS C 322 88.95 18.44 -37.50
C HIS C 322 88.66 19.72 -38.25
N SER C 323 89.06 19.75 -39.52
CA SER C 323 88.77 20.89 -40.37
C SER C 323 87.27 21.05 -40.61
N MET C 324 86.89 22.26 -41.01
CA MET C 324 85.50 22.62 -41.32
C MET C 324 85.11 22.07 -42.69
N ALA C 325 85.01 20.74 -42.76
CA ALA C 325 84.78 20.06 -44.03
C ALA C 325 83.48 20.51 -44.66
N SER C 326 83.55 20.93 -45.93
CA SER C 326 82.37 21.21 -46.72
C SER C 326 81.65 19.92 -47.09
N LEU C 327 80.32 19.93 -46.98
CA LEU C 327 79.47 18.80 -47.35
C LEU C 327 78.39 19.27 -48.30
N SER C 328 78.06 18.42 -49.28
CA SER C 328 77.17 18.78 -50.37
C SER C 328 75.93 17.89 -50.35
N CYS C 329 74.83 18.44 -50.86
CA CYS C 329 73.54 17.77 -50.88
C CYS C 329 73.05 17.55 -52.31
N ILE C 330 72.19 16.55 -52.47
CA ILE C 330 71.61 16.16 -53.75
C ILE C 330 72.74 15.85 -54.73
N ARG C 331 73.64 14.97 -54.31
CA ARG C 331 74.61 14.33 -55.19
C ARG C 331 74.85 12.94 -54.63
N LYS C 332 75.09 11.98 -55.52
CA LYS C 332 75.19 10.60 -55.08
C LYS C 332 76.54 10.28 -54.43
N ASN C 333 77.37 11.30 -54.20
CA ASN C 333 78.48 11.20 -53.25
C ASN C 333 78.10 11.66 -51.85
N SER C 334 76.90 12.20 -51.64
CA SER C 334 76.44 12.57 -50.31
C SER C 334 76.29 11.33 -49.43
N LYS C 335 77.00 11.33 -48.31
CA LYS C 335 77.12 10.16 -47.46
C LYS C 335 77.22 10.61 -46.02
N PRO C 336 76.88 9.75 -45.06
CA PRO C 336 77.03 10.11 -43.65
C PRO C 336 78.50 10.31 -43.28
N TRP C 337 78.77 11.40 -42.58
CA TRP C 337 80.14 11.84 -42.30
C TRP C 337 80.52 11.41 -40.88
N GLN C 338 81.68 10.76 -40.77
CA GLN C 338 82.17 10.27 -39.49
C GLN C 338 82.42 11.42 -38.51
N GLY C 339 82.89 12.56 -39.01
CA GLY C 339 83.06 13.72 -38.15
C GLY C 339 81.76 14.21 -37.53
N GLY C 340 80.64 13.99 -38.22
CA GLY C 340 79.35 14.37 -37.67
C GLY C 340 78.83 13.37 -36.65
N ARG C 341 79.06 12.09 -36.88
CA ARG C 341 78.73 11.10 -35.85
C ARG C 341 79.57 11.31 -34.60
N SER C 342 80.86 11.63 -34.76
CA SER C 342 81.68 12.03 -33.62
C SER C 342 81.20 13.31 -32.96
N MET C 343 80.64 14.24 -33.74
CA MET C 343 80.08 15.45 -33.14
C MET C 343 78.83 15.13 -32.32
N LEU C 344 78.01 14.20 -32.80
CA LEU C 344 76.88 13.74 -31.99
C LEU C 344 77.36 13.04 -30.73
N GLU C 345 78.33 12.14 -30.87
CA GLU C 345 78.94 11.45 -29.74
C GLU C 345 79.53 12.42 -28.72
N THR C 346 79.88 13.63 -29.14
CA THR C 346 80.34 14.66 -28.21
C THR C 346 79.19 15.44 -27.60
N ILE C 347 78.26 15.93 -28.42
CA ILE C 347 77.21 16.83 -27.95
C ILE C 347 76.13 16.08 -27.17
N LYS C 348 75.72 14.91 -27.67
CA LYS C 348 74.59 14.19 -27.09
C LYS C 348 74.89 13.62 -25.71
N LYS C 349 76.14 13.63 -25.26
CA LYS C 349 76.57 13.00 -24.02
C LYS C 349 77.31 13.99 -23.14
N GLY C 350 76.67 15.14 -22.92
CA GLY C 350 77.25 16.19 -22.12
C GLY C 350 76.22 17.25 -21.83
N GLY C 351 76.69 18.42 -21.41
CA GLY C 351 75.76 19.48 -21.06
C GLY C 351 76.47 20.76 -20.67
N VAL C 352 75.66 21.77 -20.37
CA VAL C 352 76.13 23.09 -19.99
C VAL C 352 75.16 23.69 -18.98
N SER C 353 75.63 24.68 -18.23
CA SER C 353 74.80 25.51 -17.37
C SER C 353 74.60 26.88 -18.02
N GLY C 354 73.37 27.33 -18.09
CA GLY C 354 73.02 28.49 -18.89
C GLY C 354 71.74 29.16 -18.43
N LEU C 355 71.07 29.83 -19.38
CA LEU C 355 69.82 30.53 -19.05
C LEU C 355 68.75 29.56 -18.60
N THR C 356 68.74 28.34 -19.16
CA THR C 356 67.81 27.30 -18.74
C THR C 356 68.18 26.66 -17.42
N GLY C 357 69.20 27.18 -16.73
CA GLY C 357 69.68 26.56 -15.52
C GLY C 357 70.80 25.58 -15.80
N GLU C 358 70.47 24.30 -15.91
CA GLU C 358 71.42 23.29 -16.36
C GLU C 358 70.81 22.55 -17.54
N LEU C 359 71.52 22.56 -18.67
CA LEU C 359 71.10 21.88 -19.88
C LEU C 359 71.96 20.64 -20.07
N GLU C 360 71.32 19.51 -20.33
CA GLU C 360 72.05 18.27 -20.55
C GLU C 360 71.24 17.40 -21.51
N PHE C 361 71.94 16.46 -22.14
CA PHE C 361 71.33 15.58 -23.13
C PHE C 361 71.76 14.15 -22.88
N GLY C 362 70.98 13.22 -23.45
CA GLY C 362 71.33 11.82 -23.48
C GLY C 362 70.71 11.16 -24.69
N GLU C 363 70.70 9.83 -24.73
CA GLU C 363 70.08 9.14 -25.86
C GLU C 363 68.57 9.33 -25.89
N ASN C 364 67.97 9.93 -24.86
CA ASN C 364 66.60 10.40 -24.94
C ASN C 364 66.44 11.55 -25.93
N GLY C 365 67.52 12.25 -26.25
CA GLY C 365 67.45 13.35 -27.19
C GLY C 365 66.79 14.61 -26.70
N GLY C 366 66.64 14.80 -25.39
CA GLY C 366 65.87 15.92 -24.88
C GLY C 366 66.31 16.35 -23.51
N ASN C 367 66.22 17.65 -23.25
CA ASN C 367 66.53 18.25 -21.97
C ASN C 367 65.61 17.69 -20.89
N PRO C 368 66.15 17.07 -19.83
CA PRO C 368 65.27 16.54 -18.76
C PRO C 368 64.76 17.59 -17.79
N ASN C 369 65.43 18.74 -17.66
CA ASN C 369 65.26 19.62 -16.51
C ASN C 369 64.24 20.71 -16.81
N VAL C 370 63.29 20.90 -15.89
CA VAL C 370 62.22 21.87 -16.03
C VAL C 370 61.61 22.08 -14.65
N HIS C 371 60.85 23.16 -14.46
CA HIS C 371 60.15 23.41 -13.21
C HIS C 371 58.78 24.02 -13.49
N PHE C 372 57.83 23.74 -12.60
CA PHE C 372 56.46 24.22 -12.77
C PHE C 372 55.93 24.78 -11.45
N GLU C 373 55.00 25.72 -11.57
CA GLU C 373 54.45 26.44 -10.43
C GLU C 373 52.95 26.60 -10.63
N ILE C 374 52.20 26.57 -9.53
CA ILE C 374 50.74 26.68 -9.56
C ILE C 374 50.29 27.74 -8.58
N LEU C 375 49.31 28.55 -8.99
CA LEU C 375 48.71 29.58 -8.15
C LEU C 375 47.20 29.50 -8.26
N GLY C 376 46.52 30.12 -7.30
CA GLY C 376 45.08 30.24 -7.38
C GLY C 376 44.52 31.16 -6.32
N THR C 377 43.21 31.06 -6.12
CA THR C 377 42.51 31.83 -5.10
C THR C 377 41.54 30.93 -4.35
N ASN C 378 40.99 31.47 -3.27
CA ASN C 378 39.82 30.92 -2.60
C ASN C 378 38.60 31.80 -2.89
N TYR C 379 37.52 31.19 -3.38
CA TYR C 379 36.30 31.91 -3.69
C TYR C 379 35.41 32.02 -2.45
N GLY C 380 34.24 32.64 -2.63
CA GLY C 380 33.53 33.31 -1.57
C GLY C 380 34.05 34.73 -1.42
N GLU C 381 33.14 35.71 -1.49
CA GLU C 381 33.55 37.08 -1.70
C GLU C 381 34.22 37.70 -0.47
N GLU C 382 34.28 36.99 0.65
CA GLU C 382 35.16 37.39 1.73
C GLU C 382 36.64 37.18 1.40
N LEU C 383 36.93 36.35 0.40
CA LEU C 383 38.28 36.15 -0.11
C LEU C 383 38.38 36.31 -1.61
N GLY C 384 37.41 35.80 -2.36
CA GLY C 384 37.24 36.11 -3.77
C GLY C 384 38.44 35.89 -4.68
N ARG C 385 39.13 36.96 -5.01
CA ARG C 385 40.08 37.01 -6.12
C ARG C 385 41.52 37.21 -5.68
N GLY C 386 41.80 37.13 -4.38
CA GLY C 386 43.17 37.27 -3.92
C GLY C 386 44.00 36.06 -4.29
N VAL C 387 45.06 36.28 -5.07
CA VAL C 387 45.90 35.18 -5.53
C VAL C 387 46.78 34.68 -4.40
N ARG C 388 46.85 33.37 -4.23
CA ARG C 388 47.88 32.74 -3.40
C ARG C 388 48.60 31.67 -4.21
N LYS C 389 49.88 31.51 -3.89
CA LYS C 389 50.66 30.38 -4.41
C LYS C 389 50.24 29.08 -3.76
N LEU C 390 49.96 28.07 -4.59
CA LEU C 390 49.69 26.72 -4.09
C LEU C 390 50.97 25.95 -3.85
N GLY C 391 51.94 26.05 -4.76
CA GLY C 391 53.24 25.46 -4.58
C GLY C 391 53.89 25.18 -5.92
N CYS C 392 54.83 24.23 -5.92
CA CYS C 392 55.66 23.97 -7.08
C CYS C 392 55.90 22.47 -7.24
N TRP C 393 56.30 22.09 -8.44
CA TRP C 393 56.76 20.73 -8.72
C TRP C 393 57.81 20.79 -9.82
N ASN C 394 58.74 19.83 -9.79
CA ASN C 394 59.71 19.66 -10.85
C ASN C 394 60.12 18.20 -10.92
N PRO C 395 60.47 17.70 -12.10
CA PRO C 395 60.89 16.29 -12.21
C PRO C 395 62.28 16.03 -11.64
N VAL C 396 63.07 17.07 -11.37
CA VAL C 396 64.41 16.87 -10.83
C VAL C 396 64.35 16.43 -9.38
N THR C 397 63.48 17.06 -8.59
CA THR C 397 63.43 16.83 -7.15
C THR C 397 62.05 16.46 -6.63
N GLY C 398 61.01 16.53 -7.47
CA GLY C 398 59.67 16.16 -7.05
C GLY C 398 58.82 17.31 -6.55
N LEU C 399 58.00 17.03 -5.54
CA LEU C 399 57.06 18.03 -5.03
C LEU C 399 57.75 19.02 -4.12
N ASN C 400 57.32 20.28 -4.21
CA ASN C 400 57.68 21.32 -3.25
C ASN C 400 56.40 21.92 -2.69
N GLY C 401 56.22 21.82 -1.38
CA GLY C 401 54.94 22.13 -0.77
C GLY C 401 53.89 21.14 -1.24
N SER C 402 52.90 21.65 -1.96
CA SER C 402 51.93 20.80 -2.66
C SER C 402 51.55 21.46 -3.97
N LEU C 403 51.12 20.64 -4.94
CA LEU C 403 50.59 21.18 -6.19
C LEU C 403 49.30 21.94 -5.95
N THR C 404 48.44 21.44 -5.06
CA THR C 404 47.10 21.98 -4.84
C THR C 404 46.68 21.64 -3.42
N ASP C 405 45.59 22.26 -2.99
CA ASP C 405 44.77 21.68 -1.93
C ASP C 405 44.29 20.29 -2.33
N LYS C 406 44.07 19.44 -1.35
CA LYS C 406 43.47 18.13 -1.59
C LYS C 406 41.95 18.22 -1.60
N LYS C 407 41.35 17.37 -2.44
CA LYS C 407 39.91 17.09 -2.47
C LYS C 407 39.03 18.28 -2.82
N LEU C 408 38.19 18.13 -3.85
CA LEU C 408 37.05 19.00 -4.11
C LEU C 408 35.88 18.13 -4.59
N GLU C 409 35.23 17.45 -3.64
CA GLU C 409 33.97 16.75 -3.89
C GLU C 409 32.88 17.33 -2.99
N ASN C 410 31.78 17.77 -3.61
CA ASN C 410 30.79 18.54 -2.89
C ASN C 410 29.97 17.60 -1.99
N ASN C 411 29.79 18.00 -0.73
CA ASN C 411 29.17 17.13 0.26
C ASN C 411 27.71 16.82 -0.08
N MET C 412 27.37 15.53 -0.03
CA MET C 412 26.04 15.00 -0.33
C MET C 412 25.53 15.29 -1.73
N ARG C 413 26.22 16.11 -2.50
CA ARG C 413 25.65 16.60 -3.74
C ARG C 413 25.91 15.63 -4.89
N GLY C 414 25.18 15.82 -5.98
CA GLY C 414 25.22 14.91 -7.10
C GLY C 414 24.40 13.64 -6.91
N VAL C 415 23.72 13.49 -5.78
CA VAL C 415 22.89 12.33 -5.54
C VAL C 415 21.62 12.41 -6.39
N VAL C 416 21.24 11.28 -6.98
CA VAL C 416 19.98 11.14 -7.69
C VAL C 416 19.23 9.96 -7.09
N LEU C 417 17.94 10.13 -6.87
CA LEU C 417 17.12 9.12 -6.21
C LEU C 417 15.90 8.82 -7.07
N ARG C 418 15.51 7.55 -7.07
CA ARG C 418 14.30 7.09 -7.75
C ARG C 418 13.24 6.86 -6.69
N VAL C 419 12.11 7.55 -6.82
CA VAL C 419 11.09 7.64 -5.79
C VAL C 419 9.76 7.15 -6.33
N VAL C 420 8.99 6.48 -5.48
CA VAL C 420 7.76 5.79 -5.86
C VAL C 420 6.63 6.39 -5.03
N THR C 421 5.43 6.44 -5.62
CA THR C 421 4.35 7.20 -5.03
C THR C 421 3.01 6.64 -5.47
N VAL C 422 1.96 7.05 -4.78
CA VAL C 422 0.58 6.73 -5.13
C VAL C 422 -0.25 7.99 -5.04
N LEU C 423 -1.13 8.20 -6.04
CA LEU C 423 -1.72 9.51 -6.30
C LEU C 423 -2.93 9.74 -5.39
N GLU C 424 -2.65 10.02 -4.12
CA GLU C 424 -3.66 10.24 -3.11
C GLU C 424 -3.76 11.73 -2.80
N GLU C 425 -4.98 12.27 -2.88
CA GLU C 425 -5.19 13.69 -2.65
C GLU C 425 -5.28 13.99 -1.15
N PRO C 426 -4.82 15.18 -0.72
CA PRO C 426 -4.10 16.20 -1.46
C PRO C 426 -2.59 15.98 -1.40
N PHE C 427 -2.18 14.82 -0.90
CA PHE C 427 -0.76 14.56 -0.68
C PHE C 427 0.05 14.65 -1.96
N VAL C 428 -0.42 14.04 -3.04
CA VAL C 428 0.29 14.06 -4.32
C VAL C 428 -0.68 14.23 -5.49
N MET C 429 -0.70 15.42 -6.09
CA MET C 429 -1.58 15.72 -7.21
C MET C 429 -0.76 15.93 -8.49
N VAL C 430 -1.33 15.49 -9.61
CA VAL C 430 -0.75 15.71 -10.94
C VAL C 430 -1.12 17.12 -11.39
N SER C 431 -0.12 18.00 -11.53
CA SER C 431 -0.43 19.33 -12.02
C SER C 431 -0.56 19.40 -13.53
N GLU C 432 0.56 19.62 -14.21
CA GLU C 432 0.58 19.59 -15.67
C GLU C 432 0.27 18.20 -16.18
N ASN C 433 -0.69 18.09 -17.10
CA ASN C 433 -1.02 16.80 -17.71
C ASN C 433 -0.78 16.89 -19.22
N VAL C 434 0.34 16.32 -19.66
CA VAL C 434 0.65 16.22 -21.08
C VAL C 434 1.00 14.77 -21.37
N LEU C 435 0.69 14.32 -22.59
CA LEU C 435 0.93 12.92 -22.94
C LEU C 435 2.41 12.59 -23.01
N GLY C 436 3.13 13.19 -23.97
CA GLY C 436 4.53 12.88 -24.18
C GLY C 436 5.49 13.22 -23.05
N LYS C 437 5.62 14.51 -22.74
CA LYS C 437 6.58 14.97 -21.76
C LYS C 437 6.17 14.50 -20.37
N PRO C 438 7.14 14.33 -19.45
CA PRO C 438 6.77 13.95 -18.08
C PRO C 438 5.92 15.01 -17.39
N LYS C 439 5.09 14.56 -16.47
CA LYS C 439 4.13 15.40 -15.77
C LYS C 439 4.73 15.99 -14.50
N LYS C 440 4.12 17.08 -14.03
CA LYS C 440 4.54 17.79 -12.83
C LYS C 440 3.68 17.34 -11.66
N TYR C 441 4.20 17.51 -10.44
CA TYR C 441 3.52 17.04 -9.23
C TYR C 441 3.52 18.13 -8.17
N GLN C 442 2.36 18.33 -7.53
CA GLN C 442 2.18 19.34 -6.50
C GLN C 442 1.41 18.73 -5.34
N GLY C 443 1.97 18.82 -4.14
CA GLY C 443 1.21 18.39 -2.97
C GLY C 443 2.05 18.41 -1.72
N PHE C 444 1.34 18.19 -0.60
CA PHE C 444 1.93 18.35 0.73
C PHE C 444 3.21 17.55 0.90
N SER C 445 3.22 16.29 0.43
CA SER C 445 4.43 15.50 0.55
C SER C 445 5.48 15.93 -0.46
N ILE C 446 5.05 16.47 -1.61
CA ILE C 446 6.00 17.06 -2.54
C ILE C 446 6.59 18.33 -1.93
N ASP C 447 5.77 19.13 -1.26
CA ASP C 447 6.27 20.29 -0.54
C ASP C 447 7.34 19.90 0.47
N VAL C 448 7.07 18.89 1.30
CA VAL C 448 8.04 18.47 2.30
C VAL C 448 9.30 17.91 1.64
N LEU C 449 9.14 17.16 0.56
CA LEU C 449 10.32 16.62 -0.12
C LEU C 449 11.15 17.70 -0.78
N ASP C 450 10.52 18.75 -1.29
CA ASP C 450 11.28 19.88 -1.81
C ASP C 450 11.97 20.66 -0.69
N ALA C 451 11.31 20.81 0.46
CA ALA C 451 11.94 21.40 1.63
C ALA C 451 13.10 20.56 2.17
N LEU C 452 13.19 19.30 1.76
CA LEU C 452 14.40 18.53 2.04
C LEU C 452 15.43 18.61 0.92
N SER C 453 14.99 18.47 -0.33
CA SER C 453 15.87 18.54 -1.49
C SER C 453 16.65 19.84 -1.55
N ASN C 454 15.97 20.97 -1.33
CA ASN C 454 16.66 22.25 -1.37
C ASN C 454 17.68 22.40 -0.25
N TYR C 455 17.50 21.65 0.84
CA TYR C 455 18.41 21.71 1.97
C TYR C 455 19.59 20.76 1.82
N LEU C 456 19.41 19.67 1.08
CA LEU C 456 20.45 18.65 0.96
C LEU C 456 20.86 18.36 -0.48
N GLY C 457 20.25 19.00 -1.47
CA GLY C 457 20.67 18.83 -2.85
C GLY C 457 20.17 17.59 -3.55
N PHE C 458 19.12 16.94 -3.05
CA PHE C 458 18.58 15.77 -3.74
C PHE C 458 18.06 16.15 -5.11
N ASN C 459 18.57 15.48 -6.15
CA ASN C 459 17.82 15.37 -7.39
C ASN C 459 16.95 14.12 -7.31
N TYR C 460 15.80 14.16 -7.97
CA TYR C 460 14.93 13.00 -7.98
C TYR C 460 14.09 12.96 -9.24
N GLU C 461 13.60 11.76 -9.54
CA GLU C 461 12.51 11.54 -10.49
C GLU C 461 11.46 10.68 -9.81
N ILE C 462 10.20 10.89 -10.19
CA ILE C 462 9.07 10.25 -9.56
C ILE C 462 8.32 9.42 -10.59
N TYR C 463 7.88 8.23 -10.20
CA TYR C 463 7.08 7.36 -11.04
C TYR C 463 6.05 6.66 -10.17
N VAL C 464 4.84 6.53 -10.71
CA VAL C 464 3.73 5.93 -9.97
C VAL C 464 3.86 4.42 -9.95
N ALA C 465 3.64 3.83 -8.78
CA ALA C 465 3.62 2.37 -8.66
C ALA C 465 2.53 1.81 -9.56
N PRO C 466 2.84 0.82 -10.41
CA PRO C 466 1.83 0.34 -11.37
C PRO C 466 0.57 -0.24 -10.72
N ASP C 467 0.73 -1.05 -9.67
CA ASP C 467 -0.42 -1.74 -9.09
C ASP C 467 -1.40 -0.82 -8.38
N HIS C 468 -1.04 0.45 -8.14
CA HIS C 468 -1.91 1.49 -7.59
C HIS C 468 -2.33 1.22 -6.15
N LYS C 469 -1.87 0.16 -5.51
CA LYS C 469 -2.17 -0.13 -4.12
C LYS C 469 -0.93 0.03 -3.24
N TYR C 470 -1.15 0.49 -2.00
CA TYR C 470 -0.04 0.60 -1.06
C TYR C 470 0.50 -0.77 -0.69
N GLY C 471 -0.38 -1.73 -0.49
CA GLY C 471 -0.02 -3.14 -0.55
C GLY C 471 -0.12 -3.83 0.80
N SER C 472 -0.12 -5.16 0.70
CA SER C 472 -0.28 -6.10 1.79
C SER C 472 0.66 -7.27 1.53
N PRO C 473 1.01 -8.05 2.55
CA PRO C 473 1.58 -9.37 2.27
C PRO C 473 0.61 -10.24 1.48
N GLN C 474 1.16 -11.06 0.60
CA GLN C 474 0.39 -12.09 -0.09
C GLN C 474 0.61 -13.47 0.55
N GLU C 475 -0.04 -14.47 -0.05
CA GLU C 475 0.00 -15.82 0.49
C GLU C 475 1.40 -16.43 0.44
N ASP C 476 2.20 -16.09 -0.57
CA ASP C 476 3.57 -16.55 -0.64
C ASP C 476 4.54 -15.72 0.18
N GLY C 477 4.07 -14.68 0.85
CA GLY C 477 4.94 -13.82 1.64
C GLY C 477 5.58 -12.67 0.87
N THR C 478 5.43 -12.62 -0.45
CA THR C 478 5.89 -11.45 -1.19
C THR C 478 4.88 -10.32 -1.05
N TRP C 479 5.37 -9.10 -1.23
CA TRP C 479 4.54 -7.91 -1.06
C TRP C 479 4.20 -7.31 -2.41
N ASN C 480 2.90 -7.14 -2.66
CA ASN C 480 2.45 -6.36 -3.79
C ASN C 480 2.66 -4.87 -3.52
N GLY C 481 2.35 -4.05 -4.51
CA GLY C 481 2.20 -2.63 -4.29
C GLY C 481 3.48 -1.87 -3.94
N LEU C 482 3.28 -0.68 -3.36
CA LEU C 482 4.37 0.26 -3.13
C LEU C 482 5.46 -0.32 -2.24
N VAL C 483 5.09 -1.10 -1.22
CA VAL C 483 6.10 -1.74 -0.40
C VAL C 483 6.88 -2.77 -1.20
N GLY C 484 6.22 -3.42 -2.16
CA GLY C 484 6.90 -4.40 -2.99
C GLY C 484 8.07 -3.80 -3.75
N GLU C 485 7.89 -2.57 -4.27
CA GLU C 485 8.96 -1.93 -5.02
C GLU C 485 10.18 -1.71 -4.14
N LEU C 486 9.97 -1.39 -2.86
CA LEU C 486 11.08 -1.21 -1.94
C LEU C 486 11.68 -2.52 -1.46
N VAL C 487 10.92 -3.62 -1.52
CA VAL C 487 11.48 -4.91 -1.11
C VAL C 487 12.37 -5.48 -2.20
N PHE C 488 11.93 -5.42 -3.46
CA PHE C 488 12.75 -5.85 -4.59
C PHE C 488 13.79 -4.80 -5.02
N LYS C 489 13.99 -3.75 -4.21
CA LYS C 489 15.00 -2.73 -4.48
C LYS C 489 14.84 -2.08 -5.85
N ARG C 490 13.60 -1.93 -6.31
CA ARG C 490 13.37 -1.25 -7.58
C ARG C 490 13.41 0.27 -7.45
N ALA C 491 13.20 0.81 -6.25
CA ALA C 491 13.22 2.24 -6.02
C ALA C 491 13.83 2.52 -4.66
N ASP C 492 14.32 3.76 -4.50
CA ASP C 492 15.14 4.09 -3.35
C ASP C 492 14.34 4.64 -2.17
N ILE C 493 13.24 5.36 -2.42
CA ILE C 493 12.43 5.91 -1.35
C ILE C 493 10.97 5.88 -1.80
N GLY C 494 10.09 5.67 -0.82
CA GLY C 494 8.65 5.77 -1.02
C GLY C 494 8.11 6.95 -0.22
N ILE C 495 7.15 7.66 -0.80
CA ILE C 495 6.56 8.81 -0.12
C ILE C 495 5.10 8.96 -0.51
N SER C 496 4.22 8.87 0.49
CA SER C 496 2.80 9.18 0.36
C SER C 496 2.13 9.11 1.72
N ALA C 497 0.81 8.86 1.72
CA ALA C 497 0.02 8.75 2.94
C ALA C 497 0.28 7.44 3.68
N LEU C 498 1.49 6.90 3.54
CA LEU C 498 1.80 5.54 3.95
C LEU C 498 1.86 5.41 5.48
N THR C 499 0.76 4.97 6.08
CA THR C 499 0.67 4.82 7.52
C THR C 499 1.65 3.75 8.02
N ILE C 500 2.31 4.05 9.13
CA ILE C 500 3.22 3.11 9.78
C ILE C 500 2.39 2.07 10.53
N THR C 501 2.76 0.79 10.37
CA THR C 501 2.20 -0.30 11.14
C THR C 501 3.29 -1.33 11.38
N PRO C 502 3.22 -2.08 12.48
CA PRO C 502 4.32 -3.01 12.81
C PRO C 502 4.63 -4.03 11.72
N ASP C 503 3.61 -4.59 11.07
CA ASP C 503 3.85 -5.57 10.01
C ASP C 503 4.47 -4.97 8.76
N ARG C 504 4.31 -3.67 8.51
CA ARG C 504 5.08 -3.02 7.46
C ARG C 504 6.47 -2.67 7.94
N GLU C 505 6.57 -2.10 9.14
CA GLU C 505 7.84 -1.65 9.69
C GLU C 505 8.83 -2.80 9.86
N ASN C 506 8.34 -4.04 9.91
CA ASN C 506 9.20 -5.22 9.99
C ASN C 506 10.10 -5.40 8.79
N VAL C 507 9.79 -4.79 7.64
CA VAL C 507 10.52 -5.11 6.41
C VAL C 507 11.02 -3.83 5.72
N VAL C 508 10.57 -2.67 6.19
CA VAL C 508 11.10 -1.38 5.74
C VAL C 508 11.17 -0.44 6.92
N ASP C 509 12.04 0.57 6.81
CA ASP C 509 12.40 1.45 7.91
C ASP C 509 11.74 2.81 7.72
N PHE C 510 11.06 3.28 8.75
CA PHE C 510 10.31 4.53 8.69
C PHE C 510 11.02 5.64 9.47
N THR C 511 10.99 6.85 8.92
CA THR C 511 11.40 8.05 9.64
C THR C 511 10.49 8.33 10.83
N THR C 512 10.79 9.39 11.59
CA THR C 512 9.82 9.96 12.50
C THR C 512 8.57 10.43 11.75
N ARG C 513 7.41 10.26 12.38
CA ARG C 513 6.16 10.61 11.74
C ARG C 513 5.96 12.12 11.70
N TYR C 514 5.46 12.62 10.57
CA TYR C 514 5.32 14.04 10.33
C TYR C 514 3.88 14.55 10.41
N MET C 515 2.89 13.66 10.47
CA MET C 515 1.50 14.07 10.71
C MET C 515 0.73 12.89 11.25
N ASP C 516 -0.24 13.17 12.12
CA ASP C 516 -0.96 12.14 12.86
C ASP C 516 -2.16 11.60 12.07
N TYR C 517 -2.47 10.33 12.31
CA TYR C 517 -3.47 9.56 11.60
C TYR C 517 -4.85 9.73 12.24
N SER C 518 -5.90 9.51 11.44
CA SER C 518 -7.26 9.48 11.95
C SER C 518 -8.26 8.91 10.95
N VAL C 519 -9.11 8.00 11.41
CA VAL C 519 -10.17 7.42 10.57
C VAL C 519 -11.39 8.34 10.58
N GLY C 520 -12.06 8.44 9.42
CA GLY C 520 -13.31 9.18 9.32
C GLY C 520 -14.30 8.60 8.34
N VAL C 521 -15.40 9.32 8.08
CA VAL C 521 -16.48 8.85 7.21
C VAL C 521 -16.96 10.02 6.36
N LEU C 522 -17.37 9.71 5.13
CA LEU C 522 -18.02 10.67 4.24
C LEU C 522 -19.47 10.27 4.03
N LEU C 523 -20.38 11.24 4.15
CA LEU C 523 -21.81 10.99 3.94
C LEU C 523 -22.44 12.10 3.12
N ARG C 524 -23.52 11.73 2.43
CA ARG C 524 -24.28 12.65 1.59
C ARG C 524 -25.16 13.58 2.41
N ARG C 525 -25.21 14.86 2.00
CA ARG C 525 -26.07 15.82 2.66
C ARG C 525 -27.55 15.49 2.43
N ALA C 526 -28.38 15.81 3.44
CA ALA C 526 -29.83 15.50 3.35
C ALA C 526 -30.59 16.70 2.78
N GLU C 527 -31.88 16.83 3.15
CA GLU C 527 -32.72 17.93 2.62
C GLU C 527 -33.34 18.73 3.78
N LYS C 528 -34.66 18.66 3.95
CA LYS C 528 -35.37 19.38 5.05
C LYS C 528 -35.13 20.89 4.92
N THR C 529 -35.86 21.56 4.02
CA THR C 529 -35.64 22.97 3.76
C THR C 529 -37.00 23.66 3.77
N VAL C 530 -36.97 25.00 3.81
CA VAL C 530 -38.16 25.83 3.92
C VAL C 530 -38.11 26.95 2.89
N ASP C 531 -39.27 27.27 2.31
CA ASP C 531 -39.36 28.12 1.13
C ASP C 531 -40.74 28.74 1.08
N MET C 532 -40.87 29.78 0.26
CA MET C 532 -42.17 30.43 0.02
C MET C 532 -43.24 29.44 -0.45
N PHE C 533 -42.86 28.45 -1.28
CA PHE C 533 -43.81 27.46 -1.75
C PHE C 533 -44.26 26.47 -0.68
N ALA C 534 -43.64 26.48 0.50
CA ALA C 534 -44.05 25.55 1.56
C ALA C 534 -45.51 25.76 1.95
N CYS C 535 -46.03 26.97 1.75
CA CYS C 535 -47.45 27.23 1.94
C CYS C 535 -48.31 26.36 1.03
N LEU C 536 -47.80 25.99 -0.15
CA LEU C 536 -48.59 25.32 -1.17
C LEU C 536 -48.13 23.89 -1.41
N ALA C 537 -47.16 23.40 -0.65
CA ALA C 537 -46.54 22.11 -0.92
C ALA C 537 -47.49 20.92 -0.95
N PRO C 538 -48.58 20.86 -0.17
CA PRO C 538 -49.44 19.67 -0.22
C PRO C 538 -49.97 19.32 -1.60
N PHE C 539 -50.07 20.26 -2.53
CA PHE C 539 -50.50 19.94 -3.89
C PHE C 539 -49.42 20.27 -4.90
N ASP C 540 -49.35 19.45 -5.94
CA ASP C 540 -48.53 19.75 -7.11
C ASP C 540 -48.94 21.07 -7.73
N LEU C 541 -47.96 21.76 -8.33
CA LEU C 541 -48.21 23.08 -8.89
C LEU C 541 -49.26 23.07 -9.99
N SER C 542 -49.51 21.92 -10.62
CA SER C 542 -50.59 21.80 -11.59
C SER C 542 -51.91 21.37 -10.96
N LEU C 543 -51.85 20.59 -9.88
CA LEU C 543 -53.08 20.10 -9.25
C LEU C 543 -53.90 21.23 -8.67
N TRP C 544 -53.24 22.26 -8.14
CA TRP C 544 -53.93 23.47 -7.73
C TRP C 544 -54.79 24.03 -8.85
N ALA C 545 -54.25 24.07 -10.07
CA ALA C 545 -55.02 24.56 -11.21
C ALA C 545 -56.15 23.61 -11.58
N CYS C 546 -55.91 22.30 -11.48
CA CYS C 546 -56.96 21.32 -11.78
C CYS C 546 -58.15 21.50 -10.83
N ILE C 547 -57.87 21.62 -9.53
CA ILE C 547 -58.94 21.85 -8.56
C ILE C 547 -59.61 23.20 -8.82
N ALA C 548 -58.81 24.24 -9.01
CA ALA C 548 -59.36 25.58 -9.23
C ALA C 548 -60.29 25.62 -10.43
N GLY C 549 -59.87 25.06 -11.56
CA GLY C 549 -60.72 25.05 -12.75
C GLY C 549 -62.00 24.26 -12.55
N THR C 550 -61.96 23.22 -11.72
CA THR C 550 -63.13 22.38 -11.50
C THR C 550 -64.28 23.16 -10.89
N VAL C 551 -63.99 24.21 -10.11
CA VAL C 551 -65.05 25.03 -9.51
C VAL C 551 -65.94 25.65 -10.58
N LEU C 552 -65.34 26.09 -11.70
CA LEU C 552 -66.12 26.74 -12.75
C LEU C 552 -67.08 25.76 -13.41
N LEU C 553 -66.63 24.53 -13.64
CA LEU C 553 -67.46 23.51 -14.28
C LEU C 553 -68.73 23.27 -13.48
N VAL C 554 -68.60 23.00 -12.18
CA VAL C 554 -69.78 22.65 -11.38
C VAL C 554 -70.77 23.80 -11.31
N GLY C 555 -70.27 25.04 -11.27
CA GLY C 555 -71.16 26.20 -11.38
C GLY C 555 -71.92 26.24 -12.68
N LEU C 556 -71.21 26.02 -13.79
CA LEU C 556 -71.86 25.98 -15.09
C LEU C 556 -72.93 24.89 -15.13
N LEU C 557 -72.59 23.71 -14.62
CA LEU C 557 -73.54 22.59 -14.59
C LEU C 557 -74.77 22.92 -13.75
N VAL C 558 -74.59 23.55 -12.59
CA VAL C 558 -75.75 23.92 -11.77
C VAL C 558 -76.63 24.93 -12.51
N TYR C 559 -76.00 25.86 -13.24
CA TYR C 559 -76.77 26.80 -14.05
C TYR C 559 -77.61 26.06 -15.09
N LEU C 560 -76.98 25.16 -15.84
CA LEU C 560 -77.70 24.46 -16.90
C LEU C 560 -78.79 23.55 -16.33
N LEU C 561 -78.51 22.89 -15.21
CA LEU C 561 -79.51 22.05 -14.56
C LEU C 561 -80.74 22.85 -14.12
N ASN C 562 -80.53 24.08 -13.62
CA ASN C 562 -81.69 24.88 -13.26
C ASN C 562 -82.40 25.44 -14.49
N TRP C 563 -81.63 25.85 -15.51
CA TRP C 563 -82.23 26.44 -16.70
C TRP C 563 -83.08 25.43 -17.47
N LEU C 564 -82.61 24.18 -17.53
CA LEU C 564 -83.37 23.15 -18.23
C LEU C 564 -84.73 22.89 -17.59
N ASN C 565 -84.81 23.00 -16.27
CA ASN C 565 -86.03 22.64 -15.57
C ASN C 565 -86.16 23.43 -14.27
N PRO C 566 -87.04 24.43 -14.24
CA PRO C 566 -87.27 25.17 -13.00
C PRO C 566 -88.12 24.37 -12.03
N PRO C 567 -88.04 24.68 -10.73
CA PRO C 567 -88.89 24.01 -9.75
C PRO C 567 -90.33 24.50 -9.82
N ARG C 568 -91.24 23.67 -9.31
CA ARG C 568 -92.66 24.01 -9.20
C ARG C 568 -92.89 24.90 -7.96
N LEU C 569 -92.21 26.04 -7.95
CA LEU C 569 -92.29 26.98 -6.84
C LEU C 569 -92.50 28.38 -7.41
N GLN C 570 -92.22 29.39 -6.58
CA GLN C 570 -92.39 30.79 -6.97
C GLN C 570 -91.31 31.19 -7.98
N MET C 571 -91.30 30.52 -9.13
CA MET C 571 -90.24 30.66 -10.11
C MET C 571 -90.19 32.09 -10.66
N GLY C 572 -88.97 32.56 -10.96
CA GLY C 572 -88.73 33.93 -11.37
C GLY C 572 -88.43 34.89 -10.24
N SER C 573 -88.79 34.54 -9.01
CA SER C 573 -88.31 35.25 -7.84
C SER C 573 -86.87 34.86 -7.54
N MET C 574 -86.28 35.53 -6.54
CA MET C 574 -84.92 35.23 -6.10
C MET C 574 -84.89 33.93 -5.31
N THR C 575 -85.97 33.14 -5.38
CA THR C 575 -85.94 31.72 -5.07
C THR C 575 -85.46 30.88 -6.25
N SER C 576 -84.84 31.54 -7.22
CA SER C 576 -84.33 30.83 -8.43
C SER C 576 -82.81 31.03 -8.47
N THR C 577 -82.22 31.02 -9.67
CA THR C 577 -80.75 31.12 -9.74
C THR C 577 -80.33 31.59 -11.11
N THR C 578 -79.80 32.82 -11.20
CA THR C 578 -79.18 33.27 -12.47
C THR C 578 -77.76 32.81 -12.36
N LEU C 579 -76.89 33.15 -13.29
CA LEU C 579 -75.51 32.68 -13.03
C LEU C 579 -74.92 33.57 -11.92
N TYR C 580 -75.26 34.86 -11.92
CA TYR C 580 -74.79 35.70 -10.80
C TYR C 580 -75.10 34.93 -9.52
N ASN C 581 -75.96 33.91 -9.62
CA ASN C 581 -76.20 33.13 -8.40
C ASN C 581 -75.44 31.81 -8.44
N SER C 582 -75.36 31.19 -9.62
CA SER C 582 -74.74 29.87 -9.77
C SER C 582 -73.34 29.88 -9.16
N MET C 583 -72.41 30.61 -9.79
CA MET C 583 -71.04 30.70 -9.32
C MET C 583 -71.00 30.93 -7.81
N TRP C 584 -71.68 31.97 -7.34
CA TRP C 584 -71.60 32.30 -5.90
C TRP C 584 -72.00 31.08 -5.06
N PHE C 585 -73.19 30.52 -5.29
CA PHE C 585 -73.62 29.41 -4.44
C PHE C 585 -72.62 28.27 -4.47
N VAL C 586 -72.22 27.84 -5.67
CA VAL C 586 -71.30 26.72 -5.81
C VAL C 586 -69.99 26.99 -5.09
N TYR C 587 -69.39 28.16 -5.33
CA TYR C 587 -68.13 28.49 -4.66
C TYR C 587 -68.31 28.59 -3.16
N GLY C 588 -69.41 29.21 -2.71
CA GLY C 588 -69.69 29.31 -1.30
C GLY C 588 -69.73 27.96 -0.61
N SER C 589 -70.30 26.96 -1.29
CA SER C 589 -70.39 25.62 -0.71
C SER C 589 -69.05 24.89 -0.74
N PHE C 590 -68.18 25.20 -1.71
CA PHE C 590 -66.87 24.59 -1.74
C PHE C 590 -66.15 24.85 -0.43
N VAL C 591 -65.99 26.13 -0.08
CA VAL C 591 -65.41 26.50 1.20
C VAL C 591 -66.48 26.22 2.24
N GLN C 592 -66.14 26.31 3.52
CA GLN C 592 -67.10 26.04 4.58
C GLN C 592 -67.81 27.29 5.07
N GLN C 593 -68.04 28.26 4.18
CA GLN C 593 -68.74 29.49 4.51
C GLN C 593 -70.14 29.47 3.89
N GLY C 594 -70.90 30.53 4.16
CA GLY C 594 -72.25 30.68 3.65
C GLY C 594 -73.17 29.52 3.98
N GLY C 595 -73.50 28.70 2.99
CA GLY C 595 -74.03 27.38 3.23
C GLY C 595 -75.53 27.24 3.15
N GLU C 596 -76.27 28.32 2.95
CA GLU C 596 -77.73 28.28 2.88
C GLU C 596 -78.18 28.65 1.47
N VAL C 597 -78.93 27.77 0.83
CA VAL C 597 -79.25 27.90 -0.60
C VAL C 597 -80.66 27.42 -0.86
N PRO C 598 -81.31 27.99 -1.87
CA PRO C 598 -82.73 27.72 -2.11
C PRO C 598 -83.02 26.48 -2.96
N TYR C 599 -82.02 25.67 -3.27
CA TYR C 599 -82.15 24.59 -4.24
C TYR C 599 -83.09 23.49 -3.76
N THR C 600 -84.05 23.12 -4.60
CA THR C 600 -85.24 22.37 -4.18
C THR C 600 -85.72 21.37 -5.21
N THR C 601 -85.06 21.22 -6.36
CA THR C 601 -85.27 20.03 -7.16
C THR C 601 -84.42 18.86 -6.65
N LEU C 602 -84.89 17.66 -6.94
CA LEU C 602 -84.14 16.45 -6.60
C LEU C 602 -82.79 16.42 -7.29
N ALA C 603 -82.75 16.73 -8.59
CA ALA C 603 -81.52 16.65 -9.36
C ALA C 603 -80.43 17.55 -8.78
N THR C 604 -80.76 18.82 -8.52
CA THR C 604 -79.76 19.75 -7.99
C THR C 604 -79.31 19.36 -6.60
N ARG C 605 -80.24 18.91 -5.75
CA ARG C 605 -79.87 18.47 -4.41
C ARG C 605 -78.92 17.28 -4.46
N MET C 606 -79.26 16.29 -5.29
CA MET C 606 -78.39 15.12 -5.45
C MET C 606 -77.03 15.50 -6.00
N MET C 607 -76.97 16.45 -6.93
CA MET C 607 -75.68 16.86 -7.48
C MET C 607 -74.82 17.56 -6.44
N MET C 608 -75.39 18.54 -5.73
CA MET C 608 -74.65 19.21 -4.66
C MET C 608 -74.26 18.25 -3.54
N GLY C 609 -75.04 17.19 -3.33
CA GLY C 609 -74.66 16.17 -2.37
C GLY C 609 -73.29 15.59 -2.63
N ALA C 610 -72.86 15.57 -3.90
CA ALA C 610 -71.52 15.14 -4.24
C ALA C 610 -70.52 16.26 -4.05
N TRP C 611 -70.87 17.47 -4.49
CA TRP C 611 -69.96 18.62 -4.39
C TRP C 611 -69.49 18.82 -2.96
N TRP C 612 -70.43 18.85 -2.00
CA TRP C 612 -70.07 18.99 -0.59
C TRP C 612 -69.06 17.93 -0.17
N LEU C 613 -69.39 16.66 -0.41
CA LEU C 613 -68.51 15.55 -0.08
C LEU C 613 -67.11 15.81 -0.61
N PHE C 614 -67.00 15.98 -1.92
CA PHE C 614 -65.75 16.31 -2.59
C PHE C 614 -64.98 17.37 -1.82
N ALA C 615 -65.64 18.51 -1.58
CA ALA C 615 -65.03 19.61 -0.82
C ALA C 615 -64.39 19.10 0.47
N LEU C 616 -65.20 18.51 1.34
CA LEU C 616 -64.68 18.00 2.61
C LEU C 616 -63.44 17.14 2.41
N ILE C 617 -63.54 16.13 1.53
CA ILE C 617 -62.40 15.26 1.28
C ILE C 617 -61.16 16.08 0.94
N VAL C 618 -61.29 16.97 -0.06
CA VAL C 618 -60.21 17.84 -0.47
C VAL C 618 -59.54 18.50 0.73
N ILE C 619 -60.33 19.25 1.51
CA ILE C 619 -59.78 19.98 2.66
C ILE C 619 -59.06 19.04 3.62
N SER C 620 -59.75 17.97 4.03
CA SER C 620 -59.17 16.99 4.96
C SER C 620 -57.80 16.53 4.45
N SER C 621 -57.76 16.07 3.20
CA SER C 621 -56.53 15.62 2.56
C SER C 621 -55.45 16.69 2.66
N TYR C 622 -55.77 17.90 2.20
CA TYR C 622 -54.85 19.03 2.28
C TYR C 622 -54.20 19.11 3.65
N THR C 623 -55.03 19.14 4.70
CA THR C 623 -54.52 19.24 6.06
C THR C 623 -53.60 18.08 6.39
N ALA C 624 -54.14 16.86 6.37
CA ALA C 624 -53.40 15.64 6.66
C ALA C 624 -52.04 15.64 5.97
N ASN C 625 -52.02 16.03 4.69
CA ASN C 625 -50.76 16.05 3.95
C ASN C 625 -49.83 17.10 4.54
N LEU C 626 -50.31 18.34 4.68
CA LEU C 626 -49.51 19.43 5.20
C LEU C 626 -48.78 18.99 6.46
N ALA C 627 -49.51 18.33 7.37
CA ALA C 627 -48.90 17.91 8.63
C ALA C 627 -47.76 16.94 8.38
N ALA C 628 -47.96 15.97 7.48
CA ALA C 628 -46.91 15.01 7.16
C ALA C 628 -45.63 15.70 6.71
N PHE C 629 -45.75 16.68 5.81
CA PHE C 629 -44.58 17.41 5.35
C PHE C 629 -43.78 17.98 6.51
N LEU C 630 -44.45 18.46 7.55
CA LEU C 630 -43.78 19.10 8.67
C LEU C 630 -43.28 18.11 9.72
N THR C 631 -42.95 16.88 9.31
CA THR C 631 -42.29 15.97 10.25
C THR C 631 -40.91 16.48 10.61
N ILE C 632 -40.07 16.69 9.58
CA ILE C 632 -38.71 17.23 9.69
C ILE C 632 -38.12 17.02 11.07
N THR C 633 -37.74 15.77 11.39
CA THR C 633 -37.10 15.44 12.65
C THR C 633 -36.22 14.21 12.41
N ARG C 634 -34.97 14.46 12.08
CA ARG C 634 -34.01 13.40 11.85
C ARG C 634 -32.67 13.98 12.28
N ILE C 635 -32.03 13.33 13.25
CA ILE C 635 -30.70 13.81 13.72
C ILE C 635 -29.78 13.85 12.50
N GLU C 636 -29.44 12.68 11.96
CA GLU C 636 -28.57 12.57 10.76
C GLU C 636 -28.57 11.10 10.33
N SER C 637 -29.02 10.19 11.22
CA SER C 637 -29.13 8.73 10.92
C SER C 637 -27.76 8.05 10.89
N SER C 638 -27.40 7.32 11.96
CA SER C 638 -26.12 6.55 12.02
C SER C 638 -24.90 7.49 12.12
N ILE C 639 -24.51 8.13 11.02
CA ILE C 639 -23.30 9.02 10.99
C ILE C 639 -22.86 9.41 12.41
N GLN C 640 -23.66 10.19 13.14
CA GLN C 640 -23.31 10.70 14.50
C GLN C 640 -21.95 10.15 14.97
N SER C 641 -20.87 10.91 14.72
CA SER C 641 -19.50 10.48 15.16
C SER C 641 -19.16 9.11 14.56
N LEU C 642 -19.57 8.03 15.21
CA LEU C 642 -19.30 6.65 14.72
C LEU C 642 -20.11 5.66 15.57
N GLN C 643 -20.24 5.95 16.87
CA GLN C 643 -20.93 5.02 17.76
C GLN C 643 -22.36 4.66 17.35
N ASP C 644 -23.15 5.62 16.88
CA ASP C 644 -24.49 5.28 16.37
C ASP C 644 -24.39 4.46 15.09
N LEU C 645 -23.50 4.84 14.17
CA LEU C 645 -23.48 4.25 12.83
C LEU C 645 -23.40 2.73 12.92
N SER C 646 -22.73 2.21 13.94
CA SER C 646 -22.62 0.76 14.10
C SER C 646 -23.98 0.12 14.34
N LYS C 647 -25.03 0.90 14.63
CA LYS C 647 -26.31 0.38 15.08
C LYS C 647 -27.40 0.49 14.03
N GLN C 648 -27.38 1.54 13.21
CA GLN C 648 -28.37 1.69 12.15
C GLN C 648 -28.08 0.68 11.03
N THR C 649 -29.11 0.39 10.24
CA THR C 649 -28.99 -0.56 9.14
C THR C 649 -29.62 -0.10 7.84
N GLU C 650 -30.14 1.13 7.78
CA GLU C 650 -30.77 1.60 6.55
C GLU C 650 -29.76 2.03 5.49
N ILE C 651 -28.56 2.43 5.88
CA ILE C 651 -27.51 2.82 4.94
C ILE C 651 -26.31 1.89 5.11
N PRO C 652 -25.94 1.12 4.10
CA PRO C 652 -24.79 0.24 4.20
C PRO C 652 -23.48 1.00 4.02
N TYR C 653 -22.40 0.42 4.52
CA TYR C 653 -21.10 1.06 4.50
C TYR C 653 -19.99 0.04 4.28
N GLY C 654 -18.85 0.53 3.83
CA GLY C 654 -17.74 -0.34 3.49
C GLY C 654 -16.49 0.47 3.18
N THR C 655 -15.45 -0.24 2.75
CA THR C 655 -14.14 0.37 2.60
C THR C 655 -13.35 -0.36 1.51
N VAL C 656 -12.18 0.20 1.19
CA VAL C 656 -11.31 -0.35 0.16
C VAL C 656 -10.66 -1.64 0.66
N LEU C 657 -10.83 -2.71 -0.11
CA LEU C 657 -10.24 -4.01 0.23
C LEU C 657 -8.74 -3.91 0.44
N ASP C 658 -8.26 -4.67 1.43
CA ASP C 658 -6.83 -4.81 1.74
C ASP C 658 -6.12 -3.46 1.88
N SER C 659 -6.86 -2.43 2.28
CA SER C 659 -6.23 -1.26 2.86
C SER C 659 -5.74 -1.59 4.27
N ALA C 660 -5.07 -0.62 4.90
CA ALA C 660 -4.80 -0.71 6.33
C ALA C 660 -6.07 -0.57 7.16
N VAL C 661 -7.06 0.18 6.67
CA VAL C 661 -8.31 0.34 7.40
C VAL C 661 -9.07 -0.98 7.50
N TYR C 662 -9.06 -1.77 6.42
CA TYR C 662 -9.73 -3.05 6.43
C TYR C 662 -9.12 -4.01 7.44
N GLU C 663 -7.78 -4.07 7.48
CA GLU C 663 -7.13 -4.91 8.48
C GLU C 663 -7.31 -4.37 9.89
N HIS C 664 -7.34 -3.05 10.06
CA HIS C 664 -7.61 -2.47 11.37
C HIS C 664 -8.99 -2.88 11.89
N VAL C 665 -10.00 -2.82 11.02
CA VAL C 665 -11.35 -3.20 11.44
C VAL C 665 -11.44 -4.71 11.68
N ARG C 666 -10.77 -5.52 10.86
CA ARG C 666 -10.74 -6.95 11.13
C ARG C 666 -10.03 -7.27 12.44
N MET C 667 -9.01 -6.49 12.80
CA MET C 667 -8.32 -6.70 14.06
C MET C 667 -9.22 -6.37 15.24
N LYS C 668 -9.83 -5.19 15.24
CA LYS C 668 -10.70 -4.81 16.35
C LYS C 668 -11.95 -5.66 16.44
N GLY C 669 -12.51 -6.10 15.31
CA GLY C 669 -13.81 -6.74 15.35
C GLY C 669 -13.81 -8.10 16.03
N LEU C 670 -12.82 -8.93 15.70
CA LEU C 670 -12.79 -10.29 16.24
C LEU C 670 -12.37 -10.36 17.69
N ASN C 671 -11.66 -9.36 18.19
CA ASN C 671 -10.98 -9.46 19.49
C ASN C 671 -12.01 -9.52 20.62
N PRO C 672 -12.18 -10.66 21.29
CA PRO C 672 -13.17 -10.72 22.39
C PRO C 672 -12.77 -9.96 23.64
N PHE C 673 -11.50 -9.56 23.78
CA PHE C 673 -11.07 -8.76 24.91
C PHE C 673 -11.02 -7.27 24.60
N GLU C 674 -11.69 -6.83 23.54
CA GLU C 674 -11.95 -5.42 23.34
C GLU C 674 -12.90 -4.91 24.43
N ARG C 675 -12.65 -3.69 24.91
CA ARG C 675 -13.54 -3.09 25.89
C ARG C 675 -14.77 -2.48 25.21
N ASP C 676 -14.59 -1.91 24.03
CA ASP C 676 -15.69 -1.33 23.28
C ASP C 676 -16.59 -2.44 22.73
N SER C 677 -17.77 -2.04 22.23
CA SER C 677 -18.67 -2.96 21.54
C SER C 677 -19.22 -2.36 20.25
N MET C 678 -18.57 -1.32 19.73
CA MET C 678 -18.84 -0.80 18.39
C MET C 678 -18.06 -1.54 17.31
N TYR C 679 -16.75 -1.74 17.52
CA TYR C 679 -15.90 -2.32 16.49
C TYR C 679 -16.36 -3.73 16.12
N SER C 680 -16.66 -4.56 17.11
CA SER C 680 -17.15 -5.90 16.86
C SER C 680 -18.56 -5.93 16.27
N GLN C 681 -19.25 -4.78 16.22
CA GLN C 681 -20.48 -4.70 15.45
C GLN C 681 -20.22 -4.39 13.98
N MET C 682 -19.36 -3.40 13.70
CA MET C 682 -19.15 -2.95 12.33
C MET C 682 -18.73 -4.10 11.41
N TRP C 683 -17.88 -4.99 11.91
CA TRP C 683 -17.40 -6.12 11.12
C TRP C 683 -18.53 -6.94 10.52
N ARG C 684 -19.64 -7.08 11.25
CA ARG C 684 -20.76 -7.87 10.75
C ARG C 684 -21.45 -7.22 9.56
N MET C 685 -21.29 -5.90 9.36
CA MET C 685 -21.76 -5.27 8.14
C MET C 685 -20.77 -5.44 6.99
N ILE C 686 -19.49 -5.12 7.24
CA ILE C 686 -18.50 -5.11 6.18
C ILE C 686 -18.28 -6.50 5.60
N ASN C 687 -18.34 -7.52 6.44
CA ASN C 687 -17.94 -8.87 6.02
C ASN C 687 -19.04 -9.63 5.29
N ARG C 688 -20.19 -9.02 5.04
CA ARG C 688 -21.29 -9.72 4.38
C ARG C 688 -20.85 -10.33 3.06
N SER C 689 -21.12 -11.63 2.89
CA SER C 689 -20.71 -12.41 1.72
C SER C 689 -19.21 -12.33 1.49
N ASN C 690 -18.43 -12.68 2.51
CA ASN C 690 -16.98 -12.58 2.50
C ASN C 690 -16.49 -11.19 2.10
N GLY C 691 -17.23 -10.17 2.52
CA GLY C 691 -16.89 -8.80 2.20
C GLY C 691 -17.06 -8.40 0.75
N SER C 692 -17.44 -9.31 -0.13
CA SER C 692 -17.55 -9.01 -1.55
C SER C 692 -18.75 -8.12 -1.88
N GLU C 693 -19.62 -7.84 -0.91
CA GLU C 693 -20.89 -7.19 -1.18
C GLU C 693 -20.89 -5.69 -0.91
N ASN C 694 -20.05 -5.20 0.00
CA ASN C 694 -20.09 -3.78 0.39
C ASN C 694 -18.75 -3.07 0.24
N ASN C 695 -17.85 -3.59 -0.58
CA ASN C 695 -16.51 -3.01 -0.68
C ASN C 695 -16.21 -2.57 -2.10
N VAL C 696 -15.39 -1.55 -2.23
CA VAL C 696 -15.02 -0.96 -3.51
C VAL C 696 -13.54 -1.21 -3.78
N LEU C 697 -13.20 -1.34 -5.06
CA LEU C 697 -11.83 -1.68 -5.43
C LEU C 697 -10.87 -0.53 -5.15
N GLU C 698 -11.31 0.71 -5.37
CA GLU C 698 -10.41 1.84 -5.23
C GLU C 698 -11.22 3.08 -4.86
N SER C 699 -10.58 3.99 -4.12
CA SER C 699 -11.20 5.13 -3.45
C SER C 699 -12.18 5.92 -4.34
N GLN C 700 -11.83 6.15 -5.60
CA GLN C 700 -12.67 6.99 -6.44
C GLN C 700 -14.04 6.34 -6.66
N ALA C 701 -14.09 5.03 -6.77
CA ALA C 701 -15.37 4.35 -6.88
C ALA C 701 -16.18 4.52 -5.61
N GLY C 702 -15.51 4.56 -4.46
CA GLY C 702 -16.15 4.89 -3.20
C GLY C 702 -16.82 6.24 -3.23
N ILE C 703 -16.04 7.27 -3.59
CA ILE C 703 -16.59 8.63 -3.59
C ILE C 703 -17.75 8.73 -4.58
N GLN C 704 -17.61 8.13 -5.77
CA GLN C 704 -18.72 8.12 -6.71
C GLN C 704 -19.96 7.46 -6.12
N LYS C 705 -19.81 6.27 -5.54
CA LYS C 705 -20.93 5.56 -4.95
C LYS C 705 -21.59 6.35 -3.84
N VAL C 706 -20.81 7.17 -3.12
CA VAL C 706 -21.40 8.04 -2.10
C VAL C 706 -22.17 9.18 -2.75
N LYS C 707 -21.62 9.78 -3.81
CA LYS C 707 -22.30 10.91 -4.44
C LYS C 707 -23.62 10.49 -5.09
N TYR C 708 -23.63 9.36 -5.79
CA TYR C 708 -24.82 8.93 -6.51
C TYR C 708 -25.66 7.90 -5.77
N GLY C 709 -25.03 6.93 -5.13
CA GLY C 709 -25.75 5.81 -4.55
C GLY C 709 -26.27 6.09 -3.15
N ASN C 710 -26.46 5.00 -2.41
CA ASN C 710 -26.89 5.00 -1.00
C ASN C 710 -25.84 4.21 -0.23
N TYR C 711 -24.81 4.91 0.24
CA TYR C 711 -23.60 4.25 0.71
C TYR C 711 -22.83 5.22 1.59
N ALA C 712 -21.96 4.66 2.44
CA ALA C 712 -21.10 5.48 3.29
C ALA C 712 -19.69 4.90 3.31
N PHE C 713 -18.70 5.76 3.08
CA PHE C 713 -17.35 5.35 2.78
C PHE C 713 -16.47 5.61 3.99
N VAL C 714 -15.66 4.62 4.37
CA VAL C 714 -14.81 4.69 5.56
C VAL C 714 -13.37 4.79 5.13
N TRP C 715 -12.72 5.92 5.42
CA TRP C 715 -11.40 6.20 4.87
C TRP C 715 -10.77 7.30 5.70
N ASP C 716 -9.50 7.59 5.39
CA ASP C 716 -8.71 8.54 6.18
C ASP C 716 -9.40 9.90 6.19
N ALA C 717 -9.71 10.40 7.39
CA ALA C 717 -10.44 11.66 7.51
C ALA C 717 -9.63 12.83 6.98
N ALA C 718 -8.30 12.79 7.15
CA ALA C 718 -7.45 13.86 6.65
C ALA C 718 -7.51 13.97 5.13
N VAL C 719 -7.91 12.91 4.44
CA VAL C 719 -8.22 13.01 3.02
C VAL C 719 -9.62 13.56 2.81
N LEU C 720 -10.61 12.90 3.43
CA LEU C 720 -12.00 13.18 3.15
C LEU C 720 -12.36 14.64 3.41
N GLU C 721 -11.65 15.30 4.33
CA GLU C 721 -11.89 16.72 4.57
C GLU C 721 -11.67 17.55 3.31
N TYR C 722 -10.58 17.28 2.57
CA TYR C 722 -10.28 18.06 1.38
C TYR C 722 -11.34 17.85 0.30
N VAL C 723 -11.84 16.61 0.19
CA VAL C 723 -12.89 16.32 -0.77
C VAL C 723 -14.18 17.06 -0.39
N ALA C 724 -14.54 17.01 0.89
CA ALA C 724 -15.74 17.72 1.34
C ALA C 724 -15.62 19.21 1.11
N ILE C 725 -14.42 19.77 1.33
CA ILE C 725 -14.24 21.21 1.17
C ILE C 725 -14.22 21.62 -0.30
N ASN C 726 -13.82 20.73 -1.20
CA ASN C 726 -13.57 21.12 -2.59
C ASN C 726 -14.61 20.59 -3.57
N ASP C 727 -15.67 19.94 -3.09
CA ASP C 727 -16.79 19.65 -3.95
C ASP C 727 -17.44 20.94 -4.43
N PRO C 728 -17.63 21.14 -5.74
CA PRO C 728 -18.21 22.40 -6.22
C PRO C 728 -19.66 22.59 -5.83
N ASP C 729 -20.36 21.52 -5.47
CA ASP C 729 -21.72 21.61 -4.95
C ASP C 729 -21.75 21.71 -3.43
N CYS C 730 -20.60 21.56 -2.77
CA CYS C 730 -20.51 21.45 -1.32
C CYS C 730 -21.50 20.41 -0.77
N SER C 731 -21.76 19.37 -1.56
CA SER C 731 -22.89 18.48 -1.32
C SER C 731 -22.55 17.30 -0.42
N PHE C 732 -21.28 17.12 -0.07
CA PHE C 732 -20.88 16.16 0.93
C PHE C 732 -20.72 16.82 2.29
N TYR C 733 -20.73 16.00 3.33
CA TYR C 733 -20.21 16.38 4.63
C TYR C 733 -19.46 15.19 5.20
N THR C 734 -18.68 15.45 6.25
CA THR C 734 -17.73 14.45 6.73
C THR C 734 -17.57 14.60 8.23
N ILE C 735 -17.23 13.50 8.89
CA ILE C 735 -17.05 13.47 10.33
C ILE C 735 -15.76 12.72 10.67
N GLY C 736 -14.99 13.28 11.60
CA GLY C 736 -13.71 12.72 11.99
C GLY C 736 -13.79 11.87 13.25
N ASN C 737 -12.62 11.37 13.65
CA ASN C 737 -12.46 10.66 14.91
C ASN C 737 -11.08 10.95 15.47
N THR C 738 -10.99 10.97 16.80
CA THR C 738 -9.71 11.19 17.48
C THR C 738 -8.93 9.89 17.61
N VAL C 739 -7.74 9.85 16.98
CA VAL C 739 -6.85 8.70 17.03
C VAL C 739 -5.43 9.25 17.20
N ALA C 740 -4.55 8.43 17.75
CA ALA C 740 -3.17 8.84 17.98
C ALA C 740 -2.25 7.66 17.70
N ASP C 741 -1.00 7.77 18.17
CA ASP C 741 0.07 6.79 18.02
C ASP C 741 0.56 6.72 16.58
N ARG C 742 -0.28 6.29 15.66
CA ARG C 742 0.17 6.02 14.30
C ARG C 742 0.15 7.31 13.48
N GLY C 743 1.05 7.38 12.51
CA GLY C 743 1.14 8.57 11.69
C GLY C 743 1.92 8.32 10.43
N TYR C 744 1.76 9.25 9.49
CA TYR C 744 2.38 9.13 8.18
C TYR C 744 3.89 9.29 8.27
N GLY C 745 4.61 8.57 7.41
CA GLY C 745 6.05 8.57 7.43
C GLY C 745 6.62 8.45 6.03
N ILE C 746 7.95 8.45 5.96
CA ILE C 746 8.70 8.18 4.73
C ILE C 746 9.41 6.85 4.89
N ALA C 747 9.18 5.94 3.95
CA ALA C 747 9.80 4.62 3.98
C ALA C 747 11.12 4.63 3.22
N LEU C 748 12.19 4.26 3.91
CA LEU C 748 13.49 4.02 3.29
C LEU C 748 13.70 2.52 3.09
N GLN C 749 14.47 2.18 2.06
CA GLN C 749 14.94 0.80 1.90
C GLN C 749 15.62 0.33 3.18
N HIS C 750 15.47 -0.96 3.46
CA HIS C 750 16.02 -1.54 4.70
C HIS C 750 17.53 -1.35 4.75
N GLY C 751 18.01 -0.82 5.88
CA GLY C 751 19.42 -0.57 6.07
C GLY C 751 19.98 0.63 5.35
N SER C 752 19.15 1.40 4.65
CA SER C 752 19.66 2.57 3.94
C SER C 752 20.06 3.66 4.93
N PRO C 753 21.17 4.36 4.70
CA PRO C 753 21.82 5.12 5.77
C PRO C 753 21.15 6.44 6.14
N TYR C 754 20.18 6.90 5.34
CA TYR C 754 19.71 8.28 5.46
C TYR C 754 18.73 8.50 6.61
N ARG C 755 18.37 7.45 7.35
CA ARG C 755 17.30 7.54 8.34
C ARG C 755 17.44 8.73 9.27
N ASP C 756 18.64 8.97 9.80
CA ASP C 756 18.81 10.06 10.75
C ASP C 756 18.91 11.42 10.09
N VAL C 757 19.43 11.49 8.86
CA VAL C 757 19.54 12.77 8.17
C VAL C 757 18.16 13.38 7.92
N PHE C 758 17.19 12.55 7.50
CA PHE C 758 15.83 13.05 7.32
C PHE C 758 15.17 13.41 8.64
N SER C 759 15.37 12.61 9.68
CA SER C 759 14.75 12.90 10.98
C SER C 759 15.24 14.21 11.55
N GLN C 760 16.54 14.49 11.40
CA GLN C 760 17.10 15.78 11.83
C GLN C 760 16.33 16.95 11.22
N ARG C 761 16.19 16.96 9.90
CA ARG C 761 15.52 18.06 9.24
C ARG C 761 14.02 18.10 9.54
N ILE C 762 13.39 16.94 9.75
CA ILE C 762 11.99 16.93 10.19
C ILE C 762 11.86 17.62 11.55
N LEU C 763 12.75 17.30 12.48
CA LEU C 763 12.73 17.97 13.78
C LEU C 763 12.96 19.47 13.64
N GLU C 764 13.92 19.87 12.78
CA GLU C 764 14.11 21.29 12.50
C GLU C 764 12.82 21.95 12.01
N LEU C 765 12.16 21.32 11.04
CA LEU C 765 10.96 21.92 10.46
C LEU C 765 9.82 21.98 11.48
N GLN C 766 9.78 21.03 12.41
CA GLN C 766 8.85 21.14 13.52
C GLN C 766 9.18 22.32 14.42
N GLN C 767 10.46 22.54 14.70
CA GLN C 767 10.85 23.66 15.55
C GLN C 767 10.58 25.00 14.88
N ASN C 768 10.82 25.10 13.58
CA ASN C 768 10.55 26.35 12.86
C ASN C 768 9.07 26.71 12.80
N GLY C 769 8.17 25.74 12.92
CA GLY C 769 6.78 25.96 12.62
C GLY C 769 6.42 25.89 11.15
N ASP C 770 7.40 25.72 10.26
CA ASP C 770 7.11 25.46 8.85
C ASP C 770 6.12 24.32 8.66
N MET C 771 6.23 23.29 9.51
CA MET C 771 5.33 22.14 9.44
C MET C 771 3.88 22.52 9.66
N ASP C 772 3.61 23.63 10.36
CA ASP C 772 2.24 24.12 10.48
C ASP C 772 1.87 25.09 9.37
N ILE C 773 2.82 25.87 8.87
CA ILE C 773 2.56 26.73 7.72
C ILE C 773 2.12 25.91 6.52
N LEU C 774 2.74 24.74 6.32
CA LEU C 774 2.32 23.87 5.22
C LEU C 774 0.91 23.33 5.41
N LYS C 775 0.53 22.97 6.64
CA LYS C 775 -0.84 22.53 6.87
C LYS C 775 -1.84 23.65 6.64
N HIS C 776 -1.49 24.88 7.03
CA HIS C 776 -2.35 26.01 6.69
C HIS C 776 -2.38 26.26 5.19
N LYS C 777 -1.32 25.87 4.49
CA LYS C 777 -1.30 25.97 3.02
C LYS C 777 -2.30 25.02 2.40
N TRP C 778 -2.30 23.74 2.81
CA TRP C 778 -3.09 22.73 2.13
C TRP C 778 -4.45 22.47 2.77
N TRP C 779 -4.63 22.76 4.05
CA TRP C 779 -5.93 22.65 4.73
C TRP C 779 -6.36 24.02 5.26
N PRO C 780 -6.60 25.00 4.39
CA PRO C 780 -7.20 26.24 4.84
C PRO C 780 -8.63 26.04 5.32
N LYS C 781 -9.09 26.99 6.14
CA LYS C 781 -10.40 26.89 6.75
C LYS C 781 -11.54 27.32 5.84
N ASN C 782 -11.27 27.64 4.57
CA ASN C 782 -12.34 28.00 3.64
C ASN C 782 -11.93 27.62 2.22
N GLY C 783 -12.93 27.37 1.39
CA GLY C 783 -12.70 27.08 -0.02
C GLY C 783 -13.88 27.47 -0.90
N GLN C 784 -14.39 26.51 -1.66
CA GLN C 784 -15.65 26.72 -2.37
C GLN C 784 -16.82 26.92 -1.39
N CYS C 785 -16.71 26.35 -0.19
CA CYS C 785 -17.70 26.57 0.86
C CYS C 785 -17.05 26.46 2.22
N ASP C 786 -17.84 26.16 3.25
CA ASP C 786 -17.35 26.10 4.62
C ASP C 786 -17.90 24.82 5.25
N LEU C 787 -17.03 24.08 5.93
CA LEU C 787 -17.45 22.84 6.57
C LEU C 787 -18.51 23.07 7.63
N TYR C 788 -18.55 24.26 8.24
CA TYR C 788 -19.62 24.56 9.17
C TYR C 788 -20.96 24.80 8.49
N SER C 789 -21.03 24.85 7.17
CA SER C 789 -22.30 24.67 6.47
C SER C 789 -22.90 23.29 6.68
N SER C 790 -22.11 22.32 7.16
CA SER C 790 -22.66 20.99 7.45
C SER C 790 -23.48 20.95 8.72
N VAL C 791 -23.46 21.99 9.54
CA VAL C 791 -24.16 21.98 10.83
C VAL C 791 -24.72 23.38 11.09
N ASP C 792 -25.99 23.42 11.51
CA ASP C 792 -26.47 24.38 12.51
C ASP C 792 -27.90 24.04 12.90
N THR C 793 -28.14 23.91 14.20
CA THR C 793 -29.47 23.56 14.70
C THR C 793 -29.89 24.40 15.90
N LYS C 794 -29.06 25.36 16.33
CA LYS C 794 -29.37 26.20 17.48
C LYS C 794 -30.42 27.28 17.16
N GLN C 795 -30.86 27.38 15.92
CA GLN C 795 -31.84 28.39 15.51
C GLN C 795 -33.15 27.75 15.07
N LYS C 796 -33.55 26.68 15.76
CA LYS C 796 -34.81 25.99 15.47
C LYS C 796 -35.60 25.81 16.75
N GLY C 797 -36.91 25.96 16.66
CA GLY C 797 -37.77 25.85 17.82
C GLY C 797 -39.17 25.38 17.50
N GLY C 798 -39.39 24.96 16.25
CA GLY C 798 -40.68 24.42 15.86
C GLY C 798 -41.73 25.47 15.57
N ALA C 799 -41.66 26.60 16.27
CA ALA C 799 -42.57 27.71 16.00
C ALA C 799 -42.33 28.28 14.60
N LEU C 800 -43.41 28.59 13.91
CA LEU C 800 -43.30 29.27 12.63
C LEU C 800 -42.93 30.74 12.83
N ASP C 801 -42.46 31.36 11.76
CA ASP C 801 -41.93 32.72 11.80
C ASP C 801 -42.51 33.51 10.64
N ILE C 802 -42.44 34.84 10.77
CA ILE C 802 -43.18 35.73 9.88
C ILE C 802 -42.83 35.47 8.43
N LYS C 803 -41.54 35.35 8.13
CA LYS C 803 -41.10 35.03 6.77
C LYS C 803 -41.46 33.61 6.36
N SER C 804 -41.66 32.70 7.31
CA SER C 804 -41.70 31.27 6.99
C SER C 804 -42.94 30.86 6.20
N PHE C 805 -43.98 31.69 6.13
CA PHE C 805 -45.07 31.43 5.20
C PHE C 805 -45.50 32.72 4.50
N ALA C 806 -44.52 33.56 4.17
CA ALA C 806 -44.80 34.86 3.56
C ALA C 806 -45.59 34.74 2.26
N GLY C 807 -45.49 33.59 1.58
CA GLY C 807 -46.27 33.38 0.37
C GLY C 807 -47.77 33.46 0.57
N VAL C 808 -48.25 33.20 1.79
CA VAL C 808 -49.69 33.31 2.04
C VAL C 808 -50.14 34.76 1.95
N PHE C 809 -49.40 35.68 2.56
CA PHE C 809 -49.80 37.09 2.54
C PHE C 809 -49.86 37.61 1.11
N CYS C 810 -49.12 36.99 0.19
CA CYS C 810 -49.24 37.34 -1.22
C CYS C 810 -50.67 37.19 -1.72
N ILE C 811 -51.40 36.22 -1.19
CA ILE C 811 -52.77 35.99 -1.64
C ILE C 811 -53.67 37.14 -1.23
N LEU C 812 -53.54 37.58 0.02
CA LEU C 812 -54.28 38.75 0.48
C LEU C 812 -53.89 40.00 -0.30
N ALA C 813 -52.59 40.18 -0.54
CA ALA C 813 -52.14 41.34 -1.33
C ALA C 813 -52.73 41.33 -2.74
N ALA C 814 -52.72 40.15 -3.39
CA ALA C 814 -53.36 40.02 -4.70
C ALA C 814 -54.85 40.33 -4.63
N GLY C 815 -55.52 39.87 -3.58
CA GLY C 815 -56.92 40.25 -3.37
C GLY C 815 -57.11 41.75 -3.32
N ILE C 816 -56.29 42.43 -2.52
CA ILE C 816 -56.37 43.88 -2.40
C ILE C 816 -56.15 44.53 -3.77
N VAL C 817 -55.11 44.10 -4.48
CA VAL C 817 -54.76 44.71 -5.77
C VAL C 817 -55.91 44.53 -6.77
N LEU C 818 -56.42 43.31 -6.89
CA LEU C 818 -57.48 43.06 -7.86
C LEU C 818 -58.78 43.75 -7.48
N SER C 819 -59.08 43.84 -6.18
CA SER C 819 -60.26 44.59 -5.75
C SER C 819 -60.12 46.07 -6.07
N CYS C 820 -58.93 46.64 -5.87
CA CYS C 820 -58.69 48.02 -6.27
C CYS C 820 -58.88 48.21 -7.77
N PHE C 821 -58.33 47.31 -8.58
CA PHE C 821 -58.52 47.38 -10.03
C PHE C 821 -60.00 47.31 -10.41
N ILE C 822 -60.74 46.39 -9.81
CA ILE C 822 -62.16 46.26 -10.14
C ILE C 822 -62.95 47.49 -9.71
N ALA C 823 -62.61 48.07 -8.54
CA ALA C 823 -63.23 49.32 -8.13
C ALA C 823 -62.90 50.46 -9.08
N MET C 824 -61.67 50.49 -9.61
CA MET C 824 -61.34 51.48 -10.63
C MET C 824 -62.14 51.28 -11.92
N LEU C 825 -62.31 50.02 -12.33
CA LEU C 825 -63.13 49.74 -13.51
C LEU C 825 -64.57 50.18 -13.31
N GLU C 826 -65.14 49.88 -12.14
CA GLU C 826 -66.49 50.34 -11.83
C GLU C 826 -66.59 51.86 -11.83
N THR C 827 -65.61 52.54 -11.23
CA THR C 827 -65.59 54.00 -11.25
C THR C 827 -65.51 54.53 -12.67
N TRP C 828 -64.64 53.95 -13.48
CA TRP C 828 -64.46 54.38 -14.87
C TRP C 828 -65.74 54.22 -15.68
N TRP C 829 -66.47 53.13 -15.45
CA TRP C 829 -67.74 52.96 -16.17
C TRP C 829 -68.83 53.89 -15.62
N ASN C 830 -68.90 54.05 -14.30
CA ASN C 830 -69.92 54.92 -13.71
C ASN C 830 -69.72 56.38 -14.09
N LYS C 831 -68.47 56.80 -14.26
CA LYS C 831 -68.19 58.15 -14.76
C LYS C 831 -68.78 58.41 -16.14
N ARG C 832 -69.13 57.36 -16.89
CA ARG C 832 -69.79 57.52 -18.17
C ARG C 832 -71.28 57.23 -18.10
N LYS C 833 -71.67 56.25 -17.29
CA LYS C 833 -73.09 56.01 -17.03
C LYS C 833 -73.73 57.19 -16.31
N GLY C 834 -72.95 57.96 -15.56
CA GLY C 834 -73.46 59.10 -14.83
C GLY C 834 -74.49 58.78 -13.77
N SER C 835 -74.54 57.52 -13.34
CA SER C 835 -75.61 57.05 -12.47
C SER C 835 -75.20 55.71 -11.86
N ARG C 836 -75.93 55.30 -10.83
CA ARG C 836 -75.71 54.00 -10.21
C ARG C 836 -76.15 52.88 -11.14
N ILE D 1 56.74 13.39 -73.81
CA ILE D 1 56.36 13.62 -72.42
C ILE D 1 57.18 12.71 -71.51
N HIS D 2 57.67 13.26 -70.41
CA HIS D 2 58.31 12.47 -69.37
C HIS D 2 57.70 12.82 -68.01
N ILE D 3 57.41 11.79 -67.23
CA ILE D 3 56.82 11.94 -65.90
C ILE D 3 57.71 11.23 -64.90
N GLY D 4 57.84 11.82 -63.71
CA GLY D 4 58.52 11.18 -62.61
C GLY D 4 57.53 10.64 -61.60
N ALA D 5 57.91 9.56 -60.93
CA ALA D 5 57.12 9.07 -59.81
C ALA D 5 58.04 8.47 -58.75
N ILE D 6 57.61 8.57 -57.50
CA ILE D 6 58.36 8.11 -56.34
C ILE D 6 57.40 7.36 -55.42
N PHE D 7 57.70 6.09 -55.14
CA PHE D 7 56.82 5.25 -54.35
C PHE D 7 57.57 4.65 -53.16
N ASP D 8 56.85 4.50 -52.06
CA ASP D 8 57.38 3.80 -50.89
C ASP D 8 57.72 2.36 -51.23
N GLU D 9 58.65 1.79 -50.44
CA GLU D 9 59.04 0.40 -50.63
C GLU D 9 57.86 -0.56 -50.53
N SER D 10 56.81 -0.19 -49.79
CA SER D 10 55.61 -1.01 -49.74
C SER D 10 54.74 -0.85 -50.97
N ALA D 11 54.96 0.18 -51.79
CA ALA D 11 54.04 0.60 -52.84
C ALA D 11 54.43 0.05 -54.21
N LYS D 12 55.26 -0.99 -54.25
CA LYS D 12 55.89 -1.40 -55.51
C LYS D 12 54.88 -1.73 -56.59
N LYS D 13 53.69 -2.21 -56.21
CA LYS D 13 52.65 -2.49 -57.19
C LYS D 13 52.18 -1.24 -57.93
N ASP D 14 52.33 -0.06 -57.31
CA ASP D 14 52.00 1.20 -57.99
C ASP D 14 52.84 1.39 -59.24
N ASP D 15 54.12 0.97 -59.21
CA ASP D 15 54.98 1.09 -60.37
C ASP D 15 54.44 0.27 -61.54
N GLU D 16 54.16 -1.01 -61.31
CA GLU D 16 53.67 -1.86 -62.39
C GLU D 16 52.33 -1.38 -62.93
N VAL D 17 51.49 -0.78 -62.09
CA VAL D 17 50.22 -0.23 -62.57
C VAL D 17 50.43 1.10 -63.28
N PHE D 18 51.43 1.88 -62.86
CA PHE D 18 51.82 3.06 -63.63
C PHE D 18 52.28 2.67 -65.03
N ARG D 19 53.13 1.64 -65.12
CA ARG D 19 53.56 1.11 -66.41
C ARG D 19 52.38 0.63 -67.25
N THR D 20 51.43 -0.08 -66.63
CA THR D 20 50.26 -0.55 -67.37
C THR D 20 49.41 0.62 -67.87
N ALA D 21 49.24 1.66 -67.05
CA ALA D 21 48.50 2.84 -67.48
C ALA D 21 49.18 3.53 -68.64
N VAL D 22 50.50 3.71 -68.56
CA VAL D 22 51.25 4.30 -69.67
C VAL D 22 51.12 3.44 -70.94
N GLY D 23 51.13 2.11 -70.79
CA GLY D 23 50.88 1.25 -71.92
C GLY D 23 49.52 1.46 -72.55
N ASP D 24 48.47 1.50 -71.71
CA ASP D 24 47.12 1.74 -72.19
C ASP D 24 47.01 3.08 -72.91
N LEU D 25 47.63 4.12 -72.36
CA LEU D 25 47.51 5.46 -72.93
C LEU D 25 48.39 5.67 -74.15
N ASN D 26 49.47 4.91 -74.29
CA ASN D 26 50.23 4.89 -75.54
C ASN D 26 49.57 4.01 -76.60
N GLN D 27 48.74 3.05 -76.20
CA GLN D 27 47.88 2.37 -77.15
C GLN D 27 46.69 3.23 -77.60
N ASN D 28 46.29 4.21 -76.79
CA ASN D 28 45.24 5.13 -77.18
C ASN D 28 45.69 5.98 -78.36
N GLU D 29 44.75 6.26 -79.27
CA GLU D 29 45.03 7.02 -80.47
C GLU D 29 44.26 8.34 -80.53
N GLU D 30 43.45 8.66 -79.51
CA GLU D 30 42.75 9.93 -79.41
C GLU D 30 43.28 10.80 -78.29
N ILE D 31 43.48 10.23 -77.11
CA ILE D 31 44.09 10.96 -76.00
C ILE D 31 45.59 11.03 -76.24
N LEU D 32 46.09 12.24 -76.51
CA LEU D 32 47.45 12.49 -76.98
C LEU D 32 47.73 11.86 -78.34
N GLN D 33 48.27 12.66 -79.26
CA GLN D 33 48.48 12.21 -80.64
C GLN D 33 49.88 12.61 -81.11
N THR D 34 50.24 13.88 -80.88
CA THR D 34 51.58 14.36 -81.15
C THR D 34 52.58 14.05 -80.03
N GLU D 35 52.14 13.37 -78.98
CA GLU D 35 53.00 13.04 -77.84
C GLU D 35 52.64 11.66 -77.33
N LYS D 36 53.60 11.04 -76.67
CA LYS D 36 53.36 9.81 -75.90
C LYS D 36 54.13 9.87 -74.60
N ILE D 37 53.67 9.08 -73.63
CA ILE D 37 54.11 9.18 -72.25
C ILE D 37 55.31 8.26 -72.02
N THR D 38 56.29 8.77 -71.28
CA THR D 38 57.43 8.00 -70.81
C THR D 38 57.69 8.38 -69.36
N PHE D 39 58.44 7.55 -68.65
CA PHE D 39 58.53 7.70 -67.21
C PHE D 39 59.89 7.25 -66.71
N SER D 40 60.26 7.77 -65.54
CA SER D 40 61.33 7.22 -64.69
C SER D 40 60.76 7.03 -63.30
N VAL D 41 60.94 5.82 -62.75
CA VAL D 41 60.36 5.47 -61.45
C VAL D 41 61.39 4.65 -60.68
N THR D 42 61.45 4.89 -59.36
CA THR D 42 62.28 4.07 -58.48
C THR D 42 61.69 4.17 -57.07
N PHE D 43 61.83 3.08 -56.31
CA PHE D 43 61.34 3.04 -54.94
C PHE D 43 62.34 3.67 -53.97
N VAL D 44 61.79 4.27 -52.91
CA VAL D 44 62.59 4.85 -51.83
C VAL D 44 61.92 4.51 -50.51
N ASP D 45 62.69 4.63 -49.42
CA ASP D 45 62.11 4.64 -48.09
C ASP D 45 61.21 5.86 -47.95
N GLY D 46 59.89 5.62 -47.87
CA GLY D 46 58.94 6.71 -47.77
C GLY D 46 59.04 7.53 -46.51
N ASN D 47 59.74 7.01 -45.50
CA ASN D 47 59.99 7.75 -44.26
C ASN D 47 61.20 8.66 -44.33
N ASN D 48 61.86 8.76 -45.49
CA ASN D 48 63.04 9.61 -45.66
C ASN D 48 62.69 10.77 -46.59
N PRO D 49 62.24 11.90 -46.05
CA PRO D 49 61.96 13.07 -46.91
C PRO D 49 63.15 13.53 -47.73
N PHE D 50 64.36 13.49 -47.16
CA PHE D 50 65.53 13.96 -47.90
C PHE D 50 65.83 13.08 -49.12
N GLN D 51 65.70 11.77 -48.98
CA GLN D 51 65.87 10.89 -50.13
C GLN D 51 64.81 11.14 -51.19
N ALA D 52 63.56 11.37 -50.77
CA ALA D 52 62.50 11.69 -51.71
C ALA D 52 62.78 12.96 -52.48
N VAL D 53 63.20 14.02 -51.77
CA VAL D 53 63.56 15.28 -52.42
C VAL D 53 64.73 15.08 -53.37
N GLN D 54 65.73 14.31 -52.94
CA GLN D 54 66.90 14.04 -53.79
C GLN D 54 66.49 13.36 -55.09
N GLU D 55 65.69 12.30 -55.00
CA GLU D 55 65.27 11.59 -56.22
C GLU D 55 64.31 12.41 -57.07
N ALA D 56 63.45 13.22 -56.45
CA ALA D 56 62.59 14.11 -57.22
C ALA D 56 63.40 15.16 -57.99
N CYS D 57 64.44 15.71 -57.36
CA CYS D 57 65.30 16.66 -58.06
C CYS D 57 66.20 15.99 -59.08
N GLU D 58 66.54 14.71 -58.89
CA GLU D 58 67.19 13.97 -59.96
C GLU D 58 66.25 13.71 -61.13
N LEU D 59 64.96 13.51 -60.86
CA LEU D 59 63.96 13.45 -61.93
C LEU D 59 63.83 14.78 -62.65
N MET D 60 63.84 15.89 -61.90
CA MET D 60 63.87 17.21 -62.53
C MET D 60 65.14 17.42 -63.34
N ASN D 61 66.26 16.84 -62.93
CA ASN D 61 67.48 16.91 -63.73
C ASN D 61 67.29 16.13 -65.03
N GLN D 62 66.73 14.93 -64.95
CA GLN D 62 66.36 14.20 -66.15
C GLN D 62 65.26 14.92 -66.92
N GLY D 63 64.42 15.68 -66.22
CA GLY D 63 63.36 16.45 -66.83
C GLY D 63 62.01 15.74 -66.78
N ILE D 64 61.05 16.37 -66.12
CA ILE D 64 59.72 15.80 -65.92
C ILE D 64 58.69 16.92 -66.07
N LEU D 65 57.51 16.55 -66.59
CA LEU D 65 56.40 17.48 -66.65
C LEU D 65 55.53 17.46 -65.40
N ALA D 66 55.54 16.38 -64.64
CA ALA D 66 54.86 16.34 -63.35
C ALA D 66 55.51 15.29 -62.47
N LEU D 67 55.29 15.42 -61.17
CA LEU D 67 55.75 14.44 -60.18
C LEU D 67 54.56 13.80 -59.50
N VAL D 68 54.62 12.48 -59.32
CA VAL D 68 53.63 11.72 -58.57
C VAL D 68 54.34 11.02 -57.42
N SER D 69 53.68 10.96 -56.27
CA SER D 69 54.26 10.27 -55.13
C SER D 69 53.19 9.49 -54.37
N SER D 70 53.64 8.44 -53.67
CA SER D 70 52.81 7.59 -52.81
C SER D 70 53.68 7.30 -51.58
N ILE D 71 53.62 8.20 -50.60
CA ILE D 71 54.75 8.40 -49.70
C ILE D 71 54.24 8.87 -48.34
N GLY D 72 55.11 8.78 -47.33
CA GLY D 72 54.76 9.22 -46.00
C GLY D 72 54.66 10.73 -45.86
N CYS D 73 53.89 11.15 -44.86
CA CYS D 73 53.41 12.53 -44.76
C CYS D 73 54.55 13.54 -44.71
N THR D 74 55.58 13.29 -43.91
CA THR D 74 56.69 14.24 -43.84
C THR D 74 57.42 14.35 -45.17
N SER D 75 57.60 13.21 -45.85
CA SER D 75 58.18 13.21 -47.19
C SER D 75 57.26 13.91 -48.18
N ALA D 76 55.95 13.65 -48.08
CA ALA D 76 54.99 14.33 -48.94
C ALA D 76 55.05 15.85 -48.76
N GLY D 77 55.12 16.32 -47.51
CA GLY D 77 55.27 17.74 -47.27
C GLY D 77 56.59 18.32 -47.74
N SER D 78 57.66 17.51 -47.74
CA SER D 78 58.92 18.00 -48.25
C SER D 78 58.90 18.09 -49.78
N LEU D 79 58.30 17.11 -50.44
CA LEU D 79 58.06 17.19 -51.88
C LEU D 79 57.11 18.32 -52.22
N GLN D 80 56.16 18.62 -51.33
CA GLN D 80 55.23 19.73 -51.54
C GLN D 80 55.95 21.07 -51.50
N SER D 81 56.80 21.28 -50.49
CA SER D 81 57.57 22.52 -50.45
C SER D 81 58.62 22.59 -51.54
N LEU D 82 59.13 21.43 -51.99
CA LEU D 82 59.96 21.40 -53.18
C LEU D 82 59.20 21.86 -54.41
N ALA D 83 57.98 21.36 -54.61
CA ALA D 83 57.14 21.83 -55.72
C ALA D 83 56.82 23.32 -55.59
N ASP D 84 56.55 23.79 -54.37
CA ASP D 84 56.33 25.22 -54.15
C ASP D 84 57.57 26.05 -54.51
N ALA D 85 58.76 25.50 -54.33
CA ALA D 85 59.97 26.26 -54.64
C ALA D 85 60.33 26.19 -56.12
N MET D 86 60.12 25.04 -56.76
CA MET D 86 60.51 24.82 -58.14
C MET D 86 59.34 24.94 -59.13
N HIS D 87 58.11 25.05 -58.63
CA HIS D 87 56.90 25.15 -59.46
C HIS D 87 56.65 23.91 -60.32
N ILE D 88 57.51 22.91 -60.24
CA ILE D 88 57.19 21.63 -60.88
C ILE D 88 55.96 21.02 -60.22
N PRO D 89 54.96 20.60 -60.98
CA PRO D 89 53.76 20.02 -60.37
C PRO D 89 54.08 18.76 -59.56
N HIS D 90 53.38 18.58 -58.45
CA HIS D 90 53.45 17.37 -57.66
C HIS D 90 52.04 16.81 -57.44
N LEU D 91 51.95 15.48 -57.40
CA LEU D 91 50.71 14.79 -57.09
C LEU D 91 50.97 13.75 -56.01
N PHE D 92 50.06 13.66 -55.04
CA PHE D 92 50.31 12.98 -53.78
C PHE D 92 49.27 11.89 -53.55
N ILE D 93 49.74 10.68 -53.26
CA ILE D 93 48.92 9.55 -52.85
C ILE D 93 49.45 9.09 -51.49
N GLN D 94 48.55 8.61 -50.64
CA GLN D 94 48.91 8.25 -49.28
C GLN D 94 48.58 6.79 -49.00
N ARG D 95 49.39 6.18 -48.13
CA ARG D 95 49.21 4.79 -47.72
C ARG D 95 49.44 4.69 -46.22
N SER D 96 48.95 3.60 -45.64
CA SER D 96 49.00 3.45 -44.19
C SER D 96 49.23 1.99 -43.84
N THR D 97 49.77 1.78 -42.64
CA THR D 97 50.13 0.44 -42.16
C THR D 97 48.92 -0.49 -42.16
N ALA D 98 49.02 -1.58 -42.92
CA ALA D 98 48.00 -2.64 -42.97
C ALA D 98 46.59 -2.12 -43.23
N GLY D 99 46.46 -0.94 -43.85
CA GLY D 99 45.14 -0.35 -44.00
C GLY D 99 44.54 0.22 -42.74
N THR D 100 45.36 0.58 -41.76
CA THR D 100 44.87 1.28 -40.58
C THR D 100 44.14 2.55 -40.99
N PRO D 101 43.10 2.96 -40.23
CA PRO D 101 42.42 4.23 -40.54
C PRO D 101 43.36 5.39 -40.79
N ARG D 102 43.20 6.00 -41.96
CA ARG D 102 44.05 7.11 -42.37
C ARG D 102 43.67 8.38 -41.61
N SER D 103 44.51 9.40 -41.73
CA SER D 103 44.15 10.75 -41.36
C SER D 103 44.95 11.73 -42.21
N GLY D 104 44.46 12.97 -42.28
CA GLY D 104 45.19 14.00 -43.01
C GLY D 104 46.51 14.32 -42.36
N CYS D 105 47.50 14.62 -43.21
CA CYS D 105 48.89 14.73 -42.77
C CYS D 105 49.12 15.91 -41.81
N GLY D 106 48.18 16.84 -41.69
CA GLY D 106 48.33 17.91 -40.74
C GLY D 106 49.42 18.90 -41.06
N LEU D 107 49.85 18.96 -42.32
CA LEU D 107 50.88 19.90 -42.73
C LEU D 107 50.42 21.35 -42.57
N THR D 108 51.22 22.14 -41.87
CA THR D 108 50.95 23.56 -41.64
C THR D 108 51.33 24.41 -42.85
N ARG D 109 51.24 23.83 -44.04
CA ARG D 109 51.81 24.42 -45.25
C ARG D 109 51.40 25.88 -45.42
N SER D 110 52.38 26.70 -45.77
CA SER D 110 52.22 28.15 -45.75
C SER D 110 51.22 28.61 -46.80
N ASN D 111 50.17 29.29 -46.35
CA ASN D 111 49.06 29.71 -47.21
C ASN D 111 49.40 30.90 -48.09
N ARG D 112 50.65 31.36 -48.08
CA ARG D 112 51.03 32.57 -48.81
C ARG D 112 50.91 32.40 -50.33
N ASN D 113 50.90 31.16 -50.83
CA ASN D 113 50.96 30.90 -52.25
C ASN D 113 50.01 29.76 -52.60
N ASP D 114 49.73 29.63 -53.89
CA ASP D 114 49.07 28.45 -54.42
C ASP D 114 49.83 27.19 -54.00
N ASP D 115 49.10 26.09 -53.89
CA ASP D 115 49.65 24.82 -53.46
C ASP D 115 49.97 23.99 -54.70
N TYR D 116 51.26 23.69 -54.88
CA TYR D 116 51.75 22.98 -56.06
C TYR D 116 51.67 21.47 -55.92
N THR D 117 51.08 20.96 -54.84
CA THR D 117 50.77 19.54 -54.71
C THR D 117 49.26 19.36 -54.83
N LEU D 118 48.86 18.54 -55.81
CA LEU D 118 47.47 18.13 -55.97
C LEU D 118 47.26 16.81 -55.25
N SER D 119 46.56 16.86 -54.11
CA SER D 119 46.30 15.67 -53.31
C SER D 119 45.26 14.81 -54.02
N VAL D 120 45.71 13.69 -54.59
CA VAL D 120 44.82 12.84 -55.38
C VAL D 120 43.89 12.05 -54.46
N ARG D 121 44.43 11.46 -53.40
CA ARG D 121 43.58 10.96 -52.33
C ARG D 121 42.96 12.13 -51.56
N PRO D 122 41.67 12.04 -51.23
CA PRO D 122 40.99 13.15 -50.55
C PRO D 122 41.41 13.24 -49.09
N PRO D 123 41.17 14.37 -48.44
CA PRO D 123 41.27 14.43 -46.98
C PRO D 123 40.34 13.43 -46.31
N VAL D 124 40.63 13.15 -45.05
CA VAL D 124 39.95 12.10 -44.29
C VAL D 124 38.88 12.73 -43.41
N TYR D 125 37.66 12.17 -43.48
CA TYR D 125 36.53 12.64 -42.70
C TYR D 125 35.83 11.49 -41.98
N LEU D 126 36.52 10.38 -41.78
CA LEU D 126 35.95 9.22 -41.07
C LEU D 126 35.34 9.63 -39.74
N HIS D 127 36.06 10.44 -38.96
CA HIS D 127 35.56 10.86 -37.65
C HIS D 127 34.29 11.69 -37.76
N ASP D 128 34.05 12.35 -38.90
CA ASP D 128 32.76 12.99 -39.12
C ASP D 128 31.66 11.97 -39.36
N VAL D 129 31.99 10.80 -39.90
CA VAL D 129 31.02 9.72 -40.00
C VAL D 129 30.70 9.15 -38.62
N ILE D 130 31.75 8.97 -37.79
CA ILE D 130 31.54 8.54 -36.41
C ILE D 130 30.62 9.51 -35.67
N LEU D 131 30.90 10.81 -35.79
CA LEU D 131 30.04 11.84 -35.21
C LEU D 131 28.58 11.64 -35.60
N ARG D 132 28.31 11.49 -36.90
CA ARG D 132 26.93 11.38 -37.38
C ARG D 132 26.27 10.08 -36.93
N VAL D 133 27.04 8.99 -36.87
CA VAL D 133 26.49 7.72 -36.38
C VAL D 133 26.14 7.80 -34.90
N VAL D 134 27.06 8.35 -34.10
CA VAL D 134 26.79 8.53 -32.67
C VAL D 134 25.62 9.48 -32.44
N THR D 135 25.47 10.49 -33.30
CA THR D 135 24.30 11.35 -33.23
C THR D 135 23.02 10.61 -33.60
N GLU D 136 23.11 9.65 -34.52
CA GLU D 136 21.92 8.86 -34.86
C GLU D 136 21.52 7.94 -33.72
N TYR D 137 22.50 7.25 -33.11
CA TYR D 137 22.21 6.43 -31.94
C TYR D 137 22.02 7.25 -30.66
N ALA D 138 22.51 8.49 -30.63
CA ALA D 138 22.39 9.37 -29.47
C ALA D 138 23.00 8.76 -28.21
N TRP D 139 24.14 8.07 -28.35
CA TRP D 139 24.81 7.47 -27.21
C TRP D 139 25.14 8.51 -26.16
N GLN D 140 24.54 8.38 -24.97
CA GLN D 140 24.82 9.31 -23.88
C GLN D 140 26.10 8.96 -23.14
N LYS D 141 26.47 7.69 -23.09
CA LYS D 141 27.77 7.27 -22.59
C LYS D 141 28.32 6.14 -23.45
N PHE D 142 29.63 6.20 -23.73
CA PHE D 142 30.26 5.19 -24.58
C PHE D 142 31.76 5.25 -24.38
N ILE D 143 32.46 4.27 -24.95
CA ILE D 143 33.91 4.17 -24.94
C ILE D 143 34.42 4.12 -26.37
N ILE D 144 35.61 4.70 -26.58
CA ILE D 144 36.26 4.76 -27.88
C ILE D 144 37.60 4.03 -27.77
N PHE D 145 37.88 3.18 -28.75
CA PHE D 145 39.13 2.42 -28.82
C PHE D 145 39.93 2.83 -30.05
N TYR D 146 41.24 2.98 -29.87
CA TYR D 146 42.14 3.41 -30.94
C TYR D 146 43.36 2.51 -30.96
N ASP D 147 43.79 2.13 -32.16
CA ASP D 147 44.96 1.30 -32.34
C ASP D 147 46.25 2.12 -32.21
N SER D 148 47.38 1.43 -32.31
CA SER D 148 48.70 2.08 -32.21
C SER D 148 49.01 2.98 -33.40
N GLU D 149 48.22 2.93 -34.47
CA GLU D 149 48.54 3.62 -35.72
C GLU D 149 47.63 4.79 -36.02
N TYR D 150 46.39 4.78 -35.52
CA TYR D 150 45.45 5.84 -35.82
C TYR D 150 45.95 7.18 -35.26
N ASP D 151 45.74 8.24 -36.04
CA ASP D 151 46.10 9.60 -35.63
C ASP D 151 44.95 10.14 -34.78
N ILE D 152 45.20 10.26 -33.48
CA ILE D 152 44.18 10.58 -32.49
C ILE D 152 43.65 12.01 -32.60
N ARG D 153 44.20 12.81 -33.51
CA ARG D 153 43.57 14.09 -33.81
C ARG D 153 42.16 13.91 -34.37
N GLY D 154 41.88 12.77 -35.00
CA GLY D 154 40.53 12.54 -35.50
C GLY D 154 39.51 12.35 -34.40
N ILE D 155 39.86 11.62 -33.34
CA ILE D 155 38.94 11.52 -32.21
C ILE D 155 38.93 12.81 -31.40
N GLN D 156 40.02 13.58 -31.42
CA GLN D 156 39.99 14.92 -30.86
C GLN D 156 38.93 15.78 -31.54
N GLU D 157 38.93 15.81 -32.88
CA GLU D 157 37.92 16.58 -33.60
C GLU D 157 36.52 15.99 -33.44
N PHE D 158 36.42 14.66 -33.34
CA PHE D 158 35.15 14.02 -33.00
C PHE D 158 34.58 14.55 -31.69
N LEU D 159 35.41 14.56 -30.64
CA LEU D 159 34.95 15.10 -29.36
C LEU D 159 34.67 16.59 -29.45
N ASP D 160 35.47 17.33 -30.21
CA ASP D 160 35.20 18.75 -30.46
C ASP D 160 33.80 18.96 -31.02
N LYS D 161 33.36 18.08 -31.91
CA LYS D 161 32.03 18.23 -32.52
C LYS D 161 30.94 17.59 -31.68
N VAL D 162 31.25 16.47 -31.01
CA VAL D 162 30.28 15.86 -30.10
C VAL D 162 29.99 16.77 -28.91
N SER D 163 31.01 17.46 -28.40
CA SER D 163 30.86 18.26 -27.19
C SER D 163 29.93 19.45 -27.35
N GLN D 164 29.53 19.79 -28.58
CA GLN D 164 28.45 20.75 -28.75
C GLN D 164 27.18 20.29 -28.05
N GLN D 165 26.92 18.98 -28.02
CA GLN D 165 25.90 18.39 -27.17
C GLN D 165 26.47 17.97 -25.81
N GLY D 166 27.68 17.39 -25.82
CA GLY D 166 28.26 16.80 -24.63
C GLY D 166 27.81 15.39 -24.39
N MET D 167 28.76 14.46 -24.32
CA MET D 167 28.50 13.04 -24.09
C MET D 167 29.62 12.45 -23.26
N ASP D 168 29.28 11.43 -22.48
CA ASP D 168 30.24 10.81 -21.57
C ASP D 168 31.08 9.80 -22.34
N VAL D 169 32.39 9.91 -22.25
CA VAL D 169 33.30 9.16 -23.10
C VAL D 169 34.40 8.53 -22.27
N ALA D 170 34.68 7.26 -22.55
CA ALA D 170 35.88 6.56 -22.10
C ALA D 170 36.77 6.26 -23.31
N LEU D 171 38.06 6.05 -23.04
CA LEU D 171 39.02 5.79 -24.10
C LEU D 171 39.94 4.65 -23.68
N GLN D 172 40.50 3.96 -24.68
CA GLN D 172 41.47 2.92 -24.41
C GLN D 172 42.34 2.69 -25.64
N LYS D 173 43.65 2.57 -25.41
CA LYS D 173 44.56 2.10 -26.43
C LYS D 173 44.32 0.62 -26.73
N VAL D 174 44.57 0.23 -27.98
CA VAL D 174 44.47 -1.16 -28.41
C VAL D 174 45.72 -1.51 -29.20
N GLU D 175 46.16 -2.76 -29.06
CA GLU D 175 47.31 -3.28 -29.79
C GLU D 175 46.98 -4.66 -30.34
N ASN D 176 47.73 -5.05 -31.38
CA ASN D 176 47.44 -6.28 -32.11
C ASN D 176 47.56 -7.52 -31.25
N ASN D 177 48.18 -7.41 -30.08
CA ASN D 177 48.40 -8.56 -29.19
C ASN D 177 47.12 -8.96 -28.46
N ILE D 178 45.96 -8.65 -29.06
CA ILE D 178 44.67 -8.83 -28.40
C ILE D 178 44.51 -10.27 -27.92
N ASN D 179 44.99 -11.23 -28.70
CA ASN D 179 44.89 -12.64 -28.32
C ASN D 179 45.53 -12.94 -26.98
N LYS D 180 46.48 -12.12 -26.52
CA LYS D 180 47.02 -12.20 -25.18
C LYS D 180 46.64 -11.03 -24.29
N MET D 181 46.54 -9.82 -24.86
CA MET D 181 46.33 -8.62 -24.06
C MET D 181 44.95 -8.62 -23.39
N ILE D 182 43.91 -8.92 -24.16
CA ILE D 182 42.55 -8.91 -23.61
C ILE D 182 42.29 -10.16 -22.78
N THR D 183 42.83 -11.32 -23.19
CA THR D 183 42.61 -12.54 -22.44
C THR D 183 43.28 -12.49 -21.06
N THR D 184 44.43 -11.82 -20.95
CA THR D 184 45.10 -11.66 -19.67
C THR D 184 44.29 -10.80 -18.68
N LEU D 185 43.31 -10.04 -19.17
CA LEU D 185 42.50 -9.22 -18.28
C LEU D 185 41.74 -10.06 -17.25
N PHE D 186 41.31 -11.27 -17.63
CA PHE D 186 40.61 -12.13 -16.68
C PHE D 186 41.48 -12.51 -15.50
N ASP D 187 42.80 -12.53 -15.67
CA ASP D 187 43.71 -12.81 -14.56
C ASP D 187 44.15 -11.57 -13.81
N THR D 188 44.33 -10.43 -14.50
CA THR D 188 44.99 -9.28 -13.89
C THR D 188 44.03 -8.20 -13.40
N MET D 189 42.83 -8.12 -13.95
CA MET D 189 41.82 -7.23 -13.39
C MET D 189 41.21 -7.83 -12.13
N ARG D 190 40.72 -6.95 -11.25
CA ARG D 190 39.71 -7.34 -10.29
C ARG D 190 38.44 -7.76 -11.01
N ILE D 191 37.69 -8.68 -10.39
CA ILE D 191 36.39 -9.04 -10.92
C ILE D 191 35.43 -7.85 -10.89
N GLU D 192 35.64 -6.93 -9.94
CA GLU D 192 34.94 -5.66 -9.98
C GLU D 192 35.34 -4.84 -11.20
N GLU D 193 36.65 -4.78 -11.48
CA GLU D 193 37.13 -4.08 -12.67
C GLU D 193 36.65 -4.77 -13.94
N LEU D 194 36.68 -6.10 -13.95
CA LEU D 194 36.17 -6.85 -15.10
C LEU D 194 34.70 -6.57 -15.35
N ASN D 195 33.89 -6.58 -14.29
CA ASN D 195 32.47 -6.26 -14.43
C ASN D 195 32.24 -4.85 -14.96
N ARG D 196 32.93 -3.85 -14.40
CA ARG D 196 32.78 -2.50 -14.94
C ARG D 196 33.25 -2.39 -16.39
N TYR D 197 34.26 -3.16 -16.78
CA TYR D 197 34.69 -3.15 -18.18
C TYR D 197 33.64 -3.77 -19.08
N ARG D 198 33.14 -4.95 -18.71
CA ARG D 198 32.08 -5.60 -19.48
C ARG D 198 30.85 -4.72 -19.61
N ASP D 199 30.52 -3.97 -18.56
CA ASP D 199 29.45 -2.98 -18.65
C ASP D 199 29.82 -1.86 -19.62
N THR D 200 31.02 -1.30 -19.48
CA THR D 200 31.45 -0.20 -20.32
C THR D 200 31.49 -0.59 -21.81
N LEU D 201 31.85 -1.84 -22.09
CA LEU D 201 31.91 -2.32 -23.47
C LEU D 201 30.54 -2.36 -24.15
N ARG D 202 29.44 -2.17 -23.42
CA ARG D 202 28.12 -2.24 -24.03
C ARG D 202 27.91 -1.20 -25.13
N ARG D 203 28.65 -0.09 -25.10
CA ARG D 203 28.65 0.90 -26.18
C ARG D 203 30.10 1.28 -26.47
N ALA D 204 30.67 0.74 -27.54
CA ALA D 204 32.10 0.82 -27.78
C ALA D 204 32.37 1.13 -29.25
N ILE D 205 33.38 1.96 -29.49
CA ILE D 205 33.76 2.39 -30.83
C ILE D 205 35.18 1.90 -31.09
N LEU D 206 35.37 1.19 -32.19
CA LEU D 206 36.66 0.60 -32.54
C LEU D 206 37.22 1.31 -33.77
N VAL D 207 38.41 1.90 -33.61
CA VAL D 207 39.11 2.56 -34.70
C VAL D 207 40.48 1.89 -34.87
N MET D 208 40.51 0.82 -35.64
CA MET D 208 41.67 -0.08 -35.61
C MET D 208 41.76 -0.82 -36.95
N ASN D 209 42.98 -1.29 -37.24
CA ASN D 209 43.22 -2.04 -38.46
C ASN D 209 42.35 -3.30 -38.50
N PRO D 210 41.97 -3.76 -39.71
CA PRO D 210 41.02 -4.88 -39.81
C PRO D 210 41.38 -6.12 -39.02
N ALA D 211 42.65 -6.53 -39.02
CA ALA D 211 43.05 -7.70 -38.23
C ALA D 211 42.88 -7.46 -36.73
N THR D 212 43.16 -6.24 -36.27
CA THR D 212 42.89 -5.89 -34.89
C THR D 212 41.39 -5.86 -34.60
N ALA D 213 40.58 -5.32 -35.53
CA ALA D 213 39.14 -5.30 -35.32
C ALA D 213 38.58 -6.72 -35.21
N LYS D 214 38.99 -7.59 -36.13
CA LYS D 214 38.58 -8.99 -36.07
C LYS D 214 39.03 -9.66 -34.77
N SER D 215 40.24 -9.34 -34.30
CA SER D 215 40.68 -9.93 -33.03
C SER D 215 39.86 -9.40 -31.87
N PHE D 216 39.58 -8.10 -31.84
CA PHE D 216 38.80 -7.51 -30.76
C PHE D 216 37.43 -8.17 -30.71
N ILE D 217 36.77 -8.31 -31.86
CA ILE D 217 35.52 -9.04 -31.91
C ILE D 217 35.69 -10.45 -31.40
N THR D 218 36.71 -11.18 -31.90
CA THR D 218 36.83 -12.60 -31.61
C THR D 218 37.01 -12.86 -30.12
N GLU D 219 38.06 -12.28 -29.52
CA GLU D 219 38.30 -12.49 -28.10
C GLU D 219 37.18 -11.91 -27.23
N VAL D 220 36.65 -10.73 -27.55
CA VAL D 220 35.62 -10.17 -26.67
C VAL D 220 34.35 -11.02 -26.72
N VAL D 221 34.00 -11.58 -27.87
CA VAL D 221 32.84 -12.46 -27.93
C VAL D 221 33.13 -13.80 -27.25
N GLU D 222 34.23 -14.46 -27.60
CA GLU D 222 34.46 -15.83 -27.19
C GLU D 222 34.92 -15.96 -25.74
N THR D 223 35.53 -14.94 -25.16
CA THR D 223 35.71 -14.89 -23.72
C THR D 223 34.46 -14.42 -22.97
N ASN D 224 33.41 -14.03 -23.69
CA ASN D 224 32.14 -13.59 -23.10
C ASN D 224 32.33 -12.35 -22.24
N LEU D 225 33.07 -11.38 -22.77
CA LEU D 225 33.10 -10.04 -22.19
C LEU D 225 31.83 -9.26 -22.50
N VAL D 226 31.08 -9.68 -23.52
CA VAL D 226 29.84 -9.03 -23.92
C VAL D 226 28.82 -10.09 -24.30
N ALA D 227 27.57 -9.67 -24.42
CA ALA D 227 26.51 -10.53 -24.94
C ALA D 227 25.65 -9.78 -25.95
N PHE D 228 24.41 -10.25 -26.15
CA PHE D 228 23.48 -9.58 -27.04
C PHE D 228 23.16 -8.15 -26.63
N ASP D 229 23.57 -7.73 -25.43
CA ASP D 229 23.31 -6.38 -24.95
C ASP D 229 24.22 -5.33 -25.55
N CYS D 230 25.38 -5.72 -26.08
CA CYS D 230 26.34 -4.74 -26.56
C CYS D 230 25.98 -4.24 -27.96
N HIS D 231 26.47 -3.05 -28.27
CA HIS D 231 26.27 -2.41 -29.57
C HIS D 231 27.60 -1.81 -29.99
N TRP D 232 28.02 -2.07 -31.23
CA TRP D 232 29.37 -1.78 -31.68
C TRP D 232 29.34 -0.83 -32.87
N ILE D 233 30.37 0.02 -32.96
CA ILE D 233 30.67 0.78 -34.16
C ILE D 233 32.12 0.53 -34.54
N ILE D 234 32.35 0.21 -35.82
CA ILE D 234 33.68 0.02 -36.38
C ILE D 234 33.77 0.83 -37.67
N ILE D 235 34.92 1.43 -37.92
CA ILE D 235 35.08 2.31 -39.07
C ILE D 235 36.49 2.18 -39.62
N ASN D 236 36.59 2.27 -40.95
CA ASN D 236 37.87 2.33 -41.65
C ASN D 236 37.60 2.87 -43.05
N GLU D 237 38.68 3.21 -43.76
CA GLU D 237 38.59 3.38 -45.20
C GLU D 237 38.69 2.04 -45.92
N GLU D 238 39.80 1.34 -45.74
CA GLU D 238 40.32 0.31 -46.66
C GLU D 238 39.48 -0.96 -46.71
N ILE D 239 38.32 -1.06 -46.06
CA ILE D 239 37.64 -2.35 -45.93
C ILE D 239 37.12 -2.80 -47.29
N ASN D 240 37.46 -4.04 -47.66
CA ASN D 240 36.89 -4.69 -48.83
C ASN D 240 35.43 -5.09 -48.59
N ASP D 241 34.84 -5.72 -49.60
CA ASP D 241 33.45 -6.19 -49.51
C ASP D 241 33.30 -7.42 -48.63
N VAL D 242 34.39 -8.11 -48.32
CA VAL D 242 34.34 -9.44 -47.72
C VAL D 242 34.48 -9.37 -46.21
N ASP D 243 35.47 -8.62 -45.71
CA ASP D 243 35.77 -8.61 -44.29
C ASP D 243 34.58 -8.13 -43.45
N VAL D 244 33.72 -7.29 -44.01
CA VAL D 244 32.50 -6.89 -43.31
C VAL D 244 31.67 -8.12 -42.95
N GLN D 245 31.58 -9.10 -43.85
CA GLN D 245 30.78 -10.29 -43.58
C GLN D 245 31.39 -11.13 -42.47
N GLU D 246 32.72 -11.25 -42.45
CA GLU D 246 33.38 -11.98 -41.37
C GLU D 246 33.20 -11.27 -40.03
N LEU D 247 33.33 -9.93 -40.03
CA LEU D 247 33.12 -9.16 -38.81
C LEU D 247 31.71 -9.34 -38.26
N VAL D 248 30.70 -9.27 -39.13
CA VAL D 248 29.32 -9.47 -38.70
C VAL D 248 29.06 -10.91 -38.26
N ARG D 249 29.68 -11.89 -38.93
CA ARG D 249 29.49 -13.28 -38.54
C ARG D 249 30.12 -13.59 -37.18
N ARG D 250 31.33 -13.07 -36.94
CA ARG D 250 32.01 -13.35 -35.67
C ARG D 250 31.36 -12.63 -34.50
N SER D 251 30.84 -11.42 -34.74
CA SER D 251 30.29 -10.62 -33.65
C SER D 251 28.95 -11.20 -33.18
N ILE D 252 28.63 -10.89 -31.92
CA ILE D 252 27.29 -11.04 -31.39
C ILE D 252 26.91 -9.74 -30.69
N GLY D 253 25.61 -9.51 -30.55
CA GLY D 253 25.12 -8.16 -30.36
C GLY D 253 25.21 -7.35 -31.63
N ARG D 254 24.61 -6.16 -31.63
CA ARG D 254 24.49 -5.37 -32.84
C ARG D 254 25.84 -4.74 -33.18
N LEU D 255 26.16 -4.70 -34.47
CA LEU D 255 27.43 -4.18 -34.95
C LEU D 255 27.23 -3.25 -36.12
N THR D 256 27.83 -2.07 -36.05
CA THR D 256 27.86 -1.10 -37.14
C THR D 256 29.27 -1.05 -37.72
N ILE D 257 29.37 -1.13 -39.05
CA ILE D 257 30.66 -1.04 -39.75
C ILE D 257 30.55 0.06 -40.80
N ILE D 258 31.53 0.94 -40.83
CA ILE D 258 31.62 2.00 -41.82
C ILE D 258 32.85 1.76 -42.69
N ARG D 259 32.69 1.90 -44.00
CA ARG D 259 33.79 1.76 -44.93
C ARG D 259 33.76 2.91 -45.93
N GLN D 260 34.91 3.15 -46.56
CA GLN D 260 34.94 3.95 -47.77
C GLN D 260 34.43 3.15 -48.95
N THR D 261 33.78 3.84 -49.89
CA THR D 261 33.18 3.21 -51.06
C THR D 261 33.44 4.07 -52.29
N PHE D 262 33.07 3.53 -53.45
CA PHE D 262 33.30 4.16 -54.73
C PHE D 262 31.99 4.44 -55.44
N PRO D 263 31.93 5.46 -56.30
CA PRO D 263 30.62 5.90 -56.83
C PRO D 263 30.02 4.96 -57.85
N VAL D 264 30.81 4.12 -58.51
CA VAL D 264 30.27 3.09 -59.39
C VAL D 264 29.70 1.95 -58.55
N PRO D 265 28.59 1.34 -58.97
CA PRO D 265 28.14 0.09 -58.35
C PRO D 265 29.18 -1.02 -58.45
N GLN D 266 28.88 -2.12 -57.76
CA GLN D 266 29.77 -3.28 -57.74
C GLN D 266 29.91 -3.95 -59.09
N ASN D 267 29.08 -3.59 -60.07
CA ASN D 267 29.15 -4.20 -61.40
C ASN D 267 30.55 -4.03 -62.00
N ILE D 268 30.90 -4.96 -62.89
CA ILE D 268 32.19 -4.93 -63.56
C ILE D 268 32.14 -4.12 -64.85
N SER D 269 31.07 -4.26 -65.63
CA SER D 269 30.98 -3.62 -66.93
C SER D 269 31.10 -2.11 -66.85
N GLN D 270 30.73 -1.51 -65.72
CA GLN D 270 30.85 -0.07 -65.55
C GLN D 270 32.27 0.38 -65.24
N ARG D 271 33.19 -0.55 -64.97
CA ARG D 271 34.53 -0.22 -64.51
C ARG D 271 35.51 -0.01 -65.66
N CYS D 272 35.41 -0.81 -66.72
CA CYS D 272 36.48 -0.89 -67.70
C CYS D 272 36.46 0.23 -68.74
N PHE D 273 35.34 0.91 -68.93
CA PHE D 273 35.19 1.88 -70.00
C PHE D 273 35.08 3.28 -69.42
N ARG D 274 35.88 4.21 -69.97
CA ARG D 274 35.91 5.60 -69.53
C ARG D 274 35.99 6.49 -70.77
N GLY D 275 34.87 6.64 -71.45
CA GLY D 275 34.77 7.51 -72.61
C GLY D 275 35.68 7.15 -73.77
N ASN D 276 36.61 8.05 -74.06
CA ASN D 276 37.65 7.86 -75.07
C ASN D 276 38.73 6.85 -74.67
N HIS D 277 38.65 6.23 -73.50
CA HIS D 277 39.75 5.42 -72.99
C HIS D 277 39.29 4.00 -72.67
N ARG D 278 40.19 3.05 -72.89
CA ARG D 278 39.98 1.64 -72.61
C ARG D 278 40.96 1.22 -71.51
N ILE D 279 40.44 0.69 -70.42
CA ILE D 279 41.26 0.19 -69.32
C ILE D 279 41.55 -1.28 -69.55
N SER D 280 42.77 -1.70 -69.24
CA SER D 280 43.16 -3.10 -69.33
C SER D 280 42.25 -3.98 -68.48
N SER D 281 41.81 -5.09 -69.07
CA SER D 281 41.01 -6.06 -68.34
C SER D 281 41.76 -6.66 -67.16
N THR D 282 43.10 -6.69 -67.23
CA THR D 282 43.91 -7.15 -66.10
C THR D 282 43.73 -6.28 -64.86
N LEU D 283 43.24 -5.05 -65.01
CA LEU D 283 43.07 -4.12 -63.90
C LEU D 283 41.60 -3.95 -63.52
N CYS D 284 40.74 -3.74 -64.51
CA CYS D 284 39.36 -3.34 -64.27
C CYS D 284 38.44 -4.52 -63.94
N ASP D 285 38.84 -5.74 -64.30
CA ASP D 285 37.97 -6.91 -64.09
C ASP D 285 38.46 -7.69 -62.89
N PRO D 286 37.70 -7.77 -61.80
CA PRO D 286 38.16 -8.47 -60.61
C PRO D 286 38.16 -9.99 -60.75
N LYS D 287 37.77 -10.53 -61.90
CA LYS D 287 37.97 -11.95 -62.17
C LYS D 287 39.42 -12.29 -62.49
N ASP D 288 40.22 -11.29 -62.88
CA ASP D 288 41.62 -11.53 -63.17
C ASP D 288 42.41 -11.66 -61.86
N PRO D 289 43.19 -12.72 -61.69
CA PRO D 289 44.02 -12.85 -60.48
C PRO D 289 44.93 -11.66 -60.21
N PHE D 290 45.31 -10.91 -61.25
CA PHE D 290 46.07 -9.69 -61.04
C PHE D 290 45.24 -8.64 -60.31
N ALA D 291 44.02 -8.40 -60.78
CA ALA D 291 43.13 -7.45 -60.11
C ALA D 291 42.81 -7.89 -58.69
N GLN D 292 42.69 -9.21 -58.46
CA GLN D 292 42.48 -9.73 -57.11
C GLN D 292 43.65 -9.46 -56.18
N ASN D 293 44.81 -9.06 -56.71
CA ASN D 293 45.97 -8.71 -55.89
C ASN D 293 46.30 -7.23 -55.95
N MET D 294 45.53 -6.45 -56.70
CA MET D 294 45.70 -5.00 -56.74
C MET D 294 45.17 -4.35 -55.46
N GLU D 295 45.57 -3.10 -55.25
CA GLU D 295 45.23 -2.34 -54.07
C GLU D 295 44.73 -0.96 -54.50
N ILE D 296 43.97 -0.32 -53.60
CA ILE D 296 43.29 0.93 -53.92
C ILE D 296 44.31 2.00 -54.33
N SER D 297 45.51 1.97 -53.74
CA SER D 297 46.56 2.88 -54.18
C SER D 297 46.89 2.69 -55.65
N ASN D 298 46.85 1.45 -56.14
CA ASN D 298 47.09 1.23 -57.57
C ASN D 298 46.00 1.87 -58.41
N LEU D 299 44.77 1.85 -57.90
CA LEU D 299 43.65 2.48 -58.60
C LEU D 299 43.86 3.99 -58.69
N TYR D 300 44.16 4.62 -57.55
CA TYR D 300 44.48 6.05 -57.57
C TYR D 300 45.67 6.38 -58.45
N ILE D 301 46.67 5.49 -58.52
CA ILE D 301 47.82 5.74 -59.39
C ILE D 301 47.44 5.67 -60.86
N TYR D 302 46.66 4.66 -61.24
CA TYR D 302 46.13 4.60 -62.60
C TYR D 302 45.32 5.85 -62.94
N ASP D 303 44.44 6.26 -62.03
CA ASP D 303 43.64 7.45 -62.28
C ASP D 303 44.49 8.71 -62.34
N THR D 304 45.61 8.74 -61.61
CA THR D 304 46.53 9.87 -61.70
C THR D 304 47.23 9.91 -63.05
N VAL D 305 47.65 8.76 -63.57
CA VAL D 305 48.26 8.73 -64.90
C VAL D 305 47.25 9.12 -65.97
N LEU D 306 46.02 8.61 -65.87
CA LEU D 306 44.95 9.01 -66.78
C LEU D 306 44.67 10.51 -66.70
N LEU D 307 44.63 11.05 -65.48
CA LEU D 307 44.50 12.49 -65.28
C LEU D 307 45.60 13.26 -66.00
N LEU D 308 46.87 12.89 -65.77
CA LEU D 308 47.97 13.62 -66.38
C LEU D 308 47.93 13.54 -67.90
N ALA D 309 47.61 12.35 -68.44
CA ALA D 309 47.44 12.20 -69.88
C ALA D 309 46.32 13.11 -70.42
N ASN D 310 45.18 13.15 -69.73
CA ASN D 310 44.09 14.02 -70.17
C ASN D 310 44.45 15.49 -70.05
N ALA D 311 45.24 15.85 -69.04
CA ALA D 311 45.65 17.24 -68.86
C ALA D 311 46.60 17.67 -69.98
N PHE D 312 47.56 16.81 -70.33
CA PHE D 312 48.42 17.08 -71.47
C PHE D 312 47.62 17.17 -72.76
N HIS D 313 46.66 16.26 -72.96
CA HIS D 313 45.80 16.31 -74.14
C HIS D 313 45.00 17.60 -74.20
N LYS D 314 44.43 18.03 -73.07
CA LYS D 314 43.72 19.31 -73.01
C LYS D 314 44.63 20.50 -73.30
N LYS D 315 45.87 20.45 -72.82
CA LYS D 315 46.83 21.51 -73.13
C LYS D 315 47.17 21.53 -74.61
N LEU D 316 47.21 20.36 -75.25
CA LEU D 316 47.42 20.31 -76.69
C LEU D 316 46.19 20.81 -77.45
N GLU D 317 44.99 20.51 -76.94
CA GLU D 317 43.77 21.06 -77.52
C GLU D 317 43.74 22.58 -77.38
N ASP D 318 44.12 23.10 -76.22
CA ASP D 318 44.32 24.53 -76.06
C ASP D 318 45.52 25.04 -76.83
N ARG D 319 46.38 24.15 -77.32
CA ARG D 319 47.59 24.51 -78.06
C ARG D 319 48.52 25.39 -77.23
N LYS D 320 48.54 25.14 -75.91
CA LYS D 320 49.40 25.86 -74.97
C LYS D 320 50.68 25.10 -74.67
N TRP D 321 51.00 24.09 -75.47
CA TRP D 321 52.01 23.11 -75.09
C TRP D 321 53.38 23.76 -74.90
N HIS D 322 54.17 23.17 -74.00
CA HIS D 322 55.48 23.68 -73.63
C HIS D 322 56.50 22.56 -73.69
N SER D 323 57.74 22.92 -74.03
CA SER D 323 58.84 21.98 -73.96
C SER D 323 59.18 21.62 -72.52
N MET D 324 59.78 20.45 -72.34
CA MET D 324 60.21 19.99 -71.03
C MET D 324 61.40 20.80 -70.53
N ALA D 325 61.46 20.98 -69.20
CA ALA D 325 62.51 21.74 -68.55
C ALA D 325 63.32 20.83 -67.62
N SER D 326 64.62 21.10 -67.56
CA SER D 326 65.53 20.43 -66.63
C SER D 326 65.95 21.40 -65.54
N LEU D 327 65.87 20.96 -64.29
CA LEU D 327 66.15 21.81 -63.14
C LEU D 327 66.98 21.05 -62.12
N SER D 328 67.58 21.81 -61.19
CA SER D 328 68.34 21.25 -60.09
C SER D 328 68.04 22.04 -58.83
N CYS D 329 68.30 21.40 -57.68
CA CYS D 329 67.85 21.91 -56.39
C CYS D 329 69.03 22.13 -55.45
N ILE D 330 68.85 23.07 -54.52
CA ILE D 330 69.83 23.39 -53.48
C ILE D 330 71.15 23.78 -54.14
N ARG D 331 71.07 24.62 -55.17
CA ARG D 331 72.22 25.19 -55.83
C ARG D 331 71.93 26.65 -56.12
N LYS D 332 73.00 27.43 -56.28
CA LYS D 332 72.81 28.87 -56.47
C LYS D 332 72.24 29.20 -57.85
N ASN D 333 72.15 28.22 -58.75
CA ASN D 333 71.40 28.36 -59.98
C ASN D 333 69.92 27.99 -59.82
N SER D 334 69.55 27.35 -58.72
CA SER D 334 68.22 26.75 -58.58
C SER D 334 67.14 27.83 -58.53
N LYS D 335 66.26 27.84 -59.54
CA LYS D 335 65.15 28.76 -59.61
C LYS D 335 63.98 28.04 -60.26
N PRO D 336 62.75 28.47 -59.99
CA PRO D 336 61.58 27.80 -60.58
C PRO D 336 61.46 28.07 -62.07
N TRP D 337 60.64 27.25 -62.72
CA TRP D 337 60.27 27.43 -64.12
C TRP D 337 58.78 27.73 -64.21
N GLN D 338 58.43 28.82 -64.91
CA GLN D 338 57.04 29.26 -65.01
C GLN D 338 56.18 28.25 -65.76
N GLY D 339 56.76 27.52 -66.70
CA GLY D 339 56.03 26.45 -67.35
C GLY D 339 55.58 25.38 -66.38
N GLY D 340 56.31 25.21 -65.27
CA GLY D 340 55.86 24.28 -64.25
C GLY D 340 54.56 24.71 -63.63
N ARG D 341 54.46 25.99 -63.24
CA ARG D 341 53.20 26.53 -62.73
C ARG D 341 52.10 26.46 -63.76
N SER D 342 52.40 26.78 -65.02
CA SER D 342 51.39 26.67 -66.08
C SER D 342 50.87 25.24 -66.21
N MET D 343 51.76 24.24 -66.13
CA MET D 343 51.34 22.85 -66.16
C MET D 343 50.51 22.49 -64.94
N LEU D 344 50.94 22.95 -63.76
CA LEU D 344 50.18 22.71 -62.54
C LEU D 344 48.75 23.23 -62.68
N GLU D 345 48.61 24.50 -63.08
CA GLU D 345 47.28 25.09 -63.24
C GLU D 345 46.46 24.39 -64.32
N THR D 346 47.12 23.89 -65.37
CA THR D 346 46.40 23.14 -66.40
C THR D 346 45.88 21.81 -65.87
N ILE D 347 46.66 21.13 -65.05
CA ILE D 347 46.21 19.87 -64.44
C ILE D 347 45.12 20.12 -63.40
N LYS D 348 45.28 21.19 -62.61
CA LYS D 348 44.27 21.55 -61.62
C LYS D 348 42.91 21.81 -62.26
N LYS D 349 42.89 22.46 -63.42
CA LYS D 349 41.66 22.64 -64.18
C LYS D 349 41.37 21.46 -65.12
N GLY D 350 42.06 20.34 -64.94
CA GLY D 350 41.71 19.11 -65.61
C GLY D 350 40.60 18.36 -64.88
N GLY D 351 40.40 17.12 -65.31
CA GLY D 351 39.44 16.25 -64.65
C GLY D 351 39.17 14.98 -65.43
N VAL D 352 39.07 13.85 -64.71
CA VAL D 352 38.86 12.54 -65.30
C VAL D 352 37.93 11.73 -64.42
N SER D 353 37.44 10.62 -64.95
CA SER D 353 36.89 9.52 -64.16
C SER D 353 37.67 8.26 -64.48
N GLY D 354 37.86 7.42 -63.47
CA GLY D 354 38.73 6.26 -63.58
C GLY D 354 38.28 5.14 -62.66
N LEU D 355 39.25 4.34 -62.22
CA LEU D 355 38.96 3.19 -61.37
C LEU D 355 38.37 3.60 -60.03
N THR D 356 38.80 4.75 -59.50
CA THR D 356 38.21 5.31 -58.30
C THR D 356 37.00 6.20 -58.60
N GLY D 357 36.55 6.25 -59.85
CA GLY D 357 35.57 7.23 -60.24
C GLY D 357 36.16 8.59 -60.56
N GLU D 358 35.39 9.63 -60.24
CA GLU D 358 35.74 10.99 -60.62
C GLU D 358 36.95 11.47 -59.84
N LEU D 359 37.83 12.21 -60.52
CA LEU D 359 39.04 12.76 -59.91
C LEU D 359 39.22 14.18 -60.43
N GLU D 360 39.07 15.15 -59.53
CA GLU D 360 39.36 16.54 -59.81
C GLU D 360 39.69 17.22 -58.48
N PHE D 361 40.06 18.51 -58.56
CA PHE D 361 40.69 19.19 -57.44
C PHE D 361 39.92 20.44 -57.06
N GLY D 362 39.89 20.72 -55.76
CA GLY D 362 39.28 21.92 -55.23
C GLY D 362 40.19 23.14 -55.36
N GLU D 363 39.75 24.22 -54.72
CA GLU D 363 40.46 25.50 -54.82
C GLU D 363 41.89 25.38 -54.30
N ASN D 364 42.10 24.57 -53.26
CA ASN D 364 43.43 24.34 -52.71
C ASN D 364 44.17 23.19 -53.39
N GLY D 365 43.59 22.61 -54.44
CA GLY D 365 44.19 21.50 -55.14
C GLY D 365 43.95 20.14 -54.53
N GLY D 366 43.28 20.06 -53.38
CA GLY D 366 42.90 18.77 -52.83
C GLY D 366 41.70 18.19 -53.56
N ASN D 367 41.70 16.87 -53.71
CA ASN D 367 40.55 16.17 -54.26
C ASN D 367 39.40 16.21 -53.28
N PRO D 368 38.24 16.78 -53.64
CA PRO D 368 37.10 16.80 -52.70
C PRO D 368 36.31 15.50 -52.68
N ASN D 369 36.47 14.64 -53.69
CA ASN D 369 35.60 13.47 -53.86
C ASN D 369 35.97 12.41 -52.85
N VAL D 370 35.05 12.11 -51.93
CA VAL D 370 35.16 10.95 -51.05
C VAL D 370 33.75 10.43 -50.77
N HIS D 371 33.66 9.12 -50.54
CA HIS D 371 32.40 8.46 -50.23
C HIS D 371 32.60 7.49 -49.09
N PHE D 372 31.64 7.44 -48.17
CA PHE D 372 31.65 6.48 -47.07
C PHE D 372 30.35 5.67 -47.06
N GLU D 373 30.47 4.40 -46.66
CA GLU D 373 29.38 3.44 -46.73
C GLU D 373 29.29 2.71 -45.39
N ILE D 374 28.06 2.54 -44.90
CA ILE D 374 27.82 2.00 -43.57
C ILE D 374 27.10 0.67 -43.68
N LEU D 375 27.63 -0.34 -43.01
CA LEU D 375 27.20 -1.73 -43.11
C LEU D 375 27.17 -2.32 -41.72
N GLY D 376 26.50 -3.47 -41.57
CA GLY D 376 26.52 -4.11 -40.27
C GLY D 376 25.46 -5.19 -40.15
N THR D 377 25.12 -5.49 -38.90
CA THR D 377 24.22 -6.60 -38.57
C THR D 377 22.80 -6.37 -39.06
N ASN D 378 22.26 -7.35 -39.77
CA ASN D 378 20.82 -7.50 -39.99
C ASN D 378 20.19 -8.15 -38.75
N TYR D 379 20.38 -7.49 -37.61
CA TYR D 379 20.23 -8.13 -36.32
C TYR D 379 18.77 -8.44 -36.00
N GLY D 380 18.58 -9.54 -35.26
CA GLY D 380 17.26 -10.06 -34.95
C GLY D 380 17.35 -11.54 -34.61
N GLU D 381 16.46 -12.02 -33.75
CA GLU D 381 16.54 -13.37 -33.21
C GLU D 381 16.35 -14.46 -34.26
N GLU D 382 15.95 -14.11 -35.49
CA GLU D 382 15.96 -15.10 -36.56
C GLU D 382 17.38 -15.52 -36.94
N LEU D 383 18.34 -14.60 -36.84
CA LEU D 383 19.66 -14.86 -37.39
C LEU D 383 20.77 -14.36 -36.47
N GLY D 384 20.64 -13.12 -35.99
CA GLY D 384 21.73 -12.44 -35.31
C GLY D 384 22.89 -12.07 -36.22
N ARG D 385 23.48 -13.08 -36.86
CA ARG D 385 24.73 -12.93 -37.61
C ARG D 385 24.51 -12.46 -39.05
N GLY D 386 23.30 -12.07 -39.41
CA GLY D 386 23.04 -11.64 -40.77
C GLY D 386 23.60 -10.26 -41.07
N VAL D 387 23.92 -10.04 -42.33
CA VAL D 387 24.55 -8.81 -42.81
C VAL D 387 23.52 -8.01 -43.60
N ARG D 388 23.52 -6.69 -43.39
CA ARG D 388 22.76 -5.78 -44.23
C ARG D 388 23.54 -4.49 -44.42
N LYS D 389 23.16 -3.75 -45.47
CA LYS D 389 23.56 -2.36 -45.62
C LYS D 389 22.75 -1.48 -44.67
N LEU D 390 23.38 -0.40 -44.21
CA LEU D 390 22.75 0.51 -43.26
C LEU D 390 22.59 1.94 -43.76
N GLY D 391 23.53 2.45 -44.55
CA GLY D 391 23.39 3.80 -45.06
C GLY D 391 24.63 4.24 -45.80
N CYS D 392 24.61 5.51 -46.20
CA CYS D 392 25.74 6.15 -46.86
C CYS D 392 25.91 7.57 -46.31
N TRP D 393 27.15 7.97 -46.10
CA TRP D 393 27.44 9.33 -45.65
C TRP D 393 27.20 10.32 -46.78
N ASN D 394 26.73 11.51 -46.42
CA ASN D 394 26.59 12.62 -47.35
C ASN D 394 26.90 13.91 -46.61
N PRO D 395 27.31 14.96 -47.34
CA PRO D 395 27.66 16.22 -46.67
C PRO D 395 26.48 17.06 -46.22
N VAL D 396 25.25 16.67 -46.56
CA VAL D 396 24.09 17.51 -46.27
C VAL D 396 23.38 17.03 -45.00
N THR D 397 22.76 15.86 -45.07
CA THR D 397 22.09 15.28 -43.91
C THR D 397 23.01 14.41 -43.07
N GLY D 398 24.23 14.15 -43.51
CA GLY D 398 25.16 13.31 -42.77
C GLY D 398 24.99 11.83 -43.03
N LEU D 399 23.74 11.38 -43.23
CA LEU D 399 23.47 9.96 -43.38
C LEU D 399 22.20 9.79 -44.20
N ASN D 400 22.32 9.10 -45.34
CA ASN D 400 21.14 8.58 -46.02
C ASN D 400 20.60 7.36 -45.28
N GLY D 401 19.28 7.24 -45.25
CA GLY D 401 18.64 6.20 -44.45
C GLY D 401 18.59 6.53 -42.97
N SER D 402 18.25 5.51 -42.19
CA SER D 402 18.30 5.60 -40.74
C SER D 402 18.59 4.21 -40.17
N LEU D 403 19.25 4.20 -39.00
CA LEU D 403 19.80 2.98 -38.45
C LEU D 403 18.91 2.31 -37.40
N THR D 404 17.96 3.04 -36.83
CA THR D 404 17.22 2.57 -35.66
C THR D 404 15.83 2.07 -36.01
N ASP D 405 15.53 0.84 -35.61
CA ASP D 405 14.23 0.21 -35.84
C ASP D 405 13.88 -0.60 -34.60
N LYS D 406 14.91 -0.84 -33.77
CA LYS D 406 14.99 -1.80 -32.68
C LYS D 406 14.87 -3.26 -33.10
N LYS D 407 14.29 -3.52 -34.26
CA LYS D 407 14.28 -4.86 -34.87
C LYS D 407 13.63 -4.78 -36.24
N LEU D 408 13.79 -5.84 -37.01
CA LEU D 408 12.95 -6.06 -38.18
C LEU D 408 11.53 -6.29 -37.68
N GLU D 409 10.60 -5.39 -37.99
CA GLU D 409 9.28 -5.50 -37.38
C GLU D 409 8.42 -6.54 -38.09
N ASN D 410 7.47 -7.09 -37.36
CA ASN D 410 6.79 -8.31 -37.76
C ASN D 410 5.88 -8.06 -38.94
N ASN D 411 5.93 -8.94 -39.94
CA ASN D 411 4.90 -8.97 -40.97
C ASN D 411 5.13 -10.20 -41.84
N MET D 412 4.11 -10.56 -42.63
CA MET D 412 4.35 -11.33 -43.85
C MET D 412 4.88 -10.45 -44.98
N ARG D 413 4.77 -9.13 -44.83
CA ARG D 413 5.20 -8.13 -45.80
C ARG D 413 6.07 -7.10 -45.05
N GLY D 414 5.82 -5.81 -45.23
CA GLY D 414 6.61 -4.82 -44.51
C GLY D 414 6.24 -4.66 -43.03
N VAL D 415 5.37 -3.70 -42.66
CA VAL D 415 5.07 -3.56 -41.24
C VAL D 415 3.57 -3.44 -40.98
N VAL D 416 2.93 -4.59 -40.79
CA VAL D 416 1.48 -4.71 -40.61
C VAL D 416 1.25 -5.99 -39.82
N LEU D 417 0.18 -6.01 -39.02
CA LEU D 417 -0.27 -7.22 -38.35
C LEU D 417 -1.72 -7.49 -38.69
N ARG D 418 -2.10 -8.76 -38.71
CA ARG D 418 -3.46 -9.17 -39.02
C ARG D 418 -4.12 -9.64 -37.73
N VAL D 419 -5.21 -8.97 -37.35
CA VAL D 419 -5.70 -9.00 -35.98
C VAL D 419 -7.17 -9.37 -35.98
N VAL D 420 -7.55 -10.30 -35.10
CA VAL D 420 -8.93 -10.71 -34.91
C VAL D 420 -9.50 -9.93 -33.74
N THR D 421 -10.78 -9.57 -33.84
CA THR D 421 -11.42 -8.76 -32.82
C THR D 421 -12.87 -9.16 -32.67
N VAL D 422 -13.49 -8.68 -31.60
CA VAL D 422 -14.92 -8.79 -31.36
C VAL D 422 -15.45 -7.44 -30.93
N LEU D 423 -16.60 -7.05 -31.45
CA LEU D 423 -17.12 -5.71 -31.23
C LEU D 423 -17.83 -5.65 -29.88
N GLU D 424 -17.51 -4.61 -29.10
CA GLU D 424 -18.13 -4.41 -27.79
C GLU D 424 -17.81 -3.02 -27.28
N GLU D 425 -18.83 -2.25 -26.90
CA GLU D 425 -18.61 -0.94 -26.32
C GLU D 425 -17.96 -1.07 -24.95
N PRO D 426 -17.13 -0.11 -24.53
CA PRO D 426 -16.54 1.00 -25.31
C PRO D 426 -15.22 0.59 -25.93
N PHE D 427 -14.86 -0.70 -25.79
CA PHE D 427 -13.53 -1.16 -26.15
C PHE D 427 -13.25 -0.99 -27.63
N VAL D 428 -14.15 -1.48 -28.49
CA VAL D 428 -13.98 -1.43 -29.93
C VAL D 428 -15.35 -1.29 -30.57
N MET D 429 -15.48 -0.33 -31.48
CA MET D 429 -16.73 -0.13 -32.21
C MET D 429 -16.42 0.22 -33.66
N VAL D 430 -17.31 -0.21 -34.55
CA VAL D 430 -17.31 0.28 -35.92
C VAL D 430 -17.87 1.69 -35.96
N SER D 431 -17.23 2.56 -36.75
CA SER D 431 -17.54 3.98 -36.74
C SER D 431 -17.93 4.53 -38.11
N GLU D 432 -17.80 3.74 -39.18
CA GLU D 432 -18.31 4.14 -40.48
C GLU D 432 -18.70 2.90 -41.26
N ASN D 433 -19.77 3.02 -42.05
CA ASN D 433 -20.32 1.91 -42.84
C ASN D 433 -20.63 2.45 -44.23
N VAL D 434 -19.68 2.28 -45.16
CA VAL D 434 -19.82 2.75 -46.53
C VAL D 434 -19.20 1.68 -47.43
N LEU D 435 -19.70 1.60 -48.66
CA LEU D 435 -19.48 0.48 -49.57
C LEU D 435 -19.99 -0.85 -49.01
N GLY D 436 -20.79 -0.80 -47.93
CA GLY D 436 -21.13 -1.98 -47.17
C GLY D 436 -20.04 -2.51 -46.26
N LYS D 437 -18.85 -1.93 -46.28
CA LYS D 437 -17.73 -2.42 -45.50
C LYS D 437 -17.79 -1.90 -44.07
N PRO D 438 -17.24 -2.65 -43.10
CA PRO D 438 -16.81 -2.05 -41.84
C PRO D 438 -15.55 -1.20 -42.02
N LYS D 439 -15.74 0.04 -42.50
CA LYS D 439 -14.64 0.83 -43.04
C LYS D 439 -13.68 1.35 -41.97
N LYS D 440 -14.12 1.52 -40.73
CA LYS D 440 -13.25 2.06 -39.69
C LYS D 440 -13.52 1.40 -38.35
N TYR D 441 -12.52 1.51 -37.46
CA TYR D 441 -12.64 1.09 -36.07
C TYR D 441 -12.21 2.23 -35.16
N GLN D 442 -12.61 2.13 -33.89
CA GLN D 442 -12.23 3.11 -32.87
C GLN D 442 -12.33 2.45 -31.50
N GLY D 443 -11.78 3.12 -30.49
CA GLY D 443 -12.02 2.70 -29.12
C GLY D 443 -10.81 2.70 -28.22
N PHE D 444 -11.06 2.50 -26.92
CA PHE D 444 -9.97 2.44 -25.94
C PHE D 444 -8.93 1.39 -26.30
N SER D 445 -9.36 0.18 -26.67
CA SER D 445 -8.41 -0.84 -27.07
C SER D 445 -7.70 -0.46 -28.36
N ILE D 446 -8.39 0.26 -29.24
CA ILE D 446 -7.77 0.73 -30.48
C ILE D 446 -6.75 1.82 -30.17
N ASP D 447 -7.07 2.72 -29.25
CA ASP D 447 -6.10 3.72 -28.81
C ASP D 447 -4.86 3.06 -28.20
N VAL D 448 -5.05 2.01 -27.40
CA VAL D 448 -3.88 1.30 -26.84
C VAL D 448 -3.07 0.65 -27.95
N LEU D 449 -3.74 0.01 -28.91
CA LEU D 449 -3.01 -0.64 -29.99
C LEU D 449 -2.28 0.36 -30.88
N ASP D 450 -2.87 1.53 -31.10
CA ASP D 450 -2.18 2.62 -31.78
C ASP D 450 -0.96 3.09 -31.01
N ALA D 451 -1.11 3.28 -29.69
CA ALA D 451 0.00 3.73 -28.87
C ALA D 451 1.15 2.72 -28.87
N LEU D 452 0.84 1.43 -28.97
CA LEU D 452 1.88 0.44 -29.22
C LEU D 452 2.46 0.58 -30.63
N SER D 453 1.62 0.55 -31.66
CA SER D 453 2.07 0.60 -33.05
C SER D 453 2.98 1.78 -33.35
N ASN D 454 2.66 2.95 -32.80
CA ASN D 454 3.46 4.15 -33.07
C ASN D 454 4.90 3.99 -32.58
N TYR D 455 5.13 3.17 -31.57
CA TYR D 455 6.48 2.93 -31.09
C TYR D 455 7.11 1.69 -31.73
N LEU D 456 6.31 0.68 -32.04
CA LEU D 456 6.80 -0.57 -32.61
C LEU D 456 6.65 -0.63 -34.13
N GLY D 457 6.22 0.46 -34.76
CA GLY D 457 6.26 0.60 -36.20
C GLY D 457 5.29 -0.18 -37.06
N PHE D 458 4.78 -1.31 -36.58
CA PHE D 458 3.83 -2.09 -37.37
C PHE D 458 2.51 -1.33 -37.53
N ASN D 459 1.89 -1.48 -38.71
CA ASN D 459 0.47 -1.19 -38.87
C ASN D 459 -0.35 -2.43 -38.55
N TYR D 460 -1.65 -2.42 -38.88
CA TYR D 460 -2.47 -3.57 -38.59
C TYR D 460 -3.56 -3.76 -39.63
N GLU D 461 -3.97 -5.03 -39.79
CA GLU D 461 -5.24 -5.42 -40.39
C GLU D 461 -6.15 -5.98 -39.30
N ILE D 462 -7.41 -5.54 -39.29
CA ILE D 462 -8.39 -5.99 -38.29
C ILE D 462 -9.56 -6.61 -39.02
N TYR D 463 -9.94 -7.83 -38.60
CA TYR D 463 -11.11 -8.52 -39.13
C TYR D 463 -11.94 -9.11 -38.00
N VAL D 464 -13.26 -8.99 -38.14
CA VAL D 464 -14.20 -9.58 -37.18
C VAL D 464 -14.29 -11.08 -37.38
N ALA D 465 -14.19 -11.83 -36.27
CA ALA D 465 -14.45 -13.26 -36.32
C ALA D 465 -15.90 -13.51 -36.70
N PRO D 466 -16.18 -14.46 -37.61
CA PRO D 466 -17.50 -14.48 -38.26
C PRO D 466 -18.64 -14.95 -37.36
N ASP D 467 -18.37 -15.68 -36.29
CA ASP D 467 -19.43 -16.05 -35.36
C ASP D 467 -19.72 -15.01 -34.30
N HIS D 468 -18.87 -13.98 -34.17
CA HIS D 468 -19.00 -12.95 -33.14
C HIS D 468 -18.94 -13.53 -31.72
N LYS D 469 -18.24 -14.65 -31.54
CA LYS D 469 -18.24 -15.37 -30.28
C LYS D 469 -16.90 -15.22 -29.57
N TYR D 470 -16.96 -14.93 -28.26
CA TYR D 470 -15.88 -15.24 -27.32
C TYR D 470 -15.88 -16.74 -27.06
N GLY D 471 -15.34 -17.49 -28.01
CA GLY D 471 -15.65 -18.91 -28.09
C GLY D 471 -15.24 -19.66 -26.83
N SER D 472 -16.15 -20.51 -26.37
CA SER D 472 -15.86 -21.52 -25.35
C SER D 472 -15.16 -22.72 -25.99
N PRO D 473 -14.59 -23.62 -25.17
CA PRO D 473 -14.28 -24.96 -25.68
C PRO D 473 -15.56 -25.77 -25.88
N GLN D 474 -15.76 -26.26 -27.09
CA GLN D 474 -16.84 -27.19 -27.38
C GLN D 474 -16.55 -28.56 -26.78
N GLU D 475 -17.59 -29.40 -26.75
CA GLU D 475 -17.48 -30.74 -26.19
C GLU D 475 -16.49 -31.61 -26.97
N ASP D 476 -16.30 -31.33 -28.25
CA ASP D 476 -15.31 -32.02 -29.06
C ASP D 476 -13.92 -31.38 -28.98
N GLY D 477 -13.74 -30.37 -28.16
CA GLY D 477 -12.46 -29.69 -28.03
C GLY D 477 -12.16 -28.64 -29.08
N THR D 478 -13.09 -28.35 -29.99
CA THR D 478 -12.95 -27.17 -30.82
C THR D 478 -13.25 -25.91 -30.02
N TRP D 479 -12.88 -24.76 -30.59
CA TRP D 479 -13.11 -23.48 -29.96
C TRP D 479 -13.65 -22.51 -31.01
N ASN D 480 -14.62 -21.70 -30.61
CA ASN D 480 -15.24 -20.77 -31.54
C ASN D 480 -14.42 -19.49 -31.67
N GLY D 481 -14.72 -18.73 -32.73
CA GLY D 481 -14.34 -17.34 -32.87
C GLY D 481 -12.96 -16.87 -32.42
N LEU D 482 -12.95 -15.93 -31.48
CA LEU D 482 -11.72 -15.24 -31.10
C LEU D 482 -10.65 -16.20 -30.59
N VAL D 483 -11.04 -17.32 -29.99
CA VAL D 483 -10.07 -18.33 -29.60
C VAL D 483 -9.74 -19.25 -30.77
N GLY D 484 -10.76 -19.73 -31.47
CA GLY D 484 -10.55 -20.64 -32.59
C GLY D 484 -9.57 -20.10 -33.61
N GLU D 485 -9.71 -18.82 -33.97
CA GLU D 485 -8.85 -18.21 -34.98
C GLU D 485 -7.39 -18.17 -34.56
N LEU D 486 -7.09 -18.31 -33.28
CA LEU D 486 -5.71 -18.53 -32.83
C LEU D 486 -5.36 -20.00 -32.74
N VAL D 487 -6.29 -20.83 -32.28
CA VAL D 487 -6.04 -22.27 -32.21
C VAL D 487 -5.78 -22.83 -33.60
N PHE D 488 -6.52 -22.36 -34.60
CA PHE D 488 -6.27 -22.71 -35.99
C PHE D 488 -5.28 -21.77 -36.66
N LYS D 489 -4.65 -20.87 -35.89
CA LYS D 489 -3.55 -20.03 -36.37
C LYS D 489 -3.95 -19.25 -37.62
N ARG D 490 -5.16 -18.69 -37.60
CA ARG D 490 -5.63 -17.87 -38.71
C ARG D 490 -5.27 -16.39 -38.52
N ALA D 491 -5.49 -15.85 -37.34
CA ALA D 491 -5.07 -14.48 -37.03
C ALA D 491 -3.66 -14.47 -36.45
N ASP D 492 -2.99 -13.32 -36.59
CA ASP D 492 -1.73 -13.12 -35.91
C ASP D 492 -1.92 -12.79 -34.42
N ILE D 493 -2.88 -11.91 -34.12
CA ILE D 493 -3.06 -11.41 -32.76
C ILE D 493 -4.55 -11.25 -32.51
N GLY D 494 -4.94 -11.45 -31.25
CA GLY D 494 -6.29 -11.11 -30.82
C GLY D 494 -6.32 -10.02 -29.77
N ILE D 495 -7.18 -9.02 -29.96
CA ILE D 495 -7.38 -7.98 -28.95
C ILE D 495 -8.87 -7.70 -28.82
N SER D 496 -9.34 -7.66 -27.57
CA SER D 496 -10.68 -7.20 -27.22
C SER D 496 -10.76 -7.07 -25.71
N ALA D 497 -11.96 -6.98 -25.16
CA ALA D 497 -12.13 -7.09 -23.72
C ALA D 497 -11.93 -8.53 -23.25
N LEU D 498 -10.89 -9.19 -23.78
CA LEU D 498 -10.68 -10.61 -23.53
C LEU D 498 -10.28 -10.86 -22.08
N THR D 499 -11.14 -11.55 -21.35
CA THR D 499 -10.85 -11.90 -19.96
C THR D 499 -9.80 -13.01 -19.91
N ILE D 500 -8.82 -12.85 -19.04
CA ILE D 500 -7.89 -13.95 -18.74
C ILE D 500 -8.59 -14.95 -17.84
N THR D 501 -8.54 -16.22 -18.22
CA THR D 501 -9.00 -17.32 -17.38
C THR D 501 -7.95 -18.42 -17.37
N PRO D 502 -7.82 -19.16 -16.27
CA PRO D 502 -6.66 -20.05 -16.10
C PRO D 502 -6.54 -21.12 -17.18
N ASP D 503 -7.64 -21.55 -17.79
CA ASP D 503 -7.59 -22.67 -18.72
C ASP D 503 -7.11 -22.27 -20.12
N ARG D 504 -7.24 -21.00 -20.48
CA ARG D 504 -7.01 -20.61 -21.88
C ARG D 504 -5.54 -20.67 -22.26
N GLU D 505 -4.63 -20.57 -21.29
CA GLU D 505 -3.20 -20.64 -21.59
C GLU D 505 -2.81 -21.99 -22.15
N ASN D 506 -3.64 -23.02 -21.97
CA ASN D 506 -3.42 -24.31 -22.60
C ASN D 506 -3.44 -24.23 -24.13
N VAL D 507 -4.02 -23.17 -24.71
CA VAL D 507 -4.22 -23.14 -26.15
C VAL D 507 -3.75 -21.82 -26.76
N VAL D 508 -3.63 -20.77 -25.94
CA VAL D 508 -3.20 -19.46 -26.42
C VAL D 508 -2.36 -18.79 -25.35
N ASP D 509 -1.52 -17.86 -25.78
CA ASP D 509 -0.62 -17.12 -24.90
C ASP D 509 -1.16 -15.73 -24.63
N PHE D 510 -1.07 -15.30 -23.37
CA PHE D 510 -1.55 -13.99 -22.93
C PHE D 510 -0.38 -13.06 -22.61
N THR D 511 -0.72 -11.82 -22.29
CA THR D 511 0.18 -10.76 -21.90
C THR D 511 -0.12 -10.40 -20.44
N THR D 512 0.22 -9.19 -20.02
CA THR D 512 -0.08 -8.77 -18.67
C THR D 512 -1.34 -7.91 -18.62
N ARG D 513 -1.91 -7.82 -17.42
CA ARG D 513 -3.17 -7.12 -17.22
C ARG D 513 -3.01 -5.61 -17.41
N TYR D 514 -3.89 -5.01 -18.21
CA TYR D 514 -3.92 -3.56 -18.35
C TYR D 514 -5.10 -2.90 -17.66
N MET D 515 -6.20 -3.61 -17.44
CA MET D 515 -7.31 -3.05 -16.68
C MET D 515 -7.98 -4.18 -15.90
N ASP D 516 -8.56 -3.84 -14.75
CA ASP D 516 -9.12 -4.81 -13.83
C ASP D 516 -10.53 -5.27 -14.21
N TYR D 517 -10.76 -6.58 -14.03
CA TYR D 517 -12.00 -7.25 -14.40
C TYR D 517 -13.03 -7.16 -13.28
N SER D 518 -14.31 -7.14 -13.66
CA SER D 518 -15.38 -7.09 -12.66
C SER D 518 -16.68 -7.57 -13.28
N VAL D 519 -17.59 -8.04 -12.42
CA VAL D 519 -18.81 -8.71 -12.82
C VAL D 519 -19.99 -7.98 -12.16
N GLY D 520 -21.07 -7.82 -12.92
CA GLY D 520 -22.23 -7.11 -12.39
C GLY D 520 -23.48 -7.37 -13.21
N VAL D 521 -24.56 -6.73 -12.79
CA VAL D 521 -25.90 -7.03 -13.27
C VAL D 521 -26.58 -5.75 -13.75
N LEU D 522 -27.34 -5.85 -14.83
CA LEU D 522 -28.16 -4.75 -15.35
C LEU D 522 -29.63 -5.02 -15.05
N LEU D 523 -30.32 -4.01 -14.53
CA LEU D 523 -31.74 -4.11 -14.20
C LEU D 523 -32.45 -2.86 -14.69
N ARG D 524 -33.79 -2.91 -14.69
CA ARG D 524 -34.60 -1.82 -15.19
C ARG D 524 -35.33 -1.15 -14.04
N ARG D 525 -35.41 0.18 -14.11
CA ARG D 525 -35.78 1.01 -12.96
C ARG D 525 -37.25 0.78 -12.56
N ALA D 526 -37.44 0.09 -11.43
CA ALA D 526 -38.79 -0.12 -10.91
C ALA D 526 -39.35 1.25 -10.54
N GLU D 527 -40.66 1.42 -10.46
CA GLU D 527 -41.15 2.73 -10.08
C GLU D 527 -42.39 2.72 -9.19
N LYS D 528 -42.55 3.79 -8.42
CA LYS D 528 -43.61 3.94 -7.43
C LYS D 528 -44.99 3.75 -8.06
N THR D 529 -45.87 3.05 -7.36
CA THR D 529 -47.12 2.57 -7.92
C THR D 529 -48.25 3.47 -7.43
N VAL D 530 -49.02 4.02 -8.36
CA VAL D 530 -50.24 4.74 -8.01
C VAL D 530 -51.32 3.77 -7.54
N ASP D 531 -52.26 4.28 -6.75
CA ASP D 531 -53.39 3.49 -6.29
C ASP D 531 -54.61 4.39 -6.14
N MET D 532 -55.79 3.76 -6.27
CA MET D 532 -57.06 4.48 -6.10
C MET D 532 -57.40 4.72 -4.64
N PHE D 533 -57.06 3.77 -3.76
CA PHE D 533 -57.56 3.73 -2.39
C PHE D 533 -56.99 4.83 -1.50
N ALA D 534 -56.18 5.74 -2.02
CA ALA D 534 -55.52 6.74 -1.18
C ALA D 534 -56.51 7.50 -0.30
N CYS D 535 -57.68 7.84 -0.84
CA CYS D 535 -58.68 8.54 -0.06
C CYS D 535 -59.57 7.61 0.77
N LEU D 536 -59.59 6.31 0.46
CA LEU D 536 -60.43 5.38 1.22
C LEU D 536 -59.69 4.65 2.34
N ALA D 537 -58.36 4.71 2.35
CA ALA D 537 -57.54 3.96 3.29
C ALA D 537 -57.89 4.17 4.77
N PRO D 538 -58.33 5.37 5.20
CA PRO D 538 -58.64 5.53 6.63
C PRO D 538 -59.75 4.63 7.15
N PHE D 539 -60.72 4.25 6.33
CA PHE D 539 -61.86 3.48 6.80
C PHE D 539 -62.02 2.21 5.96
N ASP D 540 -62.29 1.10 6.66
CA ASP D 540 -62.64 -0.13 5.97
C ASP D 540 -63.97 0.03 5.24
N LEU D 541 -64.12 -0.74 4.15
CA LEU D 541 -65.35 -0.69 3.37
C LEU D 541 -66.59 -0.97 4.21
N SER D 542 -66.48 -1.91 5.16
CA SER D 542 -67.62 -2.20 6.02
C SER D 542 -67.95 -1.04 6.94
N LEU D 543 -66.95 -0.26 7.34
CA LEU D 543 -67.21 0.91 8.17
C LEU D 543 -67.82 2.05 7.37
N TRP D 544 -67.41 2.21 6.10
CA TRP D 544 -68.13 3.11 5.20
C TRP D 544 -69.59 2.70 5.04
N ALA D 545 -69.83 1.38 4.92
CA ALA D 545 -71.20 0.90 4.81
C ALA D 545 -72.01 1.16 6.07
N CYS D 546 -71.41 0.95 7.24
CA CYS D 546 -72.10 1.22 8.49
C CYS D 546 -72.42 2.70 8.64
N ILE D 547 -71.47 3.57 8.29
CA ILE D 547 -71.74 5.01 8.30
C ILE D 547 -72.91 5.36 7.38
N ALA D 548 -72.87 4.84 6.15
CA ALA D 548 -73.95 5.10 5.20
C ALA D 548 -75.30 4.63 5.72
N GLY D 549 -75.33 3.48 6.38
CA GLY D 549 -76.58 3.03 6.99
C GLY D 549 -77.00 3.88 8.16
N THR D 550 -76.01 4.37 8.93
CA THR D 550 -76.32 5.13 10.13
C THR D 550 -76.96 6.46 9.78
N VAL D 551 -76.48 7.11 8.71
CA VAL D 551 -77.10 8.37 8.30
C VAL D 551 -78.57 8.15 7.95
N LEU D 552 -78.86 7.02 7.30
CA LEU D 552 -80.23 6.71 6.92
C LEU D 552 -81.10 6.45 8.15
N LEU D 553 -80.63 5.58 9.04
CA LEU D 553 -81.39 5.27 10.24
C LEU D 553 -81.66 6.52 11.08
N VAL D 554 -80.61 7.28 11.39
CA VAL D 554 -80.76 8.44 12.25
C VAL D 554 -81.55 9.54 11.57
N GLY D 555 -81.62 9.54 10.23
CA GLY D 555 -82.56 10.39 9.55
C GLY D 555 -84.02 10.07 9.80
N LEU D 556 -84.43 8.86 9.43
CA LEU D 556 -85.86 8.49 9.46
C LEU D 556 -86.45 8.60 10.86
N LEU D 557 -85.66 8.31 11.89
CA LEU D 557 -86.16 8.42 13.27
C LEU D 557 -86.73 9.79 13.60
N VAL D 558 -86.19 10.86 13.01
CA VAL D 558 -86.64 12.20 13.33
C VAL D 558 -88.10 12.40 12.91
N TYR D 559 -88.49 11.79 11.79
CA TYR D 559 -89.88 11.86 11.35
C TYR D 559 -90.84 11.21 12.33
N LEU D 560 -90.43 10.10 12.94
CA LEU D 560 -91.27 9.42 13.92
C LEU D 560 -91.55 10.30 15.13
N LEU D 561 -90.53 10.94 15.67
CA LEU D 561 -90.72 11.82 16.82
C LEU D 561 -91.62 13.00 16.48
N ASN D 562 -91.48 13.55 15.27
CA ASN D 562 -92.37 14.62 14.83
C ASN D 562 -93.80 14.14 14.65
N TRP D 563 -93.99 12.86 14.28
CA TRP D 563 -95.35 12.32 14.16
C TRP D 563 -95.97 12.06 15.53
N LEU D 564 -95.19 11.56 16.49
CA LEU D 564 -95.72 11.26 17.81
C LEU D 564 -96.14 12.52 18.55
N ASN D 565 -95.42 13.63 18.35
CA ASN D 565 -95.77 14.91 18.97
C ASN D 565 -95.34 16.03 18.03
N PRO D 566 -96.26 16.58 17.24
CA PRO D 566 -95.90 17.69 16.37
C PRO D 566 -95.56 18.92 17.18
N PRO D 567 -94.67 19.78 16.68
CA PRO D 567 -94.15 20.88 17.50
C PRO D 567 -95.13 22.04 17.62
N ARG D 568 -94.68 23.12 18.24
CA ARG D 568 -95.39 24.39 18.19
C ARG D 568 -95.24 25.01 16.80
N LEU D 569 -95.92 24.41 15.83
CA LEU D 569 -95.73 24.77 14.43
C LEU D 569 -96.08 26.23 14.18
N GLN D 570 -95.33 26.83 13.26
CA GLN D 570 -95.77 28.08 12.64
C GLN D 570 -96.99 27.82 11.78
N MET D 571 -97.99 28.70 11.90
CA MET D 571 -99.32 28.49 11.33
C MET D 571 -99.29 28.22 9.84
N GLY D 572 -99.59 26.99 9.44
CA GLY D 572 -99.66 26.59 8.05
C GLY D 572 -98.34 26.58 7.31
N SER D 573 -97.22 26.72 8.00
CA SER D 573 -95.94 26.87 7.34
C SER D 573 -95.41 25.53 6.83
N MET D 574 -94.32 25.60 6.07
CA MET D 574 -93.61 24.41 5.60
C MET D 574 -92.98 23.62 6.74
N THR D 575 -93.06 24.10 7.97
CA THR D 575 -92.51 23.41 9.12
C THR D 575 -93.18 22.06 9.39
N SER D 576 -94.33 21.80 8.78
CA SER D 576 -94.85 20.44 8.74
C SER D 576 -94.00 19.59 7.80
N THR D 577 -92.77 19.30 8.23
CA THR D 577 -91.76 18.70 7.36
C THR D 577 -92.21 17.38 6.77
N THR D 578 -92.22 17.31 5.44
CA THR D 578 -92.43 16.06 4.72
C THR D 578 -91.22 15.16 4.87
N LEU D 579 -91.41 13.88 4.54
CA LEU D 579 -90.39 12.85 4.69
C LEU D 579 -89.01 13.34 4.24
N TYR D 580 -88.93 13.85 3.01
CA TYR D 580 -87.73 14.44 2.44
C TYR D 580 -86.99 15.29 3.47
N ASN D 581 -87.59 16.43 3.82
CA ASN D 581 -87.04 17.41 4.76
C ASN D 581 -86.23 16.76 5.87
N SER D 582 -86.84 15.82 6.61
CA SER D 582 -86.15 15.15 7.70
C SER D 582 -84.77 14.64 7.26
N MET D 583 -84.73 13.90 6.16
CA MET D 583 -83.47 13.32 5.70
C MET D 583 -82.57 14.40 5.11
N TRP D 584 -83.14 15.32 4.33
CA TRP D 584 -82.36 16.42 3.79
C TRP D 584 -81.56 17.10 4.89
N PHE D 585 -82.24 17.45 5.98
CA PHE D 585 -81.59 18.14 7.09
C PHE D 585 -80.58 17.25 7.78
N VAL D 586 -80.97 16.01 8.09
CA VAL D 586 -80.05 15.10 8.78
C VAL D 586 -78.76 14.95 7.99
N TYR D 587 -78.86 14.88 6.66
CA TYR D 587 -77.67 14.78 5.83
C TYR D 587 -76.90 16.09 5.82
N GLY D 588 -77.63 17.21 5.81
CA GLY D 588 -76.98 18.51 5.70
C GLY D 588 -76.06 18.82 6.86
N SER D 589 -76.57 18.69 8.09
CA SER D 589 -75.77 18.96 9.28
C SER D 589 -74.48 18.14 9.26
N PHE D 590 -74.61 16.85 8.98
CA PHE D 590 -73.46 15.95 8.90
C PHE D 590 -72.32 16.56 8.08
N VAL D 591 -72.62 16.94 6.83
CA VAL D 591 -71.61 17.48 5.92
C VAL D 591 -71.51 18.99 6.11
N GLN D 592 -71.76 19.46 7.33
CA GLN D 592 -71.42 20.79 7.82
C GLN D 592 -72.17 21.93 7.15
N GLN D 593 -73.00 21.67 6.14
CA GLN D 593 -73.73 22.73 5.47
C GLN D 593 -75.11 22.92 6.11
N GLY D 594 -75.89 23.82 5.53
CA GLY D 594 -77.24 24.07 6.00
C GLY D 594 -77.30 25.13 7.09
N GLY D 595 -78.34 25.96 7.07
CA GLY D 595 -78.52 26.98 8.08
C GLY D 595 -79.32 26.56 9.30
N GLU D 596 -80.34 27.37 9.62
CA GLU D 596 -81.23 27.09 10.74
C GLU D 596 -81.92 25.74 10.58
N VAL D 597 -82.10 25.05 11.71
CA VAL D 597 -83.00 23.91 11.82
C VAL D 597 -84.18 24.32 12.68
N PRO D 598 -85.42 24.16 12.21
CA PRO D 598 -86.57 24.77 12.90
C PRO D 598 -87.10 23.99 14.10
N TYR D 599 -86.53 22.82 14.41
CA TYR D 599 -87.12 21.94 15.41
C TYR D 599 -86.98 22.53 16.81
N THR D 600 -88.12 22.66 17.50
CA THR D 600 -88.20 23.23 18.83
C THR D 600 -88.52 22.21 19.91
N THR D 601 -88.96 21.02 19.54
CA THR D 601 -89.30 19.99 20.53
C THR D 601 -88.03 19.44 21.17
N LEU D 602 -88.12 19.21 22.49
CA LEU D 602 -86.94 18.86 23.28
C LEU D 602 -86.36 17.50 22.89
N ALA D 603 -87.21 16.54 22.50
CA ALA D 603 -86.72 15.24 22.09
C ALA D 603 -85.89 15.31 20.81
N THR D 604 -86.28 16.16 19.86
CA THR D 604 -85.50 16.30 18.65
C THR D 604 -84.22 17.08 18.86
N ARG D 605 -84.24 18.09 19.74
CA ARG D 605 -83.00 18.75 20.12
C ARG D 605 -82.04 17.80 20.83
N MET D 606 -82.57 16.92 21.69
CA MET D 606 -81.74 15.89 22.32
C MET D 606 -81.17 14.89 21.31
N MET D 607 -81.94 14.58 20.26
CA MET D 607 -81.41 13.73 19.19
C MET D 607 -80.28 14.43 18.43
N MET D 608 -80.54 15.65 17.96
CA MET D 608 -79.57 16.40 17.18
C MET D 608 -78.28 16.64 17.97
N GLY D 609 -78.41 16.97 19.26
CA GLY D 609 -77.22 17.24 20.05
C GLY D 609 -76.25 16.07 20.12
N ALA D 610 -76.76 14.84 19.99
CA ALA D 610 -75.87 13.70 19.91
C ALA D 610 -75.41 13.45 18.47
N TRP D 611 -76.32 13.62 17.50
CA TRP D 611 -75.98 13.42 16.10
C TRP D 611 -74.78 14.27 15.70
N TRP D 612 -74.82 15.57 16.05
CA TRP D 612 -73.72 16.48 15.70
C TRP D 612 -72.41 15.99 16.29
N LEU D 613 -72.38 15.74 17.60
CA LEU D 613 -71.18 15.25 18.26
C LEU D 613 -70.60 14.07 17.49
N PHE D 614 -71.44 13.05 17.27
CA PHE D 614 -71.03 11.87 16.51
C PHE D 614 -70.33 12.29 15.22
N ALA D 615 -71.01 13.11 14.41
CA ALA D 615 -70.44 13.57 13.14
C ALA D 615 -69.04 14.13 13.34
N LEU D 616 -68.92 15.12 14.24
CA LEU D 616 -67.63 15.74 14.55
C LEU D 616 -66.57 14.67 14.75
N ILE D 617 -66.85 13.73 15.65
CA ILE D 617 -65.88 12.66 15.95
C ILE D 617 -65.48 11.94 14.67
N VAL D 618 -66.47 11.48 13.90
CA VAL D 618 -66.16 10.79 12.64
C VAL D 618 -65.16 11.59 11.82
N ILE D 619 -65.50 12.85 11.53
CA ILE D 619 -64.63 13.70 10.71
C ILE D 619 -63.21 13.72 11.28
N SER D 620 -63.09 14.13 12.54
CA SER D 620 -61.79 14.21 13.21
C SER D 620 -61.01 12.92 13.05
N SER D 621 -61.63 11.79 13.41
CA SER D 621 -61.02 10.48 13.27
C SER D 621 -60.45 10.30 11.86
N TYR D 622 -61.31 10.50 10.85
CA TYR D 622 -60.88 10.37 9.46
C TYR D 622 -59.60 11.15 9.22
N THR D 623 -59.64 12.47 9.48
CA THR D 623 -58.49 13.31 9.20
C THR D 623 -57.25 12.79 9.91
N ALA D 624 -57.32 12.66 11.23
CA ALA D 624 -56.23 12.14 12.05
C ALA D 624 -55.62 10.88 11.46
N ASN D 625 -56.47 9.97 10.97
CA ASN D 625 -55.98 8.70 10.44
C ASN D 625 -55.21 8.90 9.14
N LEU D 626 -55.76 9.70 8.23
CA LEU D 626 -55.06 10.03 6.98
C LEU D 626 -53.62 10.42 7.26
N ALA D 627 -53.40 11.33 8.21
CA ALA D 627 -52.07 11.80 8.51
C ALA D 627 -51.22 10.74 9.18
N ALA D 628 -51.83 9.65 9.65
CA ALA D 628 -51.06 8.52 10.16
C ALA D 628 -50.43 7.75 9.02
N PHE D 629 -51.06 7.80 7.85
CA PHE D 629 -50.47 7.28 6.62
C PHE D 629 -49.63 8.41 6.04
N LEU D 630 -49.45 8.45 4.72
CA LEU D 630 -48.70 9.51 4.07
C LEU D 630 -47.39 9.82 4.80
N THR D 631 -46.83 8.79 5.44
CA THR D 631 -45.61 8.84 6.25
C THR D 631 -45.37 7.43 6.78
N ILE D 632 -44.12 7.17 7.17
CA ILE D 632 -43.69 5.92 7.79
C ILE D 632 -43.60 4.80 6.76
N THR D 633 -44.51 4.80 5.78
CA THR D 633 -44.61 3.80 4.73
C THR D 633 -43.25 3.38 4.15
N ARG D 634 -43.12 2.11 3.79
CA ARG D 634 -41.88 1.54 3.27
C ARG D 634 -42.22 0.54 2.18
N ILE D 635 -41.21 0.20 1.37
CA ILE D 635 -41.44 -0.77 0.26
C ILE D 635 -40.34 -1.85 0.34
N GLU D 636 -40.36 -2.82 -0.58
CA GLU D 636 -39.35 -3.91 -0.59
C GLU D 636 -38.07 -3.42 -1.28
N SER D 637 -37.52 -4.23 -2.19
CA SER D 637 -36.28 -3.85 -2.92
C SER D 637 -36.36 -4.36 -4.36
N SER D 638 -35.77 -3.62 -5.31
CA SER D 638 -35.74 -4.09 -6.72
C SER D 638 -34.49 -4.95 -6.96
N ILE D 639 -34.14 -5.77 -5.96
CA ILE D 639 -32.89 -6.59 -5.88
C ILE D 639 -31.70 -5.68 -5.57
N GLN D 640 -31.00 -5.96 -4.47
CA GLN D 640 -29.85 -5.10 -4.08
C GLN D 640 -28.55 -5.92 -4.18
N SER D 641 -28.52 -7.12 -3.60
CA SER D 641 -27.34 -7.96 -3.74
C SER D 641 -27.61 -9.08 -4.73
N LEU D 642 -26.53 -9.67 -5.23
CA LEU D 642 -26.65 -10.87 -6.05
C LEU D 642 -27.32 -12.02 -5.30
N GLN D 643 -27.10 -12.13 -4.00
CA GLN D 643 -27.77 -13.19 -3.24
C GLN D 643 -29.29 -13.02 -3.25
N ASP D 644 -29.76 -11.78 -3.07
CA ASP D 644 -31.20 -11.50 -3.17
C ASP D 644 -31.74 -11.91 -4.54
N LEU D 645 -31.09 -11.44 -5.62
CA LEU D 645 -31.50 -11.84 -6.97
C LEU D 645 -31.49 -13.35 -7.13
N SER D 646 -30.55 -14.03 -6.49
CA SER D 646 -30.46 -15.48 -6.58
C SER D 646 -31.58 -16.16 -5.82
N LYS D 647 -32.15 -15.48 -4.82
CA LYS D 647 -33.21 -16.09 -4.01
C LYS D 647 -34.61 -15.77 -4.52
N GLN D 648 -34.82 -14.59 -5.09
CA GLN D 648 -36.10 -14.30 -5.72
C GLN D 648 -36.27 -15.14 -6.99
N THR D 649 -37.50 -15.18 -7.50
CA THR D 649 -37.81 -15.94 -8.70
C THR D 649 -38.74 -15.24 -9.68
N GLU D 650 -39.28 -14.07 -9.36
CA GLU D 650 -40.24 -13.42 -10.26
C GLU D 650 -39.57 -12.83 -11.49
N ILE D 651 -38.31 -12.42 -11.39
CA ILE D 651 -37.57 -11.85 -12.52
C ILE D 651 -36.54 -12.88 -12.97
N PRO D 652 -36.64 -13.39 -14.19
CA PRO D 652 -35.60 -14.29 -14.71
C PRO D 652 -34.36 -13.53 -15.15
N TYR D 653 -33.24 -14.25 -15.15
CA TYR D 653 -31.96 -13.68 -15.50
C TYR D 653 -31.12 -14.70 -16.27
N GLY D 654 -30.24 -14.19 -17.12
CA GLY D 654 -29.39 -15.04 -17.94
C GLY D 654 -28.16 -14.28 -18.39
N THR D 655 -27.29 -14.99 -19.12
CA THR D 655 -26.05 -14.44 -19.63
C THR D 655 -25.85 -14.89 -21.07
N VAL D 656 -24.82 -14.34 -21.71
CA VAL D 656 -24.51 -14.70 -23.09
C VAL D 656 -23.82 -16.06 -23.10
N LEU D 657 -24.24 -16.92 -24.04
CA LEU D 657 -23.61 -18.22 -24.21
C LEU D 657 -22.16 -18.08 -24.68
N ASP D 658 -21.41 -19.17 -24.53
CA ASP D 658 -19.98 -19.25 -24.80
C ASP D 658 -19.11 -18.33 -23.92
N SER D 659 -19.72 -17.41 -23.19
CA SER D 659 -18.95 -16.39 -22.50
C SER D 659 -18.18 -17.01 -21.32
N ALA D 660 -17.10 -16.33 -20.93
CA ALA D 660 -16.37 -16.73 -19.72
C ALA D 660 -17.25 -16.66 -18.48
N VAL D 661 -18.22 -15.74 -18.45
CA VAL D 661 -19.17 -15.66 -17.34
C VAL D 661 -19.94 -16.97 -17.20
N TYR D 662 -20.37 -17.53 -18.33
CA TYR D 662 -21.07 -18.81 -18.31
C TYR D 662 -20.23 -19.89 -17.65
N GLU D 663 -18.98 -20.04 -18.10
CA GLU D 663 -18.15 -21.12 -17.57
C GLU D 663 -17.80 -20.89 -16.11
N HIS D 664 -17.61 -19.62 -15.72
CA HIS D 664 -17.41 -19.29 -14.31
C HIS D 664 -18.61 -19.72 -13.46
N VAL D 665 -19.82 -19.39 -13.90
CA VAL D 665 -21.00 -19.76 -13.14
C VAL D 665 -21.18 -21.27 -13.09
N ARG D 666 -20.98 -21.95 -14.22
CA ARG D 666 -21.07 -23.41 -14.25
C ARG D 666 -20.05 -24.08 -13.35
N MET D 667 -18.82 -23.56 -13.32
CA MET D 667 -17.81 -24.08 -12.39
C MET D 667 -18.22 -23.85 -10.94
N LYS D 668 -18.70 -22.66 -10.62
CA LYS D 668 -19.04 -22.35 -9.23
C LYS D 668 -20.23 -23.17 -8.74
N GLY D 669 -21.27 -23.29 -9.57
CA GLY D 669 -22.48 -24.00 -9.16
C GLY D 669 -22.30 -25.48 -8.97
N LEU D 670 -21.36 -26.10 -9.68
CA LEU D 670 -21.11 -27.53 -9.60
C LEU D 670 -20.01 -27.89 -8.61
N ASN D 671 -19.61 -26.96 -7.76
CA ASN D 671 -18.59 -27.26 -6.77
C ASN D 671 -19.12 -28.31 -5.79
N PRO D 672 -18.36 -29.37 -5.49
CA PRO D 672 -18.91 -30.47 -4.70
C PRO D 672 -19.02 -30.17 -3.22
N PHE D 673 -18.31 -29.15 -2.72
CA PHE D 673 -18.44 -28.70 -1.35
C PHE D 673 -19.58 -27.70 -1.16
N GLU D 674 -20.15 -27.19 -2.26
CA GLU D 674 -21.08 -26.09 -2.19
C GLU D 674 -22.37 -26.47 -1.48
N ARG D 675 -22.92 -25.50 -0.74
CA ARG D 675 -24.14 -25.65 0.03
C ARG D 675 -25.09 -24.48 -0.13
N ASP D 676 -24.63 -23.32 -0.58
CA ASP D 676 -25.40 -22.08 -0.52
C ASP D 676 -26.49 -22.09 -1.58
N SER D 677 -27.71 -21.75 -1.14
CA SER D 677 -28.80 -21.29 -1.98
C SER D 677 -28.36 -20.43 -3.16
N MET D 678 -27.44 -19.50 -2.93
CA MET D 678 -27.08 -18.51 -3.94
C MET D 678 -26.52 -19.09 -5.23
N TYR D 679 -25.34 -19.69 -5.16
CA TYR D 679 -24.70 -20.22 -6.36
C TYR D 679 -25.50 -21.35 -6.98
N SER D 680 -26.14 -22.17 -6.14
CA SER D 680 -26.96 -23.27 -6.63
C SER D 680 -28.15 -22.77 -7.42
N GLN D 681 -28.85 -21.75 -6.92
CA GLN D 681 -30.01 -21.24 -7.66
C GLN D 681 -29.59 -20.42 -8.88
N MET D 682 -28.44 -19.74 -8.82
CA MET D 682 -27.88 -19.13 -10.02
C MET D 682 -27.66 -20.18 -11.11
N TRP D 683 -26.99 -21.28 -10.76
CA TRP D 683 -26.74 -22.33 -11.73
C TRP D 683 -28.04 -22.94 -12.24
N ARG D 684 -28.98 -23.21 -11.32
CA ARG D 684 -30.28 -23.76 -11.71
C ARG D 684 -30.98 -22.88 -12.74
N MET D 685 -31.09 -21.59 -12.45
CA MET D 685 -31.77 -20.67 -13.36
C MET D 685 -31.05 -20.58 -14.70
N ILE D 686 -29.72 -20.46 -14.69
CA ILE D 686 -29.01 -20.27 -15.95
C ILE D 686 -28.97 -21.56 -16.77
N ASN D 687 -29.08 -22.71 -16.11
CA ASN D 687 -29.02 -24.01 -16.77
C ASN D 687 -30.36 -24.49 -17.32
N ARG D 688 -31.46 -23.80 -17.03
CA ARG D 688 -32.78 -24.28 -17.41
C ARG D 688 -32.84 -24.66 -18.89
N SER D 689 -33.41 -25.83 -19.16
CA SER D 689 -33.55 -26.36 -20.52
C SER D 689 -32.20 -26.35 -21.26
N ASN D 690 -31.19 -26.94 -20.62
CA ASN D 690 -29.81 -26.89 -21.09
C ASN D 690 -29.36 -25.47 -21.39
N GLY D 691 -29.80 -24.52 -20.55
CA GLY D 691 -29.49 -23.13 -20.75
C GLY D 691 -30.21 -22.44 -21.90
N SER D 692 -30.98 -23.18 -22.70
CA SER D 692 -31.62 -22.59 -23.87
C SER D 692 -32.79 -21.67 -23.50
N GLU D 693 -33.28 -21.76 -22.28
CA GLU D 693 -34.55 -21.11 -21.94
C GLU D 693 -34.37 -19.64 -21.57
N ASN D 694 -33.21 -19.26 -21.03
CA ASN D 694 -33.00 -17.92 -20.49
C ASN D 694 -31.86 -17.15 -21.15
N ASN D 695 -30.89 -17.82 -21.74
CA ASN D 695 -29.68 -17.13 -22.20
C ASN D 695 -29.91 -16.52 -23.57
N VAL D 696 -28.90 -15.82 -24.08
CA VAL D 696 -28.98 -15.10 -25.34
C VAL D 696 -27.66 -15.26 -26.09
N LEU D 697 -27.71 -15.04 -27.40
CA LEU D 697 -26.53 -15.16 -28.23
C LEU D 697 -25.64 -13.92 -28.22
N GLU D 698 -26.16 -12.77 -27.81
CA GLU D 698 -25.50 -11.51 -28.11
C GLU D 698 -25.83 -10.49 -27.03
N SER D 699 -24.89 -9.57 -26.82
CA SER D 699 -25.05 -8.53 -25.80
C SER D 699 -26.24 -7.62 -26.11
N GLN D 700 -26.43 -7.26 -27.37
CA GLN D 700 -27.62 -6.50 -27.75
C GLN D 700 -28.89 -7.24 -27.41
N ALA D 701 -28.92 -8.56 -27.65
CA ALA D 701 -30.10 -9.34 -27.32
C ALA D 701 -30.38 -9.34 -25.83
N GLY D 702 -29.35 -9.19 -25.01
CA GLY D 702 -29.52 -8.94 -23.59
C GLY D 702 -30.09 -7.57 -23.30
N ILE D 703 -29.41 -6.53 -23.78
CA ILE D 703 -29.79 -5.16 -23.45
C ILE D 703 -31.24 -4.88 -23.83
N GLN D 704 -31.61 -5.20 -25.07
CA GLN D 704 -32.97 -4.89 -25.52
C GLN D 704 -34.01 -5.66 -24.72
N LYS D 705 -33.74 -6.94 -24.45
CA LYS D 705 -34.66 -7.76 -23.67
C LYS D 705 -34.83 -7.22 -22.25
N VAL D 706 -33.76 -6.71 -21.65
CA VAL D 706 -33.89 -6.04 -20.36
C VAL D 706 -34.71 -4.77 -20.51
N LYS D 707 -34.47 -4.02 -21.59
CA LYS D 707 -35.17 -2.75 -21.76
C LYS D 707 -36.67 -2.92 -21.90
N TYR D 708 -37.12 -4.04 -22.51
CA TYR D 708 -38.53 -4.20 -22.80
C TYR D 708 -39.19 -5.43 -22.18
N GLY D 709 -38.44 -6.47 -21.86
CA GLY D 709 -39.00 -7.64 -21.22
C GLY D 709 -38.84 -7.63 -19.71
N ASN D 710 -39.50 -8.60 -19.07
CA ASN D 710 -39.22 -8.95 -17.68
C ASN D 710 -37.97 -9.81 -17.67
N TYR D 711 -36.82 -9.17 -17.58
CA TYR D 711 -35.55 -9.87 -17.73
C TYR D 711 -34.44 -9.08 -17.05
N ALA D 712 -33.36 -9.80 -16.72
CA ALA D 712 -32.17 -9.21 -16.13
C ALA D 712 -30.97 -9.82 -16.83
N PHE D 713 -29.85 -9.08 -16.82
CA PHE D 713 -28.71 -9.44 -17.64
C PHE D 713 -27.45 -9.39 -16.81
N VAL D 714 -26.60 -10.41 -16.97
CA VAL D 714 -25.37 -10.56 -16.19
C VAL D 714 -24.19 -10.46 -17.14
N TRP D 715 -23.32 -9.47 -16.91
CA TRP D 715 -22.28 -9.15 -17.88
C TRP D 715 -21.15 -8.41 -17.18
N ASP D 716 -20.14 -8.02 -17.97
CA ASP D 716 -18.99 -7.29 -17.45
C ASP D 716 -19.38 -5.90 -16.98
N ALA D 717 -19.04 -5.59 -15.73
CA ALA D 717 -19.43 -4.30 -15.15
C ALA D 717 -18.84 -3.13 -15.93
N ALA D 718 -17.62 -3.30 -16.45
CA ALA D 718 -16.97 -2.20 -17.17
C ALA D 718 -17.68 -1.85 -18.47
N VAL D 719 -18.43 -2.78 -19.05
CA VAL D 719 -19.26 -2.46 -20.21
C VAL D 719 -20.58 -1.86 -19.77
N LEU D 720 -21.21 -2.45 -18.74
CA LEU D 720 -22.50 -1.98 -18.28
C LEU D 720 -22.43 -0.56 -17.74
N GLU D 721 -21.27 -0.13 -17.22
CA GLU D 721 -21.07 1.28 -16.90
C GLU D 721 -21.34 2.17 -18.11
N TYR D 722 -20.68 1.87 -19.23
CA TYR D 722 -20.81 2.71 -20.42
C TYR D 722 -22.20 2.62 -21.01
N VAL D 723 -22.81 1.44 -20.94
CA VAL D 723 -24.19 1.28 -21.42
C VAL D 723 -25.15 2.11 -20.58
N ALA D 724 -24.98 2.06 -19.25
CA ALA D 724 -25.90 2.74 -18.35
C ALA D 724 -25.76 4.25 -18.42
N ILE D 725 -24.54 4.76 -18.34
CA ILE D 725 -24.33 6.20 -18.20
C ILE D 725 -24.78 6.95 -19.46
N ASN D 726 -24.53 6.37 -20.64
CA ASN D 726 -24.82 7.07 -21.89
C ASN D 726 -26.25 6.87 -22.39
N ASP D 727 -27.10 6.20 -21.63
CA ASP D 727 -28.52 6.11 -21.98
C ASP D 727 -29.19 7.47 -21.78
N PRO D 728 -29.68 8.11 -22.84
CA PRO D 728 -30.35 9.41 -22.67
C PRO D 728 -31.67 9.33 -21.91
N ASP D 729 -32.23 8.12 -21.75
CA ASP D 729 -33.42 7.94 -20.92
C ASP D 729 -33.09 7.80 -19.45
N CYS D 730 -31.82 7.53 -19.12
CA CYS D 730 -31.40 7.16 -17.76
C CYS D 730 -32.28 6.06 -17.21
N SER D 731 -32.63 5.10 -18.07
CA SER D 731 -33.66 4.13 -17.77
C SER D 731 -33.16 2.97 -16.92
N PHE D 732 -31.87 2.69 -16.95
CA PHE D 732 -31.34 1.53 -16.24
C PHE D 732 -30.88 1.91 -14.85
N TYR D 733 -30.43 0.91 -14.10
CA TYR D 733 -29.52 1.06 -12.97
C TYR D 733 -28.70 -0.22 -12.89
N THR D 734 -27.65 -0.21 -12.07
CA THR D 734 -26.77 -1.37 -12.02
C THR D 734 -26.31 -1.65 -10.59
N ILE D 735 -25.91 -2.91 -10.39
CA ILE D 735 -25.31 -3.39 -9.16
C ILE D 735 -24.13 -4.27 -9.55
N GLY D 736 -23.19 -4.45 -8.61
CA GLY D 736 -21.99 -5.20 -8.90
C GLY D 736 -21.55 -6.06 -7.73
N ASN D 737 -20.74 -7.08 -8.06
CA ASN D 737 -20.08 -7.94 -7.10
C ASN D 737 -18.57 -7.78 -7.25
N THR D 738 -17.88 -7.59 -6.13
CA THR D 738 -16.46 -7.23 -6.12
C THR D 738 -15.62 -8.49 -6.14
N VAL D 739 -15.00 -8.78 -7.29
CA VAL D 739 -14.14 -9.95 -7.48
C VAL D 739 -12.71 -9.47 -7.62
N ALA D 740 -11.82 -10.00 -6.78
CA ALA D 740 -10.44 -9.55 -6.76
C ALA D 740 -9.59 -10.26 -7.82
N ASP D 741 -8.51 -9.58 -8.21
CA ASP D 741 -7.38 -10.13 -8.97
C ASP D 741 -7.82 -10.92 -10.20
N ARG D 742 -8.50 -10.23 -11.11
CA ARG D 742 -8.63 -10.68 -12.49
C ARG D 742 -8.49 -9.45 -13.40
N GLY D 743 -8.16 -9.70 -14.66
CA GLY D 743 -7.94 -8.57 -15.55
C GLY D 743 -8.09 -8.94 -17.01
N TYR D 744 -8.07 -7.92 -17.85
CA TYR D 744 -8.04 -8.05 -19.29
C TYR D 744 -6.61 -8.19 -19.80
N GLY D 745 -6.47 -8.86 -20.94
CA GLY D 745 -5.15 -9.08 -21.51
C GLY D 745 -5.13 -9.33 -23.00
N ILE D 746 -4.10 -8.84 -23.69
CA ILE D 746 -3.91 -9.14 -25.10
C ILE D 746 -3.44 -10.57 -25.25
N ALA D 747 -3.90 -11.23 -26.32
CA ALA D 747 -3.58 -12.63 -26.54
C ALA D 747 -2.87 -12.80 -27.88
N LEU D 748 -2.02 -13.82 -27.95
CA LEU D 748 -1.20 -14.09 -29.12
C LEU D 748 -1.21 -15.58 -29.42
N GLN D 749 -0.77 -15.91 -30.64
CA GLN D 749 -0.59 -17.31 -31.01
C GLN D 749 0.37 -18.01 -30.02
N HIS D 750 0.08 -19.29 -29.77
CA HIS D 750 0.79 -20.03 -28.74
C HIS D 750 2.28 -20.08 -29.01
N GLY D 751 3.08 -19.76 -27.98
CA GLY D 751 4.52 -19.76 -28.10
C GLY D 751 5.11 -18.64 -28.91
N SER D 752 4.30 -17.73 -29.44
CA SER D 752 4.81 -16.65 -30.26
C SER D 752 5.79 -15.78 -29.45
N PRO D 753 6.95 -15.44 -30.02
CA PRO D 753 8.03 -14.88 -29.19
C PRO D 753 7.79 -13.46 -28.73
N TYR D 754 6.90 -12.74 -29.41
CA TYR D 754 6.69 -11.31 -29.21
C TYR D 754 5.98 -10.99 -27.89
N ARG D 755 5.52 -12.02 -27.19
CA ARG D 755 4.80 -11.86 -25.92
C ARG D 755 5.51 -10.94 -24.94
N ASP D 756 6.83 -11.05 -24.82
CA ASP D 756 7.57 -10.28 -23.83
C ASP D 756 7.74 -8.80 -24.17
N VAL D 757 7.86 -8.45 -25.45
CA VAL D 757 8.00 -7.04 -25.82
C VAL D 757 6.77 -6.24 -25.43
N PHE D 758 5.59 -6.79 -25.69
CA PHE D 758 4.35 -6.16 -25.21
C PHE D 758 4.33 -6.09 -23.69
N SER D 759 4.70 -7.19 -23.02
CA SER D 759 4.51 -7.27 -21.58
C SER D 759 5.50 -6.37 -20.83
N GLN D 760 6.64 -6.04 -21.44
CA GLN D 760 7.48 -4.97 -20.91
C GLN D 760 6.90 -3.59 -21.24
N ARG D 761 6.51 -3.36 -22.49
CA ARG D 761 6.04 -2.03 -22.87
C ARG D 761 4.83 -1.57 -22.07
N ILE D 762 3.94 -2.52 -21.72
CA ILE D 762 2.77 -2.19 -20.92
C ILE D 762 3.18 -1.62 -19.56
N LEU D 763 4.24 -2.15 -18.97
CA LEU D 763 4.70 -1.59 -17.69
C LEU D 763 5.20 -0.17 -17.85
N GLU D 764 5.91 0.14 -18.94
CA GLU D 764 6.38 1.50 -19.13
C GLU D 764 5.21 2.45 -19.36
N LEU D 765 4.17 1.97 -20.05
CA LEU D 765 2.95 2.76 -20.22
C LEU D 765 2.25 3.02 -18.90
N GLN D 766 2.21 2.02 -18.02
CA GLN D 766 1.53 2.21 -16.73
C GLN D 766 2.33 3.11 -15.79
N GLN D 767 3.63 2.84 -15.62
CA GLN D 767 4.47 3.55 -14.66
C GLN D 767 4.43 5.06 -14.90
N ASN D 768 5.05 5.50 -16.01
CA ASN D 768 5.16 6.90 -16.40
C ASN D 768 3.95 7.73 -15.99
N GLY D 769 2.75 7.31 -16.41
CA GLY D 769 1.55 8.03 -16.07
C GLY D 769 0.70 8.36 -17.28
N ASP D 770 0.62 7.44 -18.23
CA ASP D 770 -0.10 7.67 -19.47
C ASP D 770 -1.25 6.71 -19.70
N MET D 771 -1.29 5.57 -19.02
CA MET D 771 -2.41 4.65 -19.16
C MET D 771 -3.62 5.11 -18.34
N ASP D 772 -3.51 6.22 -17.62
CA ASP D 772 -4.61 6.76 -16.85
C ASP D 772 -5.41 7.78 -17.66
N ILE D 773 -4.74 8.56 -18.51
CA ILE D 773 -5.44 9.50 -19.37
C ILE D 773 -6.38 8.78 -20.31
N LEU D 774 -5.94 7.63 -20.84
CA LEU D 774 -6.77 6.87 -21.76
C LEU D 774 -8.02 6.34 -21.06
N LYS D 775 -7.94 6.03 -19.78
CA LYS D 775 -9.13 5.53 -19.10
C LYS D 775 -10.03 6.69 -18.66
N HIS D 776 -9.43 7.79 -18.19
CA HIS D 776 -10.20 8.96 -17.83
C HIS D 776 -10.81 9.63 -19.06
N LYS D 777 -10.43 9.22 -20.27
CA LYS D 777 -11.06 9.75 -21.47
C LYS D 777 -12.40 9.07 -21.75
N TRP D 778 -12.41 7.74 -21.63
CA TRP D 778 -13.63 6.95 -21.91
C TRP D 778 -14.45 6.77 -20.64
N TRP D 779 -13.78 6.83 -19.48
CA TRP D 779 -14.48 6.66 -18.18
C TRP D 779 -14.03 7.74 -17.20
N PRO D 780 -14.56 8.98 -17.27
CA PRO D 780 -14.23 10.01 -16.30
C PRO D 780 -15.15 9.93 -15.08
N LYS D 781 -15.87 8.81 -14.95
CA LYS D 781 -16.78 8.53 -13.81
C LYS D 781 -17.73 9.71 -13.61
N ASN D 782 -18.51 10.04 -14.65
CA ASN D 782 -19.38 11.25 -14.62
C ASN D 782 -20.83 10.85 -14.97
N GLY D 783 -21.46 10.07 -14.10
CA GLY D 783 -22.87 9.67 -14.33
C GLY D 783 -23.83 10.77 -13.92
N GLN D 784 -24.00 11.78 -14.78
CA GLN D 784 -24.91 12.92 -14.49
C GLN D 784 -26.13 12.40 -13.70
N CYS D 785 -26.95 11.55 -14.31
CA CYS D 785 -28.07 10.96 -13.60
C CYS D 785 -27.60 9.76 -12.80
N ASP D 786 -28.21 9.59 -11.62
CA ASP D 786 -27.89 8.49 -10.72
C ASP D 786 -28.37 7.16 -11.29
N LEU D 787 -27.43 6.22 -11.48
CA LEU D 787 -27.80 4.85 -11.85
C LEU D 787 -27.21 3.82 -10.90
N TYR D 788 -26.91 4.20 -9.66
CA TYR D 788 -26.57 3.23 -8.62
C TYR D 788 -27.70 2.93 -7.66
N SER D 789 -28.67 3.82 -7.51
CA SER D 789 -29.80 3.56 -6.63
C SER D 789 -30.83 2.65 -7.28
N SER D 790 -31.35 1.71 -6.48
CA SER D 790 -32.49 0.88 -6.86
C SER D 790 -33.81 1.64 -6.82
N VAL D 791 -33.77 2.88 -6.35
CA VAL D 791 -34.93 3.74 -6.14
C VAL D 791 -34.55 5.09 -6.73
N ASP D 792 -35.30 6.15 -6.41
CA ASP D 792 -34.98 7.49 -6.88
C ASP D 792 -34.73 8.37 -5.67
N THR D 793 -33.64 9.15 -5.75
CA THR D 793 -33.23 10.08 -4.70
C THR D 793 -33.92 11.44 -4.78
N LYS D 794 -34.94 11.57 -5.62
CA LYS D 794 -35.65 12.85 -5.72
C LYS D 794 -37.15 12.71 -5.57
N GLN D 795 -37.74 11.55 -5.87
CA GLN D 795 -39.17 11.34 -5.67
C GLN D 795 -39.43 11.06 -4.20
N LYS D 796 -39.54 12.12 -3.40
CA LYS D 796 -39.81 11.99 -1.97
C LYS D 796 -40.47 13.25 -1.46
N GLY D 797 -40.86 14.13 -2.39
CA GLY D 797 -41.50 15.39 -2.01
C GLY D 797 -42.71 15.21 -1.14
N GLY D 798 -43.49 14.15 -1.38
CA GLY D 798 -44.71 13.93 -0.66
C GLY D 798 -45.92 14.63 -1.23
N ALA D 799 -45.70 15.67 -2.04
CA ALA D 799 -46.80 16.39 -2.69
C ALA D 799 -47.66 15.44 -3.52
N LEU D 800 -48.98 15.58 -3.38
CA LEU D 800 -49.92 14.78 -4.14
C LEU D 800 -50.03 15.29 -5.57
N ASP D 801 -50.37 14.37 -6.47
CA ASP D 801 -50.41 14.68 -7.90
C ASP D 801 -51.68 14.08 -8.50
N ILE D 802 -51.97 14.51 -9.72
CA ILE D 802 -53.19 14.12 -10.43
C ILE D 802 -53.35 12.61 -10.50
N LYS D 803 -52.24 11.87 -10.52
CA LYS D 803 -52.32 10.41 -10.52
C LYS D 803 -52.79 9.87 -9.17
N SER D 804 -52.05 10.17 -8.11
CA SER D 804 -52.35 9.58 -6.80
C SER D 804 -53.67 10.09 -6.23
N PHE D 805 -54.08 11.30 -6.60
CA PHE D 805 -55.34 11.86 -6.11
C PHE D 805 -56.54 11.48 -6.97
N ALA D 806 -56.30 10.86 -8.14
CA ALA D 806 -57.32 10.77 -9.19
C ALA D 806 -58.62 10.15 -8.69
N GLY D 807 -58.53 9.17 -7.79
CA GLY D 807 -59.72 8.45 -7.35
C GLY D 807 -60.81 9.33 -6.77
N VAL D 808 -60.43 10.47 -6.17
CA VAL D 808 -61.42 11.35 -5.57
C VAL D 808 -62.35 11.92 -6.63
N PHE D 809 -61.85 12.13 -7.85
CA PHE D 809 -62.69 12.68 -8.91
C PHE D 809 -63.81 11.74 -9.35
N CYS D 810 -63.71 10.45 -9.03
CA CYS D 810 -64.74 9.50 -9.41
C CYS D 810 -66.11 9.87 -8.84
N ILE D 811 -66.14 10.26 -7.56
CA ILE D 811 -67.40 10.59 -6.90
C ILE D 811 -68.09 11.76 -7.60
N LEU D 812 -67.35 12.80 -7.94
CA LEU D 812 -67.96 13.95 -8.62
C LEU D 812 -68.51 13.57 -9.99
N ALA D 813 -67.77 12.79 -10.76
CA ALA D 813 -68.27 12.36 -12.07
C ALA D 813 -69.53 11.52 -11.92
N ALA D 814 -69.53 10.57 -10.98
CA ALA D 814 -70.70 9.74 -10.74
C ALA D 814 -71.91 10.59 -10.37
N GLY D 815 -71.71 11.57 -9.50
CA GLY D 815 -72.80 12.45 -9.13
C GLY D 815 -73.32 13.27 -10.29
N ILE D 816 -72.42 13.76 -11.15
CA ILE D 816 -72.84 14.53 -12.32
C ILE D 816 -73.67 13.64 -13.25
N VAL D 817 -73.18 12.44 -13.52
CA VAL D 817 -73.90 11.50 -14.39
C VAL D 817 -75.29 11.21 -13.84
N LEU D 818 -75.35 10.83 -12.56
CA LEU D 818 -76.64 10.50 -11.95
C LEU D 818 -77.58 11.69 -11.95
N SER D 819 -77.07 12.89 -11.65
CA SER D 819 -77.94 14.05 -11.57
C SER D 819 -78.51 14.42 -12.93
N CYS D 820 -77.69 14.35 -13.98
CA CYS D 820 -78.20 14.59 -15.33
C CYS D 820 -79.22 13.54 -15.75
N PHE D 821 -78.93 12.27 -15.45
CA PHE D 821 -79.88 11.20 -15.75
C PHE D 821 -81.22 11.44 -15.08
N ILE D 822 -81.20 11.72 -13.77
CA ILE D 822 -82.43 11.96 -13.02
C ILE D 822 -83.17 13.20 -13.55
N ALA D 823 -82.42 14.27 -13.84
CA ALA D 823 -83.04 15.48 -14.38
C ALA D 823 -83.73 15.20 -15.71
N MET D 824 -83.12 14.39 -16.56
CA MET D 824 -83.73 14.07 -17.84
C MET D 824 -84.97 13.19 -17.67
N LEU D 825 -84.90 12.23 -16.74
CA LEU D 825 -86.08 11.41 -16.46
C LEU D 825 -87.24 12.25 -15.93
N GLU D 826 -86.96 13.19 -15.02
CA GLU D 826 -88.02 14.07 -14.52
C GLU D 826 -88.53 15.02 -15.59
N THR D 827 -87.67 15.38 -16.55
CA THR D 827 -88.15 16.17 -17.69
C THR D 827 -89.11 15.36 -18.55
N TRP D 828 -88.75 14.12 -18.87
CA TRP D 828 -89.68 13.25 -19.58
C TRP D 828 -90.97 13.05 -18.79
N TRP D 829 -90.86 12.88 -17.47
CA TRP D 829 -92.04 12.73 -16.61
C TRP D 829 -92.96 13.93 -16.70
N ASN D 830 -92.39 15.13 -16.82
CA ASN D 830 -93.23 16.32 -16.97
C ASN D 830 -93.72 16.50 -18.41
N LYS D 831 -93.01 15.94 -19.39
CA LYS D 831 -93.48 15.95 -20.78
C LYS D 831 -94.87 15.32 -20.91
N ARG D 832 -95.21 14.39 -20.01
CA ARG D 832 -96.52 13.75 -20.06
C ARG D 832 -97.66 14.72 -19.82
N LYS D 833 -97.40 15.87 -19.18
CA LYS D 833 -98.45 16.82 -18.87
C LYS D 833 -98.12 18.27 -19.25
N GLY D 834 -96.85 18.60 -19.47
CA GLY D 834 -96.49 19.86 -20.09
C GLY D 834 -96.94 21.10 -19.35
N SER D 835 -97.22 20.99 -18.05
CA SER D 835 -97.90 22.07 -17.33
C SER D 835 -97.43 22.07 -15.88
N ARG D 836 -97.59 23.21 -15.24
CA ARG D 836 -97.05 23.43 -13.90
C ARG D 836 -98.10 24.07 -12.99
N DSN E . -9.93 14.74 41.09
CA DSN E . -9.92 16.14 40.73
C DSN E . -8.50 16.62 40.40
O DSN E . -8.31 17.73 39.90
OXT DSN E . -7.52 15.91 40.62
CB DSN E . -10.84 16.38 39.54
OG DSN E . -10.44 15.62 38.42
N DSN F . -30.56 -27.91 33.23
CA DSN F . -31.01 -27.59 34.58
C DSN F . -29.83 -27.27 35.50
O DSN F . -30.02 -26.80 36.62
OXT DSN F . -28.67 -27.46 35.13
CB DSN F . -32.00 -26.43 34.54
OG DSN F . -31.43 -25.26 33.99
N DSN G . -3.47 5.79 4.28
CA DSN G . -3.81 4.44 3.89
C DSN G . -2.72 3.47 4.33
O DSN G . -2.87 2.26 4.24
OXT DSN G . -1.65 3.89 4.78
CB DSN G . -5.14 4.02 4.50
OG DSN G . -5.09 4.07 5.91
N DSN H . -15.10 -10.08 -21.92
CA DSN H . -15.72 -11.38 -22.18
C DSN H . -14.68 -12.48 -22.32
O DSN H . -15.00 -13.66 -22.37
OXT DSN H . -13.48 -12.20 -22.36
CB DSN H . -16.71 -11.73 -21.08
OG DSN H . -16.06 -11.80 -19.82
#